data_8VUT
#
_entry.id   8VUT
#
_cell.length_a   1.00
_cell.length_b   1.00
_cell.length_c   1.00
_cell.angle_alpha   90.00
_cell.angle_beta   90.00
_cell.angle_gamma   90.00
#
_symmetry.space_group_name_H-M   'P 1'
#
loop_
_entity.id
_entity.type
_entity.pdbx_description
1 polymer 'Glutamate receptor ionotropic, NMDA 1'
2 polymer 'Glutamate receptor ionotropic, NMDA 2A'
3 polymer '008-218 Heavy'
4 polymer '008-218 Light'
#
loop_
_entity_poly.entity_id
_entity_poly.type
_entity_poly.pdbx_seq_one_letter_code
_entity_poly.pdbx_strand_id
1 'polypeptide(L)'
;KIVNIGAVLSTRKHEQMFREAVNQANKRHGSWKIQLNATSVTHKPNAIQMALSVCEDLISSQVYAILVSHPPTPNDHFTP
TPVSYTAGFYRIPVLGLTTRMSIYSDKSIHLSFLRTVPPYSHQSSVWFEMMRVYSWNHIILLVSDDHEGRAAQKRLETLL
EERESKAEKVLQFDPGTKNVTALLMEAKELEARVIILSASEDDAATVYRAAAMLNMTGSGYVWLVGEREISGNALRYAPD
GILGLQLINGKNESAHISDAVGVVAQAVHELLEKENITDPPRGCVGNTNIWKTGPLFKRVLMSSKYADGVTGRVEFNEDG
DRKFANYSIMNLQNRKLVQVGIYNGTHVIPNDRKIIWPGGETEKPRGYQMSTRLKIVTIHQEPFVYVKPTLSDGTCKEEF
TVNGDPVKKVICTGPNDTSPGSPRHTVPQCCYGFCIDLLIKLARTMNFTYEVHLVADGKFGTQERVNNSNKKEWNGMMGE
LLSGQADMIVAPLTINNERAQYIEFSKPFKYQGLTILVKKEIPRSTLDSFMQPFQSTLWLLVGLSVHVVAVMLYLLDRFS
PFGRFKVNSEEEEEDALTLSSAMWFSWGVLLNSGIGEGAPRSFSARILGMVWAGFAMIIVASYTANLAAFLVLDRPEERI
TGINDPRLRNPSDKFIYATVKQSSVDIYFRRQVELSTMYRHMEKHNYESAAEAIQAVRDNKLHAFIWDSAVLEFEASQKC
DLVTTGELFFRSGFGIGMRKDSPWKQNVSLSILKSHENGFMEDLDKTWVRYQECDSRSNAPATLTFENMAGVFMLVAGGI
VAGIFLIFIEIAYKRHK
;
A,C
2 'polypeptide(L)'
;LNIAVMLGHSHDVTERELRTLWGPEQAAGLPLDVNVVALLMNRTDPKSLITHVCDLMSGARIHGLVFGDDTDQEAVAQML
DFISSHTFVPILGIHGGASMIMADKDPTSTFFQFGASIQQQATVMLKIMQDYDWHVFSLVTTIFPGYREFISFVKTTVDN
SFVGWDMQNVITLDTSFEDAKTQVQLKKIHSSVILLYCSKDEAVLILSEARSLGLTGYDFFWIVPSLVSGNTELIPKEFP
SGLISVSYDDWDYSLEARVRDGIGILTTAASSMLEKFSYIPEAKASCYGQMERPEVPMHTLHPFMVNVTWDGKDLSFTEE
GYQVHPRLVVIVLNKDREWEKVGKWENHTLSLRHAVWPRYKSFSDCEPDDNHLSIVTLEEAPFVIVEDIDPLTETCVRNT
VPCRKFVKINNSTNEGMNVKKCCKGFCIDILKKLSRTVKFTYDLYLVTNGKHGKKVNNVWNGMIGEVVYQRAVMAVGSLT
INEERSEVVDFSVPFVETGISVMVSRSNGTVSPSAFLEPFSASVWVMMFVMLLIVSAIAVFVFEYFSPVGYNRNLAKGKA
PHGPSFTIGKAIWLLWGLVFNNSVPVQNPKGTTSKIMVSVWAFFAVIFLASYTANLAAFMIQEEFVDQVTGLSDKKFQRP
HDYSPPFRFGTVPNGSTERNIRNNYPYMHQYMTKFNQKGVEDALVSLKTGKLDAFIYDAAVLNYKAGRDEGCKLVTIGSG
YIFATTGYGIALQKGSPWKRQIDLALLQFVGDGEMEELETLWLTGICHNEKNEVMSSQLDIDNMAGVFYMLAAAMALSLI
TFIWEHLF
;
B,D
3 'polypeptide(L)'
;EVQLVESGGGLVQPGRSLRLSCAASGFTFDDYAMHWVRQVPGKGLEWVSGISWSSGSIGYADSVKGRFTISRDNAKNSLY
LQMNSLRAEDTALYYCAKDRASSWYAYGMDVWGQGTLVTVSSASTKGPSVFPLAPSSKSTSGGTAALGCLVKDYFPEPVT
VSWNSGALTSGVHTFPAVLQSSGLYSLSSVVTVPSSSLGTQTYICNVNHKPSNTKVDKKV
;
H,I
4 'polypeptide(L)'
;NFMLTQPHSVSESPGKTVTISCTRSSGSIASNYVQWYQQRPGSSPTTVIYDDNQRPSGVPNRFSGSIDSSSNSASLIISG
LKTEDEADYYCQSTRVFGGGTKLTVLGQPKAAPSVTLFPPSSEELQANKATLVCLISDFYPGAVTVAWKADSSPVKAGVE
TTTPSKQSNNKYAASSYLSLTPEQWKSHRSYSCQVTHEGSTVEKTVAPT
;
L,M
#
# COMPACT_ATOMS: atom_id res chain seq x y z
N LYS A 1 55.51 16.33 13.88
CA LYS A 1 56.94 16.62 13.85
C LYS A 1 57.28 17.51 12.67
N ILE A 2 57.73 16.89 11.58
CA ILE A 2 58.03 17.57 10.34
C ILE A 2 57.18 16.94 9.23
N VAL A 3 56.47 17.78 8.48
CA VAL A 3 55.56 17.33 7.44
C VAL A 3 55.96 17.99 6.13
N ASN A 4 56.03 17.19 5.06
CA ASN A 4 56.41 17.66 3.75
C ASN A 4 55.18 17.85 2.86
N ILE A 5 55.34 18.70 1.85
CA ILE A 5 54.32 18.89 0.83
C ILE A 5 54.98 18.94 -0.54
N GLY A 6 54.90 17.84 -1.27
CA GLY A 6 55.51 17.80 -2.59
C GLY A 6 54.72 18.61 -3.61
N ALA A 7 55.38 18.91 -4.72
CA ALA A 7 54.76 19.72 -5.76
C ALA A 7 55.50 19.52 -7.06
N VAL A 8 54.74 19.53 -8.17
CA VAL A 8 55.28 19.34 -9.51
C VAL A 8 55.00 20.62 -10.28
N LEU A 9 55.97 21.52 -10.32
CA LEU A 9 55.77 22.82 -10.97
C LEU A 9 56.27 22.78 -12.41
N SER A 10 56.31 23.95 -13.04
CA SER A 10 56.64 24.05 -14.46
C SER A 10 58.07 24.48 -14.72
N THR A 11 58.53 25.54 -14.06
CA THR A 11 59.89 26.05 -14.28
C THR A 11 60.47 26.50 -12.95
N ARG A 12 61.76 26.88 -12.99
CA ARG A 12 62.49 27.16 -11.76
C ARG A 12 61.93 28.36 -11.00
N LYS A 13 61.50 29.39 -11.72
CA LYS A 13 60.98 30.59 -11.07
C LYS A 13 59.76 30.26 -10.21
N HIS A 14 58.84 29.47 -10.77
CA HIS A 14 57.65 29.08 -10.00
C HIS A 14 58.03 28.19 -8.83
N GLU A 15 59.08 27.39 -8.98
CA GLU A 15 59.56 26.59 -7.85
C GLU A 15 60.04 27.48 -6.72
N GLN A 16 60.82 28.51 -7.04
CA GLN A 16 61.27 29.44 -6.02
C GLN A 16 60.10 30.17 -5.39
N MET A 17 59.10 30.53 -6.20
CA MET A 17 57.91 31.17 -5.65
C MET A 17 57.18 30.25 -4.69
N PHE A 18 57.10 28.96 -5.03
CA PHE A 18 56.46 27.99 -4.14
C PHE A 18 57.21 27.86 -2.83
N ARG A 19 58.54 27.81 -2.89
CA ARG A 19 59.33 27.72 -1.67
C ARG A 19 59.14 28.97 -0.81
N GLU A 20 59.12 30.15 -1.44
CA GLU A 20 58.86 31.37 -0.69
C GLU A 20 57.48 31.35 -0.06
N ALA A 21 56.49 30.83 -0.78
CA ALA A 21 55.13 30.79 -0.25
C ALA A 21 55.02 29.87 0.95
N VAL A 22 55.66 28.70 0.89
CA VAL A 22 55.62 27.80 2.04
C VAL A 22 56.39 28.40 3.20
N ASN A 23 57.49 29.10 2.92
CA ASN A 23 58.20 29.79 4.00
C ASN A 23 57.32 30.85 4.65
N GLN A 24 56.56 31.59 3.85
CA GLN A 24 55.64 32.58 4.39
C GLN A 24 54.55 31.92 5.23
N ALA A 25 54.00 30.81 4.74
CA ALA A 25 52.97 30.10 5.49
C ALA A 25 53.50 29.61 6.84
N ASN A 26 54.76 29.18 6.86
CA ASN A 26 55.39 28.84 8.13
C ASN A 26 55.63 30.08 8.99
N LYS A 27 55.91 31.22 8.37
CA LYS A 27 56.06 32.47 9.09
C LYS A 27 54.75 32.93 9.72
N ARG A 28 53.62 32.41 9.23
CA ARG A 28 52.34 32.52 9.91
C ARG A 28 52.32 31.51 11.05
N HIS A 29 51.13 31.14 11.52
CA HIS A 29 50.98 30.29 12.70
C HIS A 29 51.97 29.13 12.68
N GLY A 30 52.91 29.16 13.62
CA GLY A 30 53.98 28.19 13.68
C GLY A 30 54.37 27.81 15.10
N SER A 31 53.41 27.82 16.01
CA SER A 31 53.70 27.67 17.44
C SER A 31 54.11 26.23 17.72
N TRP A 32 55.34 25.91 17.33
CA TRP A 32 55.95 24.59 17.52
C TRP A 32 55.10 23.56 16.77
N LYS A 33 55.06 22.32 17.29
CA LYS A 33 54.27 21.24 16.71
C LYS A 33 54.69 20.97 15.26
N ILE A 34 54.14 21.73 14.34
CA ILE A 34 54.34 21.52 12.90
C ILE A 34 55.50 22.38 12.41
N GLN A 35 56.13 21.94 11.33
CA GLN A 35 57.18 22.69 10.65
C GLN A 35 56.90 22.91 9.18
N LEU A 36 56.28 21.95 8.51
CA LEU A 36 55.69 22.13 7.19
C LEU A 36 56.77 22.49 6.15
N ASN A 37 57.69 21.55 5.95
CA ASN A 37 58.70 21.65 4.91
C ASN A 37 58.10 21.36 3.54
N ALA A 38 58.82 21.71 2.48
CA ALA A 38 58.31 21.58 1.12
C ALA A 38 59.35 20.98 0.20
N THR A 39 58.89 20.10 -0.70
CA THR A 39 59.70 19.47 -1.74
C THR A 39 59.18 19.88 -3.11
N SER A 40 59.96 19.59 -4.15
CA SER A 40 59.60 20.05 -5.48
C SER A 40 60.32 19.23 -6.53
N VAL A 41 59.79 19.27 -7.76
CA VAL A 41 60.37 18.58 -8.90
C VAL A 41 59.78 19.18 -10.16
N THR A 42 60.59 19.26 -11.21
CA THR A 42 60.21 19.90 -12.46
C THR A 42 59.54 18.91 -13.39
N HIS A 43 58.63 19.41 -14.23
CA HIS A 43 57.98 18.59 -15.24
C HIS A 43 59.01 17.97 -16.17
N LYS A 44 58.67 16.81 -16.72
CA LYS A 44 59.55 16.07 -17.61
C LYS A 44 58.80 15.65 -18.85
N PRO A 45 59.49 15.50 -19.99
CA PRO A 45 58.84 14.94 -21.18
C PRO A 45 58.55 13.47 -20.98
N ASN A 46 57.95 12.82 -21.98
CA ASN A 46 57.55 11.42 -21.88
C ASN A 46 56.55 11.25 -20.74
N ALA A 47 56.17 10.03 -20.45
CA ALA A 47 55.28 9.85 -19.29
C ALA A 47 55.77 8.80 -18.32
N ILE A 48 56.32 7.69 -18.82
CA ILE A 48 56.78 6.62 -17.94
C ILE A 48 57.90 7.11 -17.05
N GLN A 49 58.85 7.85 -17.62
CA GLN A 49 59.90 8.46 -16.81
C GLN A 49 59.32 9.40 -15.77
N MET A 50 58.28 10.16 -16.15
CA MET A 50 57.65 11.06 -15.21
C MET A 50 57.00 10.29 -14.05
N ALA A 51 56.31 9.20 -14.35
CA ALA A 51 55.67 8.42 -13.30
C ALA A 51 56.70 7.81 -12.36
N LEU A 52 57.78 7.26 -12.92
CA LEU A 52 58.84 6.73 -12.06
C LEU A 52 59.44 7.82 -11.20
N SER A 53 59.69 8.99 -11.79
CA SER A 53 60.32 10.08 -11.05
C SER A 53 59.44 10.56 -9.92
N VAL A 54 58.15 10.78 -10.17
CA VAL A 54 57.28 11.21 -9.09
C VAL A 54 57.25 10.15 -8.00
N CYS A 55 57.08 8.89 -8.39
CA CYS A 55 57.03 7.81 -7.41
C CYS A 55 58.24 7.89 -6.48
N GLU A 56 59.44 7.70 -7.02
CA GLU A 56 60.61 7.66 -6.15
C GLU A 56 60.82 8.99 -5.44
N ASP A 57 61.09 10.05 -6.21
CA ASP A 57 61.56 11.31 -5.64
C ASP A 57 60.52 12.04 -4.81
N LEU A 58 59.26 11.61 -4.81
CA LEU A 58 58.27 12.28 -4.00
C LEU A 58 57.70 11.39 -2.91
N ILE A 59 57.36 10.13 -3.19
CA ILE A 59 56.89 9.25 -2.13
C ILE A 59 58.04 8.74 -1.28
N SER A 60 59.30 9.09 -1.60
CA SER A 60 60.39 8.78 -0.69
C SER A 60 60.51 9.79 0.44
N SER A 61 59.52 10.65 0.65
CA SER A 61 59.57 11.63 1.73
C SER A 61 58.22 11.79 2.42
N GLN A 62 57.38 10.77 2.35
CA GLN A 62 56.03 10.73 2.94
C GLN A 62 55.31 12.07 2.81
N VAL A 63 55.18 12.52 1.56
CA VAL A 63 54.50 13.77 1.29
C VAL A 63 53.03 13.66 1.61
N TYR A 64 52.48 14.70 2.23
CA TYR A 64 51.08 14.73 2.62
C TYR A 64 50.15 15.23 1.51
N ALA A 65 50.69 15.79 0.44
CA ALA A 65 49.89 16.29 -0.68
C ALA A 65 50.83 16.59 -1.84
N ILE A 66 50.23 16.75 -3.02
CA ILE A 66 50.97 17.00 -4.25
C ILE A 66 50.29 18.13 -5.00
N LEU A 67 51.09 19.04 -5.56
CA LEU A 67 50.59 20.14 -6.37
C LEU A 67 51.09 19.97 -7.80
N VAL A 68 50.17 20.04 -8.77
CA VAL A 68 50.52 19.89 -10.17
C VAL A 68 50.30 21.19 -10.90
N SER A 69 50.63 21.22 -12.19
CA SER A 69 50.46 22.41 -13.00
C SER A 69 50.52 22.02 -14.47
N HIS A 70 50.09 22.94 -15.32
CA HIS A 70 50.11 22.68 -16.75
C HIS A 70 51.53 22.77 -17.30
N PRO A 71 51.92 21.89 -18.22
CA PRO A 71 53.28 21.94 -18.77
C PRO A 71 53.52 23.25 -19.49
N PRO A 72 54.74 23.78 -19.41
CA PRO A 72 55.02 25.11 -19.98
C PRO A 72 54.90 25.19 -21.48
N THR A 73 55.65 24.38 -22.20
CA THR A 73 55.75 24.51 -23.65
C THR A 73 54.51 23.93 -24.36
N PRO A 74 54.17 22.64 -24.17
CA PRO A 74 53.07 22.09 -24.96
C PRO A 74 51.71 22.50 -24.41
N ASN A 75 50.65 21.92 -24.97
CA ASN A 75 49.28 22.20 -24.52
C ASN A 75 48.64 20.99 -23.87
N ASP A 76 48.79 19.80 -24.45
CA ASP A 76 48.23 18.60 -23.87
C ASP A 76 49.19 17.41 -23.95
N HIS A 77 50.46 17.64 -24.30
CA HIS A 77 51.43 16.55 -24.37
C HIS A 77 51.81 16.02 -23.00
N PHE A 78 51.65 16.82 -21.95
CA PHE A 78 52.08 16.47 -20.60
C PHE A 78 50.99 16.78 -19.59
N THR A 79 49.77 16.33 -19.87
CA THR A 79 48.68 16.50 -18.93
C THR A 79 49.01 15.78 -17.62
N PRO A 80 48.52 16.28 -16.49
CA PRO A 80 48.83 15.63 -15.20
C PRO A 80 48.02 14.37 -14.97
N THR A 81 48.15 13.42 -15.89
CA THR A 81 47.58 12.09 -15.70
C THR A 81 48.48 11.20 -14.85
N PRO A 82 49.79 11.09 -15.13
CA PRO A 82 50.60 10.15 -14.34
C PRO A 82 50.59 10.44 -12.85
N VAL A 83 50.65 11.72 -12.47
CA VAL A 83 50.68 12.06 -11.07
C VAL A 83 49.40 11.62 -10.38
N SER A 84 48.25 11.85 -11.03
CA SER A 84 46.98 11.48 -10.42
C SER A 84 46.90 9.98 -10.16
N TYR A 85 47.26 9.18 -11.15
CA TYR A 85 47.21 7.72 -10.99
C TYR A 85 48.16 7.26 -9.89
N THR A 86 49.43 7.67 -9.97
CA THR A 86 50.43 7.15 -9.04
C THR A 86 50.14 7.59 -7.62
N ALA A 87 49.72 8.83 -7.42
CA ALA A 87 49.45 9.32 -6.08
C ALA A 87 48.01 9.06 -5.63
N GLY A 88 47.16 8.50 -6.49
CA GLY A 88 45.84 8.10 -6.05
C GLY A 88 45.79 6.61 -5.82
N PHE A 89 46.87 5.91 -6.20
CA PHE A 89 47.00 4.53 -5.77
C PHE A 89 47.00 4.43 -4.25
N TYR A 90 47.72 5.33 -3.57
CA TYR A 90 47.79 5.34 -2.12
C TYR A 90 46.76 6.26 -1.47
N ARG A 91 45.86 6.84 -2.25
CA ARG A 91 44.86 7.80 -1.74
C ARG A 91 45.52 9.00 -1.07
N ILE A 92 46.64 9.45 -1.63
CA ILE A 92 47.28 10.71 -1.24
C ILE A 92 46.64 11.82 -2.06
N PRO A 93 45.95 12.78 -1.45
CA PRO A 93 45.26 13.80 -2.23
C PRO A 93 46.24 14.69 -2.99
N VAL A 94 45.81 15.12 -4.18
CA VAL A 94 46.59 16.04 -5.00
C VAL A 94 45.70 17.20 -5.39
N LEU A 95 46.32 18.34 -5.68
CA LEU A 95 45.60 19.56 -6.06
C LEU A 95 45.99 19.97 -7.47
N GLY A 96 44.99 20.17 -8.32
CA GLY A 96 45.22 20.73 -9.63
C GLY A 96 45.17 22.24 -9.57
N LEU A 97 46.02 22.89 -10.36
CA LEU A 97 46.14 24.33 -10.31
C LEU A 97 45.57 25.02 -11.55
N THR A 98 46.06 24.68 -12.74
CA THR A 98 45.59 25.34 -13.96
C THR A 98 45.30 24.31 -15.03
N THR A 99 44.58 23.25 -14.66
CA THR A 99 44.15 22.25 -15.63
C THR A 99 42.63 22.14 -15.55
N ARG A 100 41.98 22.18 -16.71
CA ARG A 100 40.52 22.17 -16.81
C ARG A 100 40.15 21.29 -18.00
N MET A 101 39.73 20.05 -17.75
CA MET A 101 39.40 19.18 -18.87
C MET A 101 38.18 18.29 -18.64
N SER A 102 37.49 18.40 -17.51
CA SER A 102 36.24 17.71 -17.24
C SER A 102 36.36 16.19 -17.32
N ILE A 103 37.57 15.65 -17.43
CA ILE A 103 37.77 14.22 -17.23
C ILE A 103 38.14 13.91 -15.79
N TYR A 104 38.67 14.88 -15.05
CA TYR A 104 39.01 14.72 -13.65
C TYR A 104 37.85 15.07 -12.73
N SER A 105 36.68 15.37 -13.29
CA SER A 105 35.55 15.78 -12.47
C SER A 105 34.73 14.62 -11.94
N ASP A 106 35.02 13.39 -12.36
CA ASP A 106 34.35 12.21 -11.83
C ASP A 106 35.34 11.36 -11.05
N LYS A 107 34.92 10.89 -9.89
CA LYS A 107 35.81 10.21 -8.96
C LYS A 107 35.86 8.70 -9.20
N SER A 108 35.19 8.20 -10.24
CA SER A 108 35.30 6.79 -10.56
C SER A 108 36.72 6.43 -10.99
N ILE A 109 37.36 7.31 -11.76
CA ILE A 109 38.69 7.05 -12.29
C ILE A 109 39.74 7.69 -11.38
N HIS A 110 39.69 9.01 -11.25
CA HIS A 110 40.66 9.75 -10.44
C HIS A 110 40.13 9.82 -9.01
N LEU A 111 40.71 9.02 -8.12
CA LEU A 111 40.15 8.82 -6.78
C LEU A 111 40.54 9.91 -5.79
N SER A 112 41.54 10.74 -6.10
CA SER A 112 41.91 11.84 -5.20
C SER A 112 42.45 12.98 -6.05
N PHE A 113 41.56 13.91 -6.42
CA PHE A 113 41.92 15.00 -7.30
C PHE A 113 40.87 16.09 -7.19
N LEU A 114 41.29 17.30 -6.82
CA LEU A 114 40.39 18.43 -6.73
C LEU A 114 41.14 19.68 -7.20
N ARG A 115 40.49 20.48 -8.05
CA ARG A 115 41.11 21.63 -8.68
C ARG A 115 40.72 22.92 -7.97
N THR A 116 41.26 24.03 -8.46
CA THR A 116 40.86 25.36 -8.02
C THR A 116 40.35 26.20 -9.18
N VAL A 117 39.92 25.58 -10.28
CA VAL A 117 39.38 26.29 -11.43
C VAL A 117 38.22 25.50 -12.03
N PRO A 118 37.09 26.12 -12.33
CA PRO A 118 35.93 25.38 -12.84
C PRO A 118 36.20 24.83 -14.23
N PRO A 119 35.95 23.55 -14.47
CA PRO A 119 36.52 22.90 -15.66
C PRO A 119 36.03 23.39 -17.01
N TYR A 120 34.84 22.99 -17.46
CA TYR A 120 34.29 23.53 -18.69
C TYR A 120 32.78 23.55 -18.71
N SER A 121 32.14 22.81 -17.81
CA SER A 121 30.68 22.73 -17.80
C SER A 121 30.05 23.98 -17.20
N HIS A 122 30.72 24.59 -16.23
CA HIS A 122 30.18 25.82 -15.67
C HIS A 122 30.05 26.90 -16.73
N GLN A 123 30.78 26.76 -17.84
CA GLN A 123 30.46 27.58 -19.00
C GLN A 123 29.04 27.34 -19.47
N SER A 124 28.59 26.08 -19.45
CA SER A 124 27.20 25.82 -19.80
C SER A 124 26.24 26.39 -18.76
N SER A 125 26.66 26.39 -17.49
CA SER A 125 25.84 27.05 -16.48
C SER A 125 25.67 28.53 -16.81
N VAL A 126 26.75 29.20 -17.23
CA VAL A 126 26.65 30.61 -17.61
C VAL A 126 25.81 30.76 -18.87
N TRP A 127 25.92 29.82 -19.81
CA TRP A 127 25.06 29.84 -20.98
C TRP A 127 23.60 29.93 -20.56
N PHE A 128 23.19 29.01 -19.68
CA PHE A 128 21.79 28.97 -19.26
C PHE A 128 21.40 30.23 -18.51
N GLU A 129 22.26 30.70 -17.61
CA GLU A 129 21.92 31.88 -16.82
C GLU A 129 21.75 33.11 -17.70
N MET A 130 22.67 33.31 -18.65
CA MET A 130 22.60 34.48 -19.52
C MET A 130 21.51 34.34 -20.57
N MET A 131 21.03 33.13 -20.83
CA MET A 131 19.91 32.97 -21.75
C MET A 131 18.67 33.71 -21.25
N ARG A 132 18.42 33.68 -19.93
CA ARG A 132 17.22 34.28 -19.39
C ARG A 132 17.24 35.80 -19.53
N VAL A 133 18.39 36.43 -19.33
CA VAL A 133 18.45 37.88 -19.24
C VAL A 133 17.96 38.53 -20.53
N TYR A 134 18.40 38.01 -21.67
CA TYR A 134 17.97 38.55 -22.95
C TYR A 134 16.69 37.89 -23.47
N SER A 135 16.21 36.83 -22.80
CA SER A 135 14.89 36.26 -23.04
C SER A 135 14.72 35.76 -24.48
N TRP A 136 15.52 34.76 -24.83
CA TRP A 136 15.26 33.92 -25.99
C TRP A 136 15.17 32.47 -25.52
N ASN A 137 14.28 31.70 -26.14
CA ASN A 137 13.87 30.41 -25.59
C ASN A 137 14.30 29.20 -26.40
N HIS A 138 14.40 29.33 -27.73
CA HIS A 138 14.68 28.18 -28.60
C HIS A 138 16.13 28.22 -29.05
N ILE A 139 16.89 27.17 -28.75
CA ILE A 139 18.31 27.09 -29.07
C ILE A 139 18.58 25.79 -29.80
N ILE A 140 19.62 25.80 -30.64
CA ILE A 140 20.18 24.57 -31.20
C ILE A 140 21.63 24.48 -30.73
N LEU A 141 22.04 23.29 -30.31
CA LEU A 141 23.26 23.13 -29.53
C LEU A 141 24.23 22.31 -30.37
N LEU A 142 25.05 22.99 -31.14
CA LEU A 142 26.01 22.35 -32.06
C LEU A 142 27.29 22.06 -31.29
N VAL A 143 27.54 20.79 -31.00
CA VAL A 143 28.58 20.40 -30.07
C VAL A 143 29.40 19.26 -30.66
N SER A 144 30.70 19.24 -30.34
CA SER A 144 31.55 18.12 -30.70
C SER A 144 31.26 16.94 -29.78
N ASP A 145 31.94 15.82 -30.01
CA ASP A 145 31.67 14.64 -29.18
C ASP A 145 32.92 13.76 -29.14
N ASP A 146 33.75 13.95 -28.11
CA ASP A 146 34.60 12.86 -27.62
C ASP A 146 34.28 12.57 -26.16
N HIS A 147 34.58 13.48 -25.23
CA HIS A 147 34.05 13.43 -23.88
C HIS A 147 33.56 14.80 -23.45
N GLU A 148 34.28 15.85 -23.88
CA GLU A 148 33.94 17.20 -23.49
C GLU A 148 32.54 17.57 -23.95
N GLY A 149 32.24 17.29 -25.22
CA GLY A 149 30.94 17.65 -25.75
C GLY A 149 29.81 16.95 -25.03
N ARG A 150 29.99 15.67 -24.72
CA ARG A 150 28.95 14.94 -24.01
C ARG A 150 28.71 15.53 -22.64
N ALA A 151 29.79 15.88 -21.92
CA ALA A 151 29.63 16.47 -20.59
C ALA A 151 28.92 17.81 -20.65
N ALA A 152 29.31 18.68 -21.59
CA ALA A 152 28.68 19.98 -21.69
C ALA A 152 27.20 19.85 -22.06
N GLN A 153 26.89 18.98 -23.02
CA GLN A 153 25.49 18.78 -23.40
C GLN A 153 24.68 18.23 -22.24
N LYS A 154 25.23 17.26 -21.51
CA LYS A 154 24.51 16.69 -20.39
C LYS A 154 24.25 17.74 -19.31
N ARG A 155 25.24 18.57 -19.00
CA ARG A 155 25.06 19.59 -17.98
C ARG A 155 23.99 20.59 -18.40
N LEU A 156 24.06 21.09 -19.65
CA LEU A 156 23.07 22.08 -20.07
C LEU A 156 21.68 21.46 -20.11
N GLU A 157 21.57 20.22 -20.60
CA GLU A 157 20.25 19.58 -20.66
C GLU A 157 19.67 19.39 -19.28
N THR A 158 20.49 18.98 -18.31
CA THR A 158 20.00 18.82 -16.94
C THR A 158 19.54 20.15 -16.37
N LEU A 159 20.34 21.21 -16.58
CA LEU A 159 19.94 22.52 -16.08
C LEU A 159 18.69 23.04 -16.78
N LEU A 160 18.59 22.83 -18.10
CA LEU A 160 17.51 23.40 -18.89
C LEU A 160 16.17 22.73 -18.62
N GLU A 161 16.14 21.59 -17.95
CA GLU A 161 14.90 20.88 -17.67
C GLU A 161 14.26 21.30 -16.36
N GLU A 162 14.84 22.27 -15.65
CA GLU A 162 14.20 22.79 -14.45
C GLU A 162 12.91 23.53 -14.79
N ARG A 163 12.97 24.44 -15.77
CA ARG A 163 11.82 25.22 -16.20
C ARG A 163 10.95 24.50 -17.20
N GLU A 164 11.10 23.17 -17.30
CA GLU A 164 10.32 22.28 -18.17
C GLU A 164 10.52 22.55 -19.64
N SER A 165 11.42 23.45 -20.02
CA SER A 165 11.67 23.71 -21.43
C SER A 165 12.55 22.61 -22.02
N LYS A 166 12.65 22.62 -23.35
CA LYS A 166 13.47 21.64 -24.06
C LYS A 166 14.26 22.33 -25.16
N ALA A 167 15.37 21.72 -25.54
CA ALA A 167 16.21 22.25 -26.59
C ALA A 167 15.79 21.67 -27.94
N GLU A 168 16.18 22.38 -29.00
CA GLU A 168 15.93 21.91 -30.36
C GLU A 168 16.96 20.86 -30.74
N LYS A 169 17.10 20.59 -32.03
CA LYS A 169 17.84 19.41 -32.47
C LYS A 169 19.32 19.53 -32.13
N VAL A 170 19.70 18.99 -30.97
CA VAL A 170 21.10 18.91 -30.60
C VAL A 170 21.80 17.92 -31.52
N LEU A 171 22.87 18.36 -32.15
CA LEU A 171 23.53 17.61 -33.20
C LEU A 171 25.03 17.62 -33.01
N GLN A 172 25.65 16.46 -33.17
CA GLN A 172 27.05 16.24 -32.87
C GLN A 172 27.85 16.10 -34.15
N PHE A 173 29.16 15.94 -33.99
CA PHE A 173 30.06 15.69 -35.12
C PHE A 173 31.36 15.10 -34.59
N ASP A 174 31.92 14.17 -35.35
CA ASP A 174 33.12 13.48 -34.91
C ASP A 174 34.31 14.45 -34.82
N PRO A 175 35.21 14.24 -33.87
CA PRO A 175 36.37 15.13 -33.74
C PRO A 175 37.28 15.06 -34.96
N GLY A 176 37.89 16.20 -35.28
CA GLY A 176 38.86 16.26 -36.36
C GLY A 176 38.32 15.84 -37.71
N THR A 177 37.14 16.33 -38.07
CA THR A 177 36.50 15.98 -39.33
C THR A 177 36.55 17.15 -40.31
N LYS A 178 36.13 16.88 -41.53
CA LYS A 178 36.05 17.87 -42.59
C LYS A 178 34.71 17.75 -43.28
N ASN A 179 34.35 18.80 -44.01
CA ASN A 179 33.10 18.85 -44.79
C ASN A 179 31.89 18.62 -43.89
N VAL A 180 31.69 19.56 -42.97
CA VAL A 180 30.52 19.55 -42.09
C VAL A 180 29.42 20.37 -42.73
N THR A 181 29.55 20.63 -44.03
CA THR A 181 28.58 21.47 -44.73
C THR A 181 27.19 20.85 -44.72
N ALA A 182 27.10 19.52 -44.85
CA ALA A 182 25.79 18.88 -44.88
C ALA A 182 25.06 19.05 -43.56
N LEU A 183 25.74 18.77 -42.45
CA LEU A 183 25.10 18.87 -41.14
C LEU A 183 24.72 20.30 -40.81
N LEU A 184 25.61 21.25 -41.09
CA LEU A 184 25.31 22.65 -40.85
C LEU A 184 24.14 23.11 -41.72
N MET A 185 24.12 22.67 -42.99
CA MET A 185 23.02 23.02 -43.88
C MET A 185 21.70 22.47 -43.37
N GLU A 186 21.72 21.26 -42.83
CA GLU A 186 20.52 20.71 -42.21
C GLU A 186 20.08 21.59 -41.04
N ALA A 187 21.04 22.03 -40.23
CA ALA A 187 20.70 22.88 -39.10
C ALA A 187 20.21 24.26 -39.53
N LYS A 188 20.54 24.70 -40.75
CA LYS A 188 20.16 26.03 -41.19
C LYS A 188 18.66 26.17 -41.34
N GLU A 189 17.99 25.16 -41.89
CA GLU A 189 16.55 25.21 -42.11
C GLU A 189 15.86 24.75 -40.82
N LEU A 190 15.40 25.71 -40.03
CA LEU A 190 14.73 25.42 -38.77
C LEU A 190 14.12 26.72 -38.25
N GLU A 191 13.49 26.65 -37.08
CA GLU A 191 12.80 27.79 -36.49
C GLU A 191 13.54 28.36 -35.29
N ALA A 192 14.84 28.12 -35.18
CA ALA A 192 15.65 28.67 -34.10
C ALA A 192 16.84 29.41 -34.69
N ARG A 193 17.25 30.48 -34.04
CA ARG A 193 18.32 31.33 -34.56
C ARG A 193 19.52 31.47 -33.65
N VAL A 194 19.38 31.25 -32.35
CA VAL A 194 20.51 31.30 -31.43
C VAL A 194 21.14 29.92 -31.35
N ILE A 195 22.43 29.84 -31.66
CA ILE A 195 23.14 28.57 -31.71
C ILE A 195 24.30 28.61 -30.73
N ILE A 196 24.53 27.50 -30.05
CA ILE A 196 25.51 27.39 -28.99
C ILE A 196 26.57 26.40 -29.42
N LEU A 197 27.83 26.79 -29.34
CA LEU A 197 28.93 25.99 -29.84
C LEU A 197 29.85 25.59 -28.70
N SER A 198 30.25 24.31 -28.68
CA SER A 198 31.21 23.80 -27.69
C SER A 198 32.11 22.78 -28.40
N ALA A 199 33.25 23.25 -28.89
CA ALA A 199 34.17 22.38 -29.60
C ALA A 199 35.58 22.97 -29.51
N SER A 200 36.57 22.15 -29.84
CA SER A 200 37.96 22.54 -29.69
C SER A 200 38.33 23.61 -30.72
N GLU A 201 39.61 23.99 -30.71
CA GLU A 201 40.06 25.14 -31.48
C GLU A 201 39.87 24.93 -32.98
N ASP A 202 40.56 23.93 -33.54
CA ASP A 202 40.54 23.73 -34.98
C ASP A 202 39.14 23.38 -35.47
N ASP A 203 38.39 22.60 -34.69
CA ASP A 203 37.01 22.31 -35.05
C ASP A 203 36.17 23.58 -35.07
N ALA A 204 36.41 24.48 -34.12
CA ALA A 204 35.69 25.75 -34.12
C ALA A 204 36.04 26.57 -35.36
N ALA A 205 37.30 26.59 -35.75
CA ALA A 205 37.67 27.31 -36.97
C ALA A 205 37.01 26.71 -38.19
N THR A 206 36.97 25.38 -38.29
CA THR A 206 36.31 24.73 -39.40
C THR A 206 34.82 25.06 -39.44
N VAL A 207 34.16 25.03 -38.28
CA VAL A 207 32.74 25.34 -38.23
C VAL A 207 32.50 26.79 -38.65
N TYR A 208 33.36 27.71 -38.20
CA TYR A 208 33.21 29.11 -38.59
C TYR A 208 33.34 29.28 -40.09
N ARG A 209 34.34 28.62 -40.70
CA ARG A 209 34.51 28.74 -42.15
C ARG A 209 33.30 28.18 -42.89
N ALA A 210 32.82 27.01 -42.47
CA ALA A 210 31.67 26.41 -43.14
C ALA A 210 30.43 27.28 -43.00
N ALA A 211 30.21 27.84 -41.81
CA ALA A 211 29.06 28.71 -41.61
C ALA A 211 29.17 29.97 -42.45
N ALA A 212 30.38 30.54 -42.56
CA ALA A 212 30.55 31.73 -43.36
C ALA A 212 30.28 31.46 -44.83
N MET A 213 30.70 30.29 -45.33
CA MET A 213 30.48 30.00 -46.74
C MET A 213 29.03 29.68 -47.04
N LEU A 214 28.23 29.33 -46.03
CA LEU A 214 26.79 29.15 -46.17
C LEU A 214 26.01 30.42 -45.87
N ASN A 215 26.69 31.57 -45.72
CA ASN A 215 26.11 32.85 -45.33
C ASN A 215 25.06 32.68 -44.23
N MET A 216 25.42 31.94 -43.19
CA MET A 216 24.62 31.82 -41.99
C MET A 216 25.07 32.77 -40.89
N THR A 217 26.18 33.48 -41.09
CA THR A 217 26.67 34.45 -40.11
C THR A 217 26.12 35.85 -40.36
N GLY A 218 25.00 35.97 -41.08
CA GLY A 218 24.44 37.25 -41.41
C GLY A 218 23.59 37.82 -40.31
N SER A 219 22.89 38.89 -40.64
CA SER A 219 22.07 39.60 -39.66
C SER A 219 20.89 38.73 -39.22
N GLY A 220 20.40 39.01 -38.01
CA GLY A 220 19.31 38.24 -37.45
C GLY A 220 19.72 36.98 -36.74
N TYR A 221 21.01 36.72 -36.61
CA TYR A 221 21.54 35.55 -35.94
C TYR A 221 22.25 35.98 -34.67
N VAL A 222 22.63 34.99 -33.86
CA VAL A 222 23.40 35.24 -32.65
C VAL A 222 24.10 33.94 -32.25
N TRP A 223 25.39 34.05 -31.93
CA TRP A 223 26.21 32.92 -31.57
C TRP A 223 26.58 32.97 -30.10
N LEU A 224 27.15 31.87 -29.61
CA LEU A 224 27.58 31.75 -28.22
C LEU A 224 28.68 30.70 -28.19
N VAL A 225 29.88 31.08 -27.74
CA VAL A 225 31.02 30.17 -27.78
C VAL A 225 31.82 30.29 -26.48
N GLY A 226 32.36 29.15 -26.04
CA GLY A 226 33.11 29.10 -24.80
C GLY A 226 34.51 29.66 -24.95
N GLU A 227 35.30 29.49 -23.88
CA GLU A 227 36.63 30.10 -23.85
C GLU A 227 37.54 29.53 -24.93
N ARG A 228 37.49 28.21 -25.14
CA ARG A 228 38.41 27.59 -26.10
C ARG A 228 38.10 28.03 -27.52
N GLU A 229 36.83 28.22 -27.86
CA GLU A 229 36.44 28.52 -29.23
C GLU A 229 36.95 29.87 -29.71
N ILE A 230 37.41 30.74 -28.81
CA ILE A 230 38.05 31.99 -29.18
C ILE A 230 39.41 32.07 -28.48
N SER A 231 40.14 33.15 -28.78
CA SER A 231 41.41 33.49 -28.17
C SER A 231 42.53 32.52 -28.56
N GLY A 232 42.20 31.45 -29.25
CA GLY A 232 43.22 30.64 -29.89
C GLY A 232 43.36 31.02 -31.34
N ASN A 233 42.24 30.95 -32.07
CA ASN A 233 42.11 31.45 -33.43
C ASN A 233 40.85 32.31 -33.47
N ALA A 234 41.00 33.58 -33.07
CA ALA A 234 39.87 34.48 -32.94
C ALA A 234 40.12 35.81 -33.67
N LEU A 235 41.19 35.91 -34.43
CA LEU A 235 41.45 37.07 -35.27
C LEU A 235 41.67 36.68 -36.72
N ARG A 236 41.37 35.44 -37.09
CA ARG A 236 41.65 34.97 -38.44
C ARG A 236 40.42 34.32 -39.07
N TYR A 237 39.55 33.71 -38.25
CA TYR A 237 38.43 32.97 -38.81
C TYR A 237 37.15 33.17 -38.01
N ALA A 238 37.06 34.23 -37.23
CA ALA A 238 35.86 34.35 -36.43
C ALA A 238 34.91 35.39 -37.02
N PRO A 239 33.59 35.18 -36.89
CA PRO A 239 32.64 36.19 -37.39
C PRO A 239 32.59 37.40 -36.49
N ASP A 240 31.85 38.43 -36.89
CA ASP A 240 31.74 39.65 -36.12
C ASP A 240 30.50 39.58 -35.23
N GLY A 241 30.63 40.13 -34.03
CA GLY A 241 29.51 40.13 -33.08
C GLY A 241 29.24 38.81 -32.41
N ILE A 242 30.29 38.12 -31.95
CA ILE A 242 30.16 36.83 -31.30
C ILE A 242 30.45 37.01 -29.82
N LEU A 243 29.68 36.32 -28.98
CA LEU A 243 29.76 36.50 -27.53
C LEU A 243 30.49 35.32 -26.91
N GLY A 244 31.69 35.57 -26.39
CA GLY A 244 32.51 34.55 -25.79
C GLY A 244 32.43 34.52 -24.27
N LEU A 245 33.47 33.94 -23.67
CA LEU A 245 33.61 33.87 -22.22
C LEU A 245 35.09 33.83 -21.90
N GLN A 246 35.41 34.09 -20.63
CA GLN A 246 36.81 34.07 -20.19
C GLN A 246 36.91 34.06 -18.67
N LEU A 247 37.61 33.09 -18.11
CA LEU A 247 37.92 33.14 -16.68
C LEU A 247 38.91 34.27 -16.42
N ILE A 248 38.71 35.01 -15.33
CA ILE A 248 39.44 36.25 -15.14
C ILE A 248 40.92 35.99 -14.95
N ASN A 249 41.27 35.06 -14.06
CA ASN A 249 42.68 34.86 -13.74
C ASN A 249 43.33 33.81 -14.62
N GLY A 250 42.83 32.58 -14.58
CA GLY A 250 43.35 31.53 -15.42
C GLY A 250 44.83 31.30 -15.26
N LYS A 251 45.61 31.70 -16.27
CA LYS A 251 47.06 31.47 -16.28
C LYS A 251 47.78 32.56 -15.49
N ASN A 252 47.64 32.48 -14.17
CA ASN A 252 48.31 33.39 -13.24
C ASN A 252 48.95 32.59 -12.11
N GLU A 253 49.73 31.58 -12.49
CA GLU A 253 50.22 30.52 -11.62
C GLU A 253 50.61 30.96 -10.21
N SER A 254 51.20 32.14 -10.05
CA SER A 254 51.68 32.55 -8.73
C SER A 254 50.54 32.68 -7.72
N ALA A 255 49.44 33.32 -8.13
CA ALA A 255 48.30 33.48 -7.22
C ALA A 255 47.72 32.13 -6.82
N HIS A 256 47.57 31.24 -7.80
CA HIS A 256 47.03 29.91 -7.50
C HIS A 256 47.95 29.13 -6.58
N ILE A 257 49.26 29.25 -6.79
CA ILE A 257 50.23 28.57 -5.92
C ILE A 257 50.08 29.05 -4.50
N SER A 258 50.03 30.37 -4.31
CA SER A 258 49.90 30.92 -2.96
C SER A 258 48.61 30.44 -2.30
N ASP A 259 47.50 30.49 -3.03
CA ASP A 259 46.23 30.10 -2.45
C ASP A 259 46.20 28.62 -2.10
N ALA A 260 46.73 27.77 -2.98
CA ALA A 260 46.74 26.34 -2.70
C ALA A 260 47.59 26.03 -1.47
N VAL A 261 48.74 26.68 -1.35
CA VAL A 261 49.59 26.45 -0.18
C VAL A 261 48.85 26.87 1.08
N GLY A 262 48.15 28.00 1.04
CA GLY A 262 47.39 28.43 2.21
C GLY A 262 46.33 27.43 2.61
N VAL A 263 45.56 26.93 1.63
CA VAL A 263 44.49 25.98 1.94
C VAL A 263 45.06 24.70 2.52
N VAL A 264 46.14 24.19 1.92
CA VAL A 264 46.73 22.95 2.39
C VAL A 264 47.25 23.10 3.81
N ALA A 265 47.93 24.22 4.10
CA ALA A 265 48.47 24.42 5.45
C ALA A 265 47.34 24.51 6.47
N GLN A 266 46.30 25.28 6.18
CA GLN A 266 45.19 25.42 7.12
C GLN A 266 44.54 24.07 7.39
N ALA A 267 44.29 23.29 6.35
CA ALA A 267 43.63 22.00 6.56
C ALA A 267 44.52 21.00 7.27
N VAL A 268 45.84 21.03 7.00
CA VAL A 268 46.74 20.12 7.70
C VAL A 268 46.74 20.42 9.19
N HIS A 269 46.82 21.72 9.54
CA HIS A 269 46.80 22.07 10.95
C HIS A 269 45.47 21.71 11.59
N GLU A 270 44.36 21.88 10.87
CA GLU A 270 43.07 21.50 11.41
C GLU A 270 43.00 19.98 11.65
N LEU A 271 43.56 19.20 10.74
CA LEU A 271 43.50 17.75 10.86
C LEU A 271 44.37 17.24 12.00
N LEU A 272 45.55 17.83 12.18
CA LEU A 272 46.57 17.21 13.03
C LEU A 272 46.11 17.04 14.48
N GLU A 273 45.08 17.76 14.92
CA GLU A 273 44.52 17.55 16.25
C GLU A 273 43.41 16.50 16.24
N LYS A 274 43.72 15.33 15.70
CA LYS A 274 42.80 14.20 15.65
C LYS A 274 43.49 12.97 16.19
N GLU A 275 42.71 12.06 16.76
CA GLU A 275 43.27 10.92 17.48
C GLU A 275 43.99 9.95 16.54
N ASN A 276 43.40 9.66 15.38
CA ASN A 276 43.89 8.59 14.50
C ASN A 276 44.69 9.21 13.37
N ILE A 277 46.00 9.37 13.58
CA ILE A 277 46.91 9.92 12.59
C ILE A 277 47.88 8.83 12.17
N THR A 278 48.02 8.62 10.87
CA THR A 278 48.96 7.65 10.33
C THR A 278 49.72 8.29 9.18
N ASP A 279 51.04 8.10 9.17
CA ASP A 279 51.87 8.75 8.17
C ASP A 279 51.80 8.03 6.82
N PRO A 280 51.89 8.79 5.73
CA PRO A 280 51.96 8.19 4.40
C PRO A 280 53.06 7.15 4.31
N PRO A 281 53.01 6.29 3.30
CA PRO A 281 54.07 5.28 3.14
C PRO A 281 55.41 5.92 2.83
N ARG A 282 56.48 5.24 3.24
CA ARG A 282 57.84 5.76 3.12
C ARG A 282 58.46 5.50 1.76
N GLY A 283 58.16 4.36 1.12
CA GLY A 283 58.76 4.03 -0.15
C GLY A 283 57.71 3.57 -1.15
N CYS A 284 58.07 3.68 -2.43
CA CYS A 284 57.15 3.26 -3.49
C CYS A 284 57.10 1.74 -3.61
N VAL A 285 58.23 1.07 -3.46
CA VAL A 285 58.31 -0.38 -3.60
C VAL A 285 58.28 -1.01 -2.21
N GLY A 286 57.73 -2.22 -2.14
CA GLY A 286 57.65 -2.94 -0.89
C GLY A 286 56.48 -2.57 -0.01
N ASN A 287 55.64 -1.62 -0.43
CA ASN A 287 54.45 -1.24 0.32
C ASN A 287 53.27 -1.22 -0.64
N THR A 288 52.20 -1.91 -0.28
CA THR A 288 51.02 -2.04 -1.14
C THR A 288 49.74 -1.87 -0.34
N ASN A 289 49.72 -0.92 0.59
CA ASN A 289 48.59 -0.72 1.48
C ASN A 289 48.10 0.71 1.38
N ILE A 290 46.79 0.88 1.48
CA ILE A 290 46.18 2.21 1.42
C ILE A 290 46.51 2.98 2.68
N TRP A 291 46.96 4.22 2.52
CA TRP A 291 47.16 5.11 3.66
C TRP A 291 45.83 5.28 4.38
N LYS A 292 45.73 4.75 5.59
CA LYS A 292 44.43 4.56 6.23
C LYS A 292 43.72 5.89 6.45
N THR A 293 44.42 6.89 6.99
CA THR A 293 43.80 8.17 7.25
C THR A 293 43.54 8.97 5.98
N GLY A 294 44.14 8.57 4.86
CA GLY A 294 44.06 9.27 3.61
C GLY A 294 42.69 9.83 3.28
N PRO A 295 41.69 8.96 3.11
CA PRO A 295 40.35 9.44 2.76
C PRO A 295 39.83 10.49 3.74
N LEU A 296 40.05 10.28 5.03
CA LEU A 296 39.60 11.27 6.01
C LEU A 296 40.22 12.63 5.73
N PHE A 297 41.52 12.66 5.44
CA PHE A 297 42.17 13.91 5.07
C PHE A 297 41.40 14.60 3.95
N LYS A 298 41.04 13.84 2.92
CA LYS A 298 40.32 14.42 1.80
C LYS A 298 39.11 15.19 2.28
N ARG A 299 38.34 14.60 3.19
CA ARG A 299 37.14 15.28 3.67
C ARG A 299 37.49 16.59 4.35
N VAL A 300 38.48 16.58 5.24
CA VAL A 300 38.85 17.82 5.91
C VAL A 300 39.52 18.80 4.97
N LEU A 301 39.94 18.34 3.80
CA LEU A 301 40.42 19.23 2.75
C LEU A 301 39.29 19.73 1.86
N MET A 302 38.19 18.97 1.78
CA MET A 302 37.12 19.34 0.87
C MET A 302 36.22 20.41 1.49
N SER A 303 35.55 20.07 2.59
CA SER A 303 34.52 20.95 3.13
C SER A 303 35.10 22.26 3.62
N SER A 304 36.27 22.23 4.26
CA SER A 304 36.78 23.40 4.96
C SER A 304 37.05 24.56 4.01
N LYS A 305 38.05 24.42 3.15
CA LYS A 305 38.47 25.47 2.23
C LYS A 305 38.53 26.83 2.93
N TYR A 306 37.95 27.85 2.29
CA TYR A 306 37.66 29.16 2.86
C TYR A 306 38.89 30.04 3.08
N ALA A 307 40.05 29.67 2.56
CA ALA A 307 41.23 30.51 2.72
C ALA A 307 41.07 31.76 1.87
N ASP A 308 40.56 32.83 2.47
CA ASP A 308 40.25 34.06 1.75
C ASP A 308 41.55 34.73 1.35
N GLY A 309 41.94 34.56 0.09
CA GLY A 309 43.21 35.07 -0.39
C GLY A 309 43.12 35.93 -1.63
N VAL A 310 44.20 35.96 -2.41
CA VAL A 310 44.28 36.88 -3.55
C VAL A 310 43.25 36.53 -4.61
N THR A 311 43.09 35.24 -4.92
CA THR A 311 42.15 34.86 -5.97
C THR A 311 40.70 35.02 -5.57
N GLY A 312 40.43 35.31 -4.29
CA GLY A 312 39.07 35.48 -3.80
C GLY A 312 38.76 34.53 -2.66
N ARG A 313 37.56 33.98 -2.68
CA ARG A 313 37.12 32.98 -1.71
C ARG A 313 37.08 31.63 -2.39
N VAL A 314 37.64 30.61 -1.73
CA VAL A 314 37.75 29.27 -2.28
C VAL A 314 36.85 28.35 -1.48
N GLU A 315 36.02 27.57 -2.17
CA GLU A 315 35.12 26.64 -1.51
C GLU A 315 34.87 25.47 -2.45
N PHE A 316 35.57 24.36 -2.22
CA PHE A 316 35.42 23.19 -3.08
C PHE A 316 34.04 22.58 -2.90
N ASN A 317 33.46 22.13 -4.01
CA ASN A 317 32.10 21.60 -4.03
C ASN A 317 32.13 20.08 -3.81
N GLU A 318 31.03 19.40 -4.11
CA GLU A 318 30.85 18.01 -3.71
C GLU A 318 31.89 17.07 -4.33
N ASP A 319 32.36 17.36 -5.54
CA ASP A 319 33.20 16.42 -6.27
C ASP A 319 34.42 17.11 -6.87
N GLY A 320 35.13 17.89 -6.06
CA GLY A 320 36.36 18.46 -6.57
C GLY A 320 36.31 19.92 -6.96
N ASP A 321 36.13 20.17 -8.26
CA ASP A 321 36.27 21.48 -8.86
C ASP A 321 35.70 22.62 -8.01
N ARG A 322 36.43 23.73 -7.96
CA ARG A 322 36.02 24.88 -7.19
C ARG A 322 34.79 25.53 -7.82
N LYS A 323 33.87 25.98 -6.98
CA LYS A 323 32.68 26.68 -7.42
C LYS A 323 32.81 28.18 -7.15
N PHE A 324 31.83 28.94 -7.62
CA PHE A 324 31.78 30.40 -7.44
C PHE A 324 33.00 31.06 -8.08
N ALA A 325 33.06 30.95 -9.40
CA ALA A 325 34.10 31.62 -10.17
C ALA A 325 33.57 32.96 -10.68
N ASN A 326 34.41 33.70 -11.39
CA ASN A 326 34.05 35.02 -11.92
C ASN A 326 34.49 35.09 -13.37
N TYR A 327 33.53 34.92 -14.29
CA TYR A 327 33.82 34.96 -15.71
C TYR A 327 33.81 36.39 -16.21
N SER A 328 33.97 36.59 -17.51
CA SER A 328 33.99 37.94 -18.07
C SER A 328 33.56 37.86 -19.53
N ILE A 329 32.30 38.23 -19.81
CA ILE A 329 31.76 38.15 -21.15
C ILE A 329 32.53 39.08 -22.07
N MET A 330 32.84 38.60 -23.27
CA MET A 330 33.55 39.39 -24.27
C MET A 330 32.69 39.52 -25.52
N ASN A 331 33.27 40.13 -26.56
CA ASN A 331 32.58 40.40 -27.81
C ASN A 331 33.58 40.94 -28.81
N LEU A 332 33.31 40.68 -30.10
CA LEU A 332 34.16 41.14 -31.19
C LEU A 332 33.60 42.41 -31.80
N GLN A 333 34.44 43.42 -31.95
CA GLN A 333 34.08 44.66 -32.65
C GLN A 333 35.29 45.05 -33.51
N ASN A 334 35.23 44.72 -34.80
CA ASN A 334 36.31 45.00 -35.74
C ASN A 334 37.60 44.34 -35.25
N ARG A 335 37.57 43.02 -35.21
CA ARG A 335 38.71 42.18 -34.86
C ARG A 335 39.27 42.50 -33.47
N LYS A 336 38.49 43.14 -32.61
CA LYS A 336 38.88 43.42 -31.24
C LYS A 336 38.10 42.52 -30.31
N LEU A 337 38.37 42.65 -29.01
CA LEU A 337 37.75 41.79 -28.01
C LEU A 337 37.31 42.61 -26.80
N VAL A 338 36.57 43.69 -27.06
CA VAL A 338 36.14 44.56 -25.98
C VAL A 338 35.28 43.80 -24.98
N GLN A 339 35.28 44.28 -23.74
CA GLN A 339 34.51 43.66 -22.67
C GLN A 339 33.12 44.28 -22.60
N VAL A 340 32.11 43.44 -22.33
CA VAL A 340 30.73 43.89 -22.36
C VAL A 340 30.06 43.66 -21.02
N GLY A 341 30.51 42.65 -20.27
CA GLY A 341 29.84 42.36 -19.02
C GLY A 341 30.72 41.58 -18.08
N ILE A 342 30.17 41.29 -16.90
CA ILE A 342 30.82 40.48 -15.88
C ILE A 342 29.78 39.59 -15.23
N TYR A 343 30.11 38.32 -15.05
CA TYR A 343 29.26 37.36 -14.36
C TYR A 343 29.93 37.01 -13.05
N ASN A 344 29.33 37.39 -11.92
CA ASN A 344 29.95 37.11 -10.63
C ASN A 344 29.44 35.80 -10.03
N GLY A 345 28.15 35.70 -9.79
CA GLY A 345 27.55 34.47 -9.33
C GLY A 345 26.04 34.54 -9.34
N THR A 346 25.40 33.55 -9.97
CA THR A 346 23.94 33.45 -10.05
C THR A 346 23.29 34.70 -10.63
N HIS A 347 24.08 35.59 -11.24
CA HIS A 347 23.55 36.82 -11.82
C HIS A 347 24.59 37.50 -12.68
N VAL A 348 24.24 37.87 -13.91
CA VAL A 348 25.14 38.62 -14.77
C VAL A 348 24.98 40.10 -14.46
N ILE A 349 25.99 40.88 -14.86
CA ILE A 349 25.95 42.33 -14.68
C ILE A 349 26.46 42.99 -15.95
N PRO A 350 25.62 43.71 -16.68
CA PRO A 350 26.08 44.39 -17.89
C PRO A 350 26.99 45.56 -17.60
N ASN A 351 27.43 46.26 -18.63
CA ASN A 351 28.36 47.38 -18.47
C ASN A 351 27.85 48.62 -19.18
N ASP A 352 28.70 49.64 -19.28
CA ASP A 352 28.33 50.91 -19.90
C ASP A 352 28.58 50.92 -21.40
N ARG A 353 29.06 49.82 -21.97
CA ARG A 353 29.35 49.76 -23.40
C ARG A 353 28.25 49.03 -24.14
N LYS A 354 27.95 49.50 -25.34
CA LYS A 354 26.94 48.86 -26.18
C LYS A 354 27.53 47.63 -26.86
N ILE A 355 26.64 46.81 -27.41
CA ILE A 355 27.00 45.50 -27.95
C ILE A 355 26.57 45.44 -29.41
N ILE A 356 27.46 44.98 -30.27
CA ILE A 356 27.21 44.84 -31.70
C ILE A 356 26.96 43.37 -32.00
N TRP A 357 25.84 43.09 -32.66
CA TRP A 357 25.40 41.72 -32.93
C TRP A 357 25.91 41.25 -34.29
N PRO A 358 25.68 39.99 -34.69
CA PRO A 358 26.27 39.50 -35.94
C PRO A 358 25.70 40.14 -37.19
N GLY A 359 26.22 41.31 -37.55
CA GLY A 359 25.79 42.01 -38.75
C GLY A 359 25.74 43.50 -38.57
N GLY A 360 26.07 43.97 -37.37
CA GLY A 360 26.04 45.39 -37.07
C GLY A 360 24.69 45.93 -36.64
N GLU A 361 23.67 45.08 -36.59
CA GLU A 361 22.34 45.53 -36.20
C GLU A 361 22.32 45.89 -34.72
N THR A 362 22.28 47.18 -34.41
CA THR A 362 22.23 47.64 -33.03
C THR A 362 20.80 47.45 -32.52
N GLU A 363 20.53 46.25 -32.01
CA GLU A 363 19.21 45.89 -31.53
C GLU A 363 19.38 44.72 -30.55
N LYS A 364 18.29 44.02 -30.26
CA LYS A 364 18.34 42.78 -29.49
C LYS A 364 17.60 41.71 -30.28
N PRO A 365 18.26 41.12 -31.27
CA PRO A 365 17.56 40.22 -32.20
C PRO A 365 17.08 38.96 -31.50
N ARG A 366 15.77 38.74 -31.53
CA ARG A 366 15.19 37.52 -30.99
C ARG A 366 15.30 36.40 -32.01
N GLY A 367 15.29 35.17 -31.52
CA GLY A 367 15.39 34.02 -32.40
C GLY A 367 14.09 33.27 -32.58
N TYR A 368 13.44 33.47 -33.71
CA TYR A 368 12.24 32.74 -34.09
C TYR A 368 11.85 33.14 -35.50
N GLN A 369 11.27 32.20 -36.22
CA GLN A 369 10.88 32.51 -37.60
C GLN A 369 9.43 32.17 -37.92
N MET A 370 8.90 31.06 -37.39
CA MET A 370 7.52 30.65 -37.66
C MET A 370 7.29 30.47 -39.16
N SER A 371 7.92 29.42 -39.69
CA SER A 371 8.04 29.17 -41.13
C SER A 371 6.79 29.55 -41.94
N THR A 372 5.62 29.10 -41.51
CA THR A 372 4.38 29.22 -42.29
C THR A 372 4.52 28.57 -43.66
N ARG A 373 5.14 27.40 -43.68
CA ARG A 373 5.26 26.59 -44.90
C ARG A 373 5.04 25.12 -44.55
N LEU A 374 3.99 24.85 -43.77
CA LEU A 374 3.82 23.53 -43.18
C LEU A 374 3.69 22.45 -44.24
N LYS A 375 4.27 21.29 -43.95
CA LYS A 375 4.09 20.10 -44.75
C LYS A 375 3.06 19.21 -44.08
N ILE A 376 2.16 18.66 -44.88
CA ILE A 376 0.97 17.98 -44.37
C ILE A 376 0.97 16.54 -44.86
N VAL A 377 0.45 15.63 -44.04
CA VAL A 377 0.42 14.21 -44.35
C VAL A 377 -1.01 13.71 -44.29
N THR A 378 -1.45 12.99 -45.34
CA THR A 378 -2.79 12.46 -45.43
C THR A 378 -2.71 11.06 -46.02
N ILE A 379 -3.79 10.29 -45.86
CA ILE A 379 -3.81 8.90 -46.30
C ILE A 379 -5.05 8.67 -47.17
N HIS A 380 -4.87 7.93 -48.26
CA HIS A 380 -5.96 7.68 -49.20
C HIS A 380 -6.97 6.74 -48.55
N GLN A 381 -8.19 7.24 -48.34
CA GLN A 381 -9.24 6.41 -47.74
C GLN A 381 -10.60 7.08 -47.84
N GLU A 382 -11.60 6.33 -48.30
CA GLU A 382 -13.00 6.69 -48.07
C GLU A 382 -13.39 7.96 -48.80
N PRO A 383 -14.62 8.47 -48.62
CA PRO A 383 -14.95 9.80 -49.16
C PRO A 383 -14.15 10.94 -48.55
N PHE A 384 -13.36 10.69 -47.52
CA PHE A 384 -12.62 11.79 -46.91
C PHE A 384 -11.49 12.26 -47.80
N VAL A 385 -10.74 11.34 -48.42
CA VAL A 385 -9.63 11.70 -49.29
C VAL A 385 -9.58 10.70 -50.44
N TYR A 386 -9.72 11.19 -51.67
CA TYR A 386 -9.60 10.37 -52.86
C TYR A 386 -8.19 10.49 -53.43
N VAL A 387 -7.85 9.56 -54.32
CA VAL A 387 -6.58 9.62 -55.04
C VAL A 387 -6.80 9.13 -56.47
N LYS A 388 -6.42 9.95 -57.44
CA LYS A 388 -6.56 9.60 -58.84
C LYS A 388 -5.26 9.89 -59.57
N PRO A 389 -4.94 9.13 -60.62
CA PRO A 389 -3.71 9.39 -61.36
C PRO A 389 -3.77 10.70 -62.11
N THR A 390 -2.61 11.32 -62.27
CA THR A 390 -2.55 12.62 -62.93
C THR A 390 -2.66 12.47 -64.44
N LEU A 391 -3.01 13.56 -65.10
CA LEU A 391 -3.06 13.62 -66.55
C LEU A 391 -1.66 13.90 -67.10
N SER A 392 -1.50 13.64 -68.41
CA SER A 392 -0.17 13.63 -69.01
C SER A 392 0.55 14.96 -68.83
N ASP A 393 -0.12 16.07 -69.10
CA ASP A 393 0.51 17.38 -68.93
C ASP A 393 0.83 17.65 -67.47
N GLY A 394 -0.07 17.26 -66.56
CA GLY A 394 0.16 17.45 -65.14
C GLY A 394 -1.07 17.93 -64.40
N THR A 395 -1.91 18.74 -65.06
CA THR A 395 -3.18 19.15 -64.48
C THR A 395 -4.21 18.06 -64.73
N CYS A 396 -4.76 17.50 -63.66
CA CYS A 396 -5.52 16.25 -63.77
C CYS A 396 -6.77 16.38 -64.62
N LYS A 397 -7.76 17.13 -64.17
CA LYS A 397 -9.04 17.21 -64.88
C LYS A 397 -9.70 18.54 -64.54
N GLU A 398 -10.93 18.71 -65.04
CA GLU A 398 -11.81 19.81 -64.65
C GLU A 398 -13.18 19.21 -64.43
N GLU A 399 -13.42 18.73 -63.21
CA GLU A 399 -14.71 18.13 -62.87
C GLU A 399 -15.62 19.18 -62.25
N PHE A 400 -16.90 18.83 -62.15
CA PHE A 400 -17.90 19.75 -61.62
C PHE A 400 -18.88 18.95 -60.77
N THR A 401 -19.97 19.60 -60.38
CA THR A 401 -20.93 19.00 -59.45
C THR A 401 -22.33 19.27 -59.99
N VAL A 402 -23.33 19.04 -59.12
CA VAL A 402 -24.73 19.16 -59.53
C VAL A 402 -25.01 20.57 -60.09
N ASN A 403 -24.54 21.59 -59.38
CA ASN A 403 -24.74 22.97 -59.82
C ASN A 403 -23.60 23.50 -60.65
N GLY A 404 -22.61 22.66 -60.98
CA GLY A 404 -21.50 23.09 -61.81
C GLY A 404 -20.37 23.78 -61.08
N ASP A 405 -20.40 23.81 -59.75
CA ASP A 405 -19.31 24.40 -59.00
C ASP A 405 -18.06 23.54 -59.14
N PRO A 406 -16.91 24.11 -59.47
CA PRO A 406 -15.69 23.32 -59.60
C PRO A 406 -15.31 22.68 -58.27
N VAL A 407 -14.66 21.52 -58.36
CA VAL A 407 -14.19 20.79 -57.18
C VAL A 407 -12.69 21.00 -57.07
N LYS A 408 -12.25 21.49 -55.91
CA LYS A 408 -10.85 21.81 -55.71
C LYS A 408 -10.03 20.53 -55.57
N LYS A 409 -8.90 20.49 -56.28
CA LYS A 409 -7.95 19.39 -56.20
C LYS A 409 -6.58 19.92 -55.84
N VAL A 410 -5.79 19.12 -55.14
CA VAL A 410 -4.43 19.50 -54.79
C VAL A 410 -3.50 18.38 -55.19
N ILE A 411 -2.21 18.71 -55.27
CA ILE A 411 -1.21 17.83 -55.87
C ILE A 411 -0.58 17.00 -54.76
N CYS A 412 -1.11 15.80 -54.55
CA CYS A 412 -0.52 14.85 -53.62
C CYS A 412 0.76 14.27 -54.23
N THR A 413 1.66 13.81 -53.36
CA THR A 413 2.99 13.36 -53.79
C THR A 413 3.34 12.04 -53.13
N GLY A 414 2.41 11.08 -53.20
CA GLY A 414 2.61 9.81 -52.54
C GLY A 414 3.27 8.76 -53.40
N PRO A 415 3.46 7.56 -52.85
CA PRO A 415 4.15 6.50 -53.58
C PRO A 415 3.21 5.69 -54.45
N ASN A 416 3.76 4.68 -55.13
CA ASN A 416 2.99 3.83 -56.03
C ASN A 416 3.36 2.36 -55.85
N ASP A 417 3.62 1.93 -54.61
CA ASP A 417 4.09 0.58 -54.36
C ASP A 417 3.14 -0.18 -53.43
N THR A 418 1.84 -0.15 -53.71
CA THR A 418 0.87 -0.80 -52.84
C THR A 418 1.19 -2.29 -52.66
N SER A 419 1.77 -2.92 -53.67
CA SER A 419 2.27 -4.28 -53.52
C SER A 419 3.70 -4.23 -52.97
N PRO A 420 3.98 -4.92 -51.86
CA PRO A 420 5.33 -4.84 -51.28
C PRO A 420 6.40 -5.33 -52.24
N GLY A 421 7.55 -4.67 -52.19
CA GLY A 421 8.65 -4.96 -53.09
C GLY A 421 8.63 -4.20 -54.39
N SER A 422 7.59 -3.43 -54.67
CA SER A 422 7.49 -2.69 -55.91
C SER A 422 8.49 -1.54 -55.93
N PRO A 423 8.84 -1.04 -57.12
CA PRO A 423 9.79 0.08 -57.21
C PRO A 423 9.17 1.41 -56.80
N ARG A 424 9.18 1.70 -55.50
CA ARG A 424 8.69 2.97 -54.99
C ARG A 424 9.40 4.13 -55.70
N HIS A 425 8.63 4.93 -56.43
CA HIS A 425 9.19 6.02 -57.22
C HIS A 425 8.69 7.39 -56.81
N THR A 426 7.63 7.48 -56.00
CA THR A 426 7.09 8.76 -55.54
C THR A 426 6.68 9.66 -56.71
N VAL A 427 5.70 9.18 -57.48
CA VAL A 427 5.18 9.93 -58.62
C VAL A 427 4.06 10.84 -58.13
N PRO A 428 3.98 12.08 -58.60
CA PRO A 428 2.92 12.99 -58.15
C PRO A 428 1.57 12.65 -58.76
N GLN A 429 0.52 12.83 -57.96
CA GLN A 429 -0.86 12.59 -58.38
C GLN A 429 -1.73 13.68 -57.78
N CYS A 430 -3.05 13.54 -57.91
CA CYS A 430 -3.96 14.55 -57.38
C CYS A 430 -4.96 13.93 -56.43
N CYS A 431 -5.39 14.72 -55.45
CA CYS A 431 -6.27 14.30 -54.38
C CYS A 431 -7.24 15.43 -54.08
N TYR A 432 -8.53 15.10 -53.97
CA TYR A 432 -9.60 16.09 -53.94
C TYR A 432 -10.72 15.71 -52.97
N GLY A 433 -10.37 15.23 -51.78
CA GLY A 433 -11.37 14.74 -50.85
C GLY A 433 -12.12 15.85 -50.13
N PHE A 434 -12.94 15.42 -49.16
CA PHE A 434 -13.64 16.37 -48.29
C PHE A 434 -12.70 16.97 -47.26
N CYS A 435 -11.80 16.16 -46.69
CA CYS A 435 -10.78 16.69 -45.80
C CYS A 435 -9.90 17.71 -46.50
N ILE A 436 -9.65 17.53 -47.80
CA ILE A 436 -8.87 18.52 -48.53
C ILE A 436 -9.64 19.83 -48.65
N ASP A 437 -10.96 19.75 -48.81
CA ASP A 437 -11.76 20.96 -48.80
C ASP A 437 -11.64 21.67 -47.46
N LEU A 438 -11.68 20.92 -46.36
CA LEU A 438 -11.50 21.54 -45.05
C LEU A 438 -10.13 22.18 -44.94
N LEU A 439 -9.10 21.52 -45.46
CA LEU A 439 -7.76 22.09 -45.41
C LEU A 439 -7.69 23.39 -46.20
N ILE A 440 -8.32 23.45 -47.36
CA ILE A 440 -8.33 24.68 -48.14
C ILE A 440 -8.97 25.79 -47.35
N LYS A 441 -10.12 25.50 -46.72
CA LYS A 441 -10.79 26.54 -45.93
C LYS A 441 -9.92 27.02 -44.78
N LEU A 442 -9.25 26.08 -44.09
CA LEU A 442 -8.38 26.46 -42.98
C LEU A 442 -7.24 27.34 -43.46
N ALA A 443 -6.60 26.96 -44.57
CA ALA A 443 -5.48 27.75 -45.08
C ALA A 443 -5.94 29.14 -45.49
N ARG A 444 -7.12 29.25 -46.09
CA ARG A 444 -7.64 30.57 -46.46
C ARG A 444 -7.89 31.41 -45.22
N THR A 445 -8.44 30.82 -44.16
CA THR A 445 -8.72 31.60 -42.95
C THR A 445 -7.44 32.02 -42.25
N MET A 446 -6.42 31.17 -42.24
CA MET A 446 -5.26 31.36 -41.38
C MET A 446 -4.04 31.93 -42.07
N ASN A 447 -4.03 32.00 -43.41
CA ASN A 447 -2.93 32.59 -44.17
C ASN A 447 -1.61 31.84 -43.91
N PHE A 448 -1.58 30.58 -44.35
CA PHE A 448 -0.32 29.85 -44.49
C PHE A 448 -0.35 29.11 -45.83
N THR A 449 0.58 28.19 -46.02
CA THR A 449 0.67 27.44 -47.26
C THR A 449 0.97 25.98 -46.96
N TYR A 450 0.51 25.10 -47.84
CA TYR A 450 0.53 23.66 -47.61
C TYR A 450 1.33 22.96 -48.70
N GLU A 451 1.72 21.71 -48.42
CA GLU A 451 2.41 20.88 -49.38
C GLU A 451 1.68 19.60 -49.70
N VAL A 452 1.23 18.86 -48.68
CA VAL A 452 0.50 17.60 -48.82
C VAL A 452 1.38 16.51 -49.39
N HIS A 453 1.44 15.36 -48.72
CA HIS A 453 2.13 14.19 -49.25
C HIS A 453 1.66 12.96 -48.49
N LEU A 454 1.41 11.88 -49.22
CA LEU A 454 0.87 10.68 -48.62
C LEU A 454 1.91 10.02 -47.70
N VAL A 455 1.49 8.93 -47.06
CA VAL A 455 2.39 8.19 -46.17
C VAL A 455 3.23 7.21 -47.00
N ALA A 456 4.34 6.76 -46.38
CA ALA A 456 5.25 5.87 -47.07
C ALA A 456 4.62 4.50 -47.31
N ASP A 457 4.06 3.90 -46.26
CA ASP A 457 3.55 2.54 -46.32
C ASP A 457 2.03 2.46 -46.28
N GLY A 458 1.39 3.25 -45.43
CA GLY A 458 -0.05 3.22 -45.30
C GLY A 458 -0.49 2.52 -44.03
N LYS A 459 -0.76 3.31 -42.99
CA LYS A 459 -1.16 2.79 -41.69
C LYS A 459 -1.56 3.97 -40.83
N PHE A 460 -2.62 3.78 -40.03
CA PHE A 460 -3.11 4.88 -39.22
C PHE A 460 -2.14 5.24 -38.09
N GLY A 461 -1.39 4.26 -37.59
CA GLY A 461 -0.41 4.58 -36.56
C GLY A 461 -0.52 3.79 -35.28
N THR A 462 -1.07 2.58 -35.32
CA THR A 462 -1.09 1.73 -34.15
C THR A 462 0.34 1.38 -33.75
N GLN A 463 0.78 1.90 -32.60
CA GLN A 463 2.17 1.74 -32.19
C GLN A 463 2.48 0.28 -31.86
N GLU A 464 3.68 -0.16 -32.26
CA GLU A 464 4.15 -1.50 -31.99
C GLU A 464 5.57 -1.49 -31.46
N ARG A 465 6.16 -2.67 -31.32
CA ARG A 465 7.49 -2.84 -30.72
C ARG A 465 8.50 -3.22 -31.79
N VAL A 466 9.66 -2.56 -31.76
CA VAL A 466 10.68 -2.75 -32.78
C VAL A 466 11.29 -4.14 -32.66
N ASN A 467 12.04 -4.56 -33.67
CA ASN A 467 12.63 -5.88 -33.68
C ASN A 467 13.75 -5.98 -32.66
N ASN A 468 13.79 -7.11 -31.94
CA ASN A 468 14.88 -7.46 -31.04
C ASN A 468 15.15 -6.35 -30.02
N SER A 469 14.07 -5.78 -29.49
CA SER A 469 14.19 -4.74 -28.47
C SER A 469 12.83 -4.53 -27.84
N ASN A 470 12.80 -4.36 -26.52
CA ASN A 470 11.57 -4.08 -25.79
C ASN A 470 11.40 -2.58 -25.56
N LYS A 471 11.40 -1.81 -26.65
CA LYS A 471 11.27 -0.38 -26.57
C LYS A 471 10.19 0.12 -27.53
N LYS A 472 9.56 1.23 -27.15
CA LYS A 472 8.45 1.78 -27.90
C LYS A 472 8.94 2.46 -29.18
N GLU A 473 8.10 2.40 -30.21
CA GLU A 473 8.34 3.12 -31.45
C GLU A 473 7.02 3.23 -32.20
N TRP A 474 6.86 4.33 -32.93
CA TRP A 474 5.63 4.60 -33.68
C TRP A 474 5.82 4.27 -35.15
N ASN A 475 4.71 4.22 -35.87
CA ASN A 475 4.72 3.93 -37.28
C ASN A 475 3.56 4.65 -37.95
N GLY A 476 3.72 4.93 -39.24
CA GLY A 476 2.64 5.56 -39.98
C GLY A 476 2.54 7.05 -39.73
N MET A 477 1.31 7.55 -39.73
CA MET A 477 1.09 8.99 -39.65
C MET A 477 1.59 9.57 -38.33
N MET A 478 1.28 8.89 -37.21
CA MET A 478 1.70 9.42 -35.92
C MET A 478 3.23 9.44 -35.81
N GLY A 479 3.89 8.39 -36.28
CA GLY A 479 5.35 8.39 -36.26
C GLY A 479 5.95 9.44 -37.15
N GLU A 480 5.35 9.66 -38.32
CA GLU A 480 5.85 10.69 -39.23
C GLU A 480 5.71 12.07 -38.62
N LEU A 481 4.57 12.35 -38.00
CA LEU A 481 4.39 13.64 -37.35
C LEU A 481 5.39 13.83 -36.21
N LEU A 482 5.56 12.79 -35.39
CA LEU A 482 6.40 12.92 -34.21
C LEU A 482 7.86 13.16 -34.59
N SER A 483 8.35 12.50 -35.63
CA SER A 483 9.75 12.58 -36.01
C SER A 483 10.01 13.69 -37.03
N GLY A 484 9.46 14.87 -36.76
CA GLY A 484 9.81 16.07 -37.49
C GLY A 484 9.69 16.01 -39.00
N GLN A 485 8.84 15.13 -39.52
CA GLN A 485 8.68 14.98 -40.95
C GLN A 485 7.40 15.59 -41.50
N ALA A 486 6.47 15.98 -40.62
CA ALA A 486 5.22 16.61 -41.02
C ALA A 486 4.73 17.45 -39.86
N ASP A 487 3.79 18.35 -40.14
CA ASP A 487 3.30 19.27 -39.12
C ASP A 487 1.82 19.12 -38.79
N MET A 488 1.01 18.60 -39.71
CA MET A 488 -0.41 18.38 -39.43
C MET A 488 -0.82 17.05 -40.08
N ILE A 489 -1.89 16.47 -39.56
CA ILE A 489 -2.31 15.14 -39.98
C ILE A 489 -3.73 15.14 -40.52
N VAL A 490 -4.11 16.18 -41.27
CA VAL A 490 -5.51 16.33 -41.63
C VAL A 490 -5.94 15.13 -42.46
N ALA A 491 -6.71 14.25 -41.82
CA ALA A 491 -7.26 13.00 -42.32
C ALA A 491 -8.06 12.40 -41.18
N PRO A 492 -8.89 11.39 -41.40
CA PRO A 492 -9.58 10.76 -40.25
C PRO A 492 -8.58 10.12 -39.30
N LEU A 493 -8.46 10.66 -38.09
CA LEU A 493 -7.44 10.28 -37.13
C LEU A 493 -8.04 10.09 -35.74
N THR A 494 -9.07 9.24 -35.66
CA THR A 494 -9.90 9.05 -34.47
C THR A 494 -9.18 9.21 -33.14
N ILE A 495 -9.76 10.02 -32.25
CA ILE A 495 -9.10 10.40 -31.01
C ILE A 495 -9.06 9.23 -30.05
N ASN A 496 -7.87 8.92 -29.55
CA ASN A 496 -7.71 7.84 -28.58
C ASN A 496 -7.00 8.34 -27.34
N ASN A 497 -6.62 7.44 -26.45
CA ASN A 497 -5.87 7.83 -25.26
C ASN A 497 -4.36 7.68 -25.46
N GLU A 498 -3.93 6.54 -25.99
CA GLU A 498 -2.52 6.31 -26.21
C GLU A 498 -1.93 7.33 -27.17
N ARG A 499 -2.67 7.65 -28.24
CA ARG A 499 -2.21 8.71 -29.15
C ARG A 499 -2.18 10.05 -28.43
N ALA A 500 -3.25 10.38 -27.71
CA ALA A 500 -3.37 11.69 -27.08
C ALA A 500 -2.37 11.90 -25.96
N GLN A 501 -1.68 10.84 -25.52
CA GLN A 501 -0.67 11.00 -24.49
C GLN A 501 0.34 12.07 -24.87
N TYR A 502 0.94 11.95 -26.06
CA TYR A 502 1.84 12.98 -26.60
C TYR A 502 1.51 13.31 -28.07
N ILE A 503 0.45 14.10 -28.24
CA ILE A 503 0.03 14.78 -29.46
C ILE A 503 -1.05 15.75 -29.01
N GLU A 504 -1.11 16.93 -29.59
CA GLU A 504 -2.13 17.91 -29.24
C GLU A 504 -3.23 17.85 -30.28
N PHE A 505 -4.32 17.17 -29.96
CA PHE A 505 -5.43 17.04 -30.88
C PHE A 505 -6.18 18.36 -30.96
N SER A 506 -7.27 18.37 -31.71
CA SER A 506 -8.13 19.54 -31.83
C SER A 506 -9.53 19.18 -31.35
N LYS A 507 -10.45 20.11 -31.51
CA LYS A 507 -11.84 19.77 -31.27
C LYS A 507 -12.37 18.97 -32.45
N PRO A 508 -13.14 17.91 -32.21
CA PRO A 508 -13.54 17.03 -33.30
C PRO A 508 -14.37 17.75 -34.36
N PHE A 509 -14.20 17.34 -35.61
CA PHE A 509 -15.01 17.87 -36.70
C PHE A 509 -16.00 16.84 -37.23
N LYS A 510 -16.12 15.69 -36.58
CA LYS A 510 -17.09 14.67 -36.96
C LYS A 510 -17.28 13.75 -35.76
N TYR A 511 -18.36 12.99 -35.77
CA TYR A 511 -18.67 12.07 -34.68
C TYR A 511 -19.07 10.71 -35.26
N GLN A 512 -18.28 9.69 -34.99
CA GLN A 512 -18.48 8.39 -35.64
C GLN A 512 -17.79 7.30 -34.85
N GLY A 513 -18.58 6.36 -34.31
CA GLY A 513 -18.07 5.21 -33.59
C GLY A 513 -18.22 3.94 -34.41
N LEU A 514 -17.50 2.90 -33.97
CA LEU A 514 -17.38 1.68 -34.75
C LEU A 514 -18.73 0.97 -34.90
N THR A 515 -18.86 0.23 -36.00
CA THR A 515 -20.05 -0.57 -36.28
C THR A 515 -19.64 -1.74 -37.17
N ILE A 516 -20.61 -2.60 -37.47
CA ILE A 516 -20.37 -3.87 -38.16
C ILE A 516 -21.09 -3.86 -39.49
N LEU A 517 -20.38 -4.19 -40.56
CA LEU A 517 -20.95 -4.33 -41.89
C LEU A 517 -20.79 -5.77 -42.35
N VAL A 518 -21.88 -6.37 -42.82
CA VAL A 518 -21.89 -7.75 -43.30
C VAL A 518 -22.66 -7.81 -44.62
N LYS A 519 -22.44 -8.89 -45.35
CA LYS A 519 -23.11 -9.10 -46.63
C LYS A 519 -24.57 -9.47 -46.42
N LYS A 520 -25.44 -8.89 -47.22
CA LYS A 520 -26.88 -9.10 -47.12
C LYS A 520 -27.33 -10.10 -48.17
N GLU A 521 -28.18 -11.05 -47.75
CA GLU A 521 -28.69 -12.08 -48.65
C GLU A 521 -29.56 -11.44 -49.72
N ILE A 522 -29.08 -11.44 -50.96
CA ILE A 522 -29.83 -10.82 -52.05
C ILE A 522 -31.19 -11.48 -52.28
N PRO A 523 -31.31 -12.81 -52.38
CA PRO A 523 -32.64 -13.39 -52.64
C PRO A 523 -33.45 -13.52 -51.36
N ARG A 524 -34.65 -12.94 -51.37
CA ARG A 524 -35.57 -13.04 -50.25
C ARG A 524 -36.80 -13.87 -50.55
N SER A 525 -37.16 -14.04 -51.83
CA SER A 525 -38.31 -14.84 -52.21
C SER A 525 -38.14 -15.26 -53.66
N THR A 526 -38.88 -16.30 -54.04
CA THR A 526 -38.84 -16.82 -55.41
C THR A 526 -40.17 -16.73 -56.12
N LEU A 527 -41.27 -17.07 -55.45
CA LEU A 527 -42.64 -17.05 -55.96
C LEU A 527 -42.89 -18.08 -57.04
N ASP A 528 -41.88 -18.83 -57.47
CA ASP A 528 -42.03 -19.90 -58.44
C ASP A 528 -42.02 -21.27 -57.80
N SER A 529 -42.16 -21.33 -56.47
CA SER A 529 -42.08 -22.61 -55.77
C SER A 529 -43.34 -23.42 -55.99
N PHE A 530 -43.16 -24.70 -56.31
CA PHE A 530 -44.27 -25.64 -56.42
C PHE A 530 -44.66 -26.14 -55.03
N MET A 531 -45.44 -27.22 -54.97
CA MET A 531 -45.84 -27.77 -53.68
C MET A 531 -44.67 -28.49 -53.02
N GLN A 532 -43.57 -27.78 -52.81
CA GLN A 532 -42.35 -28.25 -52.18
C GLN A 532 -42.37 -28.27 -50.65
N PRO A 533 -42.85 -27.22 -49.97
CA PRO A 533 -42.45 -27.02 -48.55
C PRO A 533 -42.74 -28.19 -47.63
N PHE A 534 -43.89 -28.85 -47.76
CA PHE A 534 -44.19 -29.93 -46.82
C PHE A 534 -43.53 -31.24 -47.25
N GLN A 535 -43.98 -31.81 -48.37
CA GLN A 535 -43.35 -32.96 -48.99
C GLN A 535 -44.00 -33.26 -50.33
N SER A 536 -43.21 -33.51 -51.37
CA SER A 536 -43.78 -33.95 -52.65
C SER A 536 -44.40 -35.33 -52.51
N THR A 537 -43.75 -36.22 -51.77
CA THR A 537 -44.33 -37.53 -51.50
C THR A 537 -45.63 -37.42 -50.72
N LEU A 538 -45.77 -36.39 -49.89
CA LEU A 538 -47.02 -36.17 -49.19
C LEU A 538 -48.16 -35.90 -50.15
N TRP A 539 -47.92 -35.03 -51.14
CA TRP A 539 -48.96 -34.75 -52.14
C TRP A 539 -49.22 -35.98 -53.00
N LEU A 540 -48.17 -36.74 -53.33
CA LEU A 540 -48.38 -37.97 -54.10
C LEU A 540 -49.26 -38.96 -53.35
N LEU A 541 -48.98 -39.14 -52.05
CA LEU A 541 -49.79 -40.03 -51.23
C LEU A 541 -51.21 -39.51 -51.08
N VAL A 542 -51.38 -38.19 -50.93
CA VAL A 542 -52.71 -37.61 -50.82
C VAL A 542 -53.51 -37.85 -52.10
N GLY A 543 -52.87 -37.64 -53.25
CA GLY A 543 -53.56 -37.90 -54.52
C GLY A 543 -53.92 -39.36 -54.71
N LEU A 544 -53.00 -40.26 -54.35
CA LEU A 544 -53.30 -41.68 -54.44
C LEU A 544 -54.45 -42.06 -53.52
N SER A 545 -54.47 -41.51 -52.30
CA SER A 545 -55.56 -41.78 -51.37
C SER A 545 -56.89 -41.23 -51.89
N VAL A 546 -56.87 -40.04 -52.49
CA VAL A 546 -58.09 -39.47 -53.07
C VAL A 546 -58.61 -40.35 -54.19
N HIS A 547 -57.72 -40.80 -55.08
CA HIS A 547 -58.13 -41.66 -56.17
C HIS A 547 -58.67 -42.99 -55.65
N VAL A 548 -58.03 -43.56 -54.64
CA VAL A 548 -58.49 -44.82 -54.07
C VAL A 548 -59.86 -44.64 -53.42
N VAL A 549 -60.05 -43.53 -52.70
CA VAL A 549 -61.35 -43.25 -52.08
C VAL A 549 -62.42 -43.12 -53.13
N ALA A 550 -62.12 -42.42 -54.22
CA ALA A 550 -63.09 -42.30 -55.32
C ALA A 550 -63.39 -43.67 -55.93
N VAL A 551 -62.38 -44.52 -56.07
CA VAL A 551 -62.59 -45.83 -56.67
C VAL A 551 -63.48 -46.70 -55.79
N MET A 552 -63.23 -46.71 -54.47
CA MET A 552 -64.14 -47.42 -53.57
C MET A 552 -65.54 -46.83 -53.59
N LEU A 553 -65.64 -45.49 -53.69
CA LEU A 553 -66.96 -44.87 -53.73
C LEU A 553 -67.74 -45.30 -54.98
N TYR A 554 -67.06 -45.39 -56.12
CA TYR A 554 -67.73 -45.82 -57.34
C TYR A 554 -68.02 -47.32 -57.30
N LEU A 555 -67.19 -48.10 -56.62
CA LEU A 555 -67.51 -49.51 -56.41
C LEU A 555 -68.75 -49.67 -55.54
N LEU A 556 -68.93 -48.77 -54.57
CA LEU A 556 -70.10 -48.81 -53.70
C LEU A 556 -71.39 -48.61 -54.48
N ASP A 557 -71.31 -47.93 -55.63
CA ASP A 557 -72.51 -47.66 -56.42
C ASP A 557 -73.18 -48.93 -56.93
N ARG A 558 -72.44 -50.02 -57.06
CA ARG A 558 -72.99 -51.28 -57.54
C ARG A 558 -73.92 -51.90 -56.50
N THR A 578 -70.96 -43.96 -65.31
CA THR A 578 -70.28 -42.68 -65.48
C THR A 578 -69.08 -42.57 -64.53
N LEU A 579 -68.27 -43.63 -64.48
CA LEU A 579 -67.12 -43.63 -63.58
C LEU A 579 -66.10 -42.56 -63.97
N SER A 580 -65.84 -42.41 -65.28
CA SER A 580 -64.92 -41.36 -65.72
C SER A 580 -65.49 -39.98 -65.45
N SER A 581 -66.78 -39.79 -65.72
CA SER A 581 -67.42 -38.51 -65.43
C SER A 581 -67.40 -38.21 -63.94
N ALA A 582 -67.64 -39.24 -63.11
CA ALA A 582 -67.59 -39.05 -61.67
C ALA A 582 -66.19 -38.69 -61.21
N MET A 583 -65.17 -39.34 -61.78
CA MET A 583 -63.80 -39.00 -61.41
C MET A 583 -63.45 -37.57 -61.80
N TRP A 584 -63.86 -37.14 -63.00
CA TRP A 584 -63.63 -35.77 -63.41
C TRP A 584 -64.36 -34.79 -62.49
N PHE A 585 -65.59 -35.12 -62.11
CA PHE A 585 -66.35 -34.27 -61.20
C PHE A 585 -65.66 -34.15 -59.86
N SER A 586 -65.15 -35.27 -59.33
CA SER A 586 -64.44 -35.23 -58.05
C SER A 586 -63.15 -34.42 -58.16
N TRP A 587 -62.42 -34.56 -59.25
CA TRP A 587 -61.21 -33.78 -59.45
C TRP A 587 -61.53 -32.29 -59.52
N GLY A 588 -62.59 -31.94 -60.23
CA GLY A 588 -62.99 -30.54 -60.30
C GLY A 588 -63.44 -30.00 -58.95
N VAL A 589 -64.14 -30.83 -58.16
CA VAL A 589 -64.58 -30.41 -56.84
C VAL A 589 -63.38 -30.15 -55.94
N LEU A 590 -62.40 -31.05 -55.96
CA LEU A 590 -61.21 -30.86 -55.13
C LEU A 590 -60.31 -29.76 -55.68
N LEU A 591 -60.47 -29.38 -56.95
CA LEU A 591 -59.78 -28.23 -57.51
C LEU A 591 -60.69 -27.01 -57.66
N ASN A 592 -61.91 -27.08 -57.13
CA ASN A 592 -62.90 -25.99 -57.21
C ASN A 592 -63.22 -25.61 -58.64
N SER A 593 -63.19 -26.58 -59.56
CA SER A 593 -63.56 -26.31 -60.94
C SER A 593 -65.08 -26.22 -61.10
N GLY A 594 -65.84 -26.89 -60.24
CA GLY A 594 -67.29 -26.81 -60.27
C GLY A 594 -67.94 -27.37 -61.52
N ILE A 595 -67.51 -28.57 -61.93
CA ILE A 595 -68.11 -29.21 -63.10
C ILE A 595 -69.57 -29.54 -62.84
N GLY A 596 -69.86 -30.12 -61.67
CA GLY A 596 -71.22 -30.43 -61.31
C GLY A 596 -71.85 -31.58 -62.08
N GLU A 597 -71.03 -32.48 -62.63
CA GLU A 597 -71.53 -33.59 -63.43
C GLU A 597 -71.66 -34.89 -62.65
N GLY A 598 -71.42 -34.86 -61.33
CA GLY A 598 -71.48 -36.09 -60.56
C GLY A 598 -72.90 -36.61 -60.44
N ALA A 599 -73.04 -37.94 -60.46
CA ALA A 599 -74.31 -38.62 -60.35
C ALA A 599 -74.21 -39.71 -59.30
N PRO A 600 -74.27 -39.36 -58.02
CA PRO A 600 -74.23 -40.38 -56.97
C PRO A 600 -75.46 -41.29 -57.02
N ARG A 601 -75.27 -42.53 -56.57
CA ARG A 601 -76.34 -43.52 -56.60
C ARG A 601 -77.09 -43.58 -55.27
N SER A 602 -76.38 -43.84 -54.18
CA SER A 602 -76.98 -44.01 -52.86
C SER A 602 -76.64 -42.83 -51.96
N PHE A 603 -77.39 -42.73 -50.86
CA PHE A 603 -77.14 -41.66 -49.89
C PHE A 603 -75.82 -41.89 -49.15
N SER A 604 -75.39 -43.14 -49.02
CA SER A 604 -74.09 -43.43 -48.42
C SER A 604 -72.97 -42.83 -49.26
N ALA A 605 -73.08 -42.92 -50.58
CA ALA A 605 -72.10 -42.28 -51.45
C ALA A 605 -72.11 -40.77 -51.28
N ARG A 606 -73.31 -40.19 -51.10
CA ARG A 606 -73.40 -38.75 -50.87
C ARG A 606 -72.71 -38.35 -49.56
N ILE A 607 -72.91 -39.15 -48.50
CA ILE A 607 -72.26 -38.86 -47.22
C ILE A 607 -70.76 -38.99 -47.35
N LEU A 608 -70.29 -40.02 -48.07
CA LEU A 608 -68.86 -40.18 -48.30
C LEU A 608 -68.28 -39.01 -49.08
N GLY A 609 -69.01 -38.53 -50.09
CA GLY A 609 -68.55 -37.38 -50.84
C GLY A 609 -68.48 -36.12 -50.00
N MET A 610 -69.49 -35.91 -49.14
CA MET A 610 -69.45 -34.75 -48.24
C MET A 610 -68.28 -34.83 -47.27
N VAL A 611 -68.01 -36.03 -46.73
CA VAL A 611 -66.87 -36.20 -45.83
C VAL A 611 -65.57 -35.94 -46.57
N TRP A 612 -65.46 -36.42 -47.81
CA TRP A 612 -64.25 -36.20 -48.59
C TRP A 612 -64.06 -34.72 -48.90
N ALA A 613 -65.16 -34.01 -49.20
CA ALA A 613 -65.06 -32.57 -49.44
C ALA A 613 -64.62 -31.84 -48.19
N GLY A 614 -65.13 -32.23 -47.03
CA GLY A 614 -64.68 -31.64 -45.78
C GLY A 614 -63.21 -31.89 -45.52
N PHE A 615 -62.75 -33.11 -45.80
CA PHE A 615 -61.34 -33.43 -45.62
C PHE A 615 -60.47 -32.61 -46.59
N ALA A 616 -60.93 -32.44 -47.82
CA ALA A 616 -60.20 -31.62 -48.78
C ALA A 616 -60.13 -30.16 -48.33
N MET A 617 -61.24 -29.64 -47.79
CA MET A 617 -61.22 -28.28 -47.26
C MET A 617 -60.27 -28.15 -46.08
N ILE A 618 -60.22 -29.17 -45.22
CA ILE A 618 -59.27 -29.17 -44.10
C ILE A 618 -57.84 -29.17 -44.60
N ILE A 619 -57.57 -29.97 -45.65
CA ILE A 619 -56.22 -30.03 -46.22
C ILE A 619 -55.85 -28.68 -46.82
N VAL A 620 -56.81 -28.03 -47.50
CA VAL A 620 -56.55 -26.71 -48.08
C VAL A 620 -56.26 -25.70 -46.97
N ALA A 621 -57.03 -25.75 -45.89
CA ALA A 621 -56.79 -24.85 -44.76
C ALA A 621 -55.40 -25.08 -44.16
N SER A 622 -55.01 -26.35 -44.01
CA SER A 622 -53.69 -26.65 -43.47
C SER A 622 -52.58 -26.15 -44.40
N TYR A 623 -52.77 -26.31 -45.71
CA TYR A 623 -51.77 -25.85 -46.66
C TYR A 623 -51.64 -24.33 -46.63
N THR A 624 -52.78 -23.62 -46.55
CA THR A 624 -52.73 -22.16 -46.45
C THR A 624 -52.08 -21.73 -45.14
N ALA A 625 -52.35 -22.44 -44.05
CA ALA A 625 -51.71 -22.13 -42.78
C ALA A 625 -50.20 -22.34 -42.86
N ASN A 626 -49.77 -23.41 -43.52
CA ASN A 626 -48.34 -23.64 -43.72
C ASN A 626 -47.70 -22.53 -44.55
N LEU A 627 -48.39 -22.11 -45.62
CA LEU A 627 -47.88 -21.02 -46.44
C LEU A 627 -47.76 -19.72 -45.65
N ALA A 628 -48.78 -19.41 -44.84
CA ALA A 628 -48.73 -18.21 -44.01
C ALA A 628 -47.62 -18.30 -42.98
N ALA A 629 -47.42 -19.48 -42.38
CA ALA A 629 -46.35 -19.65 -41.41
C ALA A 629 -44.99 -19.45 -42.06
N PHE A 630 -44.81 -19.99 -43.27
CA PHE A 630 -43.55 -19.78 -43.98
C PHE A 630 -43.35 -18.31 -44.32
N LEU A 631 -44.42 -17.61 -44.70
CA LEU A 631 -44.32 -16.19 -44.98
C LEU A 631 -43.94 -15.40 -43.73
N VAL A 632 -44.50 -15.77 -42.58
CA VAL A 632 -44.16 -15.10 -41.32
C VAL A 632 -42.70 -15.36 -40.96
N LEU A 633 -42.19 -16.55 -41.27
CA LEU A 633 -40.83 -16.94 -40.94
C LEU A 633 -39.80 -16.41 -41.94
N ASP A 634 -40.13 -15.35 -42.68
CA ASP A 634 -39.19 -14.76 -43.61
C ASP A 634 -37.95 -14.23 -42.89
N ARG A 635 -36.90 -13.98 -43.66
CA ARG A 635 -35.59 -13.58 -43.16
C ARG A 635 -35.06 -14.61 -42.18
N PRO A 636 -34.71 -15.81 -42.65
CA PRO A 636 -34.20 -16.85 -41.74
C PRO A 636 -32.91 -16.46 -41.04
N GLU A 637 -32.07 -15.67 -41.68
CA GLU A 637 -30.80 -15.23 -41.09
C GLU A 637 -31.03 -13.97 -40.28
N GLU A 638 -30.74 -14.03 -38.98
CA GLU A 638 -30.91 -12.89 -38.10
C GLU A 638 -29.75 -11.92 -38.27
N ARG A 639 -29.82 -10.80 -37.55
CA ARG A 639 -28.82 -9.74 -37.63
C ARG A 639 -27.97 -9.74 -36.37
N ILE A 640 -26.65 -9.66 -36.55
CA ILE A 640 -25.74 -9.59 -35.42
C ILE A 640 -25.97 -8.27 -34.69
N THR A 641 -26.06 -8.34 -33.36
CA THR A 641 -26.38 -7.19 -32.52
C THR A 641 -25.13 -6.74 -31.78
N GLY A 642 -24.35 -5.89 -32.44
CA GLY A 642 -23.20 -5.24 -31.81
C GLY A 642 -22.16 -6.23 -31.34
N ILE A 643 -21.44 -5.83 -30.28
CA ILE A 643 -20.40 -6.68 -29.69
C ILE A 643 -20.96 -7.60 -28.61
N ASN A 644 -22.22 -7.43 -28.21
CA ASN A 644 -22.79 -8.18 -27.11
C ASN A 644 -23.44 -9.49 -27.56
N ASP A 645 -23.39 -9.81 -28.84
CA ASP A 645 -23.97 -11.06 -29.32
C ASP A 645 -23.09 -12.23 -28.89
N PRO A 646 -23.61 -13.19 -28.13
CA PRO A 646 -22.77 -14.34 -27.73
C PRO A 646 -22.22 -15.13 -28.91
N ARG A 647 -23.00 -15.29 -29.98
CA ARG A 647 -22.52 -16.08 -31.11
C ARG A 647 -21.38 -15.41 -31.85
N LEU A 648 -21.22 -14.10 -31.71
CA LEU A 648 -20.03 -13.43 -32.21
C LEU A 648 -19.01 -13.21 -31.10
N ARG A 649 -19.45 -13.12 -29.86
CA ARG A 649 -18.51 -13.08 -28.75
C ARG A 649 -17.75 -14.39 -28.64
N ASN A 650 -18.43 -15.52 -28.86
CA ASN A 650 -17.76 -16.82 -28.88
C ASN A 650 -17.28 -17.11 -30.29
N PRO A 651 -15.97 -17.20 -30.52
CA PRO A 651 -15.48 -17.49 -31.87
C PRO A 651 -15.85 -18.90 -32.31
N SER A 652 -15.92 -19.07 -33.62
CA SER A 652 -16.29 -20.34 -34.23
C SER A 652 -15.53 -20.47 -35.54
N ASP A 653 -15.94 -21.42 -36.38
CA ASP A 653 -15.30 -21.64 -37.67
C ASP A 653 -16.09 -21.10 -38.84
N LYS A 654 -17.38 -20.83 -38.67
CA LYS A 654 -18.22 -20.32 -39.74
C LYS A 654 -18.27 -18.80 -39.82
N PHE A 655 -17.75 -18.10 -38.82
CA PHE A 655 -17.73 -16.64 -38.79
C PHE A 655 -16.28 -16.17 -38.76
N ILE A 656 -15.95 -15.24 -39.65
CA ILE A 656 -14.60 -14.69 -39.74
C ILE A 656 -14.69 -13.19 -39.96
N TYR A 657 -13.84 -12.44 -39.27
CA TYR A 657 -13.83 -10.98 -39.41
C TYR A 657 -12.49 -10.45 -38.94
N ALA A 658 -12.15 -9.26 -39.44
CA ALA A 658 -10.91 -8.57 -39.08
C ALA A 658 -10.96 -7.16 -39.63
N THR A 659 -10.36 -6.22 -38.91
CA THR A 659 -10.48 -4.82 -39.33
C THR A 659 -9.29 -4.31 -40.14
N VAL A 660 -8.14 -4.14 -39.49
CA VAL A 660 -6.92 -3.57 -40.05
C VAL A 660 -5.80 -3.90 -39.07
N LYS A 661 -4.60 -4.22 -39.57
CA LYS A 661 -3.52 -4.61 -38.68
C LYS A 661 -2.84 -3.43 -37.99
N GLN A 662 -3.11 -2.20 -38.42
CA GLN A 662 -2.59 -1.02 -37.74
C GLN A 662 -3.69 0.04 -37.77
N SER A 663 -4.43 0.19 -36.68
CA SER A 663 -5.56 1.09 -36.64
C SER A 663 -5.91 1.38 -35.19
N SER A 664 -7.07 2.00 -34.98
CA SER A 664 -7.56 2.24 -33.63
C SER A 664 -8.37 1.09 -33.09
N VAL A 665 -9.00 0.29 -33.96
CA VAL A 665 -9.71 -0.89 -33.49
C VAL A 665 -8.76 -1.86 -32.82
N ASP A 666 -7.54 -1.97 -33.35
CA ASP A 666 -6.52 -2.81 -32.73
C ASP A 666 -6.25 -2.36 -31.30
N ILE A 667 -6.06 -1.06 -31.10
CA ILE A 667 -5.80 -0.54 -29.76
C ILE A 667 -6.99 -0.80 -28.85
N TYR A 668 -8.20 -0.54 -29.35
CA TYR A 668 -9.38 -0.73 -28.53
C TYR A 668 -9.53 -2.17 -28.08
N PHE A 669 -9.25 -3.12 -28.97
CA PHE A 669 -9.41 -4.52 -28.59
C PHE A 669 -8.26 -5.02 -27.71
N ARG A 670 -7.05 -4.51 -27.92
CA ARG A 670 -5.93 -4.98 -27.11
C ARG A 670 -6.01 -4.45 -25.68
N ARG A 671 -6.38 -3.18 -25.52
CA ARG A 671 -6.38 -2.58 -24.19
C ARG A 671 -7.50 -3.14 -23.32
N GLN A 672 -8.66 -3.41 -23.92
CA GLN A 672 -9.81 -3.90 -23.17
C GLN A 672 -9.63 -5.39 -22.90
N VAL A 673 -9.23 -5.74 -21.68
CA VAL A 673 -9.07 -7.15 -21.30
C VAL A 673 -10.41 -7.58 -20.71
N GLU A 674 -11.35 -7.88 -21.60
CA GLU A 674 -12.57 -8.60 -21.24
C GLU A 674 -12.99 -9.61 -22.28
N LEU A 675 -12.59 -9.46 -23.54
CA LEU A 675 -12.90 -10.38 -24.62
C LEU A 675 -11.65 -10.66 -25.42
N SER A 676 -10.55 -10.97 -24.72
CA SER A 676 -9.27 -11.20 -25.37
C SER A 676 -9.32 -12.35 -26.37
N THR A 677 -10.30 -13.25 -26.25
CA THR A 677 -10.42 -14.34 -27.22
C THR A 677 -10.65 -13.80 -28.62
N MET A 678 -11.52 -12.80 -28.76
CA MET A 678 -11.75 -12.21 -30.06
C MET A 678 -10.49 -11.55 -30.61
N TYR A 679 -9.72 -10.90 -29.73
CA TYR A 679 -8.46 -10.29 -30.16
C TYR A 679 -7.50 -11.34 -30.69
N ARG A 680 -7.37 -12.47 -29.96
CA ARG A 680 -6.48 -13.53 -30.42
C ARG A 680 -6.97 -14.13 -31.73
N HIS A 681 -8.29 -14.26 -31.88
CA HIS A 681 -8.84 -14.79 -33.13
C HIS A 681 -8.54 -13.88 -34.30
N MET A 682 -8.72 -12.57 -34.12
CA MET A 682 -8.55 -11.63 -35.22
C MET A 682 -7.10 -11.22 -35.44
N GLU A 683 -6.19 -11.61 -34.56
CA GLU A 683 -4.78 -11.29 -34.78
C GLU A 683 -4.23 -11.94 -36.04
N LYS A 684 -4.92 -12.93 -36.59
CA LYS A 684 -4.43 -13.68 -37.74
C LYS A 684 -4.90 -13.12 -39.07
N HIS A 685 -6.15 -12.65 -39.14
CA HIS A 685 -6.76 -12.26 -40.40
C HIS A 685 -6.78 -10.76 -40.64
N ASN A 686 -6.06 -9.99 -39.82
CA ASN A 686 -6.06 -8.54 -39.97
C ASN A 686 -5.56 -8.14 -41.36
N TYR A 687 -6.30 -7.24 -42.00
CA TYR A 687 -6.04 -6.85 -43.38
C TYR A 687 -5.01 -5.71 -43.41
N GLU A 688 -4.85 -5.06 -44.56
CA GLU A 688 -3.90 -3.98 -44.70
C GLU A 688 -4.51 -2.65 -45.12
N SER A 689 -5.76 -2.63 -45.57
CA SER A 689 -6.41 -1.39 -45.98
C SER A 689 -7.90 -1.59 -45.94
N ALA A 690 -8.63 -0.47 -45.95
CA ALA A 690 -10.09 -0.55 -45.93
C ALA A 690 -10.63 -1.07 -47.25
N ALA A 691 -10.07 -0.61 -48.37
CA ALA A 691 -10.58 -1.01 -49.67
C ALA A 691 -10.43 -2.51 -49.90
N GLU A 692 -9.29 -3.07 -49.50
CA GLU A 692 -9.07 -4.50 -49.67
C GLU A 692 -10.11 -5.32 -48.93
N ALA A 693 -10.37 -4.96 -47.67
CA ALA A 693 -11.36 -5.70 -46.90
C ALA A 693 -12.76 -5.51 -47.45
N ILE A 694 -13.08 -4.31 -47.94
CA ILE A 694 -14.39 -4.10 -48.56
C ILE A 694 -14.53 -5.01 -49.78
N GLN A 695 -13.50 -5.09 -50.61
CA GLN A 695 -13.55 -5.96 -51.78
C GLN A 695 -13.69 -7.42 -51.37
N ALA A 696 -12.97 -7.83 -50.32
CA ALA A 696 -13.07 -9.21 -49.87
C ALA A 696 -14.46 -9.55 -49.37
N VAL A 697 -15.08 -8.62 -48.62
CA VAL A 697 -16.44 -8.86 -48.15
C VAL A 697 -17.42 -8.89 -49.32
N ARG A 698 -17.17 -8.08 -50.34
CA ARG A 698 -18.11 -7.99 -51.46
C ARG A 698 -18.26 -9.33 -52.17
N ASP A 699 -17.16 -10.06 -52.38
CA ASP A 699 -17.16 -11.27 -53.20
C ASP A 699 -17.03 -12.54 -52.37
N ASN A 700 -17.64 -12.56 -51.19
CA ASN A 700 -17.76 -13.76 -50.36
C ASN A 700 -16.40 -14.39 -50.07
N LYS A 701 -15.56 -13.64 -49.36
CA LYS A 701 -14.32 -14.16 -48.80
C LYS A 701 -14.19 -13.89 -47.32
N LEU A 702 -14.82 -12.83 -46.81
CA LEU A 702 -14.94 -12.54 -45.39
C LEU A 702 -16.40 -12.73 -44.97
N HIS A 703 -16.67 -12.43 -43.70
CA HIS A 703 -18.03 -12.51 -43.19
C HIS A 703 -18.49 -11.29 -42.42
N ALA A 704 -17.57 -10.49 -41.87
CA ALA A 704 -17.96 -9.29 -41.13
C ALA A 704 -16.80 -8.31 -41.16
N PHE A 705 -17.13 -7.03 -40.99
CA PHE A 705 -16.14 -5.97 -41.00
C PHE A 705 -16.46 -4.99 -39.88
N ILE A 706 -15.44 -4.53 -39.17
CA ILE A 706 -15.59 -3.54 -38.11
C ILE A 706 -14.71 -2.35 -38.47
N TRP A 707 -15.33 -1.18 -38.62
CA TRP A 707 -14.61 0.01 -39.05
C TRP A 707 -15.38 1.24 -38.60
N ASP A 708 -14.85 2.42 -38.92
CA ASP A 708 -15.49 3.66 -38.53
C ASP A 708 -16.86 3.79 -39.20
N SER A 709 -17.79 4.42 -38.49
CA SER A 709 -19.17 4.45 -38.96
C SER A 709 -19.31 5.20 -40.27
N ALA A 710 -18.66 6.35 -40.41
CA ALA A 710 -18.89 7.19 -41.57
C ALA A 710 -18.52 6.47 -42.86
N VAL A 711 -17.36 5.82 -42.88
CA VAL A 711 -16.90 5.12 -44.08
C VAL A 711 -17.86 4.00 -44.44
N LEU A 712 -18.23 3.19 -43.45
CA LEU A 712 -19.11 2.06 -43.72
C LEU A 712 -20.48 2.50 -44.18
N GLU A 713 -21.03 3.56 -43.57
CA GLU A 713 -22.32 4.06 -44.02
C GLU A 713 -22.24 4.57 -45.45
N PHE A 714 -21.17 5.28 -45.80
CA PHE A 714 -21.05 5.74 -47.17
C PHE A 714 -20.95 4.56 -48.14
N GLU A 715 -20.17 3.54 -47.81
CA GLU A 715 -20.05 2.40 -48.70
C GLU A 715 -21.38 1.67 -48.85
N ALA A 716 -22.12 1.54 -47.75
CA ALA A 716 -23.44 0.90 -47.82
C ALA A 716 -24.39 1.71 -48.70
N SER A 717 -24.39 3.03 -48.56
CA SER A 717 -25.27 3.86 -49.38
C SER A 717 -24.81 3.93 -50.83
N GLN A 718 -23.55 3.59 -51.10
CA GLN A 718 -23.06 3.63 -52.48
C GLN A 718 -23.45 2.37 -53.24
N LYS A 719 -23.02 1.21 -52.77
CA LYS A 719 -23.35 -0.07 -53.39
C LYS A 719 -24.44 -0.75 -52.56
N CYS A 720 -25.54 -1.10 -53.21
CA CYS A 720 -26.69 -1.68 -52.52
C CYS A 720 -26.62 -3.20 -52.54
N ASP A 721 -25.55 -3.72 -51.94
CA ASP A 721 -25.34 -5.16 -51.87
C ASP A 721 -24.97 -5.58 -50.44
N LEU A 722 -24.37 -4.67 -49.69
CA LEU A 722 -23.94 -4.92 -48.32
C LEU A 722 -24.83 -4.16 -47.35
N VAL A 723 -24.77 -4.56 -46.08
CA VAL A 723 -25.62 -3.98 -45.04
C VAL A 723 -24.76 -3.58 -43.85
N THR A 724 -25.34 -2.74 -42.99
CA THR A 724 -24.65 -2.15 -41.85
C THR A 724 -25.46 -2.33 -40.58
N THR A 725 -25.91 -3.57 -40.34
CA THR A 725 -26.74 -3.83 -39.18
C THR A 725 -25.94 -3.78 -37.88
N GLY A 726 -26.66 -3.66 -36.78
CA GLY A 726 -26.08 -3.62 -35.45
C GLY A 726 -25.97 -2.20 -34.93
N GLU A 727 -25.96 -2.09 -33.60
CA GLU A 727 -25.77 -0.79 -32.96
C GLU A 727 -24.29 -0.43 -32.99
N LEU A 728 -23.91 0.65 -32.31
CA LEU A 728 -22.57 1.19 -32.41
C LEU A 728 -22.00 1.42 -31.02
N PHE A 729 -20.67 1.33 -30.92
CA PHE A 729 -19.97 1.41 -29.65
C PHE A 729 -18.69 2.19 -29.82
N PHE A 730 -18.13 2.66 -28.70
CA PHE A 730 -16.88 3.42 -28.68
C PHE A 730 -16.97 4.65 -29.57
N ARG A 731 -17.84 5.57 -29.15
CA ARG A 731 -18.13 6.78 -29.90
C ARG A 731 -17.11 7.86 -29.55
N SER A 732 -16.24 8.19 -30.51
CA SER A 732 -15.27 9.26 -30.34
C SER A 732 -14.87 9.75 -31.73
N GLY A 733 -15.10 11.03 -32.01
CA GLY A 733 -14.96 11.55 -33.35
C GLY A 733 -13.51 11.78 -33.75
N PHE A 734 -13.36 12.25 -34.98
CA PHE A 734 -12.04 12.43 -35.59
C PHE A 734 -11.41 13.72 -35.06
N GLY A 735 -10.32 14.16 -35.69
CA GLY A 735 -9.66 15.38 -35.27
C GLY A 735 -8.37 15.58 -36.02
N ILE A 736 -7.89 16.81 -35.97
CA ILE A 736 -6.65 17.23 -36.62
C ILE A 736 -5.56 17.25 -35.58
N GLY A 737 -4.48 16.51 -35.82
CA GLY A 737 -3.41 16.38 -34.85
C GLY A 737 -2.20 17.23 -35.16
N MET A 738 -1.49 17.61 -34.11
CA MET A 738 -0.22 18.31 -34.25
C MET A 738 0.56 18.12 -32.95
N ARG A 739 1.86 18.43 -33.00
CA ARG A 739 2.75 18.13 -31.90
C ARG A 739 2.35 18.91 -30.64
N LYS A 740 2.94 18.51 -29.52
CA LYS A 740 2.52 19.04 -28.22
C LYS A 740 2.69 20.55 -28.15
N ASP A 741 3.81 21.06 -28.66
CA ASP A 741 4.02 22.49 -28.75
C ASP A 741 3.85 22.91 -30.21
N SER A 742 3.03 23.93 -30.43
CA SER A 742 2.83 24.48 -31.75
C SER A 742 2.03 25.77 -31.62
N PRO A 743 2.31 26.79 -32.44
CA PRO A 743 1.60 28.06 -32.31
C PRO A 743 0.22 28.08 -32.93
N TRP A 744 -0.21 27.01 -33.62
CA TRP A 744 -1.48 27.01 -34.31
C TRP A 744 -2.63 26.41 -33.51
N LYS A 745 -2.37 25.91 -32.30
CA LYS A 745 -3.34 25.07 -31.61
C LYS A 745 -4.67 25.75 -31.33
N GLN A 746 -4.64 26.80 -30.49
CA GLN A 746 -5.87 27.45 -30.08
C GLN A 746 -6.61 28.02 -31.28
N ASN A 747 -5.87 28.60 -32.23
CA ASN A 747 -6.51 29.16 -33.40
C ASN A 747 -7.22 28.09 -34.21
N VAL A 748 -6.60 26.93 -34.39
CA VAL A 748 -7.21 25.86 -35.19
C VAL A 748 -8.48 25.36 -34.53
N SER A 749 -8.43 25.11 -33.22
CA SER A 749 -9.63 24.63 -32.54
C SER A 749 -10.75 25.64 -32.64
N LEU A 750 -10.44 26.92 -32.41
CA LEU A 750 -11.46 27.95 -32.47
C LEU A 750 -12.05 28.07 -33.87
N SER A 751 -11.20 27.98 -34.89
CA SER A 751 -11.70 28.08 -36.27
C SER A 751 -12.63 26.93 -36.61
N ILE A 752 -12.28 25.71 -36.17
CA ILE A 752 -13.17 24.57 -36.43
C ILE A 752 -14.52 24.79 -35.77
N LEU A 753 -14.52 25.21 -34.51
CA LEU A 753 -15.79 25.44 -33.83
C LEU A 753 -16.62 26.50 -34.56
N LYS A 754 -15.97 27.60 -34.94
CA LYS A 754 -16.70 28.71 -35.57
C LYS A 754 -17.31 28.28 -36.90
N SER A 755 -16.53 27.60 -37.74
CA SER A 755 -17.06 27.15 -39.03
C SER A 755 -18.21 26.18 -38.83
N HIS A 756 -18.00 25.20 -37.93
CA HIS A 756 -19.00 24.23 -37.57
C HIS A 756 -20.32 24.95 -37.42
N GLU A 757 -20.36 25.81 -36.39
CA GLU A 757 -21.62 26.39 -35.90
C GLU A 757 -22.19 27.43 -36.86
N ASN A 758 -21.33 28.18 -37.57
CA ASN A 758 -21.89 29.09 -38.56
C ASN A 758 -22.53 28.32 -39.69
N GLY A 759 -22.31 27.02 -39.75
CA GLY A 759 -23.16 26.22 -40.60
C GLY A 759 -22.39 25.67 -41.78
N PHE A 760 -21.17 25.25 -41.50
CA PHE A 760 -20.27 24.85 -42.58
C PHE A 760 -20.11 23.35 -42.73
N MET A 761 -19.85 22.65 -41.62
CA MET A 761 -19.73 21.21 -41.69
C MET A 761 -21.04 20.59 -42.18
N GLU A 762 -22.17 21.21 -41.87
CA GLU A 762 -23.44 20.69 -42.37
C GLU A 762 -23.47 20.72 -43.90
N ASP A 763 -23.09 21.84 -44.50
CA ASP A 763 -23.09 21.95 -45.95
C ASP A 763 -22.09 20.98 -46.57
N LEU A 764 -20.90 20.88 -45.98
CA LEU A 764 -19.88 19.98 -46.53
C LEU A 764 -20.32 18.53 -46.44
N ASP A 765 -20.94 18.15 -45.33
CA ASP A 765 -21.50 16.81 -45.19
C ASP A 765 -22.59 16.57 -46.23
N LYS A 766 -23.42 17.57 -46.47
CA LYS A 766 -24.47 17.42 -47.47
C LYS A 766 -23.90 17.20 -48.85
N THR A 767 -22.84 17.93 -49.20
CA THR A 767 -22.34 17.90 -50.57
C THR A 767 -21.28 16.83 -50.82
N TRP A 768 -20.77 16.15 -49.81
CA TRP A 768 -19.69 15.20 -50.07
C TRP A 768 -19.98 13.76 -49.67
N VAL A 769 -20.82 13.50 -48.67
CA VAL A 769 -21.03 12.14 -48.18
C VAL A 769 -22.50 11.72 -48.24
N ARG A 770 -23.41 12.56 -47.75
CA ARG A 770 -24.82 12.19 -47.65
C ARG A 770 -25.57 12.75 -48.85
N TYR A 771 -25.40 12.08 -49.99
CA TYR A 771 -26.03 12.52 -51.24
C TYR A 771 -26.71 11.43 -52.04
N GLN A 772 -26.35 10.17 -51.85
CA GLN A 772 -26.91 9.08 -52.62
C GLN A 772 -28.00 8.36 -51.83
N GLU A 773 -28.73 7.50 -52.53
CA GLU A 773 -29.78 6.71 -51.91
C GLU A 773 -29.95 5.41 -52.69
N CYS A 774 -30.22 4.33 -51.97
CA CYS A 774 -30.43 3.03 -52.60
C CYS A 774 -31.83 2.92 -53.19
N LEU A 784 -44.59 -10.32 -54.56
CA LEU A 784 -45.19 -10.86 -55.77
C LEU A 784 -44.44 -10.38 -57.01
N THR A 785 -44.44 -11.21 -58.05
CA THR A 785 -43.78 -10.88 -59.30
C THR A 785 -44.38 -11.74 -60.40
N PHE A 786 -43.82 -11.59 -61.61
CA PHE A 786 -44.28 -12.37 -62.76
C PHE A 786 -43.79 -13.81 -62.73
N GLU A 787 -42.75 -14.11 -61.94
CA GLU A 787 -42.23 -15.47 -61.87
C GLU A 787 -43.25 -16.45 -61.34
N ASN A 788 -44.29 -15.97 -60.64
CA ASN A 788 -45.35 -16.84 -60.16
C ASN A 788 -46.39 -17.16 -61.23
N MET A 789 -46.34 -16.49 -62.38
CA MET A 789 -47.31 -16.71 -63.44
C MET A 789 -46.71 -17.38 -64.68
N ALA A 790 -45.65 -16.80 -65.24
CA ALA A 790 -45.07 -17.34 -66.47
C ALA A 790 -44.63 -18.78 -66.29
N GLY A 791 -44.00 -19.10 -65.15
CA GLY A 791 -43.57 -20.45 -64.89
C GLY A 791 -44.71 -21.47 -64.90
N VAL A 792 -45.94 -21.02 -64.70
CA VAL A 792 -47.10 -21.90 -64.79
C VAL A 792 -47.69 -21.77 -66.18
N PHE A 793 -47.60 -20.58 -66.77
CA PHE A 793 -48.24 -20.32 -68.06
C PHE A 793 -47.72 -21.28 -69.13
N MET A 794 -46.40 -21.40 -69.26
CA MET A 794 -45.82 -22.37 -70.18
C MET A 794 -46.32 -23.77 -69.87
N LEU A 795 -46.39 -24.11 -68.57
CA LEU A 795 -46.95 -25.40 -68.18
C LEU A 795 -48.36 -25.57 -68.70
N VAL A 796 -49.19 -24.53 -68.58
CA VAL A 796 -50.51 -24.55 -69.19
C VAL A 796 -50.39 -24.72 -70.69
N ALA A 797 -49.47 -23.96 -71.31
CA ALA A 797 -49.19 -24.16 -72.73
C ALA A 797 -48.72 -25.57 -73.00
N GLY A 798 -47.99 -26.17 -72.07
CA GLY A 798 -47.59 -27.57 -72.22
C GLY A 798 -48.80 -28.47 -72.39
N GLY A 799 -49.87 -28.22 -71.63
CA GLY A 799 -51.09 -28.96 -71.84
C GLY A 799 -51.63 -28.79 -73.25
N ILE A 800 -51.58 -27.55 -73.77
CA ILE A 800 -52.00 -27.30 -75.13
C ILE A 800 -51.13 -28.06 -76.12
N VAL A 801 -49.89 -28.40 -75.73
CA VAL A 801 -49.01 -29.16 -76.59
C VAL A 801 -49.09 -30.66 -76.35
N ALA A 802 -49.99 -31.11 -75.47
CA ALA A 802 -50.11 -32.52 -75.16
C ALA A 802 -51.49 -33.09 -75.42
N GLY A 803 -52.55 -32.35 -75.09
CA GLY A 803 -53.90 -32.87 -75.25
C GLY A 803 -54.31 -33.06 -76.71
N ILE A 804 -53.89 -32.12 -77.58
CA ILE A 804 -54.41 -32.08 -78.95
C ILE A 804 -54.16 -33.39 -79.67
N PHE A 805 -52.91 -33.89 -79.62
CA PHE A 805 -52.60 -35.17 -80.24
C PHE A 805 -53.43 -36.29 -79.62
N LEU A 806 -53.56 -36.28 -78.29
CA LEU A 806 -54.42 -37.25 -77.63
C LEU A 806 -55.85 -37.14 -78.16
N ILE A 807 -56.31 -35.91 -78.43
CA ILE A 807 -57.63 -35.73 -79.03
C ILE A 807 -57.72 -36.52 -80.32
N PHE A 808 -56.68 -36.43 -81.17
CA PHE A 808 -56.64 -37.23 -82.38
C PHE A 808 -56.73 -38.71 -82.04
N ILE A 809 -55.97 -39.16 -81.03
CA ILE A 809 -56.09 -40.54 -80.57
C ILE A 809 -57.51 -40.82 -80.12
N GLU A 810 -58.13 -39.85 -79.42
CA GLU A 810 -59.53 -40.00 -79.06
C GLU A 810 -60.40 -40.13 -80.30
N ILE A 811 -60.12 -39.34 -81.34
CA ILE A 811 -60.83 -39.49 -82.61
C ILE A 811 -60.60 -40.87 -83.17
N ALA A 812 -59.39 -41.42 -83.00
CA ALA A 812 -59.15 -42.79 -83.38
C ALA A 812 -59.82 -43.76 -82.42
N TYR A 813 -59.86 -43.41 -81.14
CA TYR A 813 -60.41 -44.33 -80.13
C TYR A 813 -61.88 -44.64 -80.42
N LYS A 814 -62.70 -43.61 -80.61
CA LYS A 814 -64.08 -43.84 -81.00
C LYS A 814 -64.17 -44.51 -82.36
N ARG A 815 -63.15 -44.33 -83.21
CA ARG A 815 -63.11 -45.02 -84.49
C ARG A 815 -62.56 -46.44 -84.38
N HIS A 816 -62.04 -46.83 -83.22
CA HIS A 816 -61.51 -48.17 -83.02
C HIS A 816 -62.56 -49.15 -82.53
N LYS A 817 -63.76 -48.68 -82.17
CA LYS A 817 -64.81 -49.56 -81.68
C LYS A 817 -66.19 -48.92 -81.86
N LEU B 1 54.15 -14.95 -32.37
CA LEU B 1 53.84 -14.15 -31.19
C LEU B 1 54.72 -14.56 -30.01
N ASN B 2 54.73 -13.73 -28.98
CA ASN B 2 55.49 -14.01 -27.77
C ASN B 2 54.64 -13.71 -26.54
N ILE B 3 53.41 -14.22 -26.55
CA ILE B 3 52.45 -13.90 -25.50
C ILE B 3 53.02 -14.28 -24.13
N ALA B 4 52.71 -13.46 -23.13
CA ALA B 4 53.17 -13.69 -21.77
C ALA B 4 51.97 -13.68 -20.82
N VAL B 5 52.13 -14.34 -19.68
CA VAL B 5 51.09 -14.41 -18.67
C VAL B 5 51.73 -14.20 -17.29
N MET B 6 51.08 -13.38 -16.47
CA MET B 6 51.57 -13.10 -15.12
C MET B 6 50.42 -13.23 -14.13
N LEU B 7 50.33 -14.39 -13.48
CA LEU B 7 49.42 -14.59 -12.36
C LEU B 7 50.22 -14.40 -11.07
N GLY B 8 49.60 -14.74 -9.94
CA GLY B 8 50.38 -14.79 -8.71
C GLY B 8 49.66 -15.29 -7.48
N HIS B 9 50.23 -16.31 -6.85
CA HIS B 9 49.80 -16.87 -5.58
C HIS B 9 48.28 -16.92 -5.44
N SER B 10 47.63 -17.56 -6.40
CA SER B 10 46.18 -17.67 -6.48
C SER B 10 45.79 -19.14 -6.38
N HIS B 11 44.52 -19.43 -6.70
CA HIS B 11 44.05 -20.81 -6.70
C HIS B 11 44.94 -21.70 -7.56
N ASP B 12 45.47 -21.16 -8.66
CA ASP B 12 46.43 -21.87 -9.49
C ASP B 12 47.85 -21.46 -9.09
N VAL B 13 48.27 -21.96 -7.95
CA VAL B 13 49.59 -21.65 -7.39
C VAL B 13 50.61 -22.73 -7.73
N THR B 14 50.33 -23.55 -8.74
CA THR B 14 51.24 -24.64 -9.10
C THR B 14 52.60 -24.11 -9.55
N GLU B 15 52.60 -23.01 -10.30
CA GLU B 15 53.81 -22.37 -10.80
C GLU B 15 54.57 -23.30 -11.74
N ARG B 16 55.18 -24.36 -11.19
CA ARG B 16 55.87 -25.33 -12.03
C ARG B 16 54.87 -26.10 -12.90
N GLU B 17 53.81 -26.63 -12.28
CA GLU B 17 52.76 -27.29 -13.05
C GLU B 17 51.84 -26.30 -13.73
N LEU B 18 51.85 -25.03 -13.30
CA LEU B 18 51.06 -24.01 -13.98
C LEU B 18 51.53 -23.77 -15.41
N ARG B 19 52.77 -24.13 -15.73
CA ARG B 19 53.26 -24.01 -17.09
C ARG B 19 52.82 -25.21 -17.91
N THR B 20 51.53 -25.52 -17.85
CA THR B 20 50.95 -26.60 -18.66
C THR B 20 49.91 -26.10 -19.65
N LEU B 21 49.31 -24.93 -19.43
CA LEU B 21 48.41 -24.34 -20.39
C LEU B 21 49.18 -24.01 -21.67
N TRP B 22 48.84 -24.68 -22.76
CA TRP B 22 49.53 -24.60 -24.04
C TRP B 22 50.99 -25.03 -23.95
N GLY B 23 51.37 -25.72 -22.88
CA GLY B 23 52.68 -26.32 -22.79
C GLY B 23 52.88 -27.40 -23.84
N PRO B 24 52.03 -28.43 -23.80
CA PRO B 24 52.00 -29.40 -24.91
C PRO B 24 51.33 -28.81 -26.14
N GLU B 25 51.11 -29.64 -27.16
CA GLU B 25 50.47 -29.16 -28.38
C GLU B 25 49.10 -28.57 -28.08
N GLN B 26 48.28 -29.31 -27.32
CA GLN B 26 46.96 -28.84 -26.86
C GLN B 26 46.16 -28.43 -28.10
N ALA B 27 45.68 -27.18 -28.19
CA ALA B 27 44.93 -26.73 -29.35
C ALA B 27 45.90 -26.21 -30.41
N ALA B 28 46.68 -27.14 -30.95
CA ALA B 28 47.64 -26.82 -32.01
C ALA B 28 47.03 -27.09 -33.38
N GLY B 29 45.89 -26.43 -33.62
CA GLY B 29 45.20 -26.55 -34.89
C GLY B 29 45.21 -25.26 -35.67
N LEU B 30 45.96 -24.27 -35.20
CA LEU B 30 46.05 -22.97 -35.82
C LEU B 30 47.50 -22.61 -36.13
N PRO B 31 47.74 -21.80 -37.16
CA PRO B 31 49.12 -21.43 -37.49
C PRO B 31 49.71 -20.44 -36.50
N LEU B 32 50.93 -19.97 -36.77
CA LEU B 32 51.62 -19.02 -35.93
C LEU B 32 51.79 -19.57 -34.50
N ASP B 33 52.61 -20.61 -34.40
CA ASP B 33 52.90 -21.21 -33.10
C ASP B 33 53.48 -20.17 -32.16
N VAL B 34 52.96 -20.14 -30.94
CA VAL B 34 53.30 -19.10 -29.99
C VAL B 34 54.34 -19.63 -29.01
N ASN B 35 55.01 -18.71 -28.32
CA ASN B 35 56.01 -19.03 -27.31
C ASN B 35 55.58 -18.35 -26.01
N VAL B 36 54.80 -19.07 -25.21
CA VAL B 36 54.26 -18.52 -23.98
C VAL B 36 55.34 -18.53 -22.90
N VAL B 37 55.53 -17.39 -22.23
CA VAL B 37 56.47 -17.27 -21.12
C VAL B 37 55.68 -16.92 -19.87
N ALA B 38 55.87 -17.69 -18.82
CA ALA B 38 55.16 -17.50 -17.56
C ALA B 38 56.00 -16.71 -16.57
N LEU B 39 55.36 -16.25 -15.51
CA LEU B 39 56.00 -15.42 -14.49
C LEU B 39 55.05 -15.30 -13.32
N LEU B 40 55.61 -15.16 -12.12
CA LEU B 40 54.84 -15.05 -10.89
C LEU B 40 55.13 -13.71 -10.21
N MET B 41 54.08 -13.08 -9.69
CA MET B 41 54.21 -11.80 -8.99
C MET B 41 53.47 -11.87 -7.66
N ASN B 42 54.09 -11.35 -6.61
CA ASN B 42 53.52 -11.39 -5.26
C ASN B 42 52.87 -10.07 -4.88
N ARG B 43 53.62 -8.97 -4.94
CA ARG B 43 53.13 -7.66 -4.57
C ARG B 43 52.85 -6.83 -5.82
N THR B 44 52.25 -5.66 -5.61
CA THR B 44 51.88 -4.77 -6.70
C THR B 44 52.14 -3.33 -6.27
N ASP B 45 53.23 -2.76 -6.75
CA ASP B 45 53.55 -1.35 -6.55
C ASP B 45 53.88 -0.73 -7.89
N PRO B 46 53.53 0.55 -8.09
CA PRO B 46 53.64 1.12 -9.44
C PRO B 46 55.03 1.06 -10.02
N LYS B 47 56.07 1.31 -9.22
CA LYS B 47 57.43 1.20 -9.73
C LYS B 47 57.74 -0.23 -10.14
N SER B 48 57.41 -1.19 -9.28
CA SER B 48 57.66 -2.59 -9.59
C SER B 48 56.87 -3.04 -10.81
N LEU B 49 55.60 -2.65 -10.89
CA LEU B 49 54.77 -3.05 -12.02
C LEU B 49 55.32 -2.50 -13.33
N ILE B 50 55.67 -1.22 -13.35
CA ILE B 50 56.16 -0.60 -14.57
C ILE B 50 57.49 -1.21 -14.98
N THR B 51 58.39 -1.41 -14.01
CA THR B 51 59.67 -2.03 -14.33
C THR B 51 59.49 -3.43 -14.89
N HIS B 52 58.62 -4.24 -14.27
CA HIS B 52 58.40 -5.59 -14.76
C HIS B 52 57.86 -5.58 -16.18
N VAL B 53 56.82 -4.80 -16.43
CA VAL B 53 56.17 -4.82 -17.74
C VAL B 53 57.14 -4.35 -18.81
N CYS B 54 57.81 -3.23 -18.59
CA CYS B 54 58.63 -2.74 -19.68
C CYS B 54 59.99 -3.44 -19.75
N ASP B 55 60.39 -4.19 -18.72
CA ASP B 55 61.52 -5.09 -18.86
C ASP B 55 61.14 -6.29 -19.71
N LEU B 56 59.96 -6.86 -19.48
CA LEU B 56 59.46 -7.89 -20.39
C LEU B 56 59.37 -7.36 -21.80
N MET B 57 59.04 -6.08 -21.96
CA MET B 57 59.10 -5.45 -23.27
C MET B 57 60.51 -5.40 -23.81
N SER B 58 61.49 -5.07 -22.96
CA SER B 58 62.87 -4.99 -23.40
C SER B 58 63.46 -6.35 -23.70
N GLY B 59 62.91 -7.42 -23.14
CA GLY B 59 63.39 -8.75 -23.41
C GLY B 59 62.83 -9.30 -24.70
N ALA B 60 62.29 -10.51 -24.68
CA ALA B 60 61.63 -11.05 -25.85
C ALA B 60 60.47 -10.15 -26.25
N ARG B 61 60.42 -9.80 -27.54
CA ARG B 61 59.43 -8.85 -28.03
C ARG B 61 58.04 -9.47 -27.91
N ILE B 62 57.27 -9.02 -26.93
CA ILE B 62 55.99 -9.63 -26.61
C ILE B 62 54.87 -8.92 -27.36
N HIS B 63 53.76 -9.63 -27.54
CA HIS B 63 52.59 -9.11 -28.23
C HIS B 63 51.33 -9.17 -27.37
N GLY B 64 51.44 -9.53 -26.10
CA GLY B 64 50.30 -9.62 -25.23
C GLY B 64 50.70 -9.74 -23.77
N LEU B 65 49.84 -9.31 -22.86
CA LEU B 65 50.18 -9.26 -21.44
C LEU B 65 49.02 -9.74 -20.59
N VAL B 66 48.49 -10.94 -20.88
CA VAL B 66 47.42 -11.50 -20.05
C VAL B 66 47.85 -11.43 -18.60
N PHE B 67 47.13 -10.64 -17.80
CA PHE B 67 47.54 -10.29 -16.45
C PHE B 67 46.41 -10.58 -15.48
N GLY B 68 46.70 -11.33 -14.44
CA GLY B 68 45.72 -11.60 -13.40
C GLY B 68 46.30 -11.44 -12.02
N ASP B 69 45.79 -10.48 -11.25
CA ASP B 69 46.33 -10.18 -9.93
C ASP B 69 45.59 -11.00 -8.88
N ASP B 70 45.81 -10.65 -7.62
CA ASP B 70 45.13 -11.33 -6.52
C ASP B 70 44.64 -10.38 -5.43
N THR B 71 44.78 -9.07 -5.61
CA THR B 71 44.43 -8.11 -4.58
C THR B 71 43.01 -7.58 -4.81
N ASP B 72 42.64 -6.58 -4.02
CA ASP B 72 41.32 -5.97 -4.08
C ASP B 72 41.34 -4.50 -4.49
N GLN B 73 42.47 -3.81 -4.35
CA GLN B 73 42.55 -2.40 -4.69
C GLN B 73 42.15 -2.18 -6.14
N GLU B 74 41.12 -1.37 -6.35
CA GLU B 74 40.60 -1.09 -7.68
C GLU B 74 41.44 -0.05 -8.43
N ALA B 75 42.65 0.24 -7.96
CA ALA B 75 43.51 1.21 -8.59
C ALA B 75 44.62 0.56 -9.41
N VAL B 76 44.56 -0.74 -9.64
CA VAL B 76 45.54 -1.38 -10.51
C VAL B 76 45.06 -1.44 -11.96
N ALA B 77 43.74 -1.44 -12.17
CA ALA B 77 43.22 -1.38 -13.53
C ALA B 77 43.67 -0.11 -14.23
N GLN B 78 43.62 1.02 -13.52
CA GLN B 78 44.05 2.28 -14.12
C GLN B 78 45.53 2.24 -14.47
N MET B 79 46.36 1.70 -13.59
CA MET B 79 47.79 1.64 -13.87
C MET B 79 48.05 0.77 -15.09
N LEU B 80 47.36 -0.36 -15.19
CA LEU B 80 47.52 -1.21 -16.36
C LEU B 80 47.09 -0.48 -17.64
N ASP B 81 45.98 0.25 -17.57
CA ASP B 81 45.52 0.99 -18.74
C ASP B 81 46.54 2.04 -19.16
N PHE B 82 47.11 2.75 -18.18
CA PHE B 82 48.12 3.76 -18.48
C PHE B 82 49.33 3.15 -19.16
N ILE B 83 49.81 2.01 -18.63
CA ILE B 83 50.96 1.34 -19.22
C ILE B 83 50.66 0.92 -20.64
N SER B 84 49.48 0.33 -20.87
CA SER B 84 49.14 -0.13 -22.20
C SER B 84 49.01 1.03 -23.18
N SER B 85 48.45 2.14 -22.73
CA SER B 85 48.28 3.27 -23.63
C SER B 85 49.62 3.90 -23.99
N HIS B 86 50.60 3.88 -23.08
CA HIS B 86 51.89 4.47 -23.38
C HIS B 86 52.95 3.44 -23.80
N THR B 87 52.55 2.20 -24.06
CA THR B 87 53.50 1.21 -24.56
C THR B 87 53.03 0.46 -25.81
N PHE B 88 51.75 0.53 -26.17
CA PHE B 88 51.21 -0.10 -27.37
C PHE B 88 51.31 -1.63 -27.30
N VAL B 89 50.81 -2.20 -26.22
CA VAL B 89 50.69 -3.66 -26.10
C VAL B 89 49.29 -4.02 -25.64
N PRO B 90 48.60 -4.90 -26.33
CA PRO B 90 47.20 -5.19 -26.00
C PRO B 90 47.06 -5.96 -24.70
N ILE B 91 47.17 -5.27 -23.57
CA ILE B 91 46.96 -5.91 -22.28
C ILE B 91 45.48 -6.26 -22.11
N LEU B 92 45.21 -7.38 -21.46
CA LEU B 92 43.85 -7.68 -21.03
C LEU B 92 43.91 -8.45 -19.71
N GLY B 93 43.11 -8.02 -18.75
CA GLY B 93 43.12 -8.60 -17.41
C GLY B 93 41.98 -9.57 -17.24
N ILE B 94 42.25 -10.66 -16.52
CA ILE B 94 41.31 -11.76 -16.38
C ILE B 94 40.68 -11.79 -14.99
N HIS B 95 41.48 -11.98 -13.94
CA HIS B 95 40.95 -12.18 -12.61
C HIS B 95 41.74 -11.37 -11.60
N GLY B 96 41.04 -10.91 -10.57
CA GLY B 96 41.68 -10.22 -9.48
C GLY B 96 41.41 -8.73 -9.46
N GLY B 97 42.42 -7.94 -9.12
CA GLY B 97 42.25 -6.51 -9.12
C GLY B 97 41.97 -5.96 -10.50
N ALA B 98 42.72 -6.41 -11.50
CA ALA B 98 42.57 -5.89 -12.85
C ALA B 98 41.41 -6.55 -13.58
N SER B 99 40.25 -6.59 -12.92
CA SER B 99 39.05 -7.11 -13.54
C SER B 99 37.81 -6.32 -13.13
N MET B 100 37.95 -5.24 -12.37
CA MET B 100 36.82 -4.40 -12.02
C MET B 100 36.62 -3.40 -13.15
N ILE B 101 35.50 -3.52 -13.86
CA ILE B 101 35.26 -2.68 -15.02
C ILE B 101 35.33 -1.21 -14.62
N MET B 102 35.79 -0.38 -15.55
CA MET B 102 35.89 1.05 -15.30
C MET B 102 35.29 1.79 -16.50
N ALA B 103 35.04 3.09 -16.28
CA ALA B 103 34.33 3.89 -17.26
C ALA B 103 35.24 4.25 -18.42
N ASP B 104 34.82 5.22 -19.23
CA ASP B 104 35.49 5.57 -20.48
C ASP B 104 37.01 5.59 -20.33
N LYS B 105 37.68 4.76 -21.11
CA LYS B 105 39.14 4.74 -21.19
C LYS B 105 39.60 5.76 -22.22
N ASP B 106 40.92 5.97 -22.27
CA ASP B 106 41.48 6.85 -23.28
C ASP B 106 41.23 6.27 -24.67
N PRO B 107 41.03 7.11 -25.68
CA PRO B 107 40.66 6.59 -27.00
C PRO B 107 41.67 5.64 -27.61
N THR B 108 42.96 5.83 -27.34
CA THR B 108 44.01 5.00 -27.92
C THR B 108 44.36 3.81 -27.04
N SER B 109 43.65 3.59 -25.94
CA SER B 109 43.96 2.48 -25.06
C SER B 109 43.59 1.14 -25.68
N THR B 110 44.28 0.10 -25.25
CA THR B 110 44.06 -1.26 -25.72
C THR B 110 43.94 -2.21 -24.54
N PHE B 111 43.12 -1.81 -23.56
CA PHE B 111 42.91 -2.58 -22.34
C PHE B 111 41.50 -3.17 -22.38
N PHE B 112 41.43 -4.50 -22.39
CA PHE B 112 40.15 -5.22 -22.43
C PHE B 112 39.99 -6.04 -21.16
N GLN B 113 38.77 -6.05 -20.62
CA GLN B 113 38.53 -6.66 -19.31
C GLN B 113 37.56 -7.81 -19.43
N PHE B 114 37.37 -8.52 -18.33
CA PHE B 114 36.50 -9.68 -18.22
C PHE B 114 35.41 -9.47 -17.18
N GLY B 115 34.82 -8.27 -17.15
CA GLY B 115 33.85 -7.98 -16.12
C GLY B 115 32.47 -7.64 -16.65
N ALA B 116 31.67 -6.97 -15.84
CA ALA B 116 30.33 -6.54 -16.24
C ALA B 116 30.10 -5.12 -15.74
N SER B 117 29.52 -4.28 -16.60
CA SER B 117 29.29 -2.89 -16.25
C SER B 117 28.16 -2.79 -15.22
N ILE B 118 27.78 -1.55 -14.90
CA ILE B 118 26.58 -1.37 -14.09
C ILE B 118 25.31 -1.50 -14.92
N GLN B 119 25.39 -1.24 -16.22
CA GLN B 119 24.21 -1.34 -17.06
C GLN B 119 23.74 -2.79 -17.19
N GLN B 120 24.67 -3.73 -17.38
CA GLN B 120 24.27 -5.12 -17.49
C GLN B 120 23.74 -5.65 -16.15
N GLN B 121 24.32 -5.19 -15.04
CA GLN B 121 23.78 -5.57 -13.73
C GLN B 121 22.37 -5.02 -13.54
N ALA B 122 22.12 -3.79 -13.98
CA ALA B 122 20.76 -3.27 -13.90
C ALA B 122 19.81 -4.08 -14.76
N THR B 123 20.26 -4.50 -15.94
CA THR B 123 19.41 -5.30 -16.83
C THR B 123 19.03 -6.63 -16.17
N VAL B 124 20.02 -7.34 -15.62
CA VAL B 124 19.68 -8.62 -14.99
C VAL B 124 18.83 -8.40 -13.74
N MET B 125 19.05 -7.30 -13.02
CA MET B 125 18.21 -7.01 -11.85
C MET B 125 16.77 -6.83 -12.25
N LEU B 126 16.51 -6.05 -13.30
CA LEU B 126 15.13 -5.83 -13.70
C LEU B 126 14.53 -7.09 -14.31
N LYS B 127 15.35 -7.93 -14.93
CA LYS B 127 14.83 -9.19 -15.46
C LYS B 127 14.42 -10.14 -14.35
N ILE B 128 15.19 -10.20 -13.26
CA ILE B 128 14.79 -11.07 -12.15
C ILE B 128 13.61 -10.47 -11.41
N MET B 129 13.54 -9.14 -11.32
CA MET B 129 12.41 -8.51 -10.66
C MET B 129 11.11 -8.75 -11.43
N GLN B 130 11.14 -8.64 -12.76
CA GLN B 130 9.92 -8.86 -13.53
C GLN B 130 9.49 -10.32 -13.52
N ASP B 131 10.45 -11.25 -13.43
CA ASP B 131 10.10 -12.67 -13.55
C ASP B 131 9.23 -13.14 -12.41
N TYR B 132 9.53 -12.72 -11.18
CA TYR B 132 8.70 -13.09 -10.03
C TYR B 132 7.50 -12.16 -9.86
N ASP B 133 7.38 -11.13 -10.69
CA ASP B 133 6.19 -10.28 -10.76
C ASP B 133 5.93 -9.55 -9.45
N TRP B 134 6.88 -8.70 -9.07
CA TRP B 134 6.71 -7.80 -7.92
C TRP B 134 7.21 -6.41 -8.26
N HIS B 135 6.77 -5.88 -9.41
CA HIS B 135 7.29 -4.61 -9.92
C HIS B 135 6.56 -3.42 -9.29
N VAL B 136 6.86 -3.18 -8.02
CA VAL B 136 6.41 -1.99 -7.31
C VAL B 136 7.58 -1.33 -6.59
N PHE B 137 8.78 -1.48 -7.15
CA PHE B 137 10.02 -1.17 -6.45
C PHE B 137 10.20 0.30 -6.08
N SER B 138 11.30 0.62 -5.40
CA SER B 138 11.60 1.99 -4.97
C SER B 138 13.10 2.14 -4.79
N LEU B 139 13.71 3.06 -5.52
CA LEU B 139 15.16 3.24 -5.47
C LEU B 139 15.62 3.85 -4.16
N VAL B 140 16.83 3.48 -3.74
CA VAL B 140 17.53 4.11 -2.63
C VAL B 140 19.03 4.13 -2.96
N THR B 141 19.60 5.31 -3.15
CA THR B 141 21.00 5.42 -3.54
C THR B 141 21.73 6.39 -2.64
N THR B 142 22.99 6.08 -2.37
CA THR B 142 23.86 6.95 -1.59
C THR B 142 24.60 7.91 -2.51
N ILE B 143 25.63 8.58 -1.99
CA ILE B 143 26.35 9.60 -2.74
C ILE B 143 27.61 9.01 -3.39
N PHE B 144 27.73 7.68 -3.38
CA PHE B 144 28.89 7.03 -3.95
C PHE B 144 29.04 7.40 -5.43
N PRO B 145 30.27 7.66 -5.89
CA PRO B 145 30.44 8.11 -7.27
C PRO B 145 29.96 7.08 -8.28
N GLY B 146 29.36 7.57 -9.36
CA GLY B 146 28.77 6.72 -10.36
C GLY B 146 27.28 6.46 -10.17
N TYR B 147 26.65 7.08 -9.18
CA TYR B 147 25.24 6.79 -8.93
C TYR B 147 24.34 7.45 -9.96
N ARG B 148 24.75 8.58 -10.52
CA ARG B 148 23.89 9.29 -11.48
C ARG B 148 23.63 8.44 -12.72
N GLU B 149 24.66 7.74 -13.19
CA GLU B 149 24.48 6.85 -14.34
C GLU B 149 23.50 5.73 -14.02
N PHE B 150 23.61 5.15 -12.82
CA PHE B 150 22.69 4.09 -12.42
C PHE B 150 21.25 4.60 -12.38
N ILE B 151 21.04 5.76 -11.77
CA ILE B 151 19.69 6.32 -11.67
C ILE B 151 19.14 6.59 -13.06
N SER B 152 19.95 7.20 -13.93
CA SER B 152 19.49 7.53 -15.27
C SER B 152 19.13 6.27 -16.06
N PHE B 153 19.96 5.23 -15.96
CA PHE B 153 19.67 4.01 -16.70
C PHE B 153 18.39 3.35 -16.21
N VAL B 154 18.20 3.30 -14.89
CA VAL B 154 16.98 2.70 -14.37
C VAL B 154 15.76 3.49 -14.80
N LYS B 155 15.84 4.83 -14.74
CA LYS B 155 14.71 5.66 -15.12
C LYS B 155 14.41 5.55 -16.61
N THR B 156 15.44 5.37 -17.45
CA THR B 156 15.19 5.20 -18.87
C THR B 156 14.57 3.84 -19.17
N THR B 157 15.07 2.77 -18.56
CA THR B 157 14.51 1.46 -18.80
C THR B 157 13.07 1.36 -18.31
N VAL B 158 12.77 1.96 -17.16
CA VAL B 158 11.44 1.83 -16.57
C VAL B 158 10.39 2.50 -17.46
N ASP B 159 10.67 3.72 -17.91
CA ASP B 159 9.70 4.53 -18.63
C ASP B 159 9.69 4.24 -20.12
N ASN B 160 10.17 3.07 -20.54
CA ASN B 160 10.23 2.73 -21.96
C ASN B 160 9.70 1.34 -22.29
N SER B 161 9.68 0.41 -21.35
CA SER B 161 9.26 -0.95 -21.63
C SER B 161 7.74 -1.06 -21.68
N PHE B 162 7.24 -2.28 -21.79
CA PHE B 162 5.82 -2.55 -21.94
C PHE B 162 5.15 -3.11 -20.69
N VAL B 163 5.91 -3.70 -19.78
CA VAL B 163 5.32 -4.43 -18.66
C VAL B 163 4.52 -3.49 -17.78
N GLY B 164 5.07 -2.31 -17.49
CA GLY B 164 4.39 -1.35 -16.64
C GLY B 164 4.97 -1.35 -15.25
N TRP B 165 5.86 -0.39 -14.98
CA TRP B 165 6.57 -0.30 -13.72
C TRP B 165 6.10 0.94 -12.98
N ASP B 166 5.71 0.78 -11.72
CA ASP B 166 5.30 1.90 -10.88
C ASP B 166 6.42 2.21 -9.90
N MET B 167 7.41 2.96 -10.37
CA MET B 167 8.50 3.37 -9.50
C MET B 167 7.99 4.45 -8.54
N GLN B 168 8.00 4.13 -7.25
CA GLN B 168 7.38 5.02 -6.27
C GLN B 168 8.28 6.21 -5.95
N ASN B 169 9.46 5.96 -5.41
CA ASN B 169 10.32 7.02 -4.91
C ASN B 169 11.74 6.82 -5.39
N VAL B 170 12.48 7.92 -5.47
CA VAL B 170 13.92 7.91 -5.62
C VAL B 170 14.51 8.73 -4.48
N ILE B 171 15.32 8.09 -3.65
CA ILE B 171 15.88 8.70 -2.45
C ILE B 171 17.38 8.81 -2.65
N THR B 172 17.94 9.97 -2.35
CA THR B 172 19.38 10.18 -2.40
C THR B 172 19.81 10.72 -1.04
N LEU B 173 20.07 9.81 -0.10
CA LEU B 173 20.42 10.20 1.26
C LEU B 173 21.93 10.43 1.33
N ASP B 174 22.32 11.70 1.41
CA ASP B 174 23.70 12.13 1.39
C ASP B 174 24.20 12.36 2.83
N THR B 175 25.36 13.00 2.94
CA THR B 175 26.01 13.33 4.20
C THR B 175 26.40 12.07 4.97
N SER B 176 26.81 12.22 6.22
CA SER B 176 27.11 11.07 7.07
C SER B 176 25.86 10.37 7.55
N PHE B 177 24.69 10.97 7.34
CA PHE B 177 23.39 10.38 7.68
C PHE B 177 23.41 9.69 9.05
N GLU B 178 23.91 10.42 10.04
CA GLU B 178 24.09 9.84 11.37
C GLU B 178 22.76 9.40 11.99
N ASP B 179 21.87 10.35 12.30
CA ASP B 179 20.55 9.97 12.78
C ASP B 179 19.45 10.81 12.15
N ALA B 180 19.79 12.04 11.72
CA ALA B 180 18.76 12.97 11.29
C ALA B 180 18.21 12.60 9.92
N LYS B 181 19.05 12.68 8.89
CA LYS B 181 18.56 12.53 7.51
C LYS B 181 18.03 11.13 7.26
N THR B 182 18.76 10.11 7.72
CA THR B 182 18.31 8.73 7.53
C THR B 182 16.91 8.52 8.07
N GLN B 183 16.69 8.89 9.33
CA GLN B 183 15.40 8.61 9.95
C GLN B 183 14.30 9.47 9.36
N VAL B 184 14.59 10.74 9.06
CA VAL B 184 13.52 11.60 8.53
C VAL B 184 13.18 11.28 7.09
N GLN B 185 14.07 10.63 6.34
CA GLN B 185 13.83 10.41 4.92
C GLN B 185 13.48 8.97 4.56
N LEU B 186 13.91 7.99 5.35
CA LEU B 186 13.65 6.59 5.04
C LEU B 186 12.27 6.13 5.47
N LYS B 187 11.50 6.98 6.16
CA LYS B 187 10.21 6.55 6.69
C LYS B 187 9.10 6.58 5.65
N LYS B 188 9.35 7.09 4.45
CA LYS B 188 8.33 7.15 3.43
C LYS B 188 8.24 5.87 2.61
N ILE B 189 9.37 5.20 2.38
CA ILE B 189 9.40 4.01 1.54
C ILE B 189 8.72 2.87 2.29
N HIS B 190 7.50 2.53 1.88
CA HIS B 190 6.79 1.38 2.43
C HIS B 190 6.23 0.50 1.33
N SER B 191 6.97 0.39 0.23
CA SER B 191 6.65 -0.54 -0.84
C SER B 191 7.21 -1.91 -0.47
N SER B 192 7.25 -2.83 -1.44
CA SER B 192 7.68 -4.20 -1.17
C SER B 192 9.06 -4.54 -1.73
N VAL B 193 9.60 -3.76 -2.65
CA VAL B 193 10.92 -4.03 -3.24
C VAL B 193 11.76 -2.78 -3.12
N ILE B 194 12.99 -2.94 -2.63
CA ILE B 194 13.92 -1.83 -2.45
C ILE B 194 15.19 -2.15 -3.23
N LEU B 195 15.67 -1.18 -4.00
CA LEU B 195 16.83 -1.35 -4.88
C LEU B 195 17.97 -0.50 -4.34
N LEU B 196 18.75 -1.07 -3.43
CA LEU B 196 19.84 -0.34 -2.82
C LEU B 196 21.00 -0.17 -3.79
N TYR B 197 21.80 0.88 -3.55
CA TYR B 197 23.04 1.08 -4.30
C TYR B 197 23.98 1.91 -3.44
N CYS B 198 25.01 1.28 -2.89
CA CYS B 198 25.93 1.97 -2.00
C CYS B 198 27.22 1.18 -1.91
N SER B 199 28.21 1.78 -1.26
CA SER B 199 29.42 1.05 -0.93
C SER B 199 29.12 0.02 0.15
N LYS B 200 30.12 -0.78 0.51
CA LYS B 200 29.90 -1.84 1.49
C LYS B 200 29.53 -1.27 2.85
N ASP B 201 30.32 -0.34 3.36
CA ASP B 201 30.10 0.19 4.70
C ASP B 201 28.78 0.95 4.80
N GLU B 202 28.50 1.80 3.82
CA GLU B 202 27.20 2.47 3.80
C GLU B 202 26.07 1.45 3.70
N ALA B 203 26.29 0.36 2.98
CA ALA B 203 25.24 -0.65 2.86
C ALA B 203 24.94 -1.30 4.21
N VAL B 204 25.98 -1.71 4.94
CA VAL B 204 25.73 -2.35 6.23
C VAL B 204 25.10 -1.37 7.21
N LEU B 205 25.56 -0.11 7.18
CA LEU B 205 24.98 0.89 8.08
C LEU B 205 23.51 1.14 7.77
N ILE B 206 23.17 1.28 6.48
CA ILE B 206 21.78 1.54 6.10
C ILE B 206 20.90 0.34 6.41
N LEU B 207 21.39 -0.87 6.16
CA LEU B 207 20.58 -2.05 6.47
C LEU B 207 20.36 -2.20 7.97
N SER B 208 21.38 -1.92 8.78
CA SER B 208 21.20 -1.95 10.23
C SER B 208 20.20 -0.90 10.68
N GLU B 209 20.27 0.29 10.10
CA GLU B 209 19.34 1.35 10.50
C GLU B 209 17.92 1.01 10.09
N ALA B 210 17.74 0.38 8.92
CA ALA B 210 16.41 -0.01 8.48
C ALA B 210 15.87 -1.22 9.24
N ARG B 211 16.74 -2.03 9.84
CA ARG B 211 16.23 -3.10 10.70
C ARG B 211 15.50 -2.53 11.90
N SER B 212 16.02 -1.45 12.48
CA SER B 212 15.34 -0.79 13.59
C SER B 212 14.21 0.08 13.05
N LEU B 213 13.37 -0.53 12.23
CA LEU B 213 12.24 0.10 11.58
C LEU B 213 11.42 -1.02 10.95
N GLY B 214 10.28 -0.66 10.38
CA GLY B 214 9.35 -1.67 9.92
C GLY B 214 9.88 -2.50 8.77
N LEU B 215 10.68 -1.90 7.90
CA LEU B 215 10.91 -2.45 6.56
C LEU B 215 12.06 -3.46 6.50
N THR B 216 12.02 -4.46 7.38
CA THR B 216 12.89 -5.64 7.25
C THR B 216 12.11 -6.90 7.64
N GLY B 217 10.88 -7.02 7.17
CA GLY B 217 10.00 -8.10 7.56
C GLY B 217 10.13 -9.33 6.69
N TYR B 218 9.09 -10.17 6.71
CA TYR B 218 9.06 -11.33 5.84
C TYR B 218 8.99 -10.95 4.37
N ASP B 219 8.18 -9.95 4.02
CA ASP B 219 8.04 -9.55 2.62
C ASP B 219 8.54 -8.12 2.48
N PHE B 220 9.86 -7.95 2.38
CA PHE B 220 10.47 -6.67 2.07
C PHE B 220 11.72 -6.88 1.22
N PHE B 221 11.61 -7.73 0.20
CA PHE B 221 12.78 -8.21 -0.56
C PHE B 221 13.71 -7.08 -1.00
N TRP B 222 14.95 -7.14 -0.55
CA TRP B 222 16.00 -6.21 -0.94
C TRP B 222 16.80 -6.75 -2.10
N ILE B 223 17.48 -5.86 -2.82
CA ILE B 223 18.33 -6.21 -3.96
C ILE B 223 19.54 -5.29 -3.97
N VAL B 224 20.72 -5.85 -4.22
CA VAL B 224 21.95 -5.05 -4.19
C VAL B 224 22.88 -5.51 -5.30
N PRO B 225 23.67 -4.57 -5.85
CA PRO B 225 24.65 -4.92 -6.88
C PRO B 225 25.82 -5.74 -6.38
N SER B 226 26.79 -5.99 -7.25
CA SER B 226 27.91 -6.86 -6.88
C SER B 226 28.80 -6.21 -5.84
N LEU B 227 29.07 -4.91 -5.96
CA LEU B 227 30.01 -4.27 -5.05
C LEU B 227 29.49 -4.16 -3.63
N VAL B 228 28.19 -4.43 -3.41
CA VAL B 228 27.67 -4.50 -2.04
C VAL B 228 27.98 -5.86 -1.43
N SER B 229 28.21 -6.87 -2.25
CA SER B 229 28.53 -8.22 -1.80
C SER B 229 29.81 -8.70 -2.46
N GLY B 230 30.84 -7.86 -2.48
CA GLY B 230 32.01 -8.10 -3.30
C GLY B 230 33.08 -9.01 -2.73
N ASN B 231 32.92 -9.51 -1.51
CA ASN B 231 33.93 -10.38 -0.92
C ASN B 231 33.41 -11.76 -0.56
N THR B 232 32.15 -12.06 -0.85
CA THR B 232 31.55 -13.36 -0.57
C THR B 232 31.75 -13.80 0.87
N GLU B 233 32.94 -14.31 1.21
CA GLU B 233 33.16 -14.81 2.56
C GLU B 233 33.60 -13.72 3.53
N LEU B 234 32.87 -12.61 3.56
CA LEU B 234 33.07 -11.57 4.55
C LEU B 234 31.71 -11.03 4.99
N ILE B 235 30.78 -11.95 5.26
CA ILE B 235 29.39 -11.60 5.55
C ILE B 235 29.31 -10.82 6.85
N PRO B 236 28.80 -9.60 6.84
CA PRO B 236 28.59 -8.86 8.09
C PRO B 236 27.37 -9.38 8.82
N LYS B 237 27.16 -8.86 10.02
CA LYS B 237 26.05 -9.31 10.84
C LYS B 237 24.72 -8.73 10.38
N GLU B 238 24.72 -7.51 9.85
CA GLU B 238 23.49 -6.75 9.65
C GLU B 238 22.77 -7.05 8.34
N PHE B 239 23.32 -7.89 7.48
CA PHE B 239 22.61 -8.25 6.26
C PHE B 239 21.45 -9.18 6.59
N PRO B 240 20.29 -8.98 5.96
CA PRO B 240 19.19 -9.94 6.13
C PRO B 240 19.54 -11.28 5.50
N SER B 241 18.66 -12.25 5.74
CA SER B 241 18.81 -13.59 5.20
C SER B 241 18.02 -13.79 3.91
N GLY B 242 17.82 -12.72 3.15
CA GLY B 242 17.10 -12.81 1.90
C GLY B 242 17.62 -11.89 0.82
N LEU B 243 18.85 -11.41 0.97
CA LEU B 243 19.43 -10.53 -0.04
C LEU B 243 19.55 -11.25 -1.38
N ILE B 244 19.33 -10.50 -2.45
CA ILE B 244 19.56 -10.99 -3.81
C ILE B 244 20.59 -10.09 -4.46
N SER B 245 21.67 -10.69 -4.95
CA SER B 245 22.77 -9.93 -5.52
C SER B 245 23.30 -10.66 -6.75
N VAL B 246 23.60 -9.92 -7.79
CA VAL B 246 24.19 -10.47 -9.00
C VAL B 246 25.69 -10.27 -8.96
N SER B 247 26.44 -11.22 -9.50
CA SER B 247 27.89 -11.13 -9.40
C SER B 247 28.54 -12.01 -10.45
N TYR B 248 29.71 -11.59 -10.90
CA TYR B 248 30.51 -12.42 -11.79
C TYR B 248 30.86 -13.73 -11.09
N ASP B 249 30.68 -14.84 -11.78
CA ASP B 249 30.77 -16.14 -11.12
C ASP B 249 32.21 -16.48 -10.80
N ASP B 250 32.42 -17.07 -9.63
CA ASP B 250 33.72 -17.56 -9.21
C ASP B 250 33.66 -19.00 -8.73
N TRP B 251 32.47 -19.61 -8.69
CA TRP B 251 32.35 -21.00 -8.28
C TRP B 251 32.84 -21.93 -9.39
N ASP B 252 32.21 -21.85 -10.57
CA ASP B 252 32.72 -22.49 -11.76
C ASP B 252 33.66 -21.51 -12.47
N TYR B 253 34.05 -21.84 -13.70
CA TYR B 253 34.91 -20.97 -14.51
C TYR B 253 36.24 -20.70 -13.81
N SER B 254 37.01 -21.78 -13.62
CA SER B 254 38.26 -21.69 -12.88
C SER B 254 39.30 -20.90 -13.66
N LEU B 255 40.43 -20.65 -12.99
CA LEU B 255 41.45 -19.76 -13.54
C LEU B 255 42.03 -20.29 -14.85
N GLU B 256 42.22 -21.61 -14.93
CA GLU B 256 42.80 -22.19 -16.13
C GLU B 256 41.94 -21.93 -17.35
N ALA B 257 40.62 -22.01 -17.18
CA ALA B 257 39.72 -21.71 -18.29
C ALA B 257 39.89 -20.26 -18.75
N ARG B 258 40.02 -19.34 -17.79
CA ARG B 258 40.21 -17.93 -18.15
C ARG B 258 41.52 -17.73 -18.90
N VAL B 259 42.60 -18.34 -18.43
CA VAL B 259 43.90 -18.17 -19.10
C VAL B 259 43.83 -18.75 -20.51
N ARG B 260 43.22 -19.92 -20.67
CA ARG B 260 43.10 -20.52 -21.99
C ARG B 260 42.26 -19.65 -22.92
N ASP B 261 41.17 -19.09 -22.41
CA ASP B 261 40.32 -18.23 -23.23
C ASP B 261 41.06 -16.97 -23.67
N GLY B 262 41.84 -16.38 -22.76
CA GLY B 262 42.61 -15.20 -23.14
C GLY B 262 43.66 -15.51 -24.20
N ILE B 263 44.39 -16.61 -23.99
CA ILE B 263 45.36 -17.03 -24.99
C ILE B 263 44.68 -17.24 -26.33
N GLY B 264 43.51 -17.88 -26.30
CA GLY B 264 42.81 -18.18 -27.55
C GLY B 264 42.36 -16.93 -28.28
N ILE B 265 41.78 -15.97 -27.56
CA ILE B 265 41.32 -14.76 -28.22
C ILE B 265 42.49 -14.00 -28.83
N LEU B 266 43.60 -13.88 -28.08
CA LEU B 266 44.74 -13.16 -28.63
C LEU B 266 45.30 -13.86 -29.86
N THR B 267 45.43 -15.19 -29.80
CA THR B 267 45.97 -15.94 -30.93
C THR B 267 45.06 -15.84 -32.15
N THR B 268 43.75 -15.93 -31.94
CA THR B 268 42.82 -15.86 -33.07
C THR B 268 42.83 -14.48 -33.70
N ALA B 269 42.90 -13.42 -32.89
CA ALA B 269 42.99 -12.07 -33.46
C ALA B 269 44.27 -11.91 -34.28
N ALA B 270 45.39 -12.41 -33.76
CA ALA B 270 46.64 -12.33 -34.51
C ALA B 270 46.56 -13.12 -35.81
N SER B 271 45.93 -14.30 -35.77
CA SER B 271 45.81 -15.11 -36.97
C SER B 271 44.94 -14.44 -38.02
N SER B 272 43.83 -13.83 -37.60
CA SER B 272 42.99 -13.11 -38.56
C SER B 272 43.74 -11.92 -39.14
N MET B 273 44.56 -11.25 -38.33
CA MET B 273 45.39 -10.17 -38.86
C MET B 273 46.39 -10.69 -39.88
N LEU B 274 47.02 -11.83 -39.60
CA LEU B 274 47.99 -12.40 -40.53
C LEU B 274 47.34 -12.97 -41.77
N GLU B 275 46.04 -13.26 -41.73
CA GLU B 275 45.34 -13.68 -42.94
C GLU B 275 44.93 -12.47 -43.78
N LYS B 276 44.35 -11.44 -43.14
CA LYS B 276 43.95 -10.26 -43.90
C LYS B 276 45.15 -9.42 -44.30
N PHE B 277 46.11 -9.23 -43.40
CA PHE B 277 47.31 -8.46 -43.67
C PHE B 277 48.53 -9.36 -43.51
N SER B 278 49.72 -8.78 -43.61
CA SER B 278 50.95 -9.54 -43.45
C SER B 278 51.99 -8.77 -42.65
N TYR B 279 51.56 -7.93 -41.70
CA TYR B 279 52.46 -7.02 -41.01
C TYR B 279 52.98 -7.62 -39.70
N ILE B 280 52.07 -7.93 -38.77
CA ILE B 280 52.36 -8.28 -37.37
C ILE B 280 53.57 -7.51 -36.86
N PRO B 281 53.51 -6.19 -36.80
CA PRO B 281 54.70 -5.41 -36.44
C PRO B 281 55.01 -5.50 -34.95
N GLU B 282 56.27 -5.24 -34.63
CA GLU B 282 56.69 -5.19 -33.24
C GLU B 282 56.11 -3.97 -32.55
N ALA B 283 55.99 -4.05 -31.23
CA ALA B 283 55.34 -2.99 -30.46
C ALA B 283 56.27 -1.81 -30.23
N LYS B 284 57.38 -2.02 -29.53
CA LYS B 284 58.29 -0.94 -29.23
C LYS B 284 59.68 -1.51 -29.00
N ALA B 285 60.70 -0.77 -29.43
CA ALA B 285 62.07 -1.25 -29.29
C ALA B 285 62.59 -1.10 -27.87
N SER B 286 62.21 -0.02 -27.17
CA SER B 286 62.78 0.27 -25.87
C SER B 286 61.66 0.61 -24.88
N CYS B 287 61.96 0.40 -23.59
CA CYS B 287 61.00 0.71 -22.54
C CYS B 287 60.68 2.19 -22.50
N TYR B 288 61.68 3.02 -22.19
CA TYR B 288 61.51 4.46 -22.24
C TYR B 288 62.34 5.09 -23.35
N GLY B 289 63.65 4.87 -23.35
CA GLY B 289 64.50 5.55 -24.31
C GLY B 289 64.43 7.05 -24.13
N GLN B 290 64.44 7.77 -25.24
CA GLN B 290 64.27 9.21 -25.23
C GLN B 290 63.26 9.72 -26.26
N MET B 291 63.01 8.99 -27.34
CA MET B 291 62.06 9.42 -28.35
C MET B 291 60.63 9.24 -27.86
N GLU B 292 59.76 10.14 -28.28
CA GLU B 292 58.35 10.08 -27.96
C GLU B 292 57.45 10.08 -29.19
N ARG B 293 58.02 10.02 -30.39
CA ARG B 293 57.22 10.06 -31.60
C ARG B 293 56.43 8.77 -31.76
N PRO B 294 55.12 8.85 -32.02
CA PRO B 294 54.34 7.63 -32.21
C PRO B 294 54.77 6.86 -33.45
N GLU B 295 54.63 5.55 -33.38
CA GLU B 295 55.06 4.65 -34.46
C GLU B 295 53.94 3.74 -34.96
N VAL B 296 53.06 3.29 -34.08
CA VAL B 296 51.95 2.44 -34.52
C VAL B 296 51.04 3.25 -35.44
N PRO B 297 50.54 2.69 -36.54
CA PRO B 297 49.72 3.50 -37.47
C PRO B 297 48.48 4.05 -36.80
N MET B 298 47.58 3.19 -36.35
CA MET B 298 46.50 3.60 -35.45
C MET B 298 46.55 2.85 -34.12
N HIS B 299 46.44 1.51 -34.14
CA HIS B 299 46.54 0.70 -32.94
C HIS B 299 47.21 -0.64 -33.20
N THR B 300 47.96 -0.76 -34.30
CA THR B 300 48.46 -2.05 -34.79
C THR B 300 47.32 -3.03 -34.97
N LEU B 301 47.12 -3.93 -34.02
CA LEU B 301 46.03 -4.88 -34.04
C LEU B 301 44.99 -4.47 -33.01
N HIS B 302 43.75 -4.30 -33.47
CA HIS B 302 42.69 -3.79 -32.60
C HIS B 302 41.31 -4.07 -33.20
N PRO B 303 41.01 -3.67 -34.45
CA PRO B 303 39.66 -3.94 -34.98
C PRO B 303 39.36 -5.41 -35.16
N PHE B 304 40.34 -6.30 -34.96
CA PHE B 304 40.14 -7.73 -35.09
C PHE B 304 39.98 -8.43 -33.76
N MET B 305 39.86 -7.67 -32.66
CA MET B 305 39.61 -8.25 -31.35
C MET B 305 38.13 -8.26 -31.00
N VAL B 306 37.26 -7.90 -31.94
CA VAL B 306 35.83 -8.07 -31.79
C VAL B 306 35.41 -9.26 -32.64
N ASN B 307 34.15 -9.66 -32.51
CA ASN B 307 33.52 -10.79 -33.22
C ASN B 307 34.50 -11.93 -33.45
N VAL B 308 35.12 -12.38 -32.36
CA VAL B 308 36.06 -13.49 -32.36
C VAL B 308 35.48 -14.62 -31.53
N THR B 309 35.37 -15.81 -32.14
CA THR B 309 34.87 -16.99 -31.47
C THR B 309 35.96 -18.04 -31.42
N TRP B 310 36.18 -18.63 -30.24
CA TRP B 310 37.27 -19.57 -30.02
C TRP B 310 36.71 -20.88 -29.49
N ASP B 311 36.62 -21.88 -30.38
CA ASP B 311 36.25 -23.24 -30.02
C ASP B 311 34.94 -23.28 -29.24
N GLY B 312 33.91 -22.67 -29.81
CA GLY B 312 32.60 -22.68 -29.19
C GLY B 312 32.03 -21.32 -28.88
N LYS B 313 31.95 -20.98 -27.59
CA LYS B 313 31.32 -19.75 -27.17
C LYS B 313 31.98 -18.53 -27.78
N ASP B 314 31.18 -17.55 -28.17
CA ASP B 314 31.68 -16.30 -28.70
C ASP B 314 31.88 -15.30 -27.58
N LEU B 315 32.98 -14.56 -27.65
CA LEU B 315 33.35 -13.60 -26.62
C LEU B 315 33.75 -12.28 -27.24
N SER B 316 32.91 -11.77 -28.14
CA SER B 316 33.14 -10.49 -28.77
C SER B 316 33.18 -9.39 -27.73
N PHE B 317 33.90 -8.31 -28.05
CA PHE B 317 34.07 -7.17 -27.16
C PHE B 317 33.38 -5.95 -27.73
N THR B 318 32.74 -5.18 -26.87
CA THR B 318 32.08 -3.95 -27.28
C THR B 318 33.10 -2.82 -27.40
N GLU B 319 32.62 -1.63 -27.72
CA GLU B 319 33.53 -0.51 -27.98
C GLU B 319 34.20 -0.03 -26.69
N GLU B 320 33.44 0.09 -25.61
CA GLU B 320 33.98 0.64 -24.37
C GLU B 320 34.90 -0.33 -23.64
N GLY B 321 34.98 -1.58 -24.07
CA GLY B 321 35.88 -2.54 -23.47
C GLY B 321 35.25 -3.55 -22.54
N TYR B 322 33.93 -3.72 -22.55
CA TYR B 322 33.28 -4.73 -21.75
C TYR B 322 33.28 -6.06 -22.50
N GLN B 323 32.57 -7.04 -21.97
CA GLN B 323 32.25 -8.24 -22.73
C GLN B 323 30.99 -7.96 -23.55
N VAL B 324 30.45 -8.99 -24.18
CA VAL B 324 29.15 -8.85 -24.83
C VAL B 324 28.25 -9.98 -24.33
N HIS B 325 28.85 -11.06 -23.87
CA HIS B 325 28.12 -12.21 -23.31
C HIS B 325 28.73 -12.57 -21.96
N PRO B 326 28.55 -11.73 -20.95
CA PRO B 326 29.15 -12.00 -19.65
C PRO B 326 28.47 -13.17 -18.94
N ARG B 327 29.23 -13.81 -18.05
CA ARG B 327 28.73 -14.95 -17.30
C ARG B 327 28.31 -14.52 -15.90
N LEU B 328 27.24 -13.73 -15.84
CA LEU B 328 26.71 -13.32 -14.54
C LEU B 328 25.93 -14.47 -13.91
N VAL B 329 25.67 -14.33 -12.60
CA VAL B 329 24.92 -15.33 -11.86
C VAL B 329 24.34 -14.66 -10.62
N VAL B 330 23.09 -14.95 -10.32
CA VAL B 330 22.44 -14.39 -9.14
C VAL B 330 22.72 -15.31 -7.95
N ILE B 331 22.73 -14.73 -6.75
CA ILE B 331 22.97 -15.49 -5.53
C ILE B 331 22.10 -14.92 -4.42
N VAL B 332 21.75 -15.78 -3.47
CA VAL B 332 20.91 -15.41 -2.33
C VAL B 332 21.61 -15.89 -1.07
N LEU B 333 21.29 -15.23 0.05
CA LEU B 333 21.89 -15.52 1.34
C LEU B 333 20.92 -16.40 2.13
N ASN B 334 21.20 -17.70 2.18
CA ASN B 334 20.25 -18.65 2.76
C ASN B 334 20.29 -18.55 4.28
N LYS B 335 19.61 -19.48 4.96
CA LYS B 335 19.50 -19.43 6.41
C LYS B 335 20.78 -19.84 7.13
N ASP B 336 21.75 -20.41 6.43
CA ASP B 336 23.01 -20.81 7.03
C ASP B 336 24.12 -19.78 6.84
N ARG B 337 23.77 -18.60 6.32
CA ARG B 337 24.72 -17.50 6.14
C ARG B 337 25.86 -17.89 5.19
N GLU B 338 25.49 -18.19 3.95
CA GLU B 338 26.44 -18.35 2.87
C GLU B 338 25.70 -18.31 1.54
N TRP B 339 26.19 -17.50 0.61
CA TRP B 339 25.52 -17.31 -0.67
C TRP B 339 25.58 -18.59 -1.49
N GLU B 340 24.44 -19.26 -1.69
CA GLU B 340 24.53 -20.51 -2.44
C GLU B 340 24.43 -20.34 -3.94
N LYS B 341 23.21 -20.13 -4.46
CA LYS B 341 22.93 -19.82 -5.86
C LYS B 341 21.42 -19.80 -6.07
N VAL B 342 20.95 -19.08 -7.08
CA VAL B 342 19.55 -19.20 -7.49
C VAL B 342 19.38 -19.35 -8.99
N GLY B 343 20.31 -18.89 -9.82
CA GLY B 343 20.09 -18.95 -11.26
C GLY B 343 21.36 -18.80 -12.07
N LYS B 344 21.25 -18.16 -13.22
CA LYS B 344 22.37 -17.98 -14.14
C LYS B 344 21.96 -16.93 -15.16
N TRP B 345 22.87 -16.61 -16.06
CA TRP B 345 22.54 -15.72 -17.18
C TRP B 345 23.07 -16.37 -18.44
N GLU B 346 22.18 -16.93 -19.24
CA GLU B 346 22.54 -17.66 -20.45
C GLU B 346 22.88 -16.67 -21.55
N ASN B 347 22.86 -17.14 -22.81
CA ASN B 347 23.10 -16.27 -23.96
C ASN B 347 22.41 -14.94 -23.79
N HIS B 348 21.07 -14.92 -23.72
CA HIS B 348 20.38 -13.73 -23.27
C HIS B 348 19.12 -14.06 -22.47
N THR B 349 19.11 -15.18 -21.75
CA THR B 349 17.95 -15.59 -20.97
C THR B 349 18.39 -15.85 -19.53
N LEU B 350 17.43 -15.74 -18.61
CA LEU B 350 17.76 -15.84 -17.19
C LEU B 350 17.77 -17.28 -16.72
N SER B 351 16.63 -17.98 -16.81
CA SER B 351 16.53 -19.40 -16.48
C SER B 351 16.90 -19.65 -15.02
N LEU B 352 16.06 -19.13 -14.12
CA LEU B 352 16.26 -19.32 -12.69
C LEU B 352 16.04 -20.79 -12.30
N ARG B 353 16.23 -21.08 -11.02
CA ARG B 353 16.02 -22.41 -10.48
C ARG B 353 14.69 -22.52 -9.73
N HIS B 354 14.46 -21.67 -8.74
CA HIS B 354 13.23 -21.69 -7.98
C HIS B 354 12.15 -20.94 -8.74
N ALA B 355 11.04 -21.61 -9.02
CA ALA B 355 9.92 -20.96 -9.69
C ALA B 355 9.06 -20.13 -8.75
N VAL B 356 9.23 -20.28 -7.44
CA VAL B 356 8.51 -19.49 -6.44
C VAL B 356 9.46 -19.16 -5.31
N TRP B 357 9.40 -17.92 -4.83
CA TRP B 357 10.33 -17.48 -3.79
C TRP B 357 10.03 -18.20 -2.49
N PRO B 358 11.01 -18.88 -1.89
CA PRO B 358 10.74 -19.75 -0.74
C PRO B 358 10.52 -19.06 0.59
N ARG B 359 10.33 -17.74 0.63
CA ARG B 359 9.94 -17.03 1.85
C ARG B 359 10.96 -17.22 2.97
N TYR B 360 12.15 -16.67 2.73
CA TYR B 360 13.25 -16.82 3.69
C TYR B 360 12.97 -16.05 4.99
N LYS B 361 13.53 -16.56 6.07
CA LYS B 361 13.38 -15.93 7.38
C LYS B 361 14.09 -14.58 7.40
N SER B 362 13.46 -13.60 8.04
CA SER B 362 13.96 -12.22 7.93
C SER B 362 15.33 -12.03 8.56
N PHE B 363 15.45 -12.07 9.89
CA PHE B 363 16.77 -12.06 10.50
C PHE B 363 17.00 -13.31 11.35
N SER B 364 16.38 -13.40 12.52
CA SER B 364 16.31 -14.63 13.30
C SER B 364 14.93 -14.78 13.91
N ASP B 365 14.36 -13.65 14.35
CA ASP B 365 13.14 -13.61 15.14
C ASP B 365 12.32 -12.40 14.71
N CYS B 366 11.42 -12.61 13.76
CA CYS B 366 10.43 -11.63 13.34
C CYS B 366 9.04 -12.24 13.50
N GLU B 367 8.03 -11.45 13.21
CA GLU B 367 6.66 -11.94 13.32
C GLU B 367 6.42 -13.05 12.30
N PRO B 368 6.03 -14.25 12.71
CA PRO B 368 5.75 -15.30 11.72
C PRO B 368 4.59 -14.90 10.83
N ASP B 369 4.69 -15.28 9.55
CA ASP B 369 3.67 -14.88 8.59
C ASP B 369 2.36 -15.60 8.86
N ASP B 370 1.26 -14.83 8.85
CA ASP B 370 -0.06 -15.40 9.01
C ASP B 370 -1.02 -14.93 7.92
N ASN B 371 -0.50 -14.30 6.87
CA ASN B 371 -1.32 -13.87 5.74
C ASN B 371 -0.90 -14.56 4.45
N HIS B 372 -0.02 -15.55 4.52
CA HIS B 372 0.35 -16.36 3.37
C HIS B 372 -0.09 -17.79 3.62
N LEU B 373 -0.77 -18.38 2.63
CA LEU B 373 -1.25 -19.74 2.78
C LEU B 373 -1.43 -20.36 1.39
N SER B 374 -0.94 -21.58 1.23
CA SER B 374 -0.98 -22.28 -0.05
C SER B 374 -2.39 -22.74 -0.36
N ILE B 375 -2.65 -22.94 -1.65
CA ILE B 375 -3.99 -23.28 -2.14
C ILE B 375 -3.85 -24.25 -3.30
N VAL B 376 -4.70 -25.28 -3.33
CA VAL B 376 -4.70 -26.27 -4.39
C VAL B 376 -5.83 -25.96 -5.36
N THR B 377 -5.80 -26.58 -6.53
CA THR B 377 -6.78 -26.33 -7.59
C THR B 377 -6.61 -27.39 -8.67
N LEU B 378 -7.72 -27.73 -9.33
CA LEU B 378 -7.70 -28.68 -10.44
C LEU B 378 -8.49 -28.11 -11.61
N GLU B 379 -7.97 -28.30 -12.82
CA GLU B 379 -8.55 -27.67 -14.00
C GLU B 379 -9.94 -28.26 -14.32
N GLU B 380 -10.82 -27.38 -14.78
CA GLU B 380 -12.16 -27.78 -15.23
C GLU B 380 -12.62 -26.79 -16.29
N ALA B 381 -13.64 -27.18 -17.05
CA ALA B 381 -13.93 -26.46 -18.29
C ALA B 381 -14.35 -25.01 -18.04
N PRO B 382 -15.47 -24.72 -17.36
CA PRO B 382 -15.91 -23.32 -17.29
C PRO B 382 -15.47 -22.61 -16.01
N PHE B 383 -14.84 -23.32 -15.08
CA PHE B 383 -14.57 -22.78 -13.75
C PHE B 383 -13.13 -22.29 -13.60
N VAL B 384 -12.14 -23.14 -13.88
CA VAL B 384 -10.74 -22.76 -13.83
C VAL B 384 -10.08 -23.16 -15.14
N ILE B 385 -9.63 -22.18 -15.90
CA ILE B 385 -9.01 -22.39 -17.21
C ILE B 385 -7.56 -21.95 -17.10
N VAL B 386 -6.66 -22.81 -17.57
CA VAL B 386 -5.22 -22.57 -17.51
C VAL B 386 -4.72 -22.28 -18.92
N GLU B 387 -4.07 -21.14 -19.11
CA GLU B 387 -3.56 -20.71 -20.39
C GLU B 387 -2.04 -20.61 -20.32
N ASP B 388 -1.44 -20.17 -21.44
CA ASP B 388 -0.01 -19.94 -21.52
C ASP B 388 0.28 -18.48 -21.16
N ILE B 389 1.50 -18.04 -21.43
CA ILE B 389 1.95 -16.71 -21.04
C ILE B 389 1.93 -15.79 -22.25
N ASP B 390 1.41 -14.58 -22.07
CA ASP B 390 1.27 -13.63 -23.17
C ASP B 390 2.64 -13.26 -23.71
N PRO B 391 2.84 -13.27 -25.04
CA PRO B 391 4.15 -12.87 -25.60
C PRO B 391 4.56 -11.46 -25.21
N LEU B 392 3.76 -10.48 -25.58
CA LEU B 392 3.99 -9.11 -25.13
C LEU B 392 3.69 -9.00 -23.65
N THR B 393 4.45 -8.14 -22.96
CA THR B 393 4.31 -7.95 -21.52
C THR B 393 4.37 -9.30 -20.81
N GLU B 394 5.55 -9.90 -20.86
CA GLU B 394 5.75 -11.32 -20.59
C GLU B 394 5.21 -11.79 -19.25
N THR B 395 4.74 -10.87 -18.41
CA THR B 395 3.99 -11.26 -17.22
C THR B 395 2.62 -11.79 -17.64
N CYS B 396 1.84 -12.25 -16.66
CA CYS B 396 0.52 -12.76 -16.97
C CYS B 396 -0.42 -11.60 -17.34
N VAL B 397 -1.57 -11.96 -17.91
CA VAL B 397 -2.56 -11.00 -18.37
C VAL B 397 -3.17 -10.32 -17.14
N ARG B 398 -3.92 -9.24 -17.36
CA ARG B 398 -4.44 -8.44 -16.25
C ARG B 398 -5.39 -9.25 -15.38
N ASN B 399 -6.39 -9.87 -15.97
CA ASN B 399 -7.42 -10.59 -15.21
C ASN B 399 -7.07 -12.06 -15.03
N THR B 400 -5.86 -12.34 -14.54
CA THR B 400 -5.40 -13.71 -14.45
C THR B 400 -4.45 -13.82 -13.25
N VAL B 401 -4.29 -15.03 -12.73
CA VAL B 401 -3.41 -15.21 -11.58
C VAL B 401 -2.35 -16.26 -11.92
N PRO B 402 -1.13 -16.14 -11.39
CA PRO B 402 -0.08 -17.09 -11.74
C PRO B 402 -0.16 -18.35 -10.88
N CYS B 403 -0.26 -19.49 -11.54
CA CYS B 403 -0.30 -20.79 -10.88
C CYS B 403 0.84 -21.66 -11.38
N ARG B 404 1.50 -22.34 -10.45
CA ARG B 404 2.58 -23.24 -10.81
C ARG B 404 2.00 -24.60 -11.18
N LYS B 405 2.59 -25.24 -12.17
CA LYS B 405 2.12 -26.51 -12.70
C LYS B 405 3.28 -27.48 -12.80
N PHE B 406 3.09 -28.69 -12.30
CA PHE B 406 4.11 -29.72 -12.39
C PHE B 406 4.03 -30.44 -13.73
N VAL B 407 5.18 -30.67 -14.34
CA VAL B 407 5.26 -31.39 -15.61
C VAL B 407 6.64 -32.02 -15.71
N LYS B 408 6.70 -33.21 -16.28
CA LYS B 408 7.93 -33.95 -16.45
C LYS B 408 8.25 -34.10 -17.94
N ILE B 409 9.51 -33.86 -18.29
CA ILE B 409 9.94 -34.05 -19.66
C ILE B 409 10.05 -35.55 -19.97
N ASN B 410 10.13 -35.86 -21.26
CA ASN B 410 10.16 -37.25 -21.75
C ASN B 410 8.87 -37.92 -21.27
N ASN B 411 8.91 -39.19 -20.87
CA ASN B 411 7.73 -39.90 -20.40
C ASN B 411 7.85 -40.33 -18.95
N SER B 412 8.92 -41.02 -18.58
CA SER B 412 9.11 -41.51 -17.21
C SER B 412 10.17 -40.74 -16.44
N THR B 413 10.92 -39.86 -17.09
CA THR B 413 11.95 -39.10 -16.39
C THR B 413 11.33 -38.13 -15.40
N ASN B 414 11.98 -37.99 -14.24
CA ASN B 414 11.49 -37.09 -13.20
C ASN B 414 12.00 -35.68 -13.43
N GLU B 415 11.75 -35.13 -14.62
CA GLU B 415 12.17 -33.77 -14.95
C GLU B 415 11.11 -32.78 -14.46
N GLY B 416 11.09 -32.60 -13.14
CA GLY B 416 10.08 -31.78 -12.49
C GLY B 416 10.28 -30.29 -12.68
N MET B 417 10.10 -29.80 -13.90
CA MET B 417 10.19 -28.37 -14.19
C MET B 417 8.84 -27.75 -13.91
N ASN B 418 8.67 -27.17 -12.73
CA ASN B 418 7.41 -26.54 -12.33
C ASN B 418 7.22 -25.26 -13.12
N VAL B 419 6.51 -25.34 -14.24
CA VAL B 419 6.29 -24.15 -15.05
C VAL B 419 5.35 -23.20 -14.33
N LYS B 420 5.39 -21.93 -14.74
CA LYS B 420 4.55 -20.89 -14.16
C LYS B 420 3.54 -20.44 -15.20
N LYS B 421 2.34 -21.01 -15.16
CA LYS B 421 1.29 -20.66 -16.10
C LYS B 421 0.36 -19.64 -15.48
N CYS B 422 -0.60 -19.16 -16.26
CA CYS B 422 -1.62 -18.25 -15.77
C CYS B 422 -2.98 -18.95 -15.82
N CYS B 423 -3.84 -18.67 -14.84
CA CYS B 423 -5.14 -19.31 -14.76
C CYS B 423 -6.20 -18.30 -14.37
N LYS B 424 -7.41 -18.49 -14.88
CA LYS B 424 -8.51 -17.55 -14.69
C LYS B 424 -9.83 -18.30 -14.78
N GLY B 425 -10.87 -17.71 -14.21
CA GLY B 425 -12.21 -18.28 -14.35
C GLY B 425 -13.09 -17.90 -13.18
N PHE B 426 -14.19 -18.65 -13.05
CA PHE B 426 -15.21 -18.44 -12.03
C PHE B 426 -14.63 -18.59 -10.62
N CYS B 427 -14.17 -19.79 -10.30
CA CYS B 427 -13.61 -20.04 -8.97
C CYS B 427 -12.43 -19.14 -8.68
N ILE B 428 -11.65 -18.80 -9.70
CA ILE B 428 -10.53 -17.89 -9.51
C ILE B 428 -11.03 -16.49 -9.17
N ASP B 429 -12.11 -16.05 -9.81
CA ASP B 429 -12.69 -14.75 -9.45
C ASP B 429 -13.19 -14.75 -8.02
N ILE B 430 -13.83 -15.84 -7.60
CA ILE B 430 -14.28 -15.95 -6.21
C ILE B 430 -13.09 -15.88 -5.27
N LEU B 431 -12.01 -16.58 -5.62
CA LEU B 431 -10.80 -16.55 -4.79
C LEU B 431 -10.24 -15.15 -4.69
N LYS B 432 -10.21 -14.42 -5.79
CA LYS B 432 -9.70 -13.05 -5.76
C LYS B 432 -10.54 -12.16 -4.87
N LYS B 433 -11.86 -12.27 -4.97
CA LYS B 433 -12.74 -11.47 -4.12
C LYS B 433 -12.54 -11.82 -2.64
N LEU B 434 -12.43 -13.11 -2.34
CA LEU B 434 -12.20 -13.52 -0.96
C LEU B 434 -10.88 -12.98 -0.42
N SER B 435 -9.82 -13.06 -1.23
CA SER B 435 -8.53 -12.55 -0.81
C SER B 435 -8.59 -11.04 -0.57
N ARG B 436 -9.30 -10.32 -1.44
CA ARG B 436 -9.43 -8.88 -1.25
C ARG B 436 -10.17 -8.56 0.05
N THR B 437 -11.23 -9.30 0.35
CA THR B 437 -12.04 -8.97 1.53
C THR B 437 -11.36 -9.39 2.83
N VAL B 438 -11.01 -10.68 2.95
CA VAL B 438 -10.40 -11.19 4.17
C VAL B 438 -8.96 -10.74 4.33
N LYS B 439 -8.36 -10.16 3.29
CA LYS B 439 -7.02 -9.57 3.33
C LYS B 439 -5.96 -10.62 3.71
N PHE B 440 -5.77 -11.57 2.80
CA PHE B 440 -4.65 -12.50 2.87
C PHE B 440 -3.96 -12.56 1.51
N THR B 441 -2.94 -13.40 1.41
CA THR B 441 -2.23 -13.65 0.17
C THR B 441 -2.10 -15.16 -0.04
N TYR B 442 -2.03 -15.56 -1.31
CA TYR B 442 -2.09 -16.96 -1.68
C TYR B 442 -0.96 -17.31 -2.64
N ASP B 443 -0.77 -18.60 -2.88
CA ASP B 443 0.19 -19.09 -3.86
C ASP B 443 -0.37 -20.36 -4.47
N LEU B 444 -1.08 -20.20 -5.59
CA LEU B 444 -1.81 -21.31 -6.21
C LEU B 444 -0.85 -22.37 -6.73
N TYR B 445 -1.36 -23.59 -6.84
CA TYR B 445 -0.61 -24.65 -7.51
C TYR B 445 -1.57 -25.78 -7.87
N LEU B 446 -1.50 -26.23 -9.12
CA LEU B 446 -2.36 -27.31 -9.56
C LEU B 446 -1.92 -28.62 -8.93
N VAL B 447 -2.83 -29.59 -8.92
CA VAL B 447 -2.57 -30.89 -8.34
C VAL B 447 -2.32 -31.90 -9.45
N THR B 448 -1.58 -32.96 -9.13
CA THR B 448 -1.22 -33.98 -10.11
C THR B 448 -1.54 -35.38 -9.58
N ASN B 449 -1.47 -35.56 -8.26
CA ASN B 449 -1.68 -36.86 -7.64
C ASN B 449 -3.17 -37.11 -7.48
N GLY B 450 -3.80 -37.54 -8.58
CA GLY B 450 -5.19 -37.87 -8.57
C GLY B 450 -6.10 -36.74 -9.00
N LYS B 451 -7.39 -36.91 -8.71
CA LYS B 451 -8.40 -35.94 -9.09
C LYS B 451 -9.52 -35.97 -8.07
N HIS B 452 -9.88 -34.79 -7.55
CA HIS B 452 -10.92 -34.64 -6.54
C HIS B 452 -10.66 -35.57 -5.36
N GLY B 453 -11.50 -36.59 -5.20
CA GLY B 453 -11.28 -37.55 -4.12
C GLY B 453 -11.84 -38.92 -4.41
N LYS B 454 -10.99 -39.94 -4.34
CA LYS B 454 -11.40 -41.32 -4.62
C LYS B 454 -10.73 -42.27 -3.63
N LYS B 455 -10.82 -41.93 -2.35
CA LYS B 455 -10.10 -42.61 -1.26
C LYS B 455 -10.02 -44.12 -1.48
N VAL B 456 -8.80 -44.66 -1.34
CA VAL B 456 -8.55 -46.08 -1.48
C VAL B 456 -7.80 -46.56 -0.24
N ASN B 457 -8.35 -47.57 0.43
CA ASN B 457 -7.74 -48.14 1.62
C ASN B 457 -7.49 -47.06 2.69
N ASN B 458 -8.46 -46.15 2.82
CA ASN B 458 -8.36 -45.05 3.78
C ASN B 458 -7.12 -44.19 3.51
N VAL B 459 -6.79 -43.99 2.24
CA VAL B 459 -5.69 -43.13 1.83
C VAL B 459 -6.26 -42.14 0.82
N TRP B 460 -6.59 -40.94 1.29
CA TRP B 460 -7.19 -39.94 0.41
C TRP B 460 -6.18 -39.44 -0.62
N ASN B 461 -6.69 -39.10 -1.79
CA ASN B 461 -5.86 -38.54 -2.85
C ASN B 461 -6.48 -37.25 -3.38
N GLY B 462 -5.94 -36.71 -4.46
CA GLY B 462 -6.54 -35.55 -5.07
C GLY B 462 -6.52 -34.32 -4.17
N MET B 463 -7.44 -33.41 -4.46
CA MET B 463 -7.52 -32.18 -3.69
C MET B 463 -7.89 -32.47 -2.24
N ILE B 464 -8.80 -33.41 -2.02
CA ILE B 464 -9.17 -33.79 -0.65
C ILE B 464 -7.97 -34.37 0.09
N GLY B 465 -7.20 -35.21 -0.59
CA GLY B 465 -5.99 -35.75 0.04
C GLY B 465 -4.99 -34.68 0.40
N GLU B 466 -4.76 -33.74 -0.52
CA GLU B 466 -3.82 -32.66 -0.25
C GLU B 466 -4.28 -31.80 0.92
N VAL B 467 -5.59 -31.55 1.03
CA VAL B 467 -6.09 -30.76 2.14
C VAL B 467 -5.97 -31.54 3.45
N VAL B 468 -6.25 -32.84 3.42
CA VAL B 468 -6.29 -33.59 4.67
C VAL B 468 -4.90 -33.91 5.20
N TYR B 469 -3.90 -33.95 4.32
CA TYR B 469 -2.54 -34.24 4.77
C TYR B 469 -1.78 -33.00 5.21
N GLN B 470 -2.48 -31.91 5.53
CA GLN B 470 -1.87 -30.67 6.05
C GLN B 470 -0.87 -30.08 5.06
N ARG B 471 -1.03 -30.37 3.77
CA ARG B 471 -0.12 -29.86 2.76
C ARG B 471 -0.54 -28.51 2.19
N ALA B 472 -1.84 -28.21 2.19
CA ALA B 472 -2.32 -26.93 1.66
C ALA B 472 -3.73 -26.71 2.14
N VAL B 473 -3.97 -25.60 2.85
CA VAL B 473 -5.33 -25.26 3.23
C VAL B 473 -6.09 -24.76 2.01
N MET B 474 -7.42 -24.86 2.08
CA MET B 474 -8.33 -24.37 1.04
C MET B 474 -8.22 -25.22 -0.23
N ALA B 475 -9.32 -25.41 -0.94
CA ALA B 475 -9.35 -26.24 -2.13
C ALA B 475 -10.23 -25.63 -3.20
N VAL B 476 -10.06 -24.32 -3.43
CA VAL B 476 -10.89 -23.58 -4.39
C VAL B 476 -10.92 -24.29 -5.73
N GLY B 477 -12.11 -24.66 -6.19
CA GLY B 477 -12.24 -25.36 -7.45
C GLY B 477 -13.66 -25.88 -7.62
N SER B 478 -13.78 -26.91 -8.46
CA SER B 478 -15.07 -27.55 -8.73
C SER B 478 -15.16 -28.79 -7.86
N LEU B 479 -15.50 -28.58 -6.59
CA LEU B 479 -15.63 -29.64 -5.61
C LEU B 479 -17.08 -29.74 -5.17
N THR B 480 -17.65 -30.93 -5.22
CA THR B 480 -19.05 -31.13 -4.87
C THR B 480 -19.17 -31.61 -3.42
N ILE B 481 -20.13 -31.03 -2.70
CA ILE B 481 -20.34 -31.37 -1.30
C ILE B 481 -20.97 -32.75 -1.20
N ASN B 482 -20.40 -33.58 -0.33
CA ASN B 482 -20.88 -34.94 -0.14
C ASN B 482 -20.92 -35.21 1.37
N GLU B 483 -21.09 -36.47 1.74
CA GLU B 483 -21.17 -36.85 3.14
C GLU B 483 -19.84 -37.33 3.70
N GLU B 484 -19.16 -38.25 3.01
CA GLU B 484 -17.88 -38.74 3.48
C GLU B 484 -16.84 -37.62 3.54
N ARG B 485 -16.77 -36.82 2.49
CA ARG B 485 -15.86 -35.69 2.48
C ARG B 485 -16.16 -34.74 3.63
N SER B 486 -17.44 -34.42 3.83
CA SER B 486 -17.82 -33.56 4.94
C SER B 486 -17.53 -34.20 6.28
N GLU B 487 -17.52 -35.53 6.33
CA GLU B 487 -17.11 -36.20 7.57
C GLU B 487 -15.63 -36.02 7.83
N VAL B 488 -14.81 -36.02 6.78
CA VAL B 488 -13.37 -35.90 6.95
C VAL B 488 -12.94 -34.43 6.96
N VAL B 489 -13.16 -33.73 5.85
CA VAL B 489 -12.73 -32.35 5.68
C VAL B 489 -13.95 -31.46 5.47
N ASP B 490 -14.14 -30.51 6.37
CA ASP B 490 -15.37 -29.71 6.37
C ASP B 490 -15.35 -28.67 5.27
N PHE B 491 -16.54 -28.32 4.79
CA PHE B 491 -16.72 -27.37 3.70
C PHE B 491 -17.28 -26.07 4.24
N SER B 492 -17.42 -25.09 3.34
CA SER B 492 -18.13 -23.85 3.62
C SER B 492 -19.49 -23.89 2.93
N VAL B 493 -20.22 -22.79 3.01
CA VAL B 493 -21.57 -22.77 2.43
C VAL B 493 -21.47 -22.86 0.92
N PRO B 494 -22.36 -23.59 0.26
CA PRO B 494 -22.28 -23.70 -1.20
C PRO B 494 -22.51 -22.37 -1.89
N PHE B 495 -21.81 -22.15 -2.99
CA PHE B 495 -22.01 -20.94 -3.78
C PHE B 495 -22.53 -21.19 -5.19
N VAL B 496 -22.64 -22.45 -5.62
CA VAL B 496 -23.26 -22.80 -6.90
C VAL B 496 -24.01 -24.11 -6.69
N GLU B 497 -25.30 -24.13 -7.04
CA GLU B 497 -26.09 -25.35 -6.89
C GLU B 497 -25.93 -26.25 -8.10
N THR B 498 -25.90 -27.55 -7.85
CA THR B 498 -25.67 -28.54 -8.90
C THR B 498 -26.15 -29.90 -8.42
N GLY B 499 -26.08 -30.88 -9.29
CA GLY B 499 -26.54 -32.21 -8.97
C GLY B 499 -26.28 -33.15 -10.12
N ILE B 500 -26.91 -34.32 -10.06
CA ILE B 500 -26.72 -35.35 -11.09
C ILE B 500 -27.79 -35.16 -12.16
N SER B 501 -27.35 -35.08 -13.43
CA SER B 501 -28.28 -34.92 -14.54
C SER B 501 -27.70 -35.58 -15.76
N VAL B 502 -28.56 -35.80 -16.76
CA VAL B 502 -28.24 -36.61 -17.92
C VAL B 502 -28.50 -35.80 -19.20
N MET B 503 -27.58 -35.89 -20.15
CA MET B 503 -27.82 -35.40 -21.50
C MET B 503 -28.20 -36.58 -22.39
N VAL B 504 -29.15 -36.34 -23.28
CA VAL B 504 -29.51 -37.28 -24.33
C VAL B 504 -29.64 -36.49 -25.62
N SER B 505 -28.94 -36.92 -26.67
CA SER B 505 -28.98 -36.23 -27.94
C SER B 505 -30.04 -36.86 -28.83
N ARG B 506 -30.91 -36.02 -29.39
CA ARG B 506 -31.88 -36.49 -30.37
C ARG B 506 -31.29 -36.35 -31.76
N SER B 507 -31.36 -37.42 -32.56
CA SER B 507 -30.74 -37.42 -33.87
C SER B 507 -31.40 -36.40 -34.79
N ASN B 508 -32.73 -36.30 -34.75
CA ASN B 508 -33.48 -35.40 -35.60
C ASN B 508 -34.32 -34.46 -34.75
N GLY B 509 -34.72 -33.34 -35.35
CA GLY B 509 -35.49 -32.35 -34.62
C GLY B 509 -36.84 -32.91 -34.19
N THR B 510 -37.31 -32.43 -33.04
CA THR B 510 -38.57 -32.87 -32.46
C THR B 510 -39.69 -32.00 -33.01
N VAL B 511 -40.52 -32.58 -33.87
CA VAL B 511 -41.67 -31.89 -34.46
C VAL B 511 -42.90 -32.75 -34.20
N SER B 512 -43.93 -32.15 -33.61
CA SER B 512 -45.19 -32.84 -33.31
C SER B 512 -46.31 -32.21 -34.11
N PRO B 513 -46.79 -32.87 -35.17
CA PRO B 513 -47.90 -32.30 -35.95
C PRO B 513 -49.17 -32.11 -35.14
N SER B 514 -49.45 -33.01 -34.20
CA SER B 514 -50.63 -32.93 -33.33
C SER B 514 -51.91 -32.83 -34.15
N ALA B 515 -52.18 -33.88 -34.93
CA ALA B 515 -53.35 -33.92 -35.79
C ALA B 515 -54.66 -34.06 -35.02
N PHE B 516 -54.61 -34.36 -33.73
CA PHE B 516 -55.80 -34.52 -32.91
C PHE B 516 -55.82 -33.62 -31.68
N LEU B 517 -54.85 -32.72 -31.53
CA LEU B 517 -54.80 -31.84 -30.37
C LEU B 517 -55.85 -30.75 -30.42
N GLU B 518 -56.59 -30.62 -31.52
CA GLU B 518 -57.62 -29.61 -31.62
C GLU B 518 -58.73 -29.87 -30.59
N PRO B 519 -59.44 -28.83 -30.15
CA PRO B 519 -60.49 -29.02 -29.15
C PRO B 519 -61.76 -29.64 -29.71
N PHE B 520 -61.69 -30.15 -30.93
CA PHE B 520 -62.84 -30.77 -31.57
C PHE B 520 -63.12 -32.14 -30.94
N SER B 521 -64.10 -32.84 -31.52
CA SER B 521 -64.53 -34.15 -31.03
C SER B 521 -65.00 -34.08 -29.58
N ALA B 522 -65.62 -32.96 -29.19
CA ALA B 522 -66.11 -32.78 -27.84
C ALA B 522 -67.57 -32.34 -27.87
N SER B 523 -68.10 -31.89 -26.72
CA SER B 523 -69.48 -31.42 -26.68
C SER B 523 -69.71 -30.25 -27.62
N VAL B 524 -68.67 -29.45 -27.89
CA VAL B 524 -68.81 -28.36 -28.85
C VAL B 524 -69.06 -28.89 -30.24
N TRP B 525 -68.35 -29.96 -30.62
CA TRP B 525 -68.57 -30.55 -31.94
C TRP B 525 -69.97 -31.13 -32.07
N VAL B 526 -70.47 -31.79 -31.02
CA VAL B 526 -71.82 -32.33 -31.05
C VAL B 526 -72.85 -31.21 -31.12
N MET B 527 -72.62 -30.12 -30.39
CA MET B 527 -73.53 -28.98 -30.46
C MET B 527 -73.55 -28.38 -31.86
N MET B 528 -72.38 -28.25 -32.48
CA MET B 528 -72.33 -27.75 -33.85
C MET B 528 -73.06 -28.69 -34.80
N PHE B 529 -72.89 -30.00 -34.61
CA PHE B 529 -73.57 -30.96 -35.47
C PHE B 529 -75.09 -30.88 -35.33
N VAL B 530 -75.59 -30.78 -34.10
CA VAL B 530 -77.04 -30.73 -33.91
C VAL B 530 -77.59 -29.40 -34.41
N MET B 531 -76.85 -28.31 -34.24
CA MET B 531 -77.28 -27.03 -34.82
C MET B 531 -77.33 -27.11 -36.34
N LEU B 532 -76.34 -27.74 -36.94
CA LEU B 532 -76.32 -27.92 -38.39
C LEU B 532 -77.52 -28.75 -38.85
N LEU B 533 -77.82 -29.84 -38.14
CA LEU B 533 -78.97 -30.66 -38.50
C LEU B 533 -80.28 -29.89 -38.36
N ILE B 534 -80.41 -29.11 -37.29
CA ILE B 534 -81.63 -28.33 -37.09
C ILE B 534 -81.80 -27.30 -38.19
N VAL B 535 -80.70 -26.63 -38.57
CA VAL B 535 -80.76 -25.63 -39.64
C VAL B 535 -81.14 -26.30 -40.95
N SER B 536 -80.57 -27.47 -41.24
CA SER B 536 -80.91 -28.18 -42.46
C SER B 536 -82.38 -28.58 -42.48
N ALA B 537 -82.90 -29.07 -41.34
CA ALA B 537 -84.31 -29.43 -41.27
C ALA B 537 -85.21 -28.23 -41.45
N ILE B 538 -84.83 -27.09 -40.86
CA ILE B 538 -85.62 -25.87 -41.03
C ILE B 538 -85.63 -25.42 -42.48
N ALA B 539 -84.47 -25.49 -43.14
CA ALA B 539 -84.39 -25.13 -44.55
C ALA B 539 -85.26 -26.07 -45.41
N VAL B 540 -85.23 -27.37 -45.09
CA VAL B 540 -86.05 -28.32 -45.82
C VAL B 540 -87.54 -28.00 -45.64
N PHE B 541 -87.94 -27.71 -44.41
CA PHE B 541 -89.34 -27.37 -44.15
C PHE B 541 -89.74 -26.09 -44.88
N VAL B 542 -88.86 -25.08 -44.88
CA VAL B 542 -89.16 -23.83 -45.58
C VAL B 542 -89.29 -24.06 -47.07
N PHE B 543 -88.39 -24.85 -47.64
CA PHE B 543 -88.48 -25.17 -49.07
C PHE B 543 -89.76 -25.91 -49.39
N GLU B 544 -90.14 -26.88 -48.54
CA GLU B 544 -91.40 -27.58 -48.72
C GLU B 544 -92.60 -26.70 -48.45
N TYR B 545 -92.44 -25.61 -47.72
CA TYR B 545 -93.52 -24.68 -47.44
C TYR B 545 -93.64 -23.65 -48.56
N PHE B 566 -88.20 -35.88 -50.18
CA PHE B 566 -87.14 -36.47 -51.00
C PHE B 566 -85.97 -35.51 -51.16
N THR B 567 -86.25 -34.21 -51.02
CA THR B 567 -85.22 -33.18 -51.16
C THR B 567 -84.43 -32.94 -49.89
N ILE B 568 -84.75 -33.65 -48.80
CA ILE B 568 -84.03 -33.47 -47.54
C ILE B 568 -82.56 -33.83 -47.71
N GLY B 569 -82.28 -34.95 -48.38
CA GLY B 569 -80.91 -35.37 -48.59
C GLY B 569 -80.14 -34.39 -49.46
N LYS B 570 -80.76 -33.92 -50.54
CA LYS B 570 -80.10 -32.96 -51.42
C LYS B 570 -79.82 -31.65 -50.69
N ALA B 571 -80.78 -31.17 -49.89
CA ALA B 571 -80.56 -29.95 -49.14
C ALA B 571 -79.46 -30.12 -48.11
N ILE B 572 -79.42 -31.27 -47.44
CA ILE B 572 -78.37 -31.54 -46.46
C ILE B 572 -77.01 -31.56 -47.15
N TRP B 573 -76.93 -32.21 -48.31
CA TRP B 573 -75.67 -32.26 -49.05
C TRP B 573 -75.22 -30.87 -49.48
N LEU B 574 -76.16 -30.05 -49.97
CA LEU B 574 -75.82 -28.69 -50.39
C LEU B 574 -75.32 -27.87 -49.20
N LEU B 575 -75.99 -27.98 -48.06
CA LEU B 575 -75.56 -27.24 -46.87
C LEU B 575 -74.19 -27.71 -46.39
N TRP B 576 -73.96 -29.03 -46.39
CA TRP B 576 -72.66 -29.55 -45.99
C TRP B 576 -71.56 -29.06 -46.93
N GLY B 577 -71.84 -29.03 -48.23
CA GLY B 577 -70.86 -28.49 -49.17
C GLY B 577 -70.59 -27.02 -48.90
N LEU B 578 -71.65 -26.22 -48.77
CA LEU B 578 -71.48 -24.79 -48.49
C LEU B 578 -70.66 -24.58 -47.23
N VAL B 579 -70.78 -25.48 -46.25
CA VAL B 579 -69.90 -25.43 -45.09
C VAL B 579 -68.47 -25.76 -45.48
N PHE B 580 -68.29 -26.81 -46.29
CA PHE B 580 -66.96 -27.31 -46.64
C PHE B 580 -66.45 -26.76 -47.98
N ASN B 581 -67.15 -27.05 -49.07
CA ASN B 581 -66.70 -26.66 -50.41
C ASN B 581 -67.91 -26.36 -51.28
N ASN B 582 -67.87 -25.20 -51.95
CA ASN B 582 -69.01 -24.69 -52.70
C ASN B 582 -69.19 -25.37 -54.05
N SER B 583 -68.56 -26.52 -54.28
CA SER B 583 -68.68 -27.26 -55.54
C SER B 583 -69.66 -28.42 -55.44
N VAL B 584 -70.73 -28.25 -54.67
CA VAL B 584 -71.74 -29.30 -54.50
C VAL B 584 -73.05 -28.83 -55.13
N PRO B 585 -73.41 -29.32 -56.32
CA PRO B 585 -74.65 -28.85 -56.96
C PRO B 585 -75.87 -29.56 -56.40
N VAL B 586 -76.89 -28.77 -56.06
CA VAL B 586 -78.16 -29.30 -55.58
C VAL B 586 -79.23 -28.25 -55.81
N GLN B 587 -80.44 -28.70 -56.11
CA GLN B 587 -81.56 -27.81 -56.41
C GLN B 587 -82.66 -27.89 -55.35
N ASN B 588 -82.40 -28.49 -54.20
CA ASN B 588 -83.42 -28.59 -53.16
C ASN B 588 -83.86 -27.23 -52.63
N PRO B 589 -82.95 -26.30 -52.25
CA PRO B 589 -83.43 -25.00 -51.76
C PRO B 589 -83.62 -23.98 -52.87
N LYS B 590 -84.79 -23.34 -52.91
CA LYS B 590 -85.09 -22.33 -53.92
C LYS B 590 -86.19 -21.43 -53.38
N GLY B 591 -85.86 -20.18 -53.13
CA GLY B 591 -86.83 -19.24 -52.62
C GLY B 591 -86.17 -17.95 -52.20
N THR B 592 -86.94 -17.12 -51.48
CA THR B 592 -86.43 -15.87 -50.94
C THR B 592 -85.95 -16.03 -49.50
N THR B 593 -86.83 -16.53 -48.63
CA THR B 593 -86.42 -16.85 -47.26
C THR B 593 -85.35 -17.94 -47.26
N SER B 594 -85.49 -18.92 -48.15
CA SER B 594 -84.46 -19.95 -48.29
C SER B 594 -83.15 -19.34 -48.76
N LYS B 595 -83.22 -18.35 -49.66
CA LYS B 595 -82.01 -17.66 -50.09
C LYS B 595 -81.36 -16.91 -48.92
N ILE B 596 -82.17 -16.27 -48.09
CA ILE B 596 -81.64 -15.56 -46.93
C ILE B 596 -80.96 -16.53 -45.97
N MET B 597 -81.60 -17.68 -45.73
CA MET B 597 -81.02 -18.69 -44.86
C MET B 597 -79.71 -19.23 -45.44
N VAL B 598 -79.67 -19.45 -46.75
CA VAL B 598 -78.46 -19.93 -47.39
C VAL B 598 -77.33 -18.91 -47.29
N SER B 599 -77.66 -17.62 -47.48
CA SER B 599 -76.66 -16.58 -47.34
C SER B 599 -76.13 -16.49 -45.92
N VAL B 600 -77.02 -16.60 -44.93
CA VAL B 600 -76.59 -16.58 -43.53
C VAL B 600 -75.69 -17.78 -43.25
N TRP B 601 -76.05 -18.95 -43.76
CA TRP B 601 -75.24 -20.14 -43.55
C TRP B 601 -73.86 -20.00 -44.22
N ALA B 602 -73.84 -19.41 -45.41
CA ALA B 602 -72.56 -19.20 -46.10
C ALA B 602 -71.67 -18.22 -45.33
N PHE B 603 -72.26 -17.15 -44.79
CA PHE B 603 -71.48 -16.21 -43.98
C PHE B 603 -70.97 -16.89 -42.72
N PHE B 604 -71.80 -17.72 -42.09
CA PHE B 604 -71.38 -18.45 -40.89
C PHE B 604 -70.23 -19.40 -41.20
N ALA B 605 -70.32 -20.12 -42.33
CA ALA B 605 -69.26 -21.04 -42.73
C ALA B 605 -67.97 -20.29 -43.05
N VAL B 606 -68.09 -19.13 -43.70
CA VAL B 606 -66.91 -18.33 -44.00
C VAL B 606 -66.23 -17.87 -42.72
N ILE B 607 -67.03 -17.40 -41.76
CA ILE B 607 -66.47 -16.99 -40.47
C ILE B 607 -65.80 -18.17 -39.77
N PHE B 608 -66.45 -19.34 -39.80
CA PHE B 608 -65.89 -20.51 -39.14
C PHE B 608 -64.56 -20.93 -39.76
N LEU B 609 -64.48 -20.94 -41.09
CA LEU B 609 -63.23 -21.33 -41.73
C LEU B 609 -62.13 -20.30 -41.50
N ALA B 610 -62.48 -19.00 -41.49
CA ALA B 610 -61.50 -17.98 -41.17
C ALA B 610 -60.98 -18.15 -39.75
N SER B 611 -61.88 -18.43 -38.80
CA SER B 611 -61.45 -18.67 -37.42
C SER B 611 -60.57 -19.90 -37.32
N TYR B 612 -60.90 -20.95 -38.07
CA TYR B 612 -60.07 -22.16 -38.05
C TYR B 612 -58.69 -21.88 -38.62
N THR B 613 -58.60 -21.09 -39.68
CA THR B 613 -57.30 -20.73 -40.24
C THR B 613 -56.50 -19.90 -39.25
N ALA B 614 -57.16 -18.97 -38.56
CA ALA B 614 -56.47 -18.18 -37.54
C ALA B 614 -55.96 -19.06 -36.40
N ASN B 615 -56.78 -20.03 -35.98
CA ASN B 615 -56.35 -20.95 -34.93
C ASN B 615 -55.17 -21.81 -35.40
N LEU B 616 -55.19 -22.24 -36.67
CA LEU B 616 -54.06 -22.99 -37.21
C LEU B 616 -52.80 -22.15 -37.24
N ALA B 617 -52.92 -20.87 -37.59
CA ALA B 617 -51.77 -19.97 -37.56
C ALA B 617 -51.23 -19.81 -36.14
N ALA B 618 -52.13 -19.65 -35.16
CA ALA B 618 -51.70 -19.54 -33.77
C ALA B 618 -51.01 -20.81 -33.31
N PHE B 619 -51.54 -21.97 -33.69
CA PHE B 619 -50.92 -23.24 -33.35
C PHE B 619 -49.54 -23.36 -33.97
N MET B 620 -49.39 -22.92 -35.23
CA MET B 620 -48.08 -22.92 -35.87
C MET B 620 -47.12 -21.99 -35.16
N ILE B 621 -47.63 -20.90 -34.57
CA ILE B 621 -46.77 -20.02 -33.78
C ILE B 621 -46.21 -20.77 -32.57
N GLN B 622 -47.05 -21.53 -31.88
CA GLN B 622 -46.64 -22.22 -30.66
C GLN B 622 -45.79 -23.44 -30.99
N GLU B 623 -45.47 -24.21 -29.96
CA GLU B 623 -44.68 -25.42 -30.11
C GLU B 623 -45.06 -26.42 -29.02
N GLU B 624 -44.76 -27.68 -29.26
CA GLU B 624 -45.08 -28.77 -28.32
C GLU B 624 -43.94 -29.78 -28.35
N PHE B 625 -43.07 -29.74 -27.34
CA PHE B 625 -41.97 -30.68 -27.21
C PHE B 625 -42.10 -31.41 -25.88
N VAL B 626 -41.91 -32.72 -25.91
CA VAL B 626 -42.04 -33.55 -24.72
C VAL B 626 -40.67 -34.12 -24.35
N ASP B 627 -40.54 -34.55 -23.10
CA ASP B 627 -39.28 -35.07 -22.61
C ASP B 627 -39.01 -36.45 -23.18
N GLN B 628 -37.72 -36.75 -23.37
CA GLN B 628 -37.32 -38.04 -23.96
C GLN B 628 -37.55 -39.19 -22.99
N VAL B 629 -37.12 -39.01 -21.73
CA VAL B 629 -37.24 -40.08 -20.73
C VAL B 629 -38.00 -39.55 -19.52
N THR B 630 -37.63 -38.36 -19.05
CA THR B 630 -38.27 -37.70 -17.92
C THR B 630 -38.22 -38.56 -16.65
N GLY B 631 -37.11 -39.26 -16.46
CA GLY B 631 -36.93 -40.05 -15.26
C GLY B 631 -35.55 -40.63 -15.07
N LEU B 632 -34.97 -40.43 -13.89
CA LEU B 632 -33.69 -41.05 -13.58
C LEU B 632 -33.87 -42.48 -13.08
N SER B 633 -34.90 -42.71 -12.28
CA SER B 633 -35.28 -44.07 -11.89
C SER B 633 -36.32 -44.63 -12.85
N ASP B 634 -36.02 -44.54 -14.14
CA ASP B 634 -36.92 -44.98 -15.18
C ASP B 634 -36.84 -46.49 -15.35
N LYS B 635 -37.84 -47.03 -16.05
CA LYS B 635 -37.79 -48.44 -16.41
C LYS B 635 -36.59 -48.73 -17.30
N LYS B 636 -36.24 -47.78 -18.17
CA LYS B 636 -35.09 -47.96 -19.05
C LYS B 636 -33.81 -48.15 -18.24
N PHE B 637 -33.62 -47.34 -17.19
CA PHE B 637 -32.45 -47.52 -16.33
C PHE B 637 -32.77 -48.45 -15.17
N GLN B 638 -33.40 -49.58 -15.46
CA GLN B 638 -33.53 -50.66 -14.49
C GLN B 638 -33.32 -52.05 -15.08
N ARG B 639 -33.57 -52.24 -16.37
CA ARG B 639 -33.38 -53.51 -17.06
C ARG B 639 -33.36 -53.25 -18.56
N PRO B 640 -32.38 -52.51 -19.07
CA PRO B 640 -32.38 -52.18 -20.51
C PRO B 640 -32.04 -53.34 -21.42
N HIS B 641 -31.53 -54.45 -20.87
CA HIS B 641 -31.27 -55.62 -21.70
C HIS B 641 -32.56 -56.16 -22.30
N ASP B 642 -33.60 -56.31 -21.47
CA ASP B 642 -34.91 -56.73 -21.97
C ASP B 642 -35.79 -55.52 -22.29
N TYR B 643 -35.23 -54.57 -23.03
CA TYR B 643 -36.01 -53.43 -23.52
C TYR B 643 -35.23 -52.84 -24.70
N SER B 644 -35.68 -53.16 -25.93
CA SER B 644 -35.08 -52.62 -27.15
C SER B 644 -33.62 -53.06 -27.26
N PRO B 645 -32.87 -52.61 -28.27
CA PRO B 645 -31.43 -52.81 -28.24
C PRO B 645 -30.83 -52.21 -26.99
N PRO B 646 -29.77 -52.82 -26.46
CA PRO B 646 -29.25 -52.39 -25.14
C PRO B 646 -28.82 -50.93 -25.13
N PHE B 647 -29.08 -50.28 -24.00
CA PHE B 647 -28.81 -48.85 -23.86
C PHE B 647 -27.34 -48.61 -23.51
N ARG B 648 -27.01 -47.34 -23.30
CA ARG B 648 -25.66 -46.91 -23.00
C ARG B 648 -25.63 -46.14 -21.69
N PHE B 649 -24.60 -46.41 -20.88
CA PHE B 649 -24.40 -45.75 -19.60
C PHE B 649 -23.14 -44.91 -19.69
N GLY B 650 -23.30 -43.58 -19.60
CA GLY B 650 -22.16 -42.69 -19.69
C GLY B 650 -21.81 -42.03 -18.37
N THR B 651 -20.72 -42.48 -17.75
CA THR B 651 -20.18 -41.87 -16.53
C THR B 651 -18.69 -41.65 -16.72
N VAL B 652 -18.03 -41.20 -15.66
CA VAL B 652 -16.57 -41.17 -15.60
C VAL B 652 -16.17 -41.82 -14.28
N PRO B 653 -15.00 -42.45 -14.20
CA PRO B 653 -14.58 -43.10 -12.96
C PRO B 653 -14.01 -42.10 -11.97
N ASN B 654 -13.90 -42.55 -10.71
CA ASN B 654 -13.26 -41.78 -9.65
C ASN B 654 -13.88 -40.41 -9.47
N GLY B 655 -15.20 -40.32 -9.65
CA GLY B 655 -15.94 -39.09 -9.47
C GLY B 655 -16.80 -39.11 -8.23
N SER B 656 -17.70 -38.14 -8.16
CA SER B 656 -18.69 -38.11 -7.10
C SER B 656 -20.00 -38.75 -7.52
N THR B 657 -20.38 -38.58 -8.79
CA THR B 657 -21.59 -39.22 -9.29
C THR B 657 -21.45 -40.73 -9.28
N GLU B 658 -20.28 -41.24 -9.63
CA GLU B 658 -20.08 -42.68 -9.66
C GLU B 658 -20.24 -43.29 -8.28
N ARG B 659 -19.67 -42.65 -7.26
CA ARG B 659 -19.77 -43.19 -5.90
C ARG B 659 -21.22 -43.23 -5.45
N ASN B 660 -21.95 -42.13 -5.63
CA ASN B 660 -23.34 -42.09 -5.20
C ASN B 660 -24.18 -43.11 -5.95
N ILE B 661 -23.99 -43.23 -7.27
CA ILE B 661 -24.79 -44.15 -8.05
C ILE B 661 -24.49 -45.59 -7.68
N ARG B 662 -23.22 -45.92 -7.46
CA ARG B 662 -22.89 -47.27 -7.02
C ARG B 662 -23.49 -47.57 -5.66
N ASN B 663 -23.43 -46.61 -4.73
CA ASN B 663 -23.91 -46.88 -3.39
C ASN B 663 -25.44 -46.95 -3.33
N ASN B 664 -26.13 -46.27 -4.26
CA ASN B 664 -27.59 -46.28 -4.22
C ASN B 664 -28.14 -47.61 -4.72
N TYR B 665 -27.86 -47.95 -5.98
CA TYR B 665 -28.28 -49.23 -6.52
C TYR B 665 -27.19 -49.81 -7.41
N PRO B 666 -26.54 -50.89 -6.98
CA PRO B 666 -25.34 -51.36 -7.68
C PRO B 666 -25.56 -51.82 -9.12
N TYR B 667 -26.74 -52.35 -9.45
CA TYR B 667 -26.92 -53.02 -10.73
C TYR B 667 -26.61 -52.09 -11.91
N MET B 668 -27.05 -50.84 -11.81
CA MET B 668 -26.75 -49.87 -12.87
C MET B 668 -25.25 -49.69 -13.02
N HIS B 669 -24.50 -49.75 -11.91
CA HIS B 669 -23.05 -49.64 -12.00
C HIS B 669 -22.43 -50.88 -12.62
N GLN B 670 -22.91 -52.06 -12.23
CA GLN B 670 -22.39 -53.30 -12.82
C GLN B 670 -22.59 -53.31 -14.33
N TYR B 671 -23.73 -52.80 -14.79
CA TYR B 671 -23.91 -52.63 -16.23
C TYR B 671 -22.97 -51.56 -16.78
N MET B 672 -22.81 -50.45 -16.04
CA MET B 672 -22.16 -49.25 -16.56
C MET B 672 -20.67 -49.43 -16.81
N THR B 673 -20.05 -50.52 -16.33
CA THR B 673 -18.62 -50.70 -16.52
C THR B 673 -18.25 -50.79 -17.99
N LYS B 674 -19.20 -51.14 -18.86
CA LYS B 674 -18.90 -51.27 -20.28
C LYS B 674 -18.47 -49.94 -20.88
N PHE B 675 -19.15 -48.85 -20.53
CA PHE B 675 -18.89 -47.55 -21.11
C PHE B 675 -18.52 -46.58 -19.99
N ASN B 676 -17.26 -46.16 -19.96
CA ASN B 676 -16.80 -45.10 -19.06
C ASN B 676 -15.63 -44.42 -19.72
N GLN B 677 -15.85 -43.21 -20.21
CA GLN B 677 -14.88 -42.53 -21.06
C GLN B 677 -13.73 -41.98 -20.22
N LYS B 678 -12.84 -41.22 -20.88
CA LYS B 678 -11.70 -40.64 -20.19
C LYS B 678 -12.06 -39.31 -19.53
N GLY B 679 -12.87 -38.50 -20.19
CA GLY B 679 -13.21 -37.17 -19.68
C GLY B 679 -14.58 -36.75 -20.13
N VAL B 680 -14.70 -35.50 -20.54
CA VAL B 680 -15.97 -34.91 -20.95
C VAL B 680 -16.01 -34.66 -22.45
N GLU B 681 -14.95 -34.07 -23.01
CA GLU B 681 -14.94 -33.78 -24.44
C GLU B 681 -15.01 -35.05 -25.26
N ASP B 682 -14.23 -36.07 -24.88
CA ASP B 682 -14.24 -37.33 -25.62
C ASP B 682 -15.59 -38.00 -25.55
N ALA B 683 -16.21 -38.02 -24.36
CA ALA B 683 -17.52 -38.63 -24.22
C ALA B 683 -18.57 -37.91 -25.06
N LEU B 684 -18.54 -36.58 -25.06
CA LEU B 684 -19.50 -35.82 -25.85
C LEU B 684 -19.30 -36.07 -27.34
N VAL B 685 -18.04 -36.14 -27.79
CA VAL B 685 -17.78 -36.40 -29.20
C VAL B 685 -18.28 -37.78 -29.59
N SER B 686 -18.00 -38.79 -28.76
CA SER B 686 -18.45 -40.14 -29.04
C SER B 686 -19.97 -40.22 -29.05
N LEU B 687 -20.62 -39.52 -28.13
CA LEU B 687 -22.09 -39.48 -28.11
C LEU B 687 -22.63 -38.85 -29.38
N LYS B 688 -22.01 -37.76 -29.85
CA LYS B 688 -22.44 -37.14 -31.10
C LYS B 688 -22.20 -38.07 -32.27
N THR B 689 -21.20 -38.95 -32.18
CA THR B 689 -20.97 -39.95 -33.21
C THR B 689 -22.03 -41.05 -33.20
N GLY B 690 -22.90 -41.08 -32.18
CA GLY B 690 -23.95 -42.06 -32.11
C GLY B 690 -23.62 -43.33 -31.36
N LYS B 691 -22.40 -43.45 -30.82
CA LYS B 691 -22.03 -44.65 -30.07
C LYS B 691 -22.85 -44.78 -28.80
N LEU B 692 -23.08 -43.69 -28.10
CA LEU B 692 -23.81 -43.68 -26.83
C LEU B 692 -25.18 -43.03 -27.01
N ASP B 693 -26.00 -43.16 -25.98
CA ASP B 693 -27.35 -42.59 -25.99
C ASP B 693 -27.62 -41.64 -24.84
N ALA B 694 -27.04 -41.90 -23.66
CA ALA B 694 -27.26 -41.06 -22.49
C ALA B 694 -25.96 -40.89 -21.73
N PHE B 695 -25.72 -39.68 -21.22
CA PHE B 695 -24.53 -39.37 -20.44
C PHE B 695 -24.95 -38.73 -19.13
N ILE B 696 -24.58 -39.37 -18.01
CA ILE B 696 -24.98 -38.92 -16.68
C ILE B 696 -23.78 -38.36 -15.94
N TYR B 697 -23.89 -37.12 -15.50
CA TYR B 697 -22.75 -36.40 -14.92
C TYR B 697 -23.29 -35.26 -14.06
N ASP B 698 -22.43 -34.29 -13.74
CA ASP B 698 -22.81 -33.14 -12.92
C ASP B 698 -23.88 -32.30 -13.60
N ALA B 699 -24.33 -31.22 -12.95
CA ALA B 699 -25.37 -30.40 -13.52
C ALA B 699 -24.87 -29.10 -14.12
N ALA B 700 -23.99 -28.38 -13.40
CA ALA B 700 -23.55 -27.07 -13.89
C ALA B 700 -22.72 -27.20 -15.16
N VAL B 701 -21.77 -28.14 -15.17
CA VAL B 701 -20.96 -28.32 -16.37
C VAL B 701 -21.82 -28.85 -17.52
N LEU B 702 -22.81 -29.68 -17.23
CA LEU B 702 -23.71 -30.16 -18.26
C LEU B 702 -24.50 -29.02 -18.89
N ASN B 703 -25.04 -28.14 -18.05
CA ASN B 703 -25.78 -27.00 -18.56
C ASN B 703 -24.89 -26.09 -19.39
N TYR B 704 -23.67 -25.84 -18.90
CA TYR B 704 -22.75 -25.00 -19.66
C TYR B 704 -22.39 -25.62 -20.99
N LYS B 705 -22.11 -26.93 -21.00
CA LYS B 705 -21.74 -27.60 -22.24
C LYS B 705 -22.88 -27.59 -23.24
N ALA B 706 -24.09 -27.92 -22.79
CA ALA B 706 -25.24 -27.95 -23.70
C ALA B 706 -25.56 -26.56 -24.23
N GLY B 707 -25.47 -25.54 -23.36
CA GLY B 707 -25.80 -24.19 -23.79
C GLY B 707 -24.84 -23.67 -24.86
N ARG B 708 -23.56 -23.99 -24.73
CA ARG B 708 -22.54 -23.53 -25.67
C ARG B 708 -22.15 -24.62 -26.67
N ASP B 709 -23.09 -25.48 -27.02
CA ASP B 709 -22.81 -26.57 -27.95
C ASP B 709 -22.80 -26.06 -29.39
N GLU B 710 -22.38 -26.93 -30.30
CA GLU B 710 -22.30 -26.60 -31.72
C GLU B 710 -23.66 -26.83 -32.36
N GLY B 711 -24.36 -25.73 -32.68
CA GLY B 711 -25.66 -25.81 -33.31
C GLY B 711 -26.83 -26.08 -32.40
N CYS B 712 -26.60 -26.17 -31.08
CA CYS B 712 -27.65 -26.46 -30.11
C CYS B 712 -28.41 -27.73 -30.47
N LYS B 713 -27.66 -28.77 -30.84
CA LYS B 713 -28.23 -30.07 -31.15
C LYS B 713 -28.20 -31.03 -29.96
N LEU B 714 -27.78 -30.57 -28.79
CA LEU B 714 -27.70 -31.38 -27.59
C LEU B 714 -28.59 -30.78 -26.51
N VAL B 715 -29.20 -31.65 -25.70
CA VAL B 715 -30.10 -31.19 -24.65
C VAL B 715 -30.17 -32.26 -23.57
N THR B 716 -30.47 -31.85 -22.36
CA THR B 716 -30.64 -32.77 -21.24
C THR B 716 -31.98 -33.49 -21.34
N ILE B 717 -32.01 -34.73 -20.85
CA ILE B 717 -33.22 -35.55 -20.96
C ILE B 717 -34.38 -34.89 -20.22
N GLY B 718 -34.14 -34.45 -18.99
CA GLY B 718 -35.14 -33.71 -18.27
C GLY B 718 -35.13 -32.24 -18.64
N SER B 719 -36.28 -31.60 -18.44
CA SER B 719 -36.41 -30.16 -18.69
C SER B 719 -35.76 -29.40 -17.53
N GLY B 720 -34.44 -29.51 -17.46
CA GLY B 720 -33.69 -28.92 -16.36
C GLY B 720 -34.02 -29.56 -15.03
N TYR B 721 -34.07 -30.89 -15.00
CA TYR B 721 -34.44 -31.65 -13.81
C TYR B 721 -33.18 -32.18 -13.14
N ILE B 722 -33.00 -31.84 -11.87
CA ILE B 722 -31.84 -32.26 -11.10
C ILE B 722 -32.30 -33.30 -10.08
N PHE B 723 -31.42 -34.26 -9.78
CA PHE B 723 -31.78 -35.39 -8.93
C PHE B 723 -31.38 -35.21 -7.47
N ALA B 724 -30.12 -34.93 -7.20
CA ALA B 724 -29.55 -35.02 -5.86
C ALA B 724 -28.90 -33.70 -5.46
N THR B 725 -29.66 -32.62 -5.56
CA THR B 725 -29.15 -31.26 -5.42
C THR B 725 -28.22 -31.10 -4.23
N THR B 726 -26.94 -30.80 -4.52
CA THR B 726 -25.94 -30.44 -3.53
C THR B 726 -24.98 -29.47 -4.19
N GLY B 727 -24.68 -28.36 -3.52
CA GLY B 727 -23.86 -27.32 -4.11
C GLY B 727 -22.38 -27.61 -4.00
N TYR B 728 -21.58 -26.70 -4.58
CA TYR B 728 -20.13 -26.77 -4.52
C TYR B 728 -19.66 -26.28 -3.16
N GLY B 729 -18.37 -26.05 -3.01
CA GLY B 729 -17.88 -25.55 -1.74
C GLY B 729 -16.38 -25.36 -1.76
N ILE B 730 -15.88 -24.74 -0.69
CA ILE B 730 -14.47 -24.50 -0.48
C ILE B 730 -14.03 -25.39 0.68
N ALA B 731 -13.09 -26.30 0.42
CA ALA B 731 -12.74 -27.34 1.38
C ALA B 731 -11.67 -26.82 2.33
N LEU B 732 -12.10 -26.11 3.38
CA LEU B 732 -11.17 -25.64 4.39
C LEU B 732 -10.69 -26.80 5.24
N GLN B 733 -9.58 -26.59 5.94
CA GLN B 733 -9.02 -27.60 6.82
C GLN B 733 -9.96 -27.84 8.01
N LYS B 734 -9.85 -29.03 8.59
CA LYS B 734 -10.72 -29.42 9.70
C LYS B 734 -10.46 -28.53 10.90
N GLY B 735 -11.41 -27.67 11.24
CA GLY B 735 -11.22 -26.75 12.33
C GLY B 735 -10.28 -25.60 12.03
N SER B 736 -10.12 -25.26 10.76
CA SER B 736 -9.21 -24.18 10.40
C SER B 736 -9.73 -22.85 10.91
N PRO B 737 -8.84 -21.95 11.36
CA PRO B 737 -9.30 -20.67 11.89
C PRO B 737 -9.65 -19.66 10.80
N TRP B 738 -10.39 -20.11 9.79
CA TRP B 738 -10.85 -19.22 8.73
C TRP B 738 -12.31 -19.42 8.35
N LYS B 739 -12.99 -20.43 8.90
CA LYS B 739 -14.31 -20.78 8.42
C LYS B 739 -15.31 -19.64 8.59
N ARG B 740 -15.29 -18.99 9.75
CA ARG B 740 -16.28 -17.95 10.03
C ARG B 740 -16.14 -16.79 9.05
N GLN B 741 -14.92 -16.29 8.88
CA GLN B 741 -14.71 -15.15 8.00
C GLN B 741 -15.06 -15.50 6.56
N ILE B 742 -14.65 -16.68 6.09
CA ILE B 742 -14.92 -17.07 4.72
C ILE B 742 -16.42 -17.22 4.50
N ASP B 743 -17.12 -17.87 5.42
CA ASP B 743 -18.56 -18.06 5.25
C ASP B 743 -19.28 -16.73 5.23
N LEU B 744 -18.94 -15.83 6.16
CA LEU B 744 -19.61 -14.54 6.20
C LEU B 744 -19.32 -13.72 4.95
N ALA B 745 -18.07 -13.74 4.48
CA ALA B 745 -17.75 -13.00 3.26
C ALA B 745 -18.48 -13.55 2.06
N LEU B 746 -18.59 -14.88 1.95
CA LEU B 746 -19.29 -15.47 0.81
C LEU B 746 -20.78 -15.15 0.85
N LEU B 747 -21.38 -15.21 2.03
CA LEU B 747 -22.80 -14.84 2.14
C LEU B 747 -23.01 -13.37 1.78
N GLN B 748 -22.09 -12.50 2.21
CA GLN B 748 -22.18 -11.10 1.84
C GLN B 748 -22.09 -10.91 0.33
N PHE B 749 -21.18 -11.66 -0.30
CA PHE B 749 -21.06 -11.59 -1.77
C PHE B 749 -22.37 -12.01 -2.43
N VAL B 750 -23.02 -13.03 -1.88
CA VAL B 750 -24.32 -13.45 -2.42
C VAL B 750 -25.34 -12.33 -2.25
N GLY B 751 -25.34 -11.68 -1.10
CA GLY B 751 -26.38 -10.69 -0.81
C GLY B 751 -26.33 -9.47 -1.71
N ASP B 752 -25.14 -9.03 -2.09
CA ASP B 752 -24.99 -7.78 -2.82
C ASP B 752 -25.13 -7.95 -4.33
N GLY B 753 -25.45 -9.14 -4.81
CA GLY B 753 -25.72 -9.34 -6.22
C GLY B 753 -24.51 -9.44 -7.12
N GLU B 754 -23.30 -9.44 -6.56
CA GLU B 754 -22.11 -9.58 -7.38
C GLU B 754 -22.06 -10.93 -8.08
N MET B 755 -22.55 -11.97 -7.41
CA MET B 755 -22.55 -13.30 -8.02
C MET B 755 -23.43 -13.35 -9.25
N GLU B 756 -24.50 -12.57 -9.29
CA GLU B 756 -25.34 -12.54 -10.49
C GLU B 756 -24.56 -12.00 -11.68
N GLU B 757 -23.85 -10.88 -11.50
CA GLU B 757 -23.05 -10.34 -12.58
C GLU B 757 -21.93 -11.28 -12.98
N LEU B 758 -21.32 -11.94 -11.99
CA LEU B 758 -20.27 -12.90 -12.30
C LEU B 758 -20.79 -14.07 -13.14
N GLU B 759 -21.97 -14.59 -12.77
CA GLU B 759 -22.57 -15.67 -13.54
C GLU B 759 -22.93 -15.20 -14.95
N THR B 760 -23.44 -13.98 -15.07
CA THR B 760 -23.77 -13.45 -16.39
C THR B 760 -22.53 -13.33 -17.26
N LEU B 761 -21.41 -12.88 -16.68
CA LEU B 761 -20.19 -12.70 -17.46
C LEU B 761 -19.56 -14.03 -17.84
N TRP B 762 -19.54 -14.99 -16.91
CA TRP B 762 -18.75 -16.20 -17.10
C TRP B 762 -19.56 -17.43 -17.45
N LEU B 763 -20.86 -17.46 -17.14
CA LEU B 763 -21.66 -18.67 -17.30
C LEU B 763 -22.93 -18.32 -18.08
N THR B 764 -22.88 -18.50 -19.40
CA THR B 764 -24.03 -18.25 -20.25
C THR B 764 -23.84 -19.02 -21.55
N GLY B 765 -24.89 -19.73 -21.98
CA GLY B 765 -24.82 -20.53 -23.17
C GLY B 765 -25.08 -19.74 -24.44
N ILE B 766 -25.03 -20.45 -25.57
CA ILE B 766 -25.23 -19.80 -26.86
C ILE B 766 -26.72 -19.54 -27.10
N CYS B 767 -27.55 -20.57 -26.95
CA CYS B 767 -28.98 -20.43 -27.19
C CYS B 767 -29.79 -20.36 -25.89
N HIS B 768 -29.68 -21.39 -25.04
CA HIS B 768 -30.44 -21.45 -23.80
C HIS B 768 -31.91 -21.11 -23.98
N ASN B 769 -32.31 -19.92 -23.51
CA ASN B 769 -33.69 -19.48 -23.63
C ASN B 769 -34.03 -19.03 -25.04
N GLU B 770 -33.05 -18.48 -25.76
CA GLU B 770 -33.28 -18.02 -27.13
C GLU B 770 -33.53 -19.22 -28.04
N LYS B 771 -34.60 -19.14 -28.83
CA LYS B 771 -34.96 -20.22 -29.74
C LYS B 771 -35.91 -19.72 -30.82
N LEU B 779 -48.93 -29.94 -43.11
CA LEU B 779 -49.47 -30.77 -44.18
C LEU B 779 -48.39 -31.68 -44.76
N ASP B 780 -47.55 -32.22 -43.88
CA ASP B 780 -46.47 -33.10 -44.30
C ASP B 780 -46.97 -34.53 -44.46
N ILE B 781 -46.07 -35.43 -44.85
CA ILE B 781 -46.43 -36.82 -45.05
C ILE B 781 -46.84 -37.47 -43.73
N ASP B 782 -46.06 -37.24 -42.67
CA ASP B 782 -46.37 -37.82 -41.37
C ASP B 782 -47.37 -36.99 -40.57
N ASN B 783 -47.70 -35.79 -41.03
CA ASN B 783 -48.67 -34.96 -40.32
C ASN B 783 -50.11 -35.41 -40.55
N MET B 784 -50.39 -36.02 -41.71
CA MET B 784 -51.76 -36.34 -42.10
C MET B 784 -52.07 -37.83 -41.99
N ALA B 785 -51.27 -38.59 -41.23
CA ALA B 785 -51.54 -40.01 -41.08
C ALA B 785 -52.85 -40.26 -40.34
N GLY B 786 -53.09 -39.53 -39.25
CA GLY B 786 -54.30 -39.76 -38.47
C GLY B 786 -55.57 -39.42 -39.23
N VAL B 787 -55.59 -38.28 -39.92
CA VAL B 787 -56.78 -37.90 -40.68
C VAL B 787 -57.01 -38.86 -41.84
N PHE B 788 -55.94 -39.36 -42.45
CA PHE B 788 -56.09 -40.33 -43.53
C PHE B 788 -56.66 -41.64 -43.00
N TYR B 789 -56.19 -42.10 -41.84
CA TYR B 789 -56.75 -43.31 -41.23
C TYR B 789 -58.23 -43.10 -40.87
N MET B 790 -58.56 -41.92 -40.36
CA MET B 790 -59.95 -41.60 -40.05
C MET B 790 -60.81 -41.61 -41.30
N LEU B 791 -60.30 -41.07 -42.40
CA LEU B 791 -61.04 -41.07 -43.66
C LEU B 791 -61.24 -42.49 -44.18
N ALA B 792 -60.22 -43.33 -44.07
CA ALA B 792 -60.37 -44.73 -44.48
C ALA B 792 -61.42 -45.44 -43.62
N ALA B 793 -61.41 -45.21 -42.31
CA ALA B 793 -62.41 -45.81 -41.44
C ALA B 793 -63.81 -45.31 -41.78
N ALA B 794 -63.95 -44.01 -42.08
CA ALA B 794 -65.23 -43.47 -42.46
C ALA B 794 -65.73 -44.06 -43.77
N MET B 795 -64.83 -44.26 -44.73
CA MET B 795 -65.21 -44.90 -45.99
C MET B 795 -65.67 -46.33 -45.76
N ALA B 796 -64.97 -47.06 -44.89
CA ALA B 796 -65.38 -48.42 -44.56
C ALA B 796 -66.75 -48.43 -43.89
N LEU B 797 -66.99 -47.48 -42.98
CA LEU B 797 -68.28 -47.39 -42.32
C LEU B 797 -69.40 -47.06 -43.31
N SER B 798 -69.12 -46.17 -44.26
CA SER B 798 -70.10 -45.85 -45.29
C SER B 798 -70.40 -47.07 -46.17
N LEU B 799 -69.36 -47.85 -46.48
CA LEU B 799 -69.57 -49.09 -47.23
C LEU B 799 -70.44 -50.06 -46.44
N ILE B 800 -70.20 -50.17 -45.13
CA ILE B 800 -71.01 -51.05 -44.28
C ILE B 800 -72.46 -50.58 -44.26
N THR B 801 -72.66 -49.26 -44.14
CA THR B 801 -74.02 -48.72 -44.15
C THR B 801 -74.73 -48.98 -45.47
N PHE B 802 -74.01 -48.82 -46.59
CA PHE B 802 -74.60 -49.11 -47.89
C PHE B 802 -74.95 -50.59 -48.03
N ILE B 803 -74.09 -51.46 -47.53
CA ILE B 803 -74.39 -52.90 -47.56
C ILE B 803 -75.62 -53.21 -46.73
N TRP B 804 -75.73 -52.59 -45.55
CA TRP B 804 -76.91 -52.80 -44.71
C TRP B 804 -78.17 -52.30 -45.40
N GLU B 805 -78.09 -51.15 -46.05
CA GLU B 805 -79.25 -50.62 -46.79
C GLU B 805 -79.64 -51.55 -47.93
N HIS B 806 -78.65 -52.09 -48.65
CA HIS B 806 -78.93 -53.03 -49.73
C HIS B 806 -79.54 -54.33 -49.19
N LEU B 807 -79.17 -54.73 -47.98
CA LEU B 807 -79.78 -55.91 -47.38
C LEU B 807 -81.26 -55.72 -47.16
N PHE B 808 -81.66 -54.53 -46.70
CA PHE B 808 -83.07 -54.24 -46.46
C PHE B 808 -83.77 -53.82 -47.75
N LYS C 1 24.45 3.90 41.68
CA LYS C 1 25.40 3.03 42.36
C LYS C 1 24.73 2.31 43.53
N ILE C 2 23.95 3.05 44.31
CA ILE C 2 23.23 2.51 45.46
C ILE C 2 21.74 2.71 45.24
N VAL C 3 20.97 1.65 45.52
CA VAL C 3 19.52 1.67 45.40
C VAL C 3 18.93 1.06 46.67
N ASN C 4 17.64 1.32 46.87
CA ASN C 4 16.94 0.86 48.06
C ASN C 4 15.63 0.18 47.65
N ILE C 5 15.25 -0.83 48.41
CA ILE C 5 14.01 -1.58 48.19
C ILE C 5 13.30 -1.68 49.52
N GLY C 6 12.37 -0.77 49.77
CA GLY C 6 11.63 -0.78 51.02
C GLY C 6 10.54 -1.82 51.05
N ALA C 7 10.03 -2.05 52.26
CA ALA C 7 8.97 -3.04 52.44
C ALA C 7 8.10 -2.63 53.63
N VAL C 8 6.88 -3.14 53.62
CA VAL C 8 5.93 -2.93 54.71
C VAL C 8 5.50 -4.31 55.18
N LEU C 9 6.20 -4.83 56.19
CA LEU C 9 6.02 -6.20 56.64
C LEU C 9 5.19 -6.25 57.92
N SER C 10 5.10 -7.43 58.52
CA SER C 10 4.22 -7.67 59.65
C SER C 10 4.92 -7.46 60.98
N THR C 11 6.01 -8.19 61.24
CA THR C 11 6.68 -8.17 62.53
C THR C 11 8.19 -8.08 62.33
N ARG C 12 8.91 -7.95 63.43
CA ARG C 12 10.36 -7.76 63.36
C ARG C 12 11.07 -8.99 62.82
N LYS C 13 10.55 -10.19 63.09
CA LYS C 13 11.16 -11.39 62.53
C LYS C 13 11.13 -11.37 61.02
N HIS C 14 10.01 -10.93 60.44
CA HIS C 14 9.93 -10.79 58.99
C HIS C 14 10.91 -9.73 58.49
N GLU C 15 11.14 -8.67 59.28
CA GLU C 15 12.14 -7.68 58.89
C GLU C 15 13.53 -8.29 58.85
N GLN C 16 13.87 -9.10 59.85
CA GLN C 16 15.16 -9.78 59.86
C GLN C 16 15.28 -10.73 58.68
N MET C 17 14.21 -11.45 58.37
CA MET C 17 14.23 -12.35 57.22
C MET C 17 14.44 -11.59 55.92
N PHE C 18 13.75 -10.45 55.77
CA PHE C 18 13.92 -9.63 54.58
C PHE C 18 15.34 -9.11 54.46
N ARG C 19 15.93 -8.67 55.57
CA ARG C 19 17.30 -8.16 55.54
C ARG C 19 18.28 -9.26 55.16
N GLU C 20 18.11 -10.45 55.73
CA GLU C 20 18.97 -11.57 55.37
C GLU C 20 18.81 -11.93 53.90
N ALA C 21 17.57 -11.93 53.41
CA ALA C 21 17.32 -12.27 52.01
C ALA C 21 17.97 -11.27 51.07
N VAL C 22 17.87 -9.98 51.39
CA VAL C 22 18.46 -8.97 50.51
C VAL C 22 19.99 -9.05 50.58
N ASN C 23 20.54 -9.33 51.75
CA ASN C 23 22.00 -9.50 51.86
C ASN C 23 22.47 -10.68 51.03
N GLN C 24 21.72 -11.79 51.07
CA GLN C 24 22.06 -12.95 50.25
C GLN C 24 21.95 -12.64 48.77
N ALA C 25 20.90 -11.90 48.37
CA ALA C 25 20.73 -11.55 46.97
C ALA C 25 21.85 -10.62 46.50
N ASN C 26 22.43 -9.83 47.41
CA ASN C 26 23.59 -9.02 47.06
C ASN C 26 24.82 -9.86 46.76
N LYS C 27 24.80 -11.16 47.07
CA LYS C 27 25.97 -12.01 46.89
C LYS C 27 26.06 -12.57 45.47
N ARG C 28 24.93 -12.74 44.78
CA ARG C 28 24.95 -13.40 43.49
C ARG C 28 25.54 -12.50 42.41
N HIS C 29 24.91 -11.37 42.13
CA HIS C 29 25.40 -10.41 41.15
C HIS C 29 25.79 -9.13 41.89
N GLY C 30 27.02 -9.08 42.37
CA GLY C 30 27.52 -7.92 43.07
C GLY C 30 28.80 -7.39 42.46
N SER C 31 28.91 -7.48 41.14
CA SER C 31 30.10 -7.04 40.42
C SER C 31 30.12 -5.52 40.35
N TRP C 32 30.29 -4.90 41.51
CA TRP C 32 30.28 -3.44 41.67
C TRP C 32 28.93 -2.92 41.16
N LYS C 33 28.93 -1.71 40.60
CA LYS C 33 27.72 -1.09 40.06
C LYS C 33 26.63 -1.01 41.12
N ILE C 34 25.87 -2.10 41.28
CA ILE C 34 24.73 -2.10 42.19
C ILE C 34 25.18 -2.42 43.61
N GLN C 35 24.55 -1.76 44.58
CA GLN C 35 24.76 -2.02 46.00
C GLN C 35 23.52 -2.57 46.69
N LEU C 36 22.35 -2.01 46.39
CA LEU C 36 21.05 -2.59 46.72
C LEU C 36 20.89 -2.71 48.24
N ASN C 37 20.81 -1.56 48.89
CA ASN C 37 20.55 -1.46 50.32
C ASN C 37 19.09 -1.80 50.60
N ALA C 38 18.66 -1.65 51.85
CA ALA C 38 17.29 -1.98 52.22
C ALA C 38 16.82 -1.09 53.37
N THR C 39 15.49 -0.98 53.51
CA THR C 39 14.86 -0.22 54.58
C THR C 39 13.81 -1.06 55.28
N SER C 40 13.00 -0.47 56.16
CA SER C 40 12.12 -1.28 56.99
C SER C 40 11.03 -0.41 57.63
N VAL C 41 9.78 -0.84 57.50
CA VAL C 41 8.63 -0.25 58.18
C VAL C 41 7.62 -1.34 58.48
N THR C 42 7.02 -1.26 59.67
CA THR C 42 6.03 -2.22 60.14
C THR C 42 4.61 -1.65 59.94
N HIS C 43 3.64 -2.55 59.84
CA HIS C 43 2.24 -2.14 59.74
C HIS C 43 1.82 -1.28 60.90
N LYS C 44 0.86 -0.40 60.65
CA LYS C 44 0.28 0.48 61.65
C LYS C 44 -1.24 0.45 61.55
N PRO C 45 -1.95 0.71 62.65
CA PRO C 45 -3.40 0.82 62.57
C PRO C 45 -3.83 2.09 61.85
N ASN C 46 -5.14 2.32 61.76
CA ASN C 46 -5.69 3.50 61.08
C ASN C 46 -5.28 3.54 59.61
N ALA C 47 -5.54 4.66 58.95
CA ALA C 47 -5.14 4.80 57.56
C ALA C 47 -4.35 6.08 57.29
N ILE C 48 -4.72 7.19 57.91
CA ILE C 48 -4.05 8.45 57.65
C ILE C 48 -2.62 8.42 58.18
N GLN C 49 -2.45 7.98 59.42
CA GLN C 49 -1.10 7.83 59.96
C GLN C 49 -0.28 6.87 59.12
N MET C 50 -0.91 5.84 58.56
CA MET C 50 -0.20 4.91 57.69
C MET C 50 0.34 5.60 56.46
N ALA C 51 -0.48 6.44 55.81
CA ALA C 51 -0.02 7.16 54.62
C ALA C 51 1.10 8.13 54.96
N LEU C 52 0.96 8.86 56.06
CA LEU C 52 2.05 9.75 56.47
C LEU C 52 3.33 8.98 56.72
N SER C 53 3.22 7.83 57.41
CA SER C 53 4.40 7.05 57.74
C SER C 53 5.06 6.50 56.48
N VAL C 54 4.28 6.00 55.52
CA VAL C 54 4.90 5.47 54.31
C VAL C 54 5.60 6.58 53.55
N CYS C 55 4.92 7.71 53.33
CA CYS C 55 5.59 8.85 52.72
C CYS C 55 6.93 9.14 53.36
N GLU C 56 6.93 9.52 54.64
CA GLU C 56 8.20 9.93 55.23
C GLU C 56 9.19 8.77 55.19
N ASP C 57 8.91 7.69 55.92
CA ASP C 57 9.88 6.66 56.21
C ASP C 57 10.34 5.89 54.98
N LEU C 58 9.65 5.96 53.84
CA LEU C 58 10.15 5.32 52.64
C LEU C 58 10.61 6.34 51.60
N ILE C 59 9.73 7.24 51.17
CA ILE C 59 10.09 8.13 50.07
C ILE C 59 11.08 9.19 50.51
N SER C 60 11.48 9.22 51.79
CA SER C 60 12.63 10.03 52.14
C SER C 60 13.95 9.36 51.79
N SER C 61 13.91 8.14 51.26
CA SER C 61 15.13 7.38 50.97
C SER C 61 15.25 6.98 49.51
N GLN C 62 14.40 7.51 48.63
CA GLN C 62 14.47 7.26 47.19
C GLN C 62 14.37 5.76 46.89
N VAL C 63 13.20 5.22 47.21
CA VAL C 63 12.93 3.80 46.98
C VAL C 63 12.70 3.56 45.49
N TYR C 64 12.99 2.33 45.04
CA TYR C 64 12.71 1.92 43.68
C TYR C 64 11.46 1.06 43.55
N ALA C 65 11.03 0.43 44.65
CA ALA C 65 9.82 -0.39 44.65
C ALA C 65 9.49 -0.74 46.09
N ILE C 66 8.21 -0.77 46.42
CA ILE C 66 7.76 -1.11 47.76
C ILE C 66 7.21 -2.54 47.74
N LEU C 67 7.20 -3.17 48.90
CA LEU C 67 6.80 -4.56 49.05
C LEU C 67 5.83 -4.64 50.23
N VAL C 68 4.57 -4.96 49.95
CA VAL C 68 3.53 -4.93 50.97
C VAL C 68 3.00 -6.33 51.20
N SER C 69 2.43 -6.54 52.38
CA SER C 69 1.92 -7.86 52.77
C SER C 69 0.71 -7.68 53.68
N HIS C 70 -0.05 -8.75 53.83
CA HIS C 70 -1.26 -8.72 54.63
C HIS C 70 -0.92 -8.51 56.10
N PRO C 71 -1.77 -7.78 56.83
CA PRO C 71 -1.53 -7.58 58.27
C PRO C 71 -1.62 -8.88 59.03
N PRO C 72 -0.75 -9.09 60.02
CA PRO C 72 -0.74 -10.37 60.75
C PRO C 72 -1.97 -10.57 61.65
N THR C 73 -2.23 -9.61 62.53
CA THR C 73 -3.23 -9.79 63.57
C THR C 73 -4.67 -9.59 63.08
N PRO C 74 -5.02 -8.46 62.48
CA PRO C 74 -6.44 -8.17 62.23
C PRO C 74 -6.94 -8.90 60.99
N ASN C 75 -8.21 -8.67 60.69
CA ASN C 75 -8.84 -9.20 59.48
C ASN C 75 -8.58 -8.24 58.33
N ASP C 76 -9.34 -8.36 57.25
CA ASP C 76 -9.15 -7.54 56.06
C ASP C 76 -9.53 -6.07 56.28
N HIS C 77 -9.80 -5.64 57.51
CA HIS C 77 -10.13 -4.26 57.79
C HIS C 77 -8.95 -3.31 57.57
N PHE C 78 -7.75 -3.84 57.37
CA PHE C 78 -6.57 -3.02 57.16
C PHE C 78 -5.89 -3.37 55.85
N THR C 79 -6.67 -3.45 54.77
CA THR C 79 -6.14 -3.79 53.47
C THR C 79 -5.10 -2.76 53.03
N PRO C 80 -4.10 -3.17 52.24
CA PRO C 80 -3.00 -2.27 51.85
C PRO C 80 -3.39 -1.30 50.74
N THR C 81 -4.49 -0.59 50.94
CA THR C 81 -4.94 0.41 49.99
C THR C 81 -4.10 1.69 50.08
N PRO C 82 -3.91 2.27 51.28
CA PRO C 82 -3.17 3.55 51.32
C PRO C 82 -1.78 3.48 50.71
N VAL C 83 -1.06 2.39 50.96
CA VAL C 83 0.27 2.24 50.36
C VAL C 83 0.16 2.22 48.85
N SER C 84 -0.82 1.49 48.31
CA SER C 84 -0.98 1.40 46.87
C SER C 84 -1.27 2.77 46.27
N TYR C 85 -2.16 3.54 46.89
CA TYR C 85 -2.48 4.87 46.37
C TYR C 85 -1.28 5.79 46.42
N THR C 86 -0.58 5.82 47.56
CA THR C 86 0.57 6.72 47.70
C THR C 86 1.67 6.36 46.71
N ALA C 87 1.94 5.07 46.54
CA ALA C 87 2.98 4.66 45.59
C ALA C 87 2.54 4.90 44.15
N GLY C 88 1.28 4.66 43.83
CA GLY C 88 0.79 4.89 42.49
C GLY C 88 0.62 6.35 42.13
N PHE C 89 0.68 7.25 43.12
CA PHE C 89 0.72 8.66 42.80
C PHE C 89 1.94 8.99 41.95
N TYR C 90 3.10 8.46 42.32
CA TYR C 90 4.34 8.68 41.58
C TYR C 90 4.66 7.57 40.59
N ARG C 91 3.77 6.60 40.43
CA ARG C 91 3.97 5.46 39.52
C ARG C 91 5.17 4.61 39.93
N ILE C 92 5.49 4.58 41.22
CA ILE C 92 6.50 3.67 41.73
C ILE C 92 5.85 2.30 41.90
N PRO C 93 6.33 1.27 41.22
CA PRO C 93 5.66 -0.04 41.31
C PRO C 93 5.72 -0.59 42.73
N VAL C 94 4.66 -1.30 43.11
CA VAL C 94 4.55 -1.91 44.43
C VAL C 94 4.13 -3.36 44.25
N LEU C 95 4.71 -4.26 45.04
CA LEU C 95 4.49 -5.69 44.93
C LEU C 95 3.71 -6.18 46.14
N GLY C 96 2.59 -6.86 45.89
CA GLY C 96 1.85 -7.50 46.95
C GLY C 96 2.27 -8.93 47.15
N LEU C 97 2.01 -9.46 48.35
CA LEU C 97 2.47 -10.80 48.69
C LEU C 97 1.30 -11.77 48.92
N THR C 98 0.41 -11.49 49.87
CA THR C 98 -0.67 -12.41 50.20
C THR C 98 -1.99 -11.67 50.32
N THR C 99 -2.30 -10.80 49.37
CA THR C 99 -3.55 -10.06 49.37
C THR C 99 -4.37 -10.51 48.17
N ARG C 100 -5.42 -11.28 48.44
CA ARG C 100 -6.29 -11.82 47.40
C ARG C 100 -7.71 -11.31 47.65
N MET C 101 -8.11 -10.28 46.92
CA MET C 101 -9.46 -9.75 47.06
C MET C 101 -10.12 -9.42 45.73
N SER C 102 -9.42 -9.57 44.61
CA SER C 102 -9.94 -9.34 43.26
C SER C 102 -10.38 -7.89 43.03
N ILE C 103 -10.16 -7.00 44.00
CA ILE C 103 -10.40 -5.59 43.77
C ILE C 103 -9.17 -4.90 43.21
N TYR C 104 -7.98 -5.37 43.57
CA TYR C 104 -6.75 -4.88 42.96
C TYR C 104 -6.47 -5.54 41.61
N SER C 105 -7.27 -6.53 41.22
CA SER C 105 -7.01 -7.26 39.99
C SER C 105 -7.18 -6.40 38.75
N ASP C 106 -7.94 -5.31 38.84
CA ASP C 106 -8.14 -4.43 37.69
C ASP C 106 -7.16 -3.27 37.76
N LYS C 107 -6.73 -2.80 36.59
CA LYS C 107 -5.74 -1.74 36.50
C LYS C 107 -6.37 -0.35 36.36
N SER C 108 -7.70 -0.26 36.35
CA SER C 108 -8.34 1.04 36.18
C SER C 108 -8.05 1.96 37.36
N ILE C 109 -8.08 1.43 38.58
CA ILE C 109 -7.92 2.25 39.77
C ILE C 109 -6.47 2.17 40.24
N HIS C 110 -6.02 0.96 40.60
CA HIS C 110 -4.65 0.75 41.04
C HIS C 110 -3.81 0.47 39.81
N LEU C 111 -3.20 1.54 39.26
CA LEU C 111 -2.49 1.41 38.00
C LEU C 111 -1.24 0.56 38.14
N SER C 112 -0.50 0.72 39.23
CA SER C 112 0.77 0.03 39.44
C SER C 112 0.69 -0.82 40.70
N PHE C 113 0.19 -2.05 40.56
CA PHE C 113 0.11 -2.97 41.70
C PHE C 113 0.08 -4.39 41.13
N LEU C 114 1.22 -5.07 41.18
CA LEU C 114 1.34 -6.44 40.68
C LEU C 114 1.74 -7.34 41.82
N ARG C 115 0.96 -8.40 42.03
CA ARG C 115 1.14 -9.30 43.16
C ARG C 115 1.82 -10.58 42.71
N THR C 116 1.92 -11.56 43.62
CA THR C 116 2.55 -12.84 43.31
C THR C 116 1.68 -14.02 43.73
N VAL C 117 0.37 -13.84 43.80
CA VAL C 117 -0.55 -14.95 44.07
C VAL C 117 -1.82 -14.77 43.25
N PRO C 118 -2.39 -15.87 42.79
CA PRO C 118 -3.64 -15.79 42.02
C PRO C 118 -4.80 -15.40 42.90
N PRO C 119 -5.53 -14.33 42.57
CA PRO C 119 -6.49 -13.76 43.53
C PRO C 119 -7.63 -14.69 43.91
N TYR C 120 -8.59 -14.92 43.01
CA TYR C 120 -9.62 -15.92 43.30
C TYR C 120 -10.12 -16.66 42.07
N SER C 121 -10.00 -16.05 40.89
CA SER C 121 -10.65 -16.59 39.71
C SER C 121 -9.99 -17.86 39.20
N HIS C 122 -8.71 -18.06 39.52
CA HIS C 122 -8.05 -19.29 39.15
C HIS C 122 -8.69 -20.49 39.84
N GLN C 123 -9.40 -20.27 40.95
CA GLN C 123 -10.23 -21.33 41.52
C GLN C 123 -11.32 -21.74 40.55
N SER C 124 -11.97 -20.77 39.90
CA SER C 124 -12.95 -21.10 38.87
C SER C 124 -12.30 -21.79 37.69
N SER C 125 -11.09 -21.35 37.33
CA SER C 125 -10.38 -21.98 36.21
C SER C 125 -10.12 -23.47 36.50
N VAL C 126 -9.63 -23.78 37.70
CA VAL C 126 -9.36 -25.17 38.03
C VAL C 126 -10.66 -25.94 38.21
N TRP C 127 -11.73 -25.28 38.66
CA TRP C 127 -13.04 -25.91 38.69
C TRP C 127 -13.43 -26.40 37.29
N PHE C 128 -13.32 -25.51 36.30
CA PHE C 128 -13.67 -25.90 34.94
C PHE C 128 -12.74 -26.99 34.42
N GLU C 129 -11.44 -26.89 34.74
CA GLU C 129 -10.49 -27.89 34.26
C GLU C 129 -10.83 -29.27 34.80
N MET C 130 -11.16 -29.37 36.09
CA MET C 130 -11.52 -30.65 36.68
C MET C 130 -12.93 -31.09 36.27
N MET C 131 -13.78 -30.15 35.86
CA MET C 131 -15.15 -30.50 35.50
C MET C 131 -15.19 -31.49 34.35
N ARG C 132 -14.38 -31.26 33.30
CA ARG C 132 -14.35 -32.19 32.18
C ARG C 132 -13.76 -33.54 32.61
N VAL C 133 -12.75 -33.51 33.47
CA VAL C 133 -12.13 -34.76 33.93
C VAL C 133 -13.14 -35.62 34.68
N TYR C 134 -13.98 -34.99 35.48
CA TYR C 134 -15.04 -35.73 36.17
C TYR C 134 -16.35 -35.77 35.40
N SER C 135 -16.37 -35.18 34.19
CA SER C 135 -17.43 -35.41 33.20
C SER C 135 -18.81 -35.02 33.74
N TRP C 136 -18.96 -33.73 33.99
CA TRP C 136 -20.27 -33.14 34.27
C TRP C 136 -20.50 -31.95 33.34
N ASN C 137 -21.70 -31.86 32.79
CA ASN C 137 -22.02 -30.84 31.79
C ASN C 137 -23.02 -29.81 32.30
N HIS C 138 -24.18 -30.25 32.77
CA HIS C 138 -25.22 -29.33 33.22
C HIS C 138 -24.90 -28.87 34.63
N ILE C 139 -24.70 -27.55 34.80
CA ILE C 139 -24.29 -26.97 36.08
C ILE C 139 -25.12 -25.73 36.35
N ILE C 140 -25.10 -25.30 37.61
CA ILE C 140 -25.70 -24.04 38.02
C ILE C 140 -24.63 -23.22 38.73
N LEU C 141 -24.84 -21.91 38.74
CA LEU C 141 -23.88 -20.97 39.33
C LEU C 141 -24.58 -20.18 40.43
N LEU C 142 -24.23 -20.47 41.67
CA LEU C 142 -24.74 -19.74 42.82
C LEU C 142 -23.55 -19.03 43.47
N VAL C 143 -23.66 -17.71 43.62
CA VAL C 143 -22.54 -16.89 44.06
C VAL C 143 -23.08 -15.62 44.70
N SER C 144 -22.28 -15.02 45.57
CA SER C 144 -22.61 -13.72 46.15
C SER C 144 -22.25 -12.63 45.15
N ASP C 145 -22.53 -11.38 45.51
CA ASP C 145 -22.20 -10.27 44.62
C ASP C 145 -21.94 -9.01 45.44
N ASP C 146 -20.67 -8.77 45.76
CA ASP C 146 -20.23 -7.44 46.15
C ASP C 146 -19.21 -6.88 45.16
N HIS C 147 -18.03 -7.49 45.06
CA HIS C 147 -17.16 -7.33 43.91
C HIS C 147 -16.63 -8.69 43.48
N GLU C 148 -16.36 -9.55 44.46
CA GLU C 148 -15.68 -10.81 44.20
C GLU C 148 -16.58 -11.76 43.41
N GLY C 149 -17.84 -11.87 43.81
CA GLY C 149 -18.76 -12.75 43.10
C GLY C 149 -18.94 -12.35 41.66
N ARG C 150 -19.00 -11.05 41.41
CA ARG C 150 -19.16 -10.57 40.03
C ARG C 150 -17.99 -10.99 39.17
N ALA C 151 -16.76 -10.79 39.67
CA ALA C 151 -15.58 -11.17 38.91
C ALA C 151 -15.50 -12.68 38.70
N ALA C 152 -15.81 -13.45 39.76
CA ALA C 152 -15.78 -14.90 39.62
C ALA C 152 -16.79 -15.38 38.59
N GLN C 153 -18.01 -14.83 38.65
CA GLN C 153 -19.05 -15.24 37.71
C GLN C 153 -18.68 -14.87 36.28
N LYS C 154 -18.16 -13.65 36.08
CA LYS C 154 -17.79 -13.25 34.72
C LYS C 154 -16.65 -14.10 34.18
N ARG C 155 -15.66 -14.41 35.02
CA ARG C 155 -14.56 -15.25 34.56
C ARG C 155 -15.04 -16.65 34.21
N LEU C 156 -15.89 -17.24 35.06
CA LEU C 156 -16.40 -18.58 34.76
C LEU C 156 -17.23 -18.57 33.49
N GLU C 157 -18.04 -17.53 33.29
CA GLU C 157 -18.84 -17.44 32.07
C GLU C 157 -17.95 -17.32 30.83
N THR C 158 -16.90 -16.51 30.92
CA THR C 158 -15.98 -16.40 29.79
C THR C 158 -15.30 -17.73 29.50
N LEU C 159 -14.96 -18.48 30.55
CA LEU C 159 -14.32 -19.78 30.33
C LEU C 159 -15.27 -20.79 29.69
N LEU C 160 -16.49 -20.91 30.21
CA LEU C 160 -17.36 -21.96 29.69
C LEU C 160 -18.06 -21.57 28.40
N GLU C 161 -18.08 -20.28 28.04
CA GLU C 161 -18.70 -19.88 26.79
C GLU C 161 -17.93 -20.41 25.59
N GLU C 162 -16.60 -20.46 25.68
CA GLU C 162 -15.79 -20.95 24.57
C GLU C 162 -16.00 -22.43 24.31
N ARG C 163 -16.49 -23.18 25.29
CA ARG C 163 -16.79 -24.59 25.14
C ARG C 163 -18.18 -24.84 24.54
N GLU C 164 -18.91 -23.78 24.22
CA GLU C 164 -20.30 -23.89 23.75
C GLU C 164 -21.16 -24.63 24.77
N SER C 165 -20.95 -24.31 26.05
CA SER C 165 -21.71 -24.89 27.15
C SER C 165 -22.42 -23.77 27.90
N LYS C 166 -23.70 -23.99 28.21
CA LYS C 166 -24.54 -23.01 28.89
C LYS C 166 -25.02 -23.63 30.19
N ALA C 167 -24.78 -22.94 31.31
CA ALA C 167 -25.18 -23.46 32.60
C ALA C 167 -26.70 -23.39 32.77
N GLU C 168 -27.18 -24.00 33.84
CA GLU C 168 -28.60 -23.93 34.19
C GLU C 168 -28.86 -22.58 34.88
N LYS C 169 -30.01 -22.47 35.53
CA LYS C 169 -30.41 -21.21 36.17
C LYS C 169 -29.34 -20.69 37.10
N VAL C 170 -28.78 -19.54 36.76
CA VAL C 170 -27.75 -18.89 37.58
C VAL C 170 -28.45 -17.99 38.59
N LEU C 171 -28.30 -18.33 39.87
CA LEU C 171 -28.97 -17.62 40.95
C LEU C 171 -27.94 -16.89 41.81
N GLN C 172 -28.35 -15.73 42.32
CA GLN C 172 -27.50 -14.90 43.17
C GLN C 172 -28.34 -14.34 44.30
N PHE C 173 -27.69 -13.98 45.40
CA PHE C 173 -28.37 -13.49 46.58
C PHE C 173 -27.68 -12.24 47.09
N ASP C 174 -28.45 -11.40 47.79
CA ASP C 174 -27.90 -10.19 48.35
C ASP C 174 -26.92 -10.53 49.47
N PRO C 175 -25.81 -9.80 49.57
CA PRO C 175 -24.82 -10.09 50.61
C PRO C 175 -25.40 -9.86 52.00
N GLY C 176 -24.99 -10.71 52.93
CA GLY C 176 -25.44 -10.58 54.32
C GLY C 176 -26.94 -10.71 54.49
N THR C 177 -27.56 -11.68 53.83
CA THR C 177 -29.00 -11.87 53.88
C THR C 177 -29.32 -13.14 54.65
N LYS C 178 -30.34 -13.05 55.51
CA LYS C 178 -30.81 -14.17 56.30
C LYS C 178 -32.11 -14.71 55.71
N ASN C 179 -32.35 -16.01 55.92
CA ASN C 179 -33.53 -16.70 55.40
C ASN C 179 -33.61 -16.55 53.87
N VAL C 180 -32.60 -17.10 53.20
CA VAL C 180 -32.49 -16.99 51.75
C VAL C 180 -32.97 -18.31 51.16
N THR C 181 -33.84 -19.00 51.89
CA THR C 181 -34.36 -20.28 51.45
C THR C 181 -35.11 -20.18 50.12
N ALA C 182 -35.58 -18.99 49.75
CA ALA C 182 -36.25 -18.82 48.46
C ALA C 182 -35.30 -19.15 47.31
N LEU C 183 -34.06 -18.70 47.39
CA LEU C 183 -33.09 -19.05 46.36
C LEU C 183 -32.83 -20.56 46.35
N LEU C 184 -32.81 -21.18 47.53
CA LEU C 184 -32.59 -22.62 47.61
C LEU C 184 -33.72 -23.40 46.94
N MET C 185 -34.98 -23.01 47.17
CA MET C 185 -36.07 -23.71 46.49
C MET C 185 -36.10 -23.42 45.01
N GLU C 186 -35.71 -22.20 44.60
CA GLU C 186 -35.59 -21.92 43.18
C GLU C 186 -34.53 -22.80 42.52
N ALA C 187 -33.40 -23.01 43.20
CA ALA C 187 -32.35 -23.86 42.66
C ALA C 187 -32.75 -25.33 42.68
N LYS C 188 -33.56 -25.75 43.66
CA LYS C 188 -33.93 -27.15 43.78
C LYS C 188 -34.74 -27.61 42.57
N GLU C 189 -35.68 -26.79 42.12
CA GLU C 189 -36.50 -27.17 40.97
C GLU C 189 -35.70 -27.08 39.68
N LEU C 190 -34.67 -27.90 39.56
CA LEU C 190 -33.79 -27.90 38.38
C LEU C 190 -33.38 -29.35 38.11
N GLU C 191 -32.43 -29.52 37.19
CA GLU C 191 -31.94 -30.84 36.80
C GLU C 191 -30.49 -31.07 37.21
N ALA C 192 -29.66 -30.03 37.23
CA ALA C 192 -28.27 -30.17 37.61
C ALA C 192 -28.16 -30.51 39.10
N ARG C 193 -27.08 -31.22 39.44
CA ARG C 193 -26.83 -31.61 40.82
C ARG C 193 -25.36 -31.41 41.16
N VAL C 194 -24.78 -30.32 40.66
CA VAL C 194 -23.36 -30.03 40.83
C VAL C 194 -23.17 -28.61 41.38
N ILE C 195 -24.11 -28.17 42.21
CA ILE C 195 -24.17 -26.79 42.72
C ILE C 195 -22.81 -26.29 43.19
N ILE C 196 -22.53 -25.01 42.93
CA ILE C 196 -21.26 -24.38 43.26
C ILE C 196 -21.53 -23.15 44.12
N LEU C 197 -20.70 -22.95 45.13
CA LEU C 197 -20.79 -21.81 46.03
C LEU C 197 -19.47 -21.05 46.06
N SER C 198 -19.57 -19.72 46.15
CA SER C 198 -18.39 -18.87 46.34
C SER C 198 -18.86 -17.61 47.06
N ALA C 199 -18.66 -17.57 48.37
CA ALA C 199 -19.16 -16.46 49.18
C ALA C 199 -18.16 -16.19 50.30
N SER C 200 -18.55 -15.32 51.22
CA SER C 200 -17.71 -14.96 52.36
C SER C 200 -17.82 -16.04 53.43
N GLU C 201 -17.26 -15.76 54.61
CA GLU C 201 -17.31 -16.73 55.70
C GLU C 201 -18.73 -16.86 56.25
N ASP C 202 -19.30 -15.75 56.73
CA ASP C 202 -20.64 -15.79 57.31
C ASP C 202 -21.69 -16.14 56.26
N ASP C 203 -21.50 -15.68 55.02
CA ASP C 203 -22.43 -16.04 53.96
C ASP C 203 -22.42 -17.55 53.70
N ALA C 204 -21.23 -18.14 53.67
CA ALA C 204 -21.14 -19.59 53.50
C ALA C 204 -21.76 -20.32 54.68
N ALA C 205 -21.52 -19.83 55.90
CA ALA C 205 -22.14 -20.45 57.07
C ALA C 205 -23.66 -20.40 56.99
N THR C 206 -24.20 -19.25 56.60
CA THR C 206 -25.64 -19.10 56.50
C THR C 206 -26.23 -19.99 55.43
N VAL C 207 -25.59 -20.07 54.26
CA VAL C 207 -26.12 -20.92 53.19
C VAL C 207 -26.01 -22.39 53.58
N TYR C 208 -24.96 -22.76 54.30
CA TYR C 208 -24.82 -24.14 54.76
C TYR C 208 -25.90 -24.49 55.79
N ARG C 209 -26.17 -23.58 56.72
CA ARG C 209 -27.21 -23.84 57.71
C ARG C 209 -28.60 -23.81 57.09
N ALA C 210 -28.78 -23.09 55.99
CA ALA C 210 -30.05 -23.11 55.28
C ALA C 210 -30.22 -24.42 54.52
N ALA C 211 -29.15 -24.92 53.91
CA ALA C 211 -29.21 -26.19 53.20
C ALA C 211 -29.14 -27.40 54.12
N ALA C 212 -28.87 -27.19 55.41
CA ALA C 212 -28.77 -28.31 56.34
C ALA C 212 -30.13 -28.96 56.59
N MET C 213 -31.07 -28.19 57.14
CA MET C 213 -32.38 -28.73 57.48
C MET C 213 -33.32 -28.83 56.30
N LEU C 214 -32.94 -28.28 55.14
CA LEU C 214 -33.77 -28.35 53.95
C LEU C 214 -33.57 -29.64 53.16
N ASN C 215 -33.03 -30.67 53.80
CA ASN C 215 -32.64 -31.94 53.15
C ASN C 215 -32.05 -31.68 51.77
N MET C 216 -31.12 -30.74 51.71
CA MET C 216 -30.50 -30.33 50.46
C MET C 216 -29.37 -31.27 50.04
N THR C 217 -28.90 -32.13 50.94
CA THR C 217 -27.80 -33.04 50.63
C THR C 217 -27.93 -34.25 51.54
N GLY C 218 -28.44 -35.35 51.00
CA GLY C 218 -28.50 -36.60 51.74
C GLY C 218 -27.71 -37.72 51.10
N SER C 219 -27.65 -37.74 49.77
CA SER C 219 -26.89 -38.74 49.03
C SER C 219 -26.82 -38.33 47.57
N GLY C 220 -25.64 -38.43 46.98
CA GLY C 220 -25.46 -38.02 45.59
C GLY C 220 -25.64 -36.54 45.36
N TYR C 221 -25.27 -35.71 46.34
CA TYR C 221 -25.37 -34.26 46.24
C TYR C 221 -23.95 -33.70 46.32
N VAL C 222 -23.29 -33.56 45.17
CA VAL C 222 -21.91 -33.09 45.14
C VAL C 222 -21.91 -31.57 45.30
N TRP C 223 -20.84 -31.05 45.91
CA TRP C 223 -20.67 -29.63 46.13
C TRP C 223 -19.29 -29.19 45.66
N LEU C 224 -19.20 -27.93 45.25
CA LEU C 224 -17.94 -27.34 44.81
C LEU C 224 -17.82 -25.96 45.46
N VAL C 225 -16.77 -25.76 46.26
CA VAL C 225 -16.57 -24.51 46.97
C VAL C 225 -15.11 -24.10 46.88
N GLY C 226 -14.87 -22.80 47.10
CA GLY C 226 -13.53 -22.25 47.06
C GLY C 226 -12.86 -22.29 48.42
N GLU C 227 -11.64 -21.75 48.45
CA GLU C 227 -10.83 -21.80 49.67
C GLU C 227 -11.49 -20.99 50.79
N ARG C 228 -11.93 -19.77 50.49
CA ARG C 228 -12.56 -18.95 51.51
C ARG C 228 -13.91 -19.52 51.93
N GLU C 229 -14.53 -20.36 51.11
CA GLU C 229 -15.82 -20.92 51.46
C GLU C 229 -15.73 -21.82 52.68
N ILE C 230 -14.72 -22.67 52.74
CA ILE C 230 -14.59 -23.61 53.85
C ILE C 230 -13.84 -22.99 55.02
N SER C 231 -12.62 -22.49 54.78
CA SER C 231 -11.76 -21.88 55.79
C SER C 231 -11.84 -22.58 57.14
N GLY C 232 -12.08 -21.82 58.19
CA GLY C 232 -12.26 -22.34 59.53
C GLY C 232 -13.70 -22.56 59.95
N ASN C 233 -14.66 -22.18 59.12
CA ASN C 233 -16.07 -22.38 59.42
C ASN C 233 -16.61 -23.68 58.85
N ALA C 234 -15.78 -24.49 58.21
CA ALA C 234 -16.21 -25.78 57.70
C ALA C 234 -16.20 -26.87 58.76
N LEU C 235 -15.66 -26.60 59.95
CA LEU C 235 -15.62 -27.58 61.02
C LEU C 235 -16.90 -27.65 61.83
N ARG C 236 -17.84 -26.73 61.60
CA ARG C 236 -19.08 -26.68 62.37
C ARG C 236 -20.33 -26.59 61.52
N TYR C 237 -20.21 -26.46 60.19
CA TYR C 237 -21.39 -26.32 59.37
C TYR C 237 -21.31 -27.09 58.04
N ALA C 238 -20.26 -27.85 57.80
CA ALA C 238 -20.14 -28.63 56.58
C ALA C 238 -20.64 -30.03 56.83
N PRO C 239 -21.72 -30.47 56.17
CA PRO C 239 -22.30 -31.79 56.48
C PRO C 239 -21.35 -32.95 56.23
N ASP C 240 -20.92 -33.11 54.98
CA ASP C 240 -20.04 -34.22 54.60
C ASP C 240 -19.63 -34.10 53.14
N GLY C 241 -18.48 -34.67 52.79
CA GLY C 241 -18.07 -34.76 51.39
C GLY C 241 -17.93 -33.44 50.68
N ILE C 242 -17.63 -32.36 51.41
CA ILE C 242 -17.51 -31.04 50.82
C ILE C 242 -16.18 -30.96 50.08
N LEU C 243 -16.25 -30.61 48.79
CA LEU C 243 -15.07 -30.52 47.93
C LEU C 243 -14.58 -29.08 47.94
N GLY C 244 -13.51 -28.82 48.69
CA GLY C 244 -12.96 -27.50 48.82
C GLY C 244 -11.70 -27.29 48.00
N LEU C 245 -10.91 -26.31 48.39
CA LEU C 245 -9.68 -25.98 47.70
C LEU C 245 -8.76 -25.21 48.63
N GLN C 246 -7.48 -25.19 48.28
CA GLN C 246 -6.49 -24.52 49.13
C GLN C 246 -5.20 -24.34 48.34
N LEU C 247 -4.65 -23.12 48.38
CA LEU C 247 -3.33 -22.88 47.81
C LEU C 247 -2.27 -23.55 48.67
N ILE C 248 -1.29 -24.19 48.01
CA ILE C 248 -0.31 -24.99 48.74
C ILE C 248 0.60 -24.12 49.59
N ASN C 249 1.06 -22.99 49.06
CA ASN C 249 1.97 -22.14 49.81
C ASN C 249 1.23 -21.27 50.83
N GLY C 250 0.29 -20.46 50.36
CA GLY C 250 -0.53 -19.68 51.28
C GLY C 250 0.29 -18.71 52.10
N LYS C 251 0.10 -18.75 53.42
CA LYS C 251 0.75 -17.81 54.33
C LYS C 251 2.14 -18.33 54.68
N ASN C 252 3.05 -18.21 53.72
CA ASN C 252 4.44 -18.60 53.86
C ASN C 252 5.35 -17.43 53.50
N GLU C 253 5.09 -16.29 54.13
CA GLU C 253 5.67 -15.01 53.74
C GLU C 253 7.17 -15.04 53.52
N SER C 254 7.89 -15.98 54.14
CA SER C 254 9.34 -16.02 53.97
C SER C 254 9.72 -16.36 52.53
N ALA C 255 9.12 -17.42 51.98
CA ALA C 255 9.43 -17.80 50.60
C ALA C 255 9.02 -16.71 49.62
N HIS C 256 7.83 -16.13 49.83
CA HIS C 256 7.37 -15.07 48.96
C HIS C 256 8.30 -13.86 49.02
N ILE C 257 8.75 -13.50 50.22
CA ILE C 257 9.66 -12.36 50.36
C ILE C 257 10.97 -12.64 49.61
N SER C 258 11.52 -13.83 49.80
CA SER C 258 12.78 -14.16 49.13
C SER C 258 12.62 -14.11 47.61
N ASP C 259 11.54 -14.68 47.09
CA ASP C 259 11.36 -14.71 45.65
C ASP C 259 11.08 -13.33 45.08
N ALA C 260 10.31 -12.51 45.79
CA ALA C 260 10.07 -11.16 45.34
C ALA C 260 11.37 -10.36 45.29
N VAL C 261 12.22 -10.50 46.32
CA VAL C 261 13.50 -9.81 46.30
C VAL C 261 14.34 -10.27 45.12
N GLY C 262 14.33 -11.58 44.85
CA GLY C 262 15.08 -12.07 43.71
C GLY C 262 14.59 -11.49 42.40
N VAL C 263 13.26 -11.43 42.21
CA VAL C 263 12.71 -10.90 40.97
C VAL C 263 13.05 -9.42 40.82
N VAL C 264 12.95 -8.66 41.90
CA VAL C 264 13.27 -7.24 41.82
C VAL C 264 14.74 -7.03 41.52
N ALA C 265 15.61 -7.86 42.10
CA ALA C 265 17.04 -7.76 41.80
C ALA C 265 17.32 -8.05 40.33
N GLN C 266 16.67 -9.09 39.79
CA GLN C 266 16.82 -9.39 38.37
C GLN C 266 16.36 -8.22 37.51
N ALA C 267 15.22 -7.64 37.86
CA ALA C 267 14.67 -6.53 37.07
C ALA C 267 15.58 -5.31 37.12
N VAL C 268 16.11 -4.97 38.29
CA VAL C 268 16.96 -3.80 38.39
C VAL C 268 18.27 -4.03 37.65
N HIS C 269 18.80 -5.26 37.69
CA HIS C 269 19.99 -5.56 36.91
C HIS C 269 19.73 -5.42 35.43
N GLU C 270 18.57 -5.88 34.96
CA GLU C 270 18.23 -5.73 33.55
C GLU C 270 18.08 -4.27 33.16
N LEU C 271 17.41 -3.49 34.01
CA LEU C 271 17.03 -2.13 33.65
C LEU C 271 18.20 -1.15 33.74
N LEU C 272 19.09 -1.31 34.72
CA LEU C 272 20.07 -0.27 34.99
C LEU C 272 21.04 -0.06 33.84
N GLU C 273 21.11 -1.00 32.89
CA GLU C 273 21.93 -0.84 31.71
C GLU C 273 21.07 -0.32 30.55
N LYS C 274 20.61 0.92 30.71
CA LYS C 274 19.74 1.55 29.73
C LYS C 274 20.26 2.94 29.40
N GLU C 275 19.74 3.50 28.31
CA GLU C 275 20.23 4.80 27.83
C GLU C 275 19.85 5.93 28.79
N ASN C 276 18.60 5.94 29.26
CA ASN C 276 18.10 7.04 30.08
C ASN C 276 17.61 6.49 31.41
N ILE C 277 18.08 7.06 32.51
CA ILE C 277 17.70 6.65 33.85
C ILE C 277 17.69 7.88 34.76
N THR C 278 16.63 8.02 35.55
CA THR C 278 16.51 9.12 36.50
C THR C 278 16.12 8.57 37.87
N ASP C 279 16.66 9.19 38.92
CA ASP C 279 16.40 8.74 40.28
C ASP C 279 14.96 9.02 40.68
N PRO C 280 14.44 8.29 41.65
CA PRO C 280 13.06 8.51 42.11
C PRO C 280 12.95 9.81 42.88
N PRO C 281 11.72 10.27 43.15
CA PRO C 281 11.55 11.53 43.89
C PRO C 281 12.16 11.47 45.28
N ARG C 282 12.65 12.62 45.74
CA ARG C 282 13.34 12.70 47.02
C ARG C 282 12.38 12.64 48.20
N GLY C 283 11.12 13.01 48.01
CA GLY C 283 10.15 12.93 49.08
C GLY C 283 8.75 13.23 48.58
N CYS C 284 7.76 12.90 49.41
CA CYS C 284 6.37 13.17 49.04
C CYS C 284 6.13 14.67 48.87
N VAL C 285 6.64 15.48 49.80
CA VAL C 285 6.43 16.92 49.76
C VAL C 285 7.60 17.58 49.06
N GLY C 286 7.31 18.36 48.03
CA GLY C 286 8.35 19.06 47.30
C GLY C 286 8.14 19.09 45.81
N ASN C 287 7.38 18.13 45.27
CA ASN C 287 7.18 18.06 43.83
C ASN C 287 5.88 17.32 43.54
N THR C 288 5.37 17.53 42.33
CA THR C 288 4.13 16.91 41.86
C THR C 288 4.35 16.38 40.44
N ASN C 289 5.44 15.66 40.25
CA ASN C 289 5.80 15.12 38.95
C ASN C 289 6.02 13.63 39.06
N ILE C 290 5.50 12.88 38.07
CA ILE C 290 5.65 11.44 38.08
C ILE C 290 7.10 11.05 37.81
N TRP C 291 7.42 9.81 38.14
CA TRP C 291 8.75 9.28 37.85
C TRP C 291 8.93 9.11 36.35
N LYS C 292 10.04 9.62 35.81
CA LYS C 292 10.24 9.62 34.38
C LYS C 292 10.37 8.20 33.83
N THR C 293 11.11 7.35 34.51
CA THR C 293 11.31 5.97 34.08
C THR C 293 10.30 5.00 34.69
N GLY C 294 9.44 5.48 35.57
CA GLY C 294 8.52 4.65 36.32
C GLY C 294 7.84 3.57 35.51
N PRO C 295 6.99 3.97 34.55
CA PRO C 295 6.30 2.96 33.74
C PRO C 295 7.25 1.98 33.09
N LEU C 296 8.39 2.45 32.59
CA LEU C 296 9.36 1.55 31.97
C LEU C 296 9.75 0.45 32.94
N PHE C 297 10.06 0.82 34.18
CA PHE C 297 10.39 -0.18 35.19
C PHE C 297 9.29 -1.23 35.28
N LYS C 298 8.04 -0.78 35.35
CA LYS C 298 6.94 -1.73 35.45
C LYS C 298 6.99 -2.73 34.31
N ARG C 299 7.22 -2.24 33.09
CA ARG C 299 7.27 -3.15 31.95
C ARG C 299 8.36 -4.20 32.12
N VAL C 300 9.53 -3.78 32.58
CA VAL C 300 10.61 -4.74 32.82
C VAL C 300 10.19 -5.72 33.90
N LEU C 301 9.48 -5.25 34.91
CA LEU C 301 9.01 -6.12 35.97
C LEU C 301 7.84 -6.99 35.52
N MET C 302 7.28 -6.71 34.34
CA MET C 302 6.06 -7.39 33.90
C MET C 302 6.35 -8.60 33.04
N SER C 303 7.29 -8.49 32.11
CA SER C 303 7.52 -9.53 31.10
C SER C 303 8.71 -10.41 31.40
N SER C 304 9.74 -9.89 32.07
CA SER C 304 10.96 -10.67 32.29
C SER C 304 10.67 -11.91 33.12
N LYS C 305 10.30 -11.71 34.38
CA LYS C 305 9.92 -12.79 35.29
C LYS C 305 10.89 -13.97 35.23
N TYR C 306 10.34 -15.18 35.34
CA TYR C 306 11.04 -16.45 35.17
C TYR C 306 12.08 -16.74 36.25
N ALA C 307 12.09 -15.98 37.35
CA ALA C 307 13.00 -16.30 38.44
C ALA C 307 12.57 -17.61 39.09
N ASP C 308 13.53 -18.53 39.27
CA ASP C 308 13.25 -19.86 39.79
C ASP C 308 13.64 -19.89 41.26
N GLY C 309 12.63 -19.78 42.13
CA GLY C 309 12.85 -19.79 43.56
C GLY C 309 12.14 -20.92 44.27
N VAL C 310 11.78 -20.72 45.54
CA VAL C 310 11.18 -21.79 46.32
C VAL C 310 9.78 -22.12 45.81
N THR C 311 8.96 -21.10 45.56
CA THR C 311 7.57 -21.35 45.18
C THR C 311 7.43 -21.93 43.79
N GLY C 312 8.50 -21.95 42.99
CA GLY C 312 8.43 -22.52 41.66
C GLY C 312 8.97 -21.60 40.59
N ARG C 313 8.11 -21.22 39.64
CA ARG C 313 8.48 -20.32 38.56
C ARG C 313 7.48 -19.17 38.55
N VAL C 314 7.97 -17.95 38.75
CA VAL C 314 7.12 -16.77 38.83
C VAL C 314 7.03 -16.14 37.45
N GLU C 315 5.81 -15.86 37.00
CA GLU C 315 5.60 -15.21 35.72
C GLU C 315 4.26 -14.47 35.78
N PHE C 316 4.32 -13.15 35.89
CA PHE C 316 3.10 -12.36 35.95
C PHE C 316 2.42 -12.31 34.58
N ASN C 317 1.09 -12.28 34.59
CA ASN C 317 0.33 -12.24 33.35
C ASN C 317 0.18 -10.80 32.87
N GLU C 318 -0.71 -10.59 31.90
CA GLU C 318 -0.81 -9.30 31.22
C GLU C 318 -1.40 -8.20 32.09
N ASP C 319 -1.95 -8.52 33.26
CA ASP C 319 -2.59 -7.47 34.06
C ASP C 319 -2.31 -7.56 35.56
N GLY C 320 -1.20 -8.15 35.97
CA GLY C 320 -0.95 -8.25 37.39
C GLY C 320 -0.73 -9.66 37.92
N ASP C 321 -1.74 -10.15 38.63
CA ASP C 321 -1.69 -11.41 39.38
C ASP C 321 -0.91 -12.51 38.66
N ARG C 322 -0.10 -13.23 39.43
CA ARG C 322 0.71 -14.31 38.90
C ARG C 322 -0.17 -15.42 38.33
N LYS C 323 0.39 -16.16 37.38
CA LYS C 323 -0.32 -17.23 36.70
C LYS C 323 0.47 -18.53 36.81
N PHE C 324 -0.25 -19.65 36.62
CA PHE C 324 0.30 -21.00 36.71
C PHE C 324 0.86 -21.27 38.11
N ALA C 325 -0.04 -21.21 39.09
CA ALA C 325 0.29 -21.55 40.46
C ALA C 325 -0.15 -22.98 40.76
N ASN C 326 0.51 -23.58 41.75
CA ASN C 326 0.23 -24.96 42.13
C ASN C 326 -0.93 -25.00 43.12
N TYR C 327 -1.90 -25.86 42.86
CA TYR C 327 -3.09 -25.96 43.68
C TYR C 327 -3.28 -27.39 44.16
N SER C 328 -3.90 -27.53 45.33
CA SER C 328 -4.17 -28.83 45.93
C SER C 328 -5.66 -28.92 46.25
N ILE C 329 -6.30 -29.97 45.73
CA ILE C 329 -7.72 -30.17 45.97
C ILE C 329 -7.91 -30.82 47.34
N MET C 330 -9.00 -30.45 48.01
CA MET C 330 -9.29 -30.94 49.35
C MET C 330 -10.75 -31.38 49.43
N ASN C 331 -11.00 -32.39 50.27
CA ASN C 331 -12.35 -32.88 50.51
C ASN C 331 -12.54 -33.13 51.99
N LEU C 332 -13.75 -32.83 52.48
CA LEU C 332 -14.10 -33.11 53.86
C LEU C 332 -14.44 -34.59 54.03
N GLN C 333 -13.91 -35.20 55.09
CA GLN C 333 -14.16 -36.61 55.37
C GLN C 333 -14.32 -36.77 56.88
N ASN C 334 -15.56 -36.67 57.35
CA ASN C 334 -15.91 -36.84 58.76
C ASN C 334 -15.08 -35.90 59.64
N ARG C 335 -15.30 -34.60 59.42
CA ARG C 335 -14.61 -33.54 60.15
C ARG C 335 -13.09 -33.63 59.97
N LYS C 336 -12.64 -34.04 58.79
CA LYS C 336 -11.23 -34.11 58.47
C LYS C 336 -11.00 -33.49 57.10
N LEU C 337 -9.73 -33.26 56.78
CA LEU C 337 -9.32 -32.53 55.58
C LEU C 337 -8.31 -33.33 54.78
N VAL C 338 -8.64 -34.60 54.50
CA VAL C 338 -7.73 -35.46 53.76
C VAL C 338 -7.54 -34.93 52.34
N GLN C 339 -6.30 -34.86 51.90
CA GLN C 339 -6.00 -34.40 50.55
C GLN C 339 -6.49 -35.41 49.52
N VAL C 340 -6.82 -34.92 48.33
CA VAL C 340 -7.37 -35.75 47.28
C VAL C 340 -6.42 -35.80 46.08
N GLY C 341 -5.66 -34.73 45.87
CA GLY C 341 -4.77 -34.67 44.74
C GLY C 341 -4.14 -33.30 44.61
N ILE C 342 -3.42 -33.12 43.51
CA ILE C 342 -2.67 -31.89 43.23
C ILE C 342 -2.99 -31.45 41.81
N TYR C 343 -3.10 -30.14 41.61
CA TYR C 343 -3.23 -29.54 40.29
C TYR C 343 -2.08 -28.56 40.09
N ASN C 344 -1.31 -28.77 39.02
CA ASN C 344 -0.20 -27.87 38.74
C ASN C 344 -0.60 -26.78 37.74
N GLY C 345 -0.98 -27.18 36.52
CA GLY C 345 -1.47 -26.25 35.53
C GLY C 345 -2.00 -26.95 34.30
N THR C 346 -3.22 -26.62 33.89
CA THR C 346 -3.87 -27.20 32.72
C THR C 346 -3.92 -28.73 32.79
N HIS C 347 -3.79 -29.29 34.00
CA HIS C 347 -3.82 -30.73 34.19
C HIS C 347 -3.98 -31.07 35.66
N VAL C 348 -4.92 -31.95 35.99
CA VAL C 348 -5.14 -32.39 37.36
C VAL C 348 -4.77 -33.85 37.48
N ILE C 349 -3.88 -34.16 38.41
CA ILE C 349 -3.46 -35.53 38.70
C ILE C 349 -4.12 -35.97 40.00
N PRO C 350 -4.99 -36.97 39.98
CA PRO C 350 -5.62 -37.44 41.22
C PRO C 350 -4.64 -38.29 42.01
N ASN C 351 -5.16 -38.85 43.11
CA ASN C 351 -4.36 -39.68 44.01
C ASN C 351 -4.99 -41.06 44.13
N ASP C 352 -4.20 -42.02 44.62
CA ASP C 352 -4.65 -43.38 44.82
C ASP C 352 -5.58 -43.53 46.03
N ARG C 353 -6.01 -42.43 46.63
CA ARG C 353 -6.91 -42.47 47.77
C ARG C 353 -8.34 -42.21 47.30
N LYS C 354 -9.24 -43.14 47.62
CA LYS C 354 -10.63 -42.98 47.25
C LYS C 354 -11.31 -41.91 48.10
N ILE C 355 -12.37 -41.32 47.55
CA ILE C 355 -13.12 -40.27 48.22
C ILE C 355 -14.53 -40.77 48.51
N ILE C 356 -15.20 -40.10 49.43
CA ILE C 356 -16.58 -40.40 49.79
C ILE C 356 -17.42 -39.19 49.44
N TRP C 357 -18.44 -39.40 48.61
CA TRP C 357 -19.35 -38.33 48.25
C TRP C 357 -20.28 -38.02 49.42
N PRO C 358 -20.96 -36.88 49.39
CA PRO C 358 -21.85 -36.53 50.51
C PRO C 358 -23.08 -37.42 50.56
N GLY C 359 -22.94 -38.58 51.17
CA GLY C 359 -23.99 -39.58 51.18
C GLY C 359 -23.44 -41.00 51.16
N GLY C 360 -22.13 -41.14 50.98
CA GLY C 360 -21.48 -42.42 51.04
C GLY C 360 -21.51 -43.23 49.76
N GLU C 361 -22.08 -42.69 48.68
CA GLU C 361 -22.13 -43.39 47.41
C GLU C 361 -20.74 -43.40 46.79
N THR C 362 -20.04 -44.52 46.92
CA THR C 362 -18.68 -44.65 46.37
C THR C 362 -18.79 -44.95 44.88
N GLU C 363 -19.08 -43.90 44.12
CA GLU C 363 -19.29 -44.01 42.68
C GLU C 363 -19.14 -42.60 42.09
N LYS C 364 -19.57 -42.44 40.84
CA LYS C 364 -19.56 -41.15 40.16
C LYS C 364 -20.98 -40.88 39.66
N PRO C 365 -21.85 -40.38 40.55
CA PRO C 365 -23.25 -40.13 40.14
C PRO C 365 -23.33 -39.12 39.00
N ARG C 366 -24.28 -39.35 38.11
CA ARG C 366 -24.53 -38.48 36.97
C ARG C 366 -25.74 -37.59 37.28
N GLY C 367 -25.57 -36.28 37.13
CA GLY C 367 -26.64 -35.35 37.43
C GLY C 367 -26.94 -34.36 36.32
N TYR C 368 -26.82 -34.82 35.07
CA TYR C 368 -27.08 -33.99 33.90
C TYR C 368 -28.15 -34.62 33.03
N GLN C 369 -29.15 -35.25 33.66
CA GLN C 369 -30.26 -35.85 32.94
C GLN C 369 -31.09 -34.75 32.31
N MET C 370 -30.97 -34.59 31.00
CA MET C 370 -31.61 -33.48 30.29
C MET C 370 -31.77 -33.88 28.83
N SER C 371 -32.03 -32.89 27.97
CA SER C 371 -32.17 -33.08 26.52
C SER C 371 -33.35 -33.99 26.21
N THR C 372 -33.42 -34.46 24.96
CA THR C 372 -34.53 -35.28 24.48
C THR C 372 -35.88 -34.57 24.65
N ARG C 373 -35.83 -33.25 24.74
CA ARG C 373 -37.03 -32.42 24.87
C ARG C 373 -36.72 -31.07 24.25
N LEU C 374 -37.51 -30.67 23.26
CA LEU C 374 -37.28 -29.41 22.57
C LEU C 374 -38.60 -28.69 22.37
N LYS C 375 -38.51 -27.39 22.14
CA LYS C 375 -39.68 -26.53 21.99
C LYS C 375 -39.60 -25.79 20.66
N ILE C 376 -39.35 -26.52 19.58
CA ILE C 376 -39.13 -25.92 18.28
C ILE C 376 -40.36 -25.12 17.84
N VAL C 377 -40.12 -24.05 17.10
CA VAL C 377 -41.14 -23.10 16.70
C VAL C 377 -41.21 -23.03 15.19
N THR C 378 -42.41 -23.20 14.64
CA THR C 378 -42.66 -23.08 13.22
C THR C 378 -43.52 -21.85 12.95
N ILE C 379 -43.93 -21.68 11.69
CA ILE C 379 -44.75 -20.55 11.29
C ILE C 379 -45.57 -20.94 10.07
N HIS C 380 -46.87 -20.71 10.13
CA HIS C 380 -47.78 -21.08 9.05
C HIS C 380 -47.42 -20.35 7.77
N GLN C 381 -47.03 -21.10 6.74
CA GLN C 381 -46.69 -20.51 5.44
C GLN C 381 -47.67 -20.91 4.36
N GLU C 382 -47.80 -22.23 4.07
CA GLU C 382 -48.84 -22.88 3.29
C GLU C 382 -48.42 -24.30 2.94
N PRO C 383 -47.49 -24.55 1.98
CA PRO C 383 -47.24 -25.95 1.60
C PRO C 383 -46.26 -26.65 2.52
N PHE C 384 -45.35 -25.88 3.12
CA PHE C 384 -44.34 -26.47 3.98
C PHE C 384 -44.90 -26.84 5.34
N VAL C 385 -45.87 -26.07 5.83
CA VAL C 385 -46.55 -26.37 7.09
C VAL C 385 -48.02 -25.98 6.97
N TYR C 386 -48.89 -26.84 7.49
CA TYR C 386 -50.33 -26.67 7.40
C TYR C 386 -50.91 -26.62 8.81
N VAL C 387 -51.75 -25.62 9.06
CA VAL C 387 -52.41 -25.44 10.35
C VAL C 387 -53.91 -25.61 10.15
N LYS C 388 -54.52 -26.44 10.99
CA LYS C 388 -55.94 -26.73 10.91
C LYS C 388 -56.51 -26.80 12.32
N PRO C 389 -57.75 -26.37 12.52
CA PRO C 389 -58.37 -26.53 13.84
C PRO C 389 -58.49 -27.99 14.23
N THR C 390 -58.31 -28.27 15.52
CA THR C 390 -58.31 -29.64 16.00
C THR C 390 -59.73 -30.19 16.02
N LEU C 391 -59.82 -31.49 16.25
CA LEU C 391 -61.11 -32.13 16.49
C LEU C 391 -61.70 -31.63 17.80
N SER C 392 -63.03 -31.61 17.87
CA SER C 392 -63.71 -31.10 19.06
C SER C 392 -63.29 -31.86 20.32
N ASP C 393 -62.88 -33.11 20.18
CA ASP C 393 -62.37 -33.89 21.29
C ASP C 393 -60.87 -33.71 21.52
N GLY C 394 -60.21 -32.90 20.69
CA GLY C 394 -58.78 -32.67 20.85
C GLY C 394 -57.90 -33.80 20.38
N THR C 395 -58.35 -34.57 19.38
CA THR C 395 -57.62 -35.71 18.86
C THR C 395 -57.61 -35.70 17.34
N CYS C 396 -57.21 -34.56 16.76
CA CYS C 396 -57.20 -34.38 15.31
C CYS C 396 -56.54 -35.57 14.62
N LYS C 397 -57.33 -36.30 13.85
CA LYS C 397 -56.87 -37.54 13.23
C LYS C 397 -57.79 -37.84 12.04
N GLU C 398 -57.72 -39.08 11.56
CA GLU C 398 -58.56 -39.56 10.46
C GLU C 398 -58.26 -38.80 9.16
N GLU C 399 -57.02 -38.96 8.69
CA GLU C 399 -56.61 -38.48 7.39
C GLU C 399 -55.75 -39.53 6.72
N PHE C 400 -55.86 -39.64 5.40
CA PHE C 400 -55.10 -40.63 4.65
C PHE C 400 -54.86 -40.10 3.24
N THR C 401 -53.87 -40.67 2.57
CA THR C 401 -53.49 -40.28 1.23
C THR C 401 -53.97 -41.31 0.21
N VAL C 402 -53.80 -40.97 -1.06
CA VAL C 402 -54.25 -41.85 -2.14
C VAL C 402 -53.50 -43.17 -2.11
N ASN C 403 -52.20 -43.11 -1.84
CA ASN C 403 -51.34 -44.30 -1.82
C ASN C 403 -51.55 -45.16 -0.58
N GLY C 404 -52.60 -44.92 0.19
CA GLY C 404 -52.86 -45.71 1.39
C GLY C 404 -51.84 -45.50 2.49
N ASP C 405 -51.39 -44.27 2.69
CA ASP C 405 -50.42 -43.94 3.72
C ASP C 405 -51.01 -42.88 4.64
N PRO C 406 -51.20 -43.15 5.93
CA PRO C 406 -51.73 -42.13 6.83
C PRO C 406 -50.75 -40.97 6.95
N VAL C 407 -51.31 -39.77 7.12
CA VAL C 407 -50.50 -38.57 7.23
C VAL C 407 -50.06 -38.39 8.68
N LYS C 408 -48.76 -38.36 8.91
CA LYS C 408 -48.23 -38.09 10.24
C LYS C 408 -48.63 -36.69 10.66
N LYS C 409 -49.06 -36.55 11.92
CA LYS C 409 -49.58 -35.29 12.43
C LYS C 409 -48.99 -34.99 13.80
N VAL C 410 -48.92 -33.70 14.11
CA VAL C 410 -48.50 -33.21 15.41
C VAL C 410 -49.44 -32.10 15.84
N ILE C 411 -49.41 -31.79 17.14
CA ILE C 411 -50.33 -30.84 17.74
C ILE C 411 -49.53 -29.62 18.20
N CYS C 412 -49.94 -28.44 17.73
CA CYS C 412 -49.29 -27.18 18.09
C CYS C 412 -50.07 -26.50 19.21
N THR C 413 -49.44 -25.49 19.80
CA THR C 413 -50.04 -24.68 20.87
C THR C 413 -49.96 -23.21 20.50
N GLY C 414 -50.34 -22.87 19.27
CA GLY C 414 -50.23 -21.51 18.79
C GLY C 414 -51.38 -20.65 19.24
N PRO C 415 -51.39 -19.41 18.75
CA PRO C 415 -52.46 -18.48 19.14
C PRO C 415 -53.81 -18.90 18.58
N ASN C 416 -54.69 -19.40 19.46
CA ASN C 416 -55.99 -19.88 19.01
C ASN C 416 -56.83 -18.75 18.41
N ASP C 417 -56.77 -17.57 19.03
CA ASP C 417 -57.52 -16.43 18.54
C ASP C 417 -56.91 -15.81 17.27
N THR C 418 -55.64 -16.13 16.98
CA THR C 418 -54.94 -15.66 15.78
C THR C 418 -54.83 -14.14 15.75
N SER C 419 -55.96 -13.46 15.63
CA SER C 419 -55.94 -11.99 15.56
C SER C 419 -55.47 -11.40 16.89
N PRO C 420 -54.65 -10.36 16.87
CA PRO C 420 -54.18 -9.75 18.10
C PRO C 420 -55.29 -8.99 18.82
N GLY C 421 -55.07 -8.79 20.12
CA GLY C 421 -55.96 -8.04 20.99
C GLY C 421 -56.87 -8.92 21.82
N SER C 422 -57.09 -10.15 21.39
CA SER C 422 -57.90 -11.09 22.15
C SER C 422 -57.05 -11.73 23.25
N PRO C 423 -57.68 -12.35 24.22
CA PRO C 423 -56.94 -12.96 25.29
C PRO C 423 -56.40 -14.36 25.01
N ARG C 424 -55.21 -14.40 24.41
CA ARG C 424 -54.67 -15.58 23.74
C ARG C 424 -55.02 -16.87 24.47
N HIS C 425 -55.64 -17.80 23.75
CA HIS C 425 -56.08 -19.06 24.35
C HIS C 425 -55.00 -20.13 24.30
N THR C 426 -54.22 -20.15 23.23
CA THR C 426 -53.18 -21.16 23.01
C THR C 426 -53.76 -22.58 23.14
N VAL C 427 -54.95 -22.76 22.58
CA VAL C 427 -55.59 -24.07 22.57
C VAL C 427 -54.86 -24.97 21.59
N PRO C 428 -54.76 -26.27 21.84
CA PRO C 428 -54.09 -27.17 20.90
C PRO C 428 -54.76 -27.16 19.53
N GLN C 429 -53.95 -27.25 18.48
CA GLN C 429 -54.43 -27.33 17.11
C GLN C 429 -53.74 -28.47 16.37
N CYS C 430 -53.91 -28.53 15.05
CA CYS C 430 -53.32 -29.59 14.24
C CYS C 430 -52.36 -28.97 13.23
N CYS C 431 -51.18 -29.57 13.11
CA CYS C 431 -50.16 -29.09 12.18
C CYS C 431 -49.56 -30.27 11.43
N TYR C 432 -49.38 -30.09 10.13
CA TYR C 432 -48.83 -31.15 9.28
C TYR C 432 -48.33 -30.57 7.97
N GLY C 433 -47.19 -31.05 7.50
CA GLY C 433 -46.68 -30.59 6.22
C GLY C 433 -45.27 -31.09 5.95
N PHE C 434 -44.62 -30.43 4.98
CA PHE C 434 -43.26 -30.77 4.59
C PHE C 434 -42.31 -30.75 5.78
N CYS C 435 -42.29 -29.63 6.50
CA CYS C 435 -41.38 -29.51 7.64
C CYS C 435 -41.72 -30.50 8.74
N ILE C 436 -43.01 -30.81 8.92
CA ILE C 436 -43.40 -31.78 9.94
C ILE C 436 -42.84 -33.16 9.60
N ASP C 437 -42.95 -33.57 8.33
CA ASP C 437 -42.38 -34.85 7.92
C ASP C 437 -40.86 -34.86 8.08
N LEU C 438 -40.20 -33.76 7.71
CA LEU C 438 -38.75 -33.69 7.87
C LEU C 438 -38.37 -33.80 9.34
N LEU C 439 -39.11 -33.13 10.21
CA LEU C 439 -38.83 -33.19 11.64
C LEU C 439 -39.04 -34.60 12.17
N ILE C 440 -40.09 -35.28 11.69
CA ILE C 440 -40.34 -36.66 12.12
C ILE C 440 -39.17 -37.55 11.74
N LYS C 441 -38.70 -37.43 10.48
CA LYS C 441 -37.56 -38.23 10.04
C LYS C 441 -36.31 -37.91 10.86
N LEU C 442 -36.07 -36.62 11.12
CA LEU C 442 -34.90 -36.23 11.90
C LEU C 442 -34.97 -36.79 13.31
N ALA C 443 -36.14 -36.74 13.94
CA ALA C 443 -36.28 -37.24 15.30
C ALA C 443 -36.12 -38.75 15.35
N ARG C 444 -36.63 -39.45 14.33
CA ARG C 444 -36.45 -40.90 14.29
C ARG C 444 -34.99 -41.27 14.10
N THR C 445 -34.29 -40.57 13.20
CA THR C 445 -32.87 -40.87 12.99
C THR C 445 -32.04 -40.50 14.21
N MET C 446 -32.30 -39.32 14.79
CA MET C 446 -31.65 -38.90 16.02
C MET C 446 -32.43 -39.47 17.21
N ASN C 447 -32.15 -38.96 18.42
CA ASN C 447 -32.86 -39.42 19.62
C ASN C 447 -33.27 -38.19 20.44
N PHE C 448 -34.48 -37.70 20.20
CA PHE C 448 -35.04 -36.62 21.00
C PHE C 448 -36.54 -36.60 20.81
N THR C 449 -37.22 -35.79 21.62
CA THR C 449 -38.66 -35.63 21.57
C THR C 449 -39.01 -34.16 21.35
N TYR C 450 -40.10 -33.93 20.64
CA TYR C 450 -40.50 -32.61 20.17
C TYR C 450 -41.80 -32.19 20.84
N GLU C 451 -41.93 -30.89 21.07
CA GLU C 451 -43.12 -30.28 21.67
C GLU C 451 -43.53 -29.04 20.88
N VAL C 452 -43.67 -29.20 19.57
CA VAL C 452 -43.89 -28.12 18.61
C VAL C 452 -44.91 -27.13 19.11
N HIS C 453 -44.54 -25.84 19.10
CA HIS C 453 -45.46 -24.77 19.43
C HIS C 453 -45.31 -23.64 18.41
N LEU C 454 -46.43 -23.19 17.88
CA LEU C 454 -46.40 -22.18 16.83
C LEU C 454 -45.96 -20.84 17.40
N VAL C 455 -45.49 -19.96 16.51
CA VAL C 455 -44.98 -18.67 16.94
C VAL C 455 -46.12 -17.81 17.49
N ALA C 456 -45.77 -16.83 18.31
CA ALA C 456 -46.73 -15.93 18.91
C ALA C 456 -46.94 -14.67 18.09
N ASP C 457 -45.88 -14.10 17.52
CA ASP C 457 -46.01 -12.83 16.82
C ASP C 457 -46.53 -13.03 15.41
N GLY C 458 -45.77 -13.73 14.57
CA GLY C 458 -46.19 -13.95 13.20
C GLY C 458 -45.14 -13.57 12.17
N LYS C 459 -44.40 -12.49 12.44
CA LYS C 459 -43.34 -12.06 11.54
C LYS C 459 -42.23 -13.10 11.50
N PHE C 460 -41.57 -13.20 10.34
CA PHE C 460 -40.49 -14.16 10.19
C PHE C 460 -39.33 -13.84 11.13
N GLY C 461 -38.98 -12.57 11.25
CA GLY C 461 -37.89 -12.17 12.13
C GLY C 461 -36.98 -11.13 11.50
N THR C 462 -36.76 -10.03 12.20
CA THR C 462 -35.93 -8.95 11.69
C THR C 462 -35.32 -8.19 12.86
N GLN C 463 -34.20 -7.53 12.59
CA GLN C 463 -33.62 -6.58 13.54
C GLN C 463 -34.32 -5.25 13.42
N GLU C 464 -34.70 -4.66 14.56
CA GLU C 464 -35.36 -3.36 14.53
C GLU C 464 -35.04 -2.63 15.82
N ARG C 465 -35.00 -1.30 15.72
CA ARG C 465 -34.78 -0.47 16.90
C ARG C 465 -36.03 -0.42 17.76
N VAL C 466 -35.88 -0.71 19.04
CA VAL C 466 -37.02 -0.68 19.96
C VAL C 466 -37.54 0.74 20.08
N ASN C 467 -38.85 0.88 20.21
CA ASN C 467 -39.47 2.18 20.30
C ASN C 467 -39.13 2.86 21.62
N ASN C 468 -39.00 4.18 21.59
CA ASN C 468 -38.72 5.00 22.77
C ASN C 468 -37.45 4.53 23.48
N SER C 469 -36.41 4.30 22.69
CA SER C 469 -35.12 3.87 23.22
C SER C 469 -34.05 4.19 22.17
N ASN C 470 -32.83 3.68 22.40
CA ASN C 470 -31.73 3.88 21.46
C ASN C 470 -31.02 2.58 21.13
N LYS C 471 -31.65 1.44 21.39
CA LYS C 471 -31.10 0.13 21.10
C LYS C 471 -31.93 -0.55 20.02
N LYS C 472 -31.57 -1.80 19.72
CA LYS C 472 -32.28 -2.59 18.73
C LYS C 472 -32.25 -4.05 19.16
N GLU C 473 -33.19 -4.83 18.62
CA GLU C 473 -33.34 -6.22 19.01
C GLU C 473 -34.01 -7.00 17.89
N TRP C 474 -34.05 -8.32 18.08
CA TRP C 474 -34.66 -9.25 17.14
C TRP C 474 -36.13 -9.43 17.46
N ASN C 475 -36.98 -9.27 16.46
CA ASN C 475 -38.41 -9.50 16.62
C ASN C 475 -38.82 -10.74 15.84
N GLY C 476 -40.12 -11.02 15.87
CA GLY C 476 -40.62 -12.12 15.07
C GLY C 476 -40.22 -13.48 15.61
N MET C 477 -40.33 -14.48 14.72
CA MET C 477 -40.04 -15.86 15.10
C MET C 477 -38.60 -16.04 15.53
N MET C 478 -37.68 -15.27 14.95
CA MET C 478 -36.29 -15.31 15.39
C MET C 478 -36.13 -14.88 16.83
N GLY C 479 -37.06 -14.08 17.37
CA GLY C 479 -36.95 -13.64 18.74
C GLY C 479 -36.96 -14.79 19.72
N GLU C 480 -37.84 -15.77 19.52
CA GLU C 480 -37.90 -16.93 20.40
C GLU C 480 -36.65 -17.78 20.34
N LEU C 481 -35.81 -17.59 19.34
CA LEU C 481 -34.54 -18.33 19.27
C LEU C 481 -33.56 -17.85 20.33
N LEU C 482 -33.55 -16.54 20.59
CA LEU C 482 -32.61 -15.95 21.53
C LEU C 482 -33.17 -15.85 22.94
N SER C 483 -34.06 -16.77 23.32
CA SER C 483 -34.65 -16.80 24.64
C SER C 483 -34.75 -18.26 25.06
N GLY C 484 -35.55 -18.52 26.10
CA GLY C 484 -35.67 -19.87 26.61
C GLY C 484 -36.27 -20.86 25.64
N GLN C 485 -37.17 -20.39 24.77
CA GLN C 485 -37.84 -21.27 23.82
C GLN C 485 -36.84 -21.94 22.88
N ALA C 486 -36.18 -21.13 22.04
CA ALA C 486 -35.05 -21.53 21.21
C ALA C 486 -35.20 -22.92 20.61
N ASP C 487 -34.43 -23.87 21.13
CA ASP C 487 -34.46 -25.28 20.73
C ASP C 487 -33.93 -25.38 19.29
N MET C 488 -34.69 -25.94 18.36
CA MET C 488 -34.18 -26.36 17.06
C MET C 488 -35.16 -25.89 15.99
N ILE C 489 -35.39 -24.57 15.95
CA ILE C 489 -36.37 -23.95 15.06
C ILE C 489 -36.35 -24.54 13.65
N VAL C 490 -37.51 -24.99 13.18
CA VAL C 490 -37.65 -25.61 11.87
C VAL C 490 -38.83 -24.97 11.16
N ALA C 491 -38.57 -24.37 10.01
CA ALA C 491 -39.55 -23.57 9.30
C ALA C 491 -38.96 -23.16 7.95
N PRO C 492 -39.76 -22.62 7.04
CA PRO C 492 -39.19 -22.16 5.78
C PRO C 492 -38.33 -20.91 5.94
N LEU C 493 -37.26 -21.02 6.72
CA LEU C 493 -36.37 -19.90 6.96
C LEU C 493 -35.54 -19.61 5.71
N THR C 494 -34.69 -18.59 5.80
CA THR C 494 -33.83 -18.21 4.69
C THR C 494 -32.44 -17.90 5.22
N ILE C 495 -31.41 -18.29 4.48
CA ILE C 495 -30.03 -18.10 4.89
C ILE C 495 -29.59 -16.70 4.47
N ASN C 496 -29.31 -15.85 5.45
CA ASN C 496 -28.92 -14.48 5.19
C ASN C 496 -27.70 -14.14 6.03
N ASN C 497 -26.96 -13.12 5.58
CA ASN C 497 -25.76 -12.69 6.31
C ASN C 497 -26.13 -12.19 7.71
N GLU C 498 -27.09 -11.27 7.79
CA GLU C 498 -27.47 -10.70 9.08
C GLU C 498 -27.99 -11.76 10.02
N ARG C 499 -28.83 -12.68 9.51
CA ARG C 499 -29.31 -13.77 10.33
C ARG C 499 -28.17 -14.66 10.79
N ALA C 500 -27.24 -14.98 9.90
CA ALA C 500 -26.17 -15.90 10.23
C ALA C 500 -25.15 -15.30 11.17
N GLN C 501 -25.10 -13.97 11.30
CA GLN C 501 -24.14 -13.37 12.20
C GLN C 501 -24.42 -13.68 13.67
N TYR C 502 -25.64 -14.11 14.00
CA TYR C 502 -26.03 -14.39 15.38
C TYR C 502 -26.29 -15.86 15.65
N ILE C 503 -27.09 -16.50 14.80
CA ILE C 503 -27.33 -17.94 14.89
C ILE C 503 -26.58 -18.62 13.75
N GLU C 504 -26.47 -19.94 13.84
CA GLU C 504 -25.78 -20.73 12.82
C GLU C 504 -26.76 -21.70 12.19
N PHE C 505 -26.71 -21.78 10.86
CA PHE C 505 -27.64 -22.59 10.09
C PHE C 505 -27.06 -23.97 9.85
N SER C 506 -27.70 -24.73 8.98
CA SER C 506 -27.20 -26.01 8.50
C SER C 506 -27.15 -25.98 6.98
N LYS C 507 -26.79 -27.11 6.38
CA LYS C 507 -26.84 -27.19 4.93
C LYS C 507 -28.30 -27.12 4.48
N PRO C 508 -28.59 -26.38 3.42
CA PRO C 508 -29.99 -26.14 3.05
C PRO C 508 -30.69 -27.43 2.66
N PHE C 509 -32.01 -27.46 2.90
CA PHE C 509 -32.84 -28.56 2.42
C PHE C 509 -33.77 -28.13 1.29
N LYS C 510 -33.50 -26.97 0.67
CA LYS C 510 -34.25 -26.51 -0.50
C LYS C 510 -33.41 -25.46 -1.20
N TYR C 511 -33.86 -25.10 -2.40
CA TYR C 511 -33.22 -24.03 -3.17
C TYR C 511 -34.31 -23.24 -3.89
N GLN C 512 -34.23 -21.92 -3.83
CA GLN C 512 -35.32 -21.09 -4.29
C GLN C 512 -34.81 -19.75 -4.77
N GLY C 513 -35.67 -19.05 -5.51
CA GLY C 513 -35.41 -17.69 -5.97
C GLY C 513 -36.48 -16.73 -5.47
N LEU C 514 -36.87 -15.76 -6.29
CA LEU C 514 -37.93 -14.83 -5.92
C LEU C 514 -39.12 -14.85 -6.86
N THR C 515 -38.90 -14.78 -8.18
CA THR C 515 -39.92 -15.06 -9.19
C THR C 515 -41.20 -14.24 -8.98
N ILE C 516 -41.08 -12.94 -9.25
CA ILE C 516 -42.18 -11.97 -9.15
C ILE C 516 -43.47 -12.57 -9.71
N LEU C 517 -44.57 -12.42 -8.98
CA LEU C 517 -45.86 -12.99 -9.34
C LEU C 517 -46.88 -11.90 -9.60
N VAL C 518 -47.66 -12.07 -10.66
CA VAL C 518 -48.76 -11.17 -10.99
C VAL C 518 -49.98 -12.00 -11.35
N LYS C 519 -51.15 -11.36 -11.26
CA LYS C 519 -52.41 -12.04 -11.59
C LYS C 519 -52.50 -12.32 -13.08
N LYS C 520 -53.05 -13.48 -13.42
CA LYS C 520 -53.16 -13.87 -14.82
C LYS C 520 -54.10 -12.94 -15.58
N GLU C 521 -53.75 -12.65 -16.82
CA GLU C 521 -54.57 -11.78 -17.66
C GLU C 521 -55.75 -12.55 -18.23
N ILE C 522 -56.91 -11.89 -18.25
CA ILE C 522 -58.13 -12.49 -18.79
C ILE C 522 -58.08 -12.41 -20.31
N PRO C 523 -58.15 -13.53 -21.03
CA PRO C 523 -58.08 -13.51 -22.49
C PRO C 523 -59.41 -13.09 -23.10
N ARG C 524 -59.44 -11.88 -23.66
CA ARG C 524 -60.64 -11.35 -24.29
C ARG C 524 -60.70 -11.64 -25.78
N SER C 525 -59.68 -12.28 -26.35
CA SER C 525 -59.67 -12.62 -27.77
C SER C 525 -60.36 -13.97 -27.95
N THR C 526 -61.67 -13.91 -28.23
CA THR C 526 -62.47 -15.11 -28.42
C THR C 526 -63.27 -15.09 -29.72
N LEU C 527 -63.00 -14.13 -30.60
CA LEU C 527 -63.67 -14.03 -31.90
C LEU C 527 -65.18 -13.88 -31.74
N ASP C 528 -65.62 -13.28 -30.63
CA ASP C 528 -67.05 -13.06 -30.43
C ASP C 528 -67.60 -12.07 -31.45
N SER C 529 -66.86 -11.01 -31.74
CA SER C 529 -67.27 -9.99 -32.71
C SER C 529 -66.29 -9.99 -33.86
N PHE C 530 -66.82 -10.10 -35.08
CA PHE C 530 -65.96 -10.15 -36.27
C PHE C 530 -65.35 -8.78 -36.57
N MET C 531 -66.10 -7.70 -36.34
CA MET C 531 -65.65 -6.36 -36.65
C MET C 531 -64.83 -5.72 -35.54
N GLN C 532 -64.61 -6.43 -34.43
CA GLN C 532 -63.84 -5.87 -33.33
C GLN C 532 -62.39 -5.57 -33.69
N PRO C 533 -61.62 -6.49 -34.32
CA PRO C 533 -60.20 -6.18 -34.59
C PRO C 533 -60.01 -5.01 -35.54
N PHE C 534 -60.61 -5.10 -36.73
CA PHE C 534 -60.50 -4.04 -37.72
C PHE C 534 -61.53 -2.94 -37.41
N GLN C 535 -61.71 -2.02 -38.35
CA GLN C 535 -62.70 -0.95 -38.16
C GLN C 535 -64.11 -1.52 -38.27
N SER C 536 -64.89 -1.37 -37.20
CA SER C 536 -66.25 -1.88 -37.21
C SER C 536 -67.12 -1.17 -38.24
N THR C 537 -66.99 0.17 -38.32
CA THR C 537 -67.79 0.94 -39.26
C THR C 537 -67.54 0.53 -40.72
N LEU C 538 -66.38 -0.05 -41.01
CA LEU C 538 -66.12 -0.57 -42.35
C LEU C 538 -67.18 -1.58 -42.76
N TRP C 539 -67.65 -2.39 -41.81
CA TRP C 539 -68.71 -3.35 -42.10
C TRP C 539 -69.96 -2.65 -42.60
N LEU C 540 -70.24 -1.46 -42.08
CA LEU C 540 -71.40 -0.70 -42.56
C LEU C 540 -71.18 -0.19 -43.97
N LEU C 541 -69.93 0.07 -44.35
CA LEU C 541 -69.65 0.66 -45.67
C LEU C 541 -70.09 -0.26 -46.79
N VAL C 542 -69.84 -1.56 -46.65
CA VAL C 542 -70.31 -2.54 -47.64
C VAL C 542 -71.76 -2.93 -47.44
N GLY C 543 -72.40 -2.46 -46.37
CA GLY C 543 -73.78 -2.83 -46.13
C GLY C 543 -74.74 -2.29 -47.18
N LEU C 544 -74.56 -1.02 -47.55
CA LEU C 544 -75.48 -0.34 -48.46
C LEU C 544 -74.99 -0.30 -49.90
N SER C 545 -73.72 0.10 -50.10
CA SER C 545 -73.20 0.27 -51.45
C SER C 545 -73.30 -1.01 -52.27
N VAL C 546 -73.23 -2.18 -51.63
CA VAL C 546 -73.38 -3.44 -52.33
C VAL C 546 -74.71 -3.47 -53.08
N HIS C 547 -75.79 -3.10 -52.40
CA HIS C 547 -77.09 -3.05 -53.05
C HIS C 547 -77.08 -2.07 -54.21
N VAL C 548 -76.36 -0.95 -54.07
CA VAL C 548 -76.25 0.01 -55.16
C VAL C 548 -75.63 -0.65 -56.38
N VAL C 549 -74.66 -1.53 -56.16
CA VAL C 549 -74.04 -2.25 -57.27
C VAL C 549 -75.11 -3.03 -58.05
N ALA C 550 -76.04 -3.66 -57.32
CA ALA C 550 -77.13 -4.35 -57.99
C ALA C 550 -77.93 -3.39 -58.86
N VAL C 551 -78.22 -2.19 -58.33
CA VAL C 551 -78.91 -1.19 -59.13
C VAL C 551 -78.12 -0.86 -60.38
N MET C 552 -76.79 -0.86 -60.27
CA MET C 552 -75.94 -0.61 -61.43
C MET C 552 -76.26 -1.58 -62.56
N LEU C 553 -76.51 -2.85 -62.21
CA LEU C 553 -76.90 -3.81 -63.24
C LEU C 553 -78.18 -3.39 -63.94
N TYR C 554 -79.18 -2.96 -63.16
CA TYR C 554 -80.41 -2.45 -63.75
C TYR C 554 -80.14 -1.18 -64.55
N LEU C 555 -79.10 -0.44 -64.18
CA LEU C 555 -78.72 0.75 -64.96
C LEU C 555 -78.33 0.36 -66.38
N LEU C 556 -77.85 -0.87 -66.59
CA LEU C 556 -77.55 -1.36 -67.92
C LEU C 556 -78.70 -2.14 -68.54
N ASP C 557 -79.83 -2.28 -67.83
CA ASP C 557 -80.96 -3.02 -68.37
C ASP C 557 -81.69 -2.24 -69.47
N ARG C 558 -81.43 -0.95 -69.60
CA ARG C 558 -82.07 -0.13 -70.62
C ARG C 558 -81.03 0.67 -71.40
N THR C 578 -87.82 -10.22 -62.80
CA THR C 578 -86.55 -10.85 -62.50
C THR C 578 -85.62 -9.92 -61.73
N LEU C 579 -86.12 -8.72 -61.41
CA LEU C 579 -85.33 -7.77 -60.64
C LEU C 579 -85.04 -8.29 -59.24
N SER C 580 -86.06 -8.85 -58.58
CA SER C 580 -85.84 -9.43 -57.26
C SER C 580 -84.90 -10.63 -57.33
N SER C 581 -85.08 -11.48 -58.35
CA SER C 581 -84.18 -12.62 -58.52
C SER C 581 -82.75 -12.16 -58.81
N ALA C 582 -82.60 -11.11 -59.61
CA ALA C 582 -81.26 -10.58 -59.87
C ALA C 582 -80.62 -10.03 -58.61
N MET C 583 -81.41 -9.33 -57.77
CA MET C 583 -80.89 -8.82 -56.52
C MET C 583 -80.47 -9.95 -55.59
N TRP C 584 -81.28 -11.01 -55.50
CA TRP C 584 -80.91 -12.15 -54.67
C TRP C 584 -79.65 -12.82 -55.20
N PHE C 585 -79.52 -12.95 -56.51
CA PHE C 585 -78.33 -13.56 -57.10
C PHE C 585 -77.09 -12.71 -56.81
N SER C 586 -77.19 -11.40 -56.94
CA SER C 586 -76.06 -10.52 -56.65
C SER C 586 -75.67 -10.60 -55.18
N TRP C 587 -76.66 -10.67 -54.28
CA TRP C 587 -76.37 -10.82 -52.86
C TRP C 587 -75.68 -12.15 -52.57
N GLY C 588 -76.12 -13.22 -53.23
CA GLY C 588 -75.55 -14.54 -52.99
C GLY C 588 -74.22 -14.79 -53.66
N VAL C 589 -73.85 -13.99 -54.66
CA VAL C 589 -72.57 -14.17 -55.33
C VAL C 589 -71.42 -13.97 -54.35
N LEU C 590 -71.52 -12.92 -53.51
CA LEU C 590 -70.43 -12.60 -52.58
C LEU C 590 -70.24 -13.68 -51.52
N LEU C 591 -71.20 -14.58 -51.35
CA LEU C 591 -71.12 -15.61 -50.32
C LEU C 591 -70.94 -17.02 -50.93
N ASN C 592 -70.47 -17.09 -52.17
CA ASN C 592 -70.18 -18.37 -52.83
C ASN C 592 -71.41 -19.26 -52.93
N SER C 593 -72.59 -18.64 -53.03
CA SER C 593 -73.81 -19.44 -53.13
C SER C 593 -73.95 -20.07 -54.51
N GLY C 594 -73.54 -19.36 -55.55
CA GLY C 594 -73.68 -19.88 -56.91
C GLY C 594 -75.12 -20.07 -57.34
N ILE C 595 -75.99 -19.10 -57.02
CA ILE C 595 -77.39 -19.22 -57.39
C ILE C 595 -77.56 -19.20 -58.91
N GLY C 596 -76.85 -18.29 -59.57
CA GLY C 596 -76.96 -18.17 -61.02
C GLY C 596 -78.33 -17.73 -61.51
N GLU C 597 -78.98 -16.83 -60.79
CA GLU C 597 -80.31 -16.34 -61.17
C GLU C 597 -80.26 -15.02 -61.93
N GLY C 598 -79.06 -14.50 -62.22
CA GLY C 598 -78.95 -13.24 -62.94
C GLY C 598 -78.05 -13.32 -64.15
N ALA C 599 -78.60 -13.06 -65.33
CA ALA C 599 -77.86 -13.03 -66.59
C ALA C 599 -78.19 -11.72 -67.30
N PRO C 600 -77.51 -10.63 -66.95
CA PRO C 600 -77.82 -9.33 -67.55
C PRO C 600 -77.64 -9.35 -69.07
N ARG C 601 -78.53 -8.64 -69.76
CA ARG C 601 -78.49 -8.61 -71.22
C ARG C 601 -77.23 -7.91 -71.72
N SER C 602 -76.85 -6.81 -71.08
CA SER C 602 -75.71 -6.03 -71.55
C SER C 602 -74.42 -6.77 -71.25
N PHE C 603 -73.53 -6.84 -72.26
CA PHE C 603 -72.23 -7.45 -72.04
C PHE C 603 -71.40 -6.64 -71.05
N SER C 604 -71.48 -5.31 -71.13
CA SER C 604 -70.77 -4.47 -70.16
C SER C 604 -71.28 -4.71 -68.75
N ALA C 605 -72.58 -4.98 -68.60
CA ALA C 605 -73.10 -5.32 -67.27
C ALA C 605 -72.48 -6.60 -66.75
N ARG C 606 -72.34 -7.61 -67.60
CA ARG C 606 -71.69 -8.86 -67.18
C ARG C 606 -70.23 -8.63 -66.82
N ILE C 607 -69.53 -7.80 -67.60
CA ILE C 607 -68.12 -7.50 -67.30
C ILE C 607 -68.00 -6.79 -65.96
N LEU C 608 -68.89 -5.82 -65.72
CA LEU C 608 -68.89 -5.11 -64.43
C LEU C 608 -69.20 -6.05 -63.28
N GLY C 609 -70.14 -6.99 -63.49
CA GLY C 609 -70.44 -7.96 -62.46
C GLY C 609 -69.27 -8.86 -62.15
N MET C 610 -68.55 -9.30 -63.18
CA MET C 610 -67.36 -10.13 -62.95
C MET C 610 -66.27 -9.35 -62.23
N VAL C 611 -66.07 -8.08 -62.60
CA VAL C 611 -65.10 -7.25 -61.91
C VAL C 611 -65.48 -7.06 -60.46
N TRP C 612 -66.77 -6.84 -60.20
CA TRP C 612 -67.25 -6.70 -58.83
C TRP C 612 -67.07 -7.98 -58.02
N ALA C 613 -67.30 -9.13 -58.66
CA ALA C 613 -67.07 -10.40 -57.97
C ALA C 613 -65.60 -10.58 -57.63
N GLY C 614 -64.70 -10.21 -58.55
CA GLY C 614 -63.29 -10.25 -58.25
C GLY C 614 -62.89 -9.32 -57.12
N PHE C 615 -63.47 -8.11 -57.11
CA PHE C 615 -63.21 -7.17 -56.03
C PHE C 615 -63.69 -7.72 -54.69
N ALA C 616 -64.88 -8.35 -54.68
CA ALA C 616 -65.40 -8.94 -53.46
C ALA C 616 -64.53 -10.09 -52.97
N MET C 617 -64.03 -10.91 -53.91
CA MET C 617 -63.13 -12.00 -53.52
C MET C 617 -61.83 -11.44 -52.91
N ILE C 618 -61.27 -10.39 -53.52
CA ILE C 618 -60.07 -9.78 -52.97
C ILE C 618 -60.37 -9.20 -51.59
N ILE C 619 -61.53 -8.57 -51.42
CA ILE C 619 -61.89 -7.96 -50.14
C ILE C 619 -62.04 -9.01 -49.06
N VAL C 620 -62.71 -10.13 -49.36
CA VAL C 620 -62.90 -11.16 -48.34
C VAL C 620 -61.57 -11.85 -48.02
N ALA C 621 -60.70 -12.03 -49.02
CA ALA C 621 -59.37 -12.56 -48.76
C ALA C 621 -58.57 -11.62 -47.86
N SER C 622 -58.67 -10.32 -48.10
CA SER C 622 -57.99 -9.34 -47.27
C SER C 622 -58.54 -9.36 -45.85
N TYR C 623 -59.86 -9.51 -45.69
CA TYR C 623 -60.44 -9.60 -44.36
C TYR C 623 -59.95 -10.83 -43.62
N THR C 624 -59.89 -11.98 -44.31
CA THR C 624 -59.37 -13.18 -43.68
C THR C 624 -57.91 -13.02 -43.28
N ALA C 625 -57.11 -12.39 -44.14
CA ALA C 625 -55.72 -12.14 -43.81
C ALA C 625 -55.59 -11.23 -42.60
N ASN C 626 -56.43 -10.18 -42.53
CA ASN C 626 -56.40 -9.29 -41.38
C ASN C 626 -56.79 -10.01 -40.10
N LEU C 627 -57.81 -10.86 -40.17
CA LEU C 627 -58.21 -11.63 -39.00
C LEU C 627 -57.11 -12.57 -38.55
N ALA C 628 -56.46 -13.25 -39.50
CA ALA C 628 -55.35 -14.14 -39.16
C ALA C 628 -54.20 -13.38 -38.52
N ALA C 629 -53.87 -12.20 -39.07
CA ALA C 629 -52.79 -11.39 -38.50
C ALA C 629 -53.15 -10.92 -37.11
N PHE C 630 -54.40 -10.50 -36.89
CA PHE C 630 -54.82 -10.06 -35.56
C PHE C 630 -54.75 -11.19 -34.55
N LEU C 631 -55.17 -12.39 -34.97
CA LEU C 631 -55.09 -13.54 -34.07
C LEU C 631 -53.63 -13.90 -33.76
N VAL C 632 -52.76 -13.83 -34.77
CA VAL C 632 -51.37 -14.22 -34.58
C VAL C 632 -50.64 -13.22 -33.68
N LEU C 633 -50.88 -11.92 -33.89
CA LEU C 633 -50.16 -10.86 -33.19
C LEU C 633 -50.91 -10.35 -31.96
N ASP C 634 -51.96 -11.04 -31.52
CA ASP C 634 -52.72 -10.61 -30.36
C ASP C 634 -51.87 -10.83 -29.11
N ARG C 635 -51.23 -9.76 -28.64
CA ARG C 635 -50.40 -9.84 -27.44
C ARG C 635 -50.30 -8.46 -26.78
N PRO C 636 -51.36 -7.97 -26.15
CA PRO C 636 -51.28 -6.69 -25.44
C PRO C 636 -50.70 -6.79 -24.04
N GLU C 637 -50.24 -7.97 -23.62
CA GLU C 637 -49.69 -8.17 -22.29
C GLU C 637 -48.19 -7.88 -22.30
N GLU C 638 -47.76 -7.01 -21.40
CA GLU C 638 -46.37 -6.62 -21.25
C GLU C 638 -45.96 -6.65 -19.78
N ARG C 639 -46.28 -7.76 -19.11
CA ARG C 639 -46.03 -7.88 -17.68
C ARG C 639 -44.55 -7.72 -17.38
N ILE C 640 -44.25 -7.10 -16.21
CA ILE C 640 -42.88 -6.83 -15.85
C ILE C 640 -42.12 -8.14 -15.68
N THR C 641 -40.98 -8.24 -16.35
CA THR C 641 -40.12 -9.42 -16.31
C THR C 641 -38.87 -9.08 -15.52
N GLY C 642 -38.79 -9.60 -14.31
CA GLY C 642 -37.65 -9.32 -13.44
C GLY C 642 -37.74 -7.95 -12.81
N ILE C 643 -36.74 -7.66 -11.98
CA ILE C 643 -36.67 -6.37 -11.31
C ILE C 643 -36.00 -5.32 -12.19
N ASN C 644 -35.17 -5.72 -13.12
CA ASN C 644 -34.41 -4.78 -13.95
C ASN C 644 -35.23 -4.22 -15.10
N ASP C 645 -36.49 -4.63 -15.24
CA ASP C 645 -37.33 -4.10 -16.30
C ASP C 645 -37.56 -2.61 -16.09
N PRO C 646 -37.46 -1.79 -17.15
CA PRO C 646 -37.62 -0.34 -16.96
C PRO C 646 -38.96 0.07 -16.39
N ARG C 647 -40.05 -0.60 -16.78
CA ARG C 647 -41.35 -0.29 -16.20
C ARG C 647 -41.38 -0.60 -14.71
N LEU C 648 -40.78 -1.73 -14.31
CA LEU C 648 -40.72 -2.07 -12.89
C LEU C 648 -39.71 -1.21 -12.15
N ARG C 649 -38.64 -0.78 -12.84
CA ARG C 649 -37.64 0.06 -12.19
C ARG C 649 -38.20 1.41 -11.81
N ASN C 650 -39.02 2.00 -12.68
CA ASN C 650 -39.60 3.32 -12.43
C ASN C 650 -40.93 3.16 -11.71
N PRO C 651 -41.08 3.69 -10.50
CA PRO C 651 -42.36 3.59 -9.80
C PRO C 651 -43.46 4.38 -10.50
N SER C 652 -44.69 3.90 -10.36
CA SER C 652 -45.84 4.57 -10.94
C SER C 652 -47.04 4.35 -10.02
N ASP C 653 -47.97 5.30 -10.08
CA ASP C 653 -49.17 5.26 -9.24
C ASP C 653 -50.30 4.43 -9.84
N LYS C 654 -50.10 3.87 -11.04
CA LYS C 654 -51.12 3.01 -11.64
C LYS C 654 -51.38 1.78 -10.78
N PHE C 655 -50.33 1.15 -10.27
CA PHE C 655 -50.46 0.03 -9.37
C PHE C 655 -49.28 0.03 -8.41
N ILE C 656 -49.48 -0.63 -7.27
CA ILE C 656 -48.50 -0.65 -6.21
C ILE C 656 -47.87 -2.05 -6.12
N TYR C 657 -46.82 -2.15 -5.31
CA TYR C 657 -46.07 -3.39 -5.14
C TYR C 657 -46.48 -4.08 -3.84
N ALA C 658 -45.77 -5.15 -3.51
CA ALA C 658 -46.00 -5.90 -2.29
C ALA C 658 -44.67 -6.21 -1.63
N THR C 659 -44.71 -6.48 -0.32
CA THR C 659 -43.50 -6.80 0.42
C THR C 659 -43.64 -7.99 1.38
N VAL C 660 -44.85 -8.42 1.70
CA VAL C 660 -45.08 -9.61 2.52
C VAL C 660 -44.42 -9.48 3.88
N LYS C 661 -45.08 -8.79 4.80
CA LYS C 661 -44.75 -8.71 6.22
C LYS C 661 -43.44 -8.00 6.51
N GLN C 662 -42.71 -7.54 5.49
CA GLN C 662 -41.43 -6.84 5.67
C GLN C 662 -40.43 -7.71 6.43
N SER C 663 -40.07 -8.83 5.81
CA SER C 663 -39.09 -9.74 6.40
C SER C 663 -38.36 -10.48 5.30
N SER C 664 -37.13 -10.88 5.60
CA SER C 664 -36.28 -11.66 4.69
C SER C 664 -35.97 -10.89 3.41
N VAL C 665 -36.99 -10.69 2.58
CA VAL C 665 -36.78 -10.01 1.30
C VAL C 665 -36.51 -8.53 1.51
N ASP C 666 -37.22 -7.91 2.46
CA ASP C 666 -37.05 -6.47 2.67
C ASP C 666 -35.63 -6.13 3.08
N ILE C 667 -34.95 -7.04 3.78
CA ILE C 667 -33.54 -6.82 4.09
C ILE C 667 -32.72 -6.75 2.81
N TYR C 668 -33.00 -7.66 1.88
CA TYR C 668 -32.30 -7.65 0.60
C TYR C 668 -32.55 -6.35 -0.16
N PHE C 669 -33.80 -5.86 -0.12
CA PHE C 669 -34.11 -4.61 -0.79
C PHE C 669 -33.43 -3.43 -0.10
N ARG C 670 -33.30 -3.47 1.23
CA ARG C 670 -32.62 -2.41 1.94
C ARG C 670 -31.14 -2.38 1.62
N ARG C 671 -30.53 -3.55 1.47
CA ARG C 671 -29.07 -3.60 1.29
C ARG C 671 -28.64 -2.88 0.02
N GLN C 672 -29.38 -3.06 -1.07
CA GLN C 672 -29.01 -2.43 -2.34
C GLN C 672 -29.48 -0.99 -2.39
N VAL C 673 -28.61 -0.10 -2.88
CA VAL C 673 -28.93 1.33 -2.93
C VAL C 673 -30.03 1.60 -3.94
N GLU C 674 -29.93 1.01 -5.14
CA GLU C 674 -31.00 1.15 -6.11
C GLU C 674 -32.29 0.53 -5.60
N LEU C 675 -32.19 -0.64 -4.98
CA LEU C 675 -33.35 -1.23 -4.34
C LEU C 675 -33.82 -0.39 -3.16
N SER C 676 -32.90 0.31 -2.49
CA SER C 676 -33.31 1.24 -1.44
C SER C 676 -34.17 2.36 -1.99
N THR C 677 -33.78 2.91 -3.13
CA THR C 677 -34.60 3.94 -3.78
C THR C 677 -35.95 3.36 -4.20
N MET C 678 -35.95 2.17 -4.79
CA MET C 678 -37.20 1.54 -5.20
C MET C 678 -38.08 1.16 -4.01
N TYR C 679 -37.49 1.00 -2.82
CA TYR C 679 -38.23 0.61 -1.63
C TYR C 679 -39.17 1.69 -1.12
N ARG C 680 -39.04 2.93 -1.60
CA ARG C 680 -39.96 3.97 -1.18
C ARG C 680 -41.39 3.65 -1.59
N HIS C 681 -41.57 2.88 -2.67
CA HIS C 681 -42.91 2.54 -3.13
C HIS C 681 -43.62 1.60 -2.16
N MET C 682 -42.94 0.55 -1.75
CA MET C 682 -43.55 -0.46 -0.89
C MET C 682 -43.27 -0.26 0.59
N GLU C 683 -42.55 0.80 0.96
CA GLU C 683 -42.21 1.02 2.36
C GLU C 683 -43.45 1.27 3.19
N LYS C 684 -44.38 2.06 2.67
CA LYS C 684 -45.61 2.40 3.38
C LYS C 684 -46.75 1.43 3.10
N HIS C 685 -46.57 0.48 2.18
CA HIS C 685 -47.65 -0.38 1.74
C HIS C 685 -47.39 -1.85 2.01
N ASN C 686 -46.37 -2.19 2.79
CA ASN C 686 -46.06 -3.59 3.07
C ASN C 686 -47.18 -4.23 3.88
N TYR C 687 -47.46 -5.49 3.60
CA TYR C 687 -48.51 -6.23 4.29
C TYR C 687 -48.00 -6.71 5.64
N GLU C 688 -48.73 -7.61 6.27
CA GLU C 688 -48.33 -8.14 7.57
C GLU C 688 -48.37 -9.66 7.66
N SER C 689 -48.70 -10.36 6.58
CA SER C 689 -48.79 -11.81 6.60
C SER C 689 -48.41 -12.34 5.23
N ALA C 690 -48.71 -13.62 4.99
CA ALA C 690 -48.39 -14.28 3.73
C ALA C 690 -49.59 -14.60 2.88
N ALA C 691 -50.74 -14.89 3.50
CA ALA C 691 -51.96 -15.19 2.76
C ALA C 691 -52.80 -13.96 2.47
N GLU C 692 -52.64 -12.90 3.26
CA GLU C 692 -53.41 -11.69 3.00
C GLU C 692 -53.06 -11.10 1.64
N ALA C 693 -51.79 -11.13 1.27
CA ALA C 693 -51.38 -10.57 -0.02
C ALA C 693 -51.98 -11.36 -1.18
N ILE C 694 -51.97 -12.70 -1.09
CA ILE C 694 -52.56 -13.48 -2.18
C ILE C 694 -54.07 -13.31 -2.21
N GLN C 695 -54.71 -13.17 -1.05
CA GLN C 695 -56.14 -12.91 -1.05
C GLN C 695 -56.46 -11.57 -1.71
N ALA C 696 -55.67 -10.54 -1.40
CA ALA C 696 -55.89 -9.23 -2.02
C ALA C 696 -55.61 -9.27 -3.51
N VAL C 697 -54.63 -10.07 -3.94
CA VAL C 697 -54.38 -10.26 -5.36
C VAL C 697 -55.59 -10.90 -6.02
N ARG C 698 -56.15 -11.93 -5.37
CA ARG C 698 -57.36 -12.56 -5.90
C ARG C 698 -58.56 -11.64 -5.86
N ASP C 699 -58.52 -10.59 -5.03
CA ASP C 699 -59.55 -9.57 -5.02
C ASP C 699 -59.31 -8.49 -6.07
N ASN C 700 -58.27 -8.64 -6.90
CA ASN C 700 -57.95 -7.70 -7.97
C ASN C 700 -57.65 -6.29 -7.43
N LYS C 701 -57.20 -6.20 -6.18
CA LYS C 701 -56.75 -4.94 -5.61
C LYS C 701 -55.25 -4.75 -5.75
N LEU C 702 -54.56 -5.71 -6.36
CA LEU C 702 -53.10 -5.70 -6.48
C LEU C 702 -52.70 -6.79 -7.45
N HIS C 703 -51.75 -6.46 -8.35
CA HIS C 703 -51.12 -7.46 -9.21
C HIS C 703 -49.61 -7.28 -9.10
N ALA C 704 -49.03 -7.85 -8.04
CA ALA C 704 -47.60 -7.90 -7.81
C ALA C 704 -47.32 -8.71 -6.54
N PHE C 705 -46.20 -9.41 -6.49
CA PHE C 705 -45.83 -10.13 -5.28
C PHE C 705 -44.38 -10.55 -5.35
N ILE C 706 -43.71 -10.53 -4.21
CA ILE C 706 -42.33 -10.97 -4.07
C ILE C 706 -42.26 -11.94 -2.90
N TRP C 707 -41.88 -13.19 -3.17
CA TRP C 707 -41.85 -14.21 -2.14
C TRP C 707 -40.99 -15.38 -2.63
N ASP C 708 -40.82 -16.36 -1.75
CA ASP C 708 -39.99 -17.51 -2.08
C ASP C 708 -40.56 -18.24 -3.28
N SER C 709 -39.66 -18.70 -4.16
CA SER C 709 -40.09 -19.29 -5.43
C SER C 709 -40.96 -20.53 -5.20
N ALA C 710 -40.63 -21.34 -4.19
CA ALA C 710 -41.40 -22.54 -3.94
C ALA C 710 -42.86 -22.21 -3.60
N VAL C 711 -43.06 -21.24 -2.71
CA VAL C 711 -44.42 -20.91 -2.28
C VAL C 711 -45.23 -20.36 -3.44
N LEU C 712 -44.64 -19.43 -4.20
CA LEU C 712 -45.38 -18.84 -5.32
C LEU C 712 -45.68 -19.88 -6.39
N GLU C 713 -44.71 -20.76 -6.68
CA GLU C 713 -44.94 -21.79 -7.68
C GLU C 713 -46.06 -22.73 -7.25
N PHE C 714 -46.07 -23.14 -5.98
CA PHE C 714 -47.14 -24.01 -5.51
C PHE C 714 -48.48 -23.30 -5.56
N GLU C 715 -48.50 -22.02 -5.22
CA GLU C 715 -49.76 -21.27 -5.28
C GLU C 715 -50.27 -21.20 -6.71
N ALA C 716 -49.38 -20.97 -7.67
CA ALA C 716 -49.79 -20.94 -9.07
C ALA C 716 -50.30 -22.29 -9.54
N SER C 717 -49.63 -23.38 -9.13
CA SER C 717 -50.04 -24.70 -9.59
C SER C 717 -51.37 -25.11 -9.00
N GLN C 718 -51.53 -24.97 -7.68
CA GLN C 718 -52.76 -25.42 -7.03
C GLN C 718 -53.94 -24.55 -7.41
N LYS C 719 -53.79 -23.23 -7.34
CA LYS C 719 -54.84 -22.30 -7.73
C LYS C 719 -54.68 -21.99 -9.21
N CYS C 720 -55.48 -22.67 -10.05
CA CYS C 720 -55.37 -22.54 -11.50
C CYS C 720 -56.02 -21.23 -11.96
N ASP C 721 -55.47 -20.12 -11.43
CA ASP C 721 -55.97 -18.80 -11.77
C ASP C 721 -54.87 -17.78 -12.02
N LEU C 722 -53.60 -18.09 -11.70
CA LEU C 722 -52.52 -17.12 -11.77
C LEU C 722 -51.31 -17.76 -12.45
N VAL C 723 -50.40 -16.90 -12.90
CA VAL C 723 -49.16 -17.35 -13.51
C VAL C 723 -48.02 -16.49 -12.99
N THR C 724 -46.84 -17.11 -12.85
CA THR C 724 -45.64 -16.43 -12.39
C THR C 724 -44.69 -16.25 -13.55
N THR C 725 -44.27 -15.00 -13.78
CA THR C 725 -43.39 -14.67 -14.89
C THR C 725 -42.18 -13.90 -14.36
N GLY C 726 -41.00 -14.22 -14.91
CA GLY C 726 -39.79 -13.55 -14.53
C GLY C 726 -38.60 -14.48 -14.40
N GLU C 727 -37.45 -13.94 -14.01
CA GLU C 727 -36.22 -14.69 -13.84
C GLU C 727 -35.82 -14.70 -12.37
N LEU C 728 -35.35 -15.84 -11.90
CA LEU C 728 -34.98 -15.97 -10.50
C LEU C 728 -33.78 -15.09 -10.16
N PHE C 729 -33.80 -14.52 -8.96
CA PHE C 729 -32.71 -13.69 -8.48
C PHE C 729 -32.65 -13.79 -6.97
N PHE C 730 -31.48 -13.48 -6.42
CA PHE C 730 -31.19 -13.68 -5.00
C PHE C 730 -31.49 -15.11 -4.60
N ARG C 731 -30.80 -16.04 -5.26
CA ARG C 731 -31.00 -17.46 -5.02
C ARG C 731 -30.25 -17.85 -3.75
N SER C 732 -30.99 -18.23 -2.71
CA SER C 732 -30.40 -18.63 -1.44
C SER C 732 -31.31 -19.64 -0.79
N GLY C 733 -30.79 -20.82 -0.50
CA GLY C 733 -31.61 -21.90 -0.02
C GLY C 733 -32.15 -21.67 1.37
N PHE C 734 -33.02 -22.57 1.79
CA PHE C 734 -33.64 -22.53 3.10
C PHE C 734 -32.67 -23.14 4.12
N GLY C 735 -33.15 -23.43 5.32
CA GLY C 735 -32.29 -24.07 6.30
C GLY C 735 -32.89 -24.23 7.67
N ILE C 736 -32.42 -25.24 8.41
CA ILE C 736 -32.87 -25.47 9.78
C ILE C 736 -31.99 -24.64 10.70
N GLY C 737 -32.62 -23.78 11.49
CA GLY C 737 -31.88 -22.90 12.36
C GLY C 737 -31.56 -23.54 13.70
N MET C 738 -30.50 -23.04 14.33
CA MET C 738 -30.12 -23.46 15.67
C MET C 738 -29.65 -22.22 16.43
N ARG C 739 -29.02 -22.42 17.57
CA ARG C 739 -28.62 -21.33 18.44
C ARG C 739 -27.12 -21.38 18.68
N LYS C 740 -26.44 -20.28 18.35
CA LYS C 740 -25.02 -20.08 18.67
C LYS C 740 -24.18 -21.28 18.28
N ASP C 741 -23.87 -22.14 19.26
CA ASP C 741 -23.17 -23.41 19.03
C ASP C 741 -23.80 -24.42 19.97
N SER C 742 -24.78 -25.16 19.45
CA SER C 742 -25.47 -26.22 20.18
C SER C 742 -24.84 -27.57 19.86
N PRO C 743 -25.00 -28.55 20.76
CA PRO C 743 -24.35 -29.86 20.55
C PRO C 743 -25.04 -30.76 19.55
N TRP C 744 -25.97 -30.26 18.74
CA TRP C 744 -26.68 -31.08 17.77
C TRP C 744 -26.39 -30.70 16.33
N LYS C 745 -25.53 -29.69 16.09
CA LYS C 745 -25.39 -29.13 14.75
C LYS C 745 -24.81 -30.16 13.77
N GLN C 746 -23.72 -30.81 14.16
CA GLN C 746 -23.02 -31.69 13.23
C GLN C 746 -23.91 -32.84 12.78
N ASN C 747 -24.59 -33.49 13.73
CA ASN C 747 -25.43 -34.62 13.39
C ASN C 747 -26.60 -34.20 12.51
N VAL C 748 -27.20 -33.05 12.80
CA VAL C 748 -28.35 -32.59 12.01
C VAL C 748 -27.91 -32.30 10.58
N SER C 749 -26.79 -31.59 10.41
CA SER C 749 -26.33 -31.27 9.07
C SER C 749 -25.96 -32.53 8.29
N LEU C 750 -25.29 -33.47 8.96
CA LEU C 750 -24.94 -34.72 8.29
C LEU C 750 -26.19 -35.49 7.89
N SER C 751 -27.22 -35.49 8.76
CA SER C 751 -28.45 -36.18 8.43
C SER C 751 -29.14 -35.54 7.23
N ILE C 752 -29.11 -34.21 7.15
CA ILE C 752 -29.74 -33.53 6.01
C ILE C 752 -28.99 -33.88 4.72
N LEU C 753 -27.66 -33.85 4.76
CA LEU C 753 -26.90 -34.22 3.55
C LEU C 753 -27.16 -35.66 3.14
N LYS C 754 -27.19 -36.57 4.12
CA LYS C 754 -27.45 -37.97 3.82
C LYS C 754 -28.84 -38.14 3.24
N SER C 755 -29.83 -37.43 3.78
CA SER C 755 -31.18 -37.51 3.25
C SER C 755 -31.25 -37.00 1.83
N HIS C 756 -30.47 -35.96 1.51
CA HIS C 756 -30.35 -35.54 0.12
C HIS C 756 -29.82 -36.67 -0.75
N GLU C 757 -28.69 -37.26 -0.35
CA GLU C 757 -28.05 -38.27 -1.19
C GLU C 757 -28.79 -39.60 -1.16
N ASN C 758 -29.77 -39.78 -0.28
CA ASN C 758 -30.49 -41.03 -0.15
C ASN C 758 -31.68 -41.14 -1.09
N GLY C 759 -32.08 -40.05 -1.73
CA GLY C 759 -33.30 -40.05 -2.52
C GLY C 759 -34.57 -39.86 -1.71
N PHE C 760 -34.47 -39.78 -0.38
CA PHE C 760 -35.65 -39.59 0.45
C PHE C 760 -36.27 -38.21 0.21
N MET C 761 -35.43 -37.17 0.12
CA MET C 761 -35.95 -35.81 0.00
C MET C 761 -36.72 -35.62 -1.29
N GLU C 762 -36.22 -36.16 -2.40
CA GLU C 762 -36.97 -36.04 -3.65
C GLU C 762 -38.28 -36.79 -3.58
N ASP C 763 -38.29 -37.96 -2.94
CA ASP C 763 -39.54 -38.71 -2.78
C ASP C 763 -40.54 -37.88 -1.98
N LEU C 764 -40.08 -37.24 -0.90
CA LEU C 764 -40.98 -36.46 -0.08
C LEU C 764 -41.50 -35.23 -0.83
N ASP C 765 -40.63 -34.58 -1.60
CA ASP C 765 -41.06 -33.43 -2.38
C ASP C 765 -42.01 -33.84 -3.50
N LYS C 766 -41.91 -35.08 -3.97
CA LYS C 766 -42.88 -35.57 -4.94
C LYS C 766 -44.21 -35.87 -4.28
N THR C 767 -44.19 -36.38 -3.05
CA THR C 767 -45.44 -36.75 -2.40
C THR C 767 -46.14 -35.57 -1.74
N TRP C 768 -45.49 -34.42 -1.58
CA TRP C 768 -46.13 -33.28 -0.94
C TRP C 768 -46.55 -32.19 -1.93
N VAL C 769 -45.61 -31.67 -2.72
CA VAL C 769 -45.92 -30.70 -3.77
C VAL C 769 -45.26 -31.19 -5.06
N ARG C 770 -45.98 -32.01 -5.81
CA ARG C 770 -45.61 -32.31 -7.19
C ARG C 770 -46.78 -32.34 -8.15
N TYR C 771 -48.00 -32.63 -7.69
CA TYR C 771 -49.17 -32.73 -8.56
C TYR C 771 -50.32 -32.02 -7.85
N GLN C 772 -50.62 -30.79 -8.30
CA GLN C 772 -51.72 -30.00 -7.76
C GLN C 772 -52.59 -29.60 -8.94
N GLU C 773 -53.53 -30.47 -9.31
CA GLU C 773 -54.47 -30.23 -10.40
C GLU C 773 -53.76 -29.86 -11.68
N CYS C 774 -53.81 -28.58 -12.06
CA CYS C 774 -53.21 -28.10 -13.29
C CYS C 774 -51.69 -27.99 -13.16
N LEU C 784 -60.53 -21.96 -33.12
CA LEU C 784 -61.48 -23.00 -32.75
C LEU C 784 -62.01 -22.77 -31.33
N THR C 785 -62.08 -21.50 -30.93
CA THR C 785 -62.60 -21.16 -29.62
C THR C 785 -64.10 -21.44 -29.54
N PHE C 786 -64.55 -21.84 -28.35
CA PHE C 786 -65.98 -22.12 -28.16
C PHE C 786 -66.82 -20.87 -28.37
N GLU C 787 -66.35 -19.72 -27.87
CA GLU C 787 -67.06 -18.47 -28.10
C GLU C 787 -67.05 -18.07 -29.56
N ASN C 788 -66.02 -18.48 -30.32
CA ASN C 788 -66.00 -18.22 -31.74
C ASN C 788 -67.14 -18.91 -32.45
N MET C 789 -67.48 -20.13 -32.03
CA MET C 789 -68.64 -20.85 -32.54
C MET C 789 -69.89 -20.57 -31.72
N ALA C 790 -69.82 -19.71 -30.70
CA ALA C 790 -70.98 -19.31 -29.91
C ALA C 790 -71.51 -17.94 -30.30
N GLY C 791 -70.61 -16.99 -30.59
CA GLY C 791 -71.04 -15.68 -31.05
C GLY C 791 -71.53 -15.66 -32.49
N VAL C 792 -71.33 -16.74 -33.23
CA VAL C 792 -71.82 -16.85 -34.60
C VAL C 792 -72.98 -17.83 -34.72
N PHE C 793 -73.06 -18.85 -33.86
CA PHE C 793 -74.19 -19.76 -33.88
C PHE C 793 -75.45 -19.11 -33.34
N MET C 794 -75.30 -18.16 -32.41
CA MET C 794 -76.45 -17.42 -31.92
C MET C 794 -77.10 -16.61 -33.03
N LEU C 795 -76.27 -15.98 -33.88
CA LEU C 795 -76.81 -15.25 -35.03
C LEU C 795 -77.50 -16.19 -36.00
N VAL C 796 -76.92 -17.39 -36.21
CA VAL C 796 -77.54 -18.36 -37.09
C VAL C 796 -78.90 -18.80 -36.56
N ALA C 797 -78.98 -19.04 -35.25
CA ALA C 797 -80.26 -19.43 -34.65
C ALA C 797 -81.27 -18.30 -34.75
N GLY C 798 -80.84 -17.05 -34.53
CA GLY C 798 -81.74 -15.92 -34.67
C GLY C 798 -82.26 -15.77 -36.09
N GLY C 799 -81.38 -15.95 -37.07
CA GLY C 799 -81.81 -15.90 -38.46
C GLY C 799 -82.77 -17.02 -38.81
N ILE C 800 -82.51 -18.23 -38.29
CA ILE C 800 -83.41 -19.35 -38.53
C ILE C 800 -84.78 -19.07 -37.93
N VAL C 801 -84.81 -18.50 -36.73
CA VAL C 801 -86.08 -18.17 -36.09
C VAL C 801 -86.81 -17.09 -36.89
N ALA C 802 -86.10 -16.05 -37.32
CA ALA C 802 -86.71 -14.96 -38.06
C ALA C 802 -87.08 -15.35 -39.48
N GLY C 803 -86.57 -16.46 -40.00
CA GLY C 803 -86.95 -16.89 -41.33
C GLY C 803 -88.43 -17.20 -41.46
N ILE C 804 -89.01 -17.81 -40.43
CA ILE C 804 -90.44 -18.10 -40.44
C ILE C 804 -91.25 -16.80 -40.49
N PHE C 805 -90.85 -15.82 -39.68
CA PHE C 805 -91.55 -14.53 -39.70
C PHE C 805 -91.41 -13.84 -41.04
N LEU C 806 -90.21 -13.90 -41.64
CA LEU C 806 -90.01 -13.28 -42.95
C LEU C 806 -90.85 -13.97 -44.02
N ILE C 807 -90.95 -15.30 -43.97
CA ILE C 807 -91.77 -16.03 -44.93
C ILE C 807 -93.24 -15.66 -44.75
N PHE C 808 -93.70 -15.56 -43.50
CA PHE C 808 -95.08 -15.17 -43.25
C PHE C 808 -95.35 -13.76 -43.75
N ILE C 809 -94.39 -12.84 -43.55
CA ILE C 809 -94.55 -11.47 -44.02
C ILE C 809 -94.63 -11.43 -45.54
N GLU C 810 -93.76 -12.20 -46.21
CA GLU C 810 -93.79 -12.25 -47.67
C GLU C 810 -95.10 -12.83 -48.18
N ILE C 811 -95.61 -13.87 -47.51
CA ILE C 811 -96.89 -14.46 -47.91
C ILE C 811 -98.01 -13.45 -47.73
N ALA C 812 -98.00 -12.71 -46.61
CA ALA C 812 -99.03 -11.70 -46.37
C ALA C 812 -98.95 -10.60 -47.43
N TYR C 813 -97.74 -10.16 -47.78
CA TYR C 813 -97.58 -9.12 -48.79
C TYR C 813 -98.09 -9.61 -50.15
N LYS C 814 -97.79 -10.87 -50.50
CA LYS C 814 -98.27 -11.42 -51.76
C LYS C 814 -99.79 -11.52 -51.77
N ARG C 815 -100.39 -11.94 -50.65
CA ARG C 815 -101.85 -12.07 -50.57
C ARG C 815 -102.54 -10.70 -50.61
N HIS C 816 -101.92 -9.68 -50.01
CA HIS C 816 -102.52 -8.35 -50.01
C HIS C 816 -102.53 -7.70 -51.39
N LYS C 817 -101.70 -8.19 -52.31
CA LYS C 817 -101.66 -7.64 -53.66
C LYS C 817 -101.38 -8.74 -54.69
N LEU D 1 -23.00 26.47 59.03
CA LEU D 1 -21.92 25.55 58.72
C LEU D 1 -20.60 26.30 58.58
N ASN D 2 -19.54 25.57 58.23
CA ASN D 2 -18.19 26.13 58.13
C ASN D 2 -17.52 25.67 56.84
N ILE D 3 -18.23 25.80 55.71
CA ILE D 3 -17.72 25.32 54.44
C ILE D 3 -16.39 26.01 54.11
N ALA D 4 -15.41 25.23 53.70
CA ALA D 4 -14.08 25.73 53.39
C ALA D 4 -13.85 25.70 51.88
N VAL D 5 -13.31 26.80 51.36
CA VAL D 5 -13.04 26.96 49.93
C VAL D 5 -11.54 27.05 49.75
N MET D 6 -11.00 26.29 48.79
CA MET D 6 -9.56 26.10 48.66
C MET D 6 -9.19 25.99 47.19
N LEU D 7 -8.69 27.08 46.62
CA LEU D 7 -8.12 27.10 45.28
C LEU D 7 -6.69 27.62 45.36
N GLY D 8 -6.07 27.84 44.20
CA GLY D 8 -4.76 28.44 44.20
C GLY D 8 -4.15 28.75 42.85
N HIS D 9 -3.65 29.98 42.71
CA HIS D 9 -2.81 30.41 41.59
C HIS D 9 -3.41 30.01 40.24
N SER D 10 -4.61 30.49 40.00
CA SER D 10 -5.32 30.25 38.74
C SER D 10 -5.57 31.59 38.06
N HIS D 11 -6.39 31.56 37.01
CA HIS D 11 -6.79 32.80 36.35
C HIS D 11 -7.43 33.77 37.33
N ASP D 12 -8.18 33.25 38.30
CA ASP D 12 -8.77 34.07 39.37
C ASP D 12 -7.75 34.19 40.50
N VAL D 13 -6.77 35.06 40.27
CA VAL D 13 -5.65 35.21 41.21
C VAL D 13 -5.92 36.41 42.12
N THR D 14 -7.18 36.83 42.21
CA THR D 14 -7.53 37.98 43.04
C THR D 14 -7.22 37.73 44.51
N GLU D 15 -7.56 36.54 45.01
CA GLU D 15 -7.29 36.14 46.39
C GLU D 15 -8.03 37.03 47.38
N ARG D 16 -7.59 38.29 47.51
CA ARG D 16 -8.28 39.22 48.38
C ARG D 16 -9.70 39.48 47.90
N GLU D 17 -9.87 39.70 46.60
CA GLU D 17 -11.19 39.85 46.03
C GLU D 17 -11.91 38.53 45.83
N LEU D 18 -11.21 37.41 46.01
CA LEU D 18 -11.88 36.11 45.99
C LEU D 18 -12.80 35.92 47.17
N ARG D 19 -12.68 36.75 48.21
CA ARG D 19 -13.57 36.68 49.37
C ARG D 19 -14.87 37.42 49.08
N THR D 20 -15.52 37.07 47.97
CA THR D 20 -16.78 37.69 47.58
C THR D 20 -17.88 36.68 47.30
N LEU D 21 -17.58 35.39 47.23
CA LEU D 21 -18.58 34.35 47.05
C LEU D 21 -19.21 34.07 48.40
N TRP D 22 -20.46 34.49 48.57
CA TRP D 22 -21.22 34.39 49.81
C TRP D 22 -20.63 35.22 50.94
N GLY D 23 -19.54 35.95 50.70
CA GLY D 23 -18.99 36.85 51.68
C GLY D 23 -19.97 37.96 52.04
N PRO D 24 -20.45 38.69 51.04
CA PRO D 24 -21.56 39.62 51.28
C PRO D 24 -22.88 38.90 51.44
N GLU D 25 -23.97 39.66 51.57
CA GLU D 25 -25.28 39.04 51.76
C GLU D 25 -25.66 38.15 50.58
N GLN D 26 -25.45 38.63 49.36
CA GLN D 26 -25.77 37.92 48.13
C GLN D 26 -27.25 37.54 48.20
N ALA D 27 -27.63 36.27 48.13
CA ALA D 27 -29.00 35.83 48.30
C ALA D 27 -29.07 35.10 49.65
N ALA D 28 -29.26 35.87 50.72
CA ALA D 28 -29.34 35.32 52.07
C ALA D 28 -30.80 35.07 52.46
N GLY D 29 -31.42 34.15 51.73
CA GLY D 29 -32.80 33.79 52.00
C GLY D 29 -32.94 32.44 52.64
N LEU D 30 -32.05 31.51 52.29
CA LEU D 30 -32.08 30.19 52.89
C LEU D 30 -31.66 30.25 54.35
N PRO D 31 -32.25 29.41 55.20
CA PRO D 31 -31.86 29.41 56.62
C PRO D 31 -30.48 28.80 56.83
N LEU D 32 -30.04 28.74 58.09
CA LEU D 32 -28.76 28.15 58.47
C LEU D 32 -27.61 28.84 57.73
N ASP D 33 -27.42 30.11 58.08
CA ASP D 33 -26.34 30.89 57.51
C ASP D 33 -24.99 30.22 57.78
N VAL D 34 -24.13 30.22 56.77
CA VAL D 34 -22.87 29.50 56.82
C VAL D 34 -21.71 30.50 56.89
N ASN D 35 -20.58 30.00 57.36
CA ASN D 35 -19.34 30.76 57.43
C ASN D 35 -18.34 30.16 56.45
N VAL D 36 -17.76 31.00 55.59
CA VAL D 36 -16.86 30.56 54.54
C VAL D 36 -15.44 30.96 54.92
N VAL D 37 -14.54 29.99 54.94
CA VAL D 37 -13.13 30.20 55.23
C VAL D 37 -12.33 29.82 53.99
N ALA D 38 -11.45 30.72 53.55
CA ALA D 38 -10.69 30.52 52.34
C ALA D 38 -9.24 30.16 52.68
N LEU D 39 -8.52 29.70 51.65
CA LEU D 39 -7.11 29.38 51.80
C LEU D 39 -6.47 29.42 50.41
N LEU D 40 -5.14 29.52 50.39
CA LEU D 40 -4.37 29.57 49.16
C LEU D 40 -3.30 28.51 49.23
N MET D 41 -3.28 27.62 48.24
CA MET D 41 -2.29 26.54 48.18
C MET D 41 -1.63 26.54 46.80
N ASN D 42 -0.31 26.48 46.78
CA ASN D 42 0.46 26.48 45.54
C ASN D 42 0.78 25.07 45.08
N ARG D 43 1.41 24.27 45.94
CA ARG D 43 1.86 22.94 45.57
C ARG D 43 0.93 21.87 46.16
N THR D 44 0.84 20.75 45.46
CA THR D 44 0.00 19.64 45.86
C THR D 44 0.82 18.36 45.93
N ASP D 45 0.57 17.56 46.95
CA ASP D 45 1.25 16.29 47.17
C ASP D 45 0.44 15.50 48.19
N PRO D 46 0.60 14.17 48.22
CA PRO D 46 -0.19 13.37 49.17
C PRO D 46 -0.05 13.81 50.61
N LYS D 47 1.18 13.93 51.12
CA LYS D 47 1.37 14.32 52.51
C LYS D 47 0.84 15.72 52.77
N SER D 48 1.10 16.66 51.85
CA SER D 48 0.64 18.03 52.04
C SER D 48 -0.88 18.11 52.05
N LEU D 49 -1.54 17.40 51.14
CA LEU D 49 -3.00 17.38 51.12
C LEU D 49 -3.54 16.79 52.42
N ILE D 50 -2.95 15.67 52.86
CA ILE D 50 -3.38 15.04 54.11
C ILE D 50 -3.27 16.02 55.25
N THR D 51 -2.10 16.66 55.40
CA THR D 51 -1.88 17.56 56.52
C THR D 51 -2.82 18.76 56.46
N HIS D 52 -2.99 19.37 55.29
CA HIS D 52 -3.83 20.56 55.21
C HIS D 52 -5.28 20.23 55.53
N VAL D 53 -5.82 19.16 54.95
CA VAL D 53 -7.20 18.82 55.22
C VAL D 53 -7.40 18.43 56.68
N CYS D 54 -6.47 17.66 57.24
CA CYS D 54 -6.60 17.26 58.63
C CYS D 54 -6.50 18.44 59.58
N ASP D 55 -5.60 19.38 59.27
CA ASP D 55 -5.49 20.58 60.10
C ASP D 55 -6.75 21.42 60.02
N LEU D 56 -7.34 21.55 58.84
CA LEU D 56 -8.60 22.25 58.73
C LEU D 56 -9.69 21.55 59.54
N MET D 57 -9.72 20.22 59.49
CA MET D 57 -10.71 19.45 60.24
C MET D 57 -10.54 19.67 61.73
N SER D 58 -9.31 19.62 62.23
CA SER D 58 -9.06 19.77 63.65
C SER D 58 -9.44 21.15 64.16
N GLY D 59 -9.38 22.16 63.30
CA GLY D 59 -9.73 23.51 63.69
C GLY D 59 -11.21 23.78 63.49
N ALA D 60 -11.54 24.71 62.60
CA ALA D 60 -12.93 25.00 62.28
C ALA D 60 -13.57 23.79 61.62
N ARG D 61 -14.47 23.12 62.35
CA ARG D 61 -15.07 21.88 61.89
C ARG D 61 -15.88 22.10 60.61
N ILE D 62 -15.42 21.54 59.50
CA ILE D 62 -16.06 21.74 58.20
C ILE D 62 -17.12 20.67 57.99
N HIS D 63 -18.23 21.07 57.39
CA HIS D 63 -19.27 20.14 56.97
C HIS D 63 -19.17 19.83 55.48
N GLY D 64 -18.14 20.32 54.81
CA GLY D 64 -17.92 20.03 53.40
C GLY D 64 -16.91 20.97 52.77
N LEU D 65 -16.02 20.44 51.95
CA LEU D 65 -14.93 21.21 51.37
C LEU D 65 -15.12 21.30 49.86
N VAL D 66 -14.73 22.42 49.28
CA VAL D 66 -14.76 22.64 47.84
C VAL D 66 -13.32 22.82 47.37
N PHE D 67 -12.83 21.86 46.61
CA PHE D 67 -11.44 21.84 46.18
C PHE D 67 -11.31 22.49 44.80
N GLY D 68 -10.16 22.30 44.18
CA GLY D 68 -9.86 22.85 42.87
C GLY D 68 -8.43 23.35 42.83
N ASP D 69 -7.65 22.88 41.86
CA ASP D 69 -6.23 23.17 41.82
C ASP D 69 -5.85 23.54 40.39
N ASP D 70 -4.55 23.69 40.14
CA ASP D 70 -4.04 24.12 38.85
C ASP D 70 -3.27 23.03 38.11
N THR D 71 -2.76 22.03 38.81
CA THR D 71 -1.88 21.04 38.19
C THR D 71 -2.69 20.05 37.36
N ASP D 72 -1.98 19.22 36.60
CA ASP D 72 -2.58 18.27 35.67
C ASP D 72 -2.47 16.83 36.14
N GLN D 73 -2.01 16.58 37.37
CA GLN D 73 -1.84 15.22 37.86
C GLN D 73 -3.20 14.54 37.99
N GLU D 74 -3.30 13.32 37.46
CA GLU D 74 -4.58 12.63 37.42
C GLU D 74 -4.95 11.93 38.71
N ALA D 75 -3.99 11.74 39.62
CA ALA D 75 -4.23 10.95 40.82
C ALA D 75 -4.69 11.78 42.01
N VAL D 76 -4.74 13.11 41.88
CA VAL D 76 -5.24 13.93 42.97
C VAL D 76 -6.69 13.59 43.25
N ALA D 77 -7.44 13.21 42.22
CA ALA D 77 -8.81 12.76 42.43
C ALA D 77 -8.87 11.52 43.30
N GLN D 78 -7.99 10.56 43.05
CA GLN D 78 -7.93 9.36 43.88
C GLN D 78 -7.56 9.71 45.31
N MET D 79 -6.61 10.61 45.48
CA MET D 79 -6.22 11.01 46.84
C MET D 79 -7.39 11.68 47.57
N LEU D 80 -8.15 12.52 46.87
CA LEU D 80 -9.31 13.15 47.48
C LEU D 80 -10.37 12.12 47.85
N ASP D 81 -10.61 11.13 46.99
CA ASP D 81 -11.55 10.08 47.33
C ASP D 81 -11.09 9.33 48.59
N PHE D 82 -9.79 9.04 48.66
CA PHE D 82 -9.26 8.37 49.83
C PHE D 82 -9.43 9.22 51.09
N ILE D 83 -9.25 10.54 50.95
CA ILE D 83 -9.44 11.44 52.09
C ILE D 83 -10.88 11.41 52.56
N SER D 84 -11.82 11.54 51.62
CA SER D 84 -13.22 11.62 51.99
C SER D 84 -13.72 10.31 52.59
N SER D 85 -13.24 9.18 52.09
CA SER D 85 -13.76 7.89 52.53
C SER D 85 -13.50 7.66 54.01
N HIS D 86 -12.31 8.02 54.49
CA HIS D 86 -11.90 7.73 55.85
C HIS D 86 -12.06 8.93 56.78
N THR D 87 -12.78 9.97 56.36
CA THR D 87 -12.98 11.15 57.19
C THR D 87 -14.44 11.60 57.25
N PHE D 88 -15.30 11.15 56.32
CA PHE D 88 -16.71 11.54 56.29
C PHE D 88 -16.85 13.06 56.16
N VAL D 89 -16.05 13.64 55.27
CA VAL D 89 -16.11 15.06 54.95
C VAL D 89 -16.58 15.19 53.51
N PRO D 90 -17.72 15.81 53.25
CA PRO D 90 -18.24 15.86 51.88
C PRO D 90 -17.46 16.80 50.98
N ILE D 91 -16.36 16.30 50.44
CA ILE D 91 -15.50 17.07 49.55
C ILE D 91 -16.01 16.93 48.12
N LEU D 92 -15.83 18.00 47.33
CA LEU D 92 -16.15 17.94 45.91
C LEU D 92 -15.34 19.00 45.18
N GLY D 93 -14.62 18.60 44.14
CA GLY D 93 -13.79 19.52 43.39
C GLY D 93 -14.51 20.12 42.20
N ILE D 94 -13.93 21.19 41.67
CA ILE D 94 -14.57 21.91 40.57
C ILE D 94 -13.66 21.98 39.35
N HIS D 95 -12.49 22.59 39.48
CA HIS D 95 -11.64 22.86 38.33
C HIS D 95 -10.23 22.35 38.59
N GLY D 96 -9.63 21.74 37.57
CA GLY D 96 -8.26 21.29 37.67
C GLY D 96 -8.12 19.79 37.67
N GLY D 97 -7.05 19.29 38.29
CA GLY D 97 -6.85 17.85 38.37
C GLY D 97 -7.88 17.14 39.24
N ALA D 98 -8.51 17.86 40.15
CA ALA D 98 -9.52 17.27 41.01
C ALA D 98 -10.87 17.11 40.32
N SER D 99 -10.91 17.25 38.99
CA SER D 99 -12.17 17.18 38.25
C SER D 99 -12.18 16.11 37.17
N MET D 100 -11.05 15.83 36.53
CA MET D 100 -11.03 14.84 35.45
C MET D 100 -11.44 13.48 35.97
N ILE D 101 -12.34 12.83 35.25
CA ILE D 101 -12.92 11.55 35.67
C ILE D 101 -12.21 10.42 34.93
N MET D 102 -11.76 9.41 35.68
CA MET D 102 -11.05 8.29 35.08
C MET D 102 -11.65 6.95 35.51
N ALA D 103 -12.22 6.91 36.72
CA ALA D 103 -12.71 5.65 37.27
C ALA D 103 -13.82 5.96 38.27
N ASP D 104 -14.57 4.92 38.62
CA ASP D 104 -15.68 5.06 39.54
C ASP D 104 -15.15 5.26 40.96
N LYS D 105 -16.06 5.32 41.93
CA LYS D 105 -15.70 5.56 43.32
C LYS D 105 -16.40 4.54 44.20
N ASP D 106 -15.83 4.33 45.38
CA ASP D 106 -16.41 3.39 46.33
C ASP D 106 -17.78 3.88 46.79
N PRO D 107 -18.71 2.96 47.06
CA PRO D 107 -20.06 3.39 47.45
C PRO D 107 -20.10 4.24 48.70
N THR D 108 -19.18 4.03 49.65
CA THR D 108 -19.16 4.82 50.86
C THR D 108 -18.60 6.22 50.64
N SER D 109 -17.99 6.47 49.49
CA SER D 109 -17.37 7.76 49.22
C SER D 109 -18.41 8.86 49.05
N THR D 110 -17.99 10.09 49.30
CA THR D 110 -18.82 11.28 49.16
C THR D 110 -18.04 12.37 48.43
N PHE D 111 -17.41 11.99 47.32
CA PHE D 111 -16.59 12.90 46.52
C PHE D 111 -17.20 12.96 45.13
N PHE D 112 -17.72 14.13 44.76
CA PHE D 112 -18.37 14.32 43.47
C PHE D 112 -17.59 15.35 42.65
N GLN D 113 -17.66 15.20 41.33
CA GLN D 113 -16.87 16.04 40.44
C GLN D 113 -17.76 16.73 39.42
N PHE D 114 -17.38 17.94 39.03
CA PHE D 114 -18.08 18.70 37.99
C PHE D 114 -17.53 18.28 36.63
N GLY D 115 -17.85 17.06 36.24
CA GLY D 115 -17.30 16.52 35.01
C GLY D 115 -18.32 15.78 34.15
N ALA D 116 -17.84 15.13 33.10
CA ALA D 116 -18.69 14.36 32.21
C ALA D 116 -18.04 13.03 31.92
N SER D 117 -18.87 12.00 31.77
CA SER D 117 -18.37 10.65 31.57
C SER D 117 -17.74 10.52 30.18
N ILE D 118 -17.05 9.39 29.98
CA ILE D 118 -16.47 9.11 28.67
C ILE D 118 -17.57 8.93 27.63
N GLN D 119 -18.69 8.34 28.02
CA GLN D 119 -19.75 8.06 27.07
C GLN D 119 -20.33 9.34 26.47
N GLN D 120 -20.53 10.37 27.30
CA GLN D 120 -21.06 11.62 26.77
C GLN D 120 -20.08 12.26 25.80
N GLN D 121 -18.78 12.22 26.12
CA GLN D 121 -17.78 12.76 25.22
C GLN D 121 -17.76 11.99 23.89
N ALA D 122 -17.89 10.67 23.96
CA ALA D 122 -17.93 9.88 22.73
C ALA D 122 -19.16 10.22 21.90
N THR D 123 -20.30 10.43 22.54
CA THR D 123 -21.51 10.79 21.81
C THR D 123 -21.34 12.13 21.10
N VAL D 124 -20.77 13.11 21.80
CA VAL D 124 -20.55 14.41 21.17
C VAL D 124 -19.55 14.28 20.01
N MET D 125 -18.53 13.45 20.18
CA MET D 125 -17.56 13.24 19.10
C MET D 125 -18.22 12.66 17.86
N LEU D 126 -19.05 11.63 18.05
CA LEU D 126 -19.70 11.03 16.90
C LEU D 126 -20.66 12.02 16.26
N LYS D 127 -21.35 12.84 17.06
CA LYS D 127 -22.25 13.84 16.50
C LYS D 127 -21.50 14.87 15.67
N ILE D 128 -20.33 15.32 16.14
CA ILE D 128 -19.60 16.33 15.37
C ILE D 128 -18.97 15.70 14.13
N MET D 129 -18.62 14.42 14.19
CA MET D 129 -18.20 13.73 12.97
C MET D 129 -19.32 13.71 11.95
N GLN D 130 -20.54 13.41 12.40
CA GLN D 130 -21.65 13.17 11.47
C GLN D 130 -22.10 14.46 10.77
N ASP D 131 -21.92 15.61 11.41
CA ASP D 131 -22.44 16.85 10.84
C ASP D 131 -21.63 17.31 9.64
N TYR D 132 -20.32 17.08 9.65
CA TYR D 132 -19.44 17.57 8.60
C TYR D 132 -19.15 16.54 7.53
N ASP D 133 -19.80 15.38 7.58
CA ASP D 133 -19.64 14.33 6.58
C ASP D 133 -18.20 13.80 6.53
N TRP D 134 -17.76 13.24 7.66
CA TRP D 134 -16.46 12.59 7.77
C TRP D 134 -16.60 11.15 8.21
N HIS D 135 -17.65 10.44 7.78
CA HIS D 135 -17.90 9.11 8.31
C HIS D 135 -16.98 8.06 7.68
N VAL D 136 -15.69 8.26 7.90
CA VAL D 136 -14.67 7.23 7.68
C VAL D 136 -13.47 7.60 8.53
N PHE D 137 -12.94 6.66 9.29
CA PHE D 137 -11.94 7.00 10.30
C PHE D 137 -11.31 5.72 10.85
N SER D 138 -10.50 5.87 11.89
CA SER D 138 -9.82 4.75 12.53
C SER D 138 -9.38 5.17 13.93
N LEU D 139 -9.46 4.24 14.87
CA LEU D 139 -9.10 4.50 16.25
C LEU D 139 -7.63 4.24 16.50
N VAL D 140 -7.04 5.04 17.39
CA VAL D 140 -5.67 4.83 17.86
C VAL D 140 -5.65 5.05 19.36
N THR D 141 -5.70 3.97 20.13
CA THR D 141 -5.78 4.06 21.59
C THR D 141 -4.61 3.32 22.23
N THR D 142 -4.04 3.92 23.27
CA THR D 142 -2.93 3.33 23.99
C THR D 142 -3.47 2.51 25.17
N ILE D 143 -2.57 2.13 26.09
CA ILE D 143 -2.88 1.15 27.12
C ILE D 143 -3.28 1.90 28.38
N PHE D 144 -3.64 3.18 28.22
CA PHE D 144 -4.13 3.94 29.37
C PHE D 144 -5.41 3.31 29.90
N PRO D 145 -5.61 3.28 31.22
CA PRO D 145 -6.79 2.61 31.78
C PRO D 145 -8.09 3.23 31.28
N GLY D 146 -9.09 2.38 31.07
CA GLY D 146 -10.36 2.81 30.55
C GLY D 146 -10.50 2.78 29.04
N TYR D 147 -9.48 2.32 28.32
CA TYR D 147 -9.55 2.32 26.87
C TYR D 147 -10.54 1.27 26.36
N ARG D 148 -10.68 0.15 27.05
CA ARG D 148 -11.56 -0.91 26.58
C ARG D 148 -13.01 -0.44 26.53
N GLU D 149 -13.44 0.32 27.54
CA GLU D 149 -14.80 0.86 27.53
C GLU D 149 -15.00 1.80 26.34
N PHE D 150 -14.01 2.63 26.05
CA PHE D 150 -14.11 3.55 24.92
C PHE D 150 -14.22 2.79 23.60
N ILE D 151 -13.37 1.77 23.41
CA ILE D 151 -13.42 0.99 22.18
C ILE D 151 -14.77 0.31 22.02
N SER D 152 -15.25 -0.32 23.10
CA SER D 152 -16.53 -1.01 23.03
C SER D 152 -17.67 -0.04 22.73
N PHE D 153 -17.67 1.13 23.38
CA PHE D 153 -18.75 2.08 23.15
C PHE D 153 -18.76 2.58 21.72
N VAL D 154 -17.58 2.93 21.18
CA VAL D 154 -17.53 3.40 19.80
C VAL D 154 -18.00 2.30 18.85
N LYS D 155 -17.55 1.06 19.09
CA LYS D 155 -17.95 -0.03 18.22
C LYS D 155 -19.46 -0.25 18.25
N THR D 156 -20.06 -0.21 19.44
CA THR D 156 -21.51 -0.39 19.53
C THR D 156 -22.26 0.74 18.85
N THR D 157 -21.83 1.99 19.05
CA THR D 157 -22.52 3.11 18.45
C THR D 157 -22.43 3.07 16.93
N VAL D 158 -21.29 2.68 16.39
CA VAL D 158 -21.16 2.54 14.94
C VAL D 158 -22.11 1.46 14.43
N ASP D 159 -22.20 0.33 15.13
CA ASP D 159 -23.04 -0.79 14.73
C ASP D 159 -24.49 -0.64 15.15
N ASN D 160 -24.95 0.57 15.46
CA ASN D 160 -26.32 0.75 15.92
C ASN D 160 -26.99 1.99 15.33
N SER D 161 -26.53 2.47 14.19
CA SER D 161 -27.10 3.65 13.55
C SER D 161 -27.44 3.32 12.10
N PHE D 162 -27.81 4.36 11.34
CA PHE D 162 -28.22 4.20 9.96
C PHE D 162 -27.40 5.03 8.97
N VAL D 163 -26.44 5.83 9.46
CA VAL D 163 -25.74 6.76 8.58
C VAL D 163 -24.87 6.01 7.58
N GLY D 164 -24.13 5.01 8.05
CA GLY D 164 -23.26 4.27 7.14
C GLY D 164 -21.78 4.37 7.42
N TRP D 165 -21.40 4.46 8.70
CA TRP D 165 -20.00 4.59 9.07
C TRP D 165 -19.16 3.44 8.51
N ASP D 166 -17.85 3.68 8.42
CA ASP D 166 -16.90 2.68 7.92
C ASP D 166 -15.64 2.75 8.78
N MET D 167 -15.60 1.96 9.85
CA MET D 167 -14.42 1.86 10.69
C MET D 167 -13.31 1.17 9.92
N GLN D 168 -12.26 1.92 9.58
CA GLN D 168 -11.17 1.33 8.79
C GLN D 168 -10.42 0.26 9.58
N ASN D 169 -10.02 0.60 10.80
CA ASN D 169 -9.25 -0.33 11.63
C ASN D 169 -9.15 0.22 13.04
N VAL D 170 -8.92 -0.68 13.98
CA VAL D 170 -8.74 -0.34 15.39
C VAL D 170 -7.32 -0.70 15.78
N ILE D 171 -6.57 0.26 16.28
CA ILE D 171 -5.16 0.09 16.63
C ILE D 171 -5.04 0.17 18.14
N THR D 172 -4.41 -0.85 18.72
CA THR D 172 -4.17 -0.92 20.17
C THR D 172 -2.73 -0.57 20.52
N LEU D 173 -2.18 0.38 19.77
CA LEU D 173 -0.78 0.80 19.83
C LEU D 173 -0.23 0.77 21.25
N ASP D 174 0.90 0.10 21.42
CA ASP D 174 1.44 -0.20 22.74
C ASP D 174 2.96 -0.29 22.62
N THR D 175 3.62 -0.39 23.79
CA THR D 175 5.07 -0.48 23.92
C THR D 175 5.73 0.84 23.55
N SER D 176 7.04 0.93 23.75
CA SER D 176 7.76 2.18 23.52
C SER D 176 7.59 2.65 22.08
N PHE D 177 7.31 3.94 21.92
CA PHE D 177 7.02 4.48 20.59
C PHE D 177 8.31 4.84 19.86
N GLU D 178 9.25 3.90 19.81
CA GLU D 178 10.48 4.08 19.06
C GLU D 178 10.75 2.85 18.20
N ASP D 179 10.25 1.71 18.65
CA ASP D 179 10.61 0.43 18.07
C ASP D 179 9.94 0.24 16.71
N ALA D 180 10.19 -0.92 16.10
CA ALA D 180 9.58 -1.22 14.81
C ALA D 180 8.10 -1.56 14.96
N LYS D 181 7.70 -2.11 16.11
CA LYS D 181 6.33 -2.54 16.29
C LYS D 181 5.37 -1.36 16.25
N THR D 182 5.76 -0.23 16.82
CA THR D 182 4.93 0.96 16.74
C THR D 182 4.81 1.45 15.30
N GLN D 183 5.91 1.43 14.55
CA GLN D 183 5.91 2.01 13.21
C GLN D 183 5.20 1.14 12.18
N VAL D 184 5.25 -0.19 12.35
CA VAL D 184 4.65 -1.05 11.32
C VAL D 184 3.14 -0.88 11.28
N GLN D 185 2.50 -0.80 12.44
CA GLN D 185 1.04 -0.70 12.51
C GLN D 185 0.54 0.72 12.67
N LEU D 186 1.44 1.71 12.67
CA LEU D 186 1.03 3.10 12.54
C LEU D 186 1.07 3.58 11.10
N LYS D 187 1.59 2.76 10.19
CA LYS D 187 1.65 3.10 8.77
C LYS D 187 0.40 2.71 8.01
N LYS D 188 -0.52 1.97 8.63
CA LYS D 188 -1.71 1.48 7.95
C LYS D 188 -2.91 2.40 8.11
N ILE D 189 -2.74 3.56 8.76
CA ILE D 189 -3.84 4.51 8.91
C ILE D 189 -3.93 5.33 7.63
N HIS D 190 -4.67 4.83 6.65
CA HIS D 190 -4.83 5.49 5.36
C HIS D 190 -6.08 6.37 5.29
N SER D 191 -6.84 6.47 6.36
CA SER D 191 -8.07 7.25 6.36
C SER D 191 -7.73 8.73 6.51
N SER D 192 -8.73 9.56 6.75
CA SER D 192 -8.52 10.99 6.92
C SER D 192 -8.93 11.52 8.29
N VAL D 193 -9.62 10.73 9.11
CA VAL D 193 -10.04 11.14 10.44
C VAL D 193 -9.49 10.14 11.44
N ILE D 194 -8.92 10.63 12.53
CA ILE D 194 -8.30 9.78 13.55
C ILE D 194 -8.86 10.19 14.91
N LEU D 195 -9.02 9.19 15.79
CA LEU D 195 -9.75 9.37 17.04
C LEU D 195 -8.90 9.00 18.24
N LEU D 196 -7.69 9.55 18.32
CA LEU D 196 -6.72 9.22 19.37
C LEU D 196 -7.35 9.28 20.76
N TYR D 197 -6.83 8.43 21.65
CA TYR D 197 -7.26 8.41 23.04
C TYR D 197 -6.04 8.05 23.89
N CYS D 198 -5.54 8.98 24.68
CA CYS D 198 -4.35 8.74 25.49
C CYS D 198 -4.24 9.85 26.53
N SER D 199 -3.27 9.69 27.43
CA SER D 199 -2.95 10.76 28.36
C SER D 199 -2.20 11.86 27.62
N LYS D 200 -1.84 12.92 28.34
CA LYS D 200 -1.25 14.10 27.68
C LYS D 200 0.13 13.79 27.13
N ASP D 201 1.01 13.20 27.94
CA ASP D 201 2.38 12.95 27.49
C ASP D 201 2.43 11.93 26.36
N GLU D 202 1.67 10.84 26.48
CA GLU D 202 1.62 9.86 25.41
C GLU D 202 1.04 10.47 24.15
N ALA D 203 0.08 11.38 24.29
CA ALA D 203 -0.47 12.07 23.12
C ALA D 203 0.60 12.93 22.45
N VAL D 204 1.40 13.65 23.25
CA VAL D 204 2.46 14.47 22.68
C VAL D 204 3.43 13.59 21.90
N LEU D 205 3.84 12.47 22.50
CA LEU D 205 4.78 11.57 21.83
C LEU D 205 4.19 11.02 20.54
N ILE D 206 2.92 10.62 20.57
CA ILE D 206 2.31 9.99 19.39
C ILE D 206 2.14 11.01 18.27
N LEU D 207 1.69 12.23 18.58
CA LEU D 207 1.57 13.23 17.54
C LEU D 207 2.93 13.61 16.98
N SER D 208 3.96 13.71 17.83
CA SER D 208 5.28 14.03 17.32
C SER D 208 5.82 12.92 16.42
N GLU D 209 5.54 11.66 16.75
CA GLU D 209 6.00 10.56 15.90
C GLU D 209 5.16 10.43 14.63
N ALA D 210 3.90 10.84 14.67
CA ALA D 210 3.05 10.76 13.49
C ALA D 210 3.31 11.89 12.51
N ARG D 211 3.69 13.07 13.02
CA ARG D 211 4.04 14.16 12.11
C ARG D 211 5.22 13.79 11.22
N SER D 212 6.16 13.00 11.77
CA SER D 212 7.28 12.53 10.97
C SER D 212 6.81 11.60 9.86
N LEU D 213 5.87 10.70 10.15
CA LEU D 213 5.38 9.77 9.15
C LEU D 213 4.66 10.48 8.02
N GLY D 214 4.12 11.67 8.26
CA GLY D 214 3.43 12.42 7.23
C GLY D 214 1.93 12.29 7.29
N LEU D 215 1.36 12.32 8.50
CA LEU D 215 -0.08 12.23 8.69
C LEU D 215 -0.67 13.52 9.24
N THR D 216 0.01 14.66 9.08
CA THR D 216 -0.43 15.91 9.67
C THR D 216 -0.37 17.04 8.65
N GLY D 217 -0.92 16.80 7.46
CA GLY D 217 -0.99 17.79 6.42
C GLY D 217 -2.23 18.64 6.52
N TYR D 218 -2.54 19.33 5.41
CA TYR D 218 -3.74 20.15 5.35
C TYR D 218 -5.03 19.32 5.40
N ASP D 219 -4.95 18.02 5.13
CA ASP D 219 -6.13 17.19 5.00
C ASP D 219 -6.10 16.00 5.95
N PHE D 220 -5.80 16.25 7.22
CA PHE D 220 -5.82 15.22 8.25
C PHE D 220 -6.34 15.84 9.52
N PHE D 221 -7.48 15.36 10.01
CA PHE D 221 -8.14 15.94 11.18
C PHE D 221 -8.03 15.01 12.36
N TRP D 222 -7.49 15.52 13.47
CA TRP D 222 -7.34 14.76 14.71
C TRP D 222 -8.38 15.20 15.71
N ILE D 223 -8.96 14.25 16.44
CA ILE D 223 -9.97 14.53 17.46
C ILE D 223 -9.58 13.81 18.74
N VAL D 224 -9.60 14.52 19.86
CA VAL D 224 -9.12 13.95 21.12
C VAL D 224 -10.06 14.34 22.25
N PRO D 225 -10.20 13.45 23.25
CA PRO D 225 -11.11 13.73 24.37
C PRO D 225 -10.63 14.84 25.29
N SER D 226 -11.36 15.08 26.38
CA SER D 226 -11.02 16.18 27.28
C SER D 226 -9.67 15.96 27.94
N LEU D 227 -9.40 14.74 28.40
CA LEU D 227 -8.19 14.49 29.18
C LEU D 227 -6.92 14.70 28.38
N VAL D 228 -7.01 14.78 27.05
CA VAL D 228 -5.84 15.11 26.25
C VAL D 228 -5.57 16.61 26.28
N SER D 229 -6.60 17.42 26.48
CA SER D 229 -6.49 18.87 26.54
C SER D 229 -7.27 19.41 27.73
N GLY D 230 -7.04 18.81 28.89
CA GLY D 230 -7.91 19.01 30.04
C GLY D 230 -7.64 20.20 30.92
N ASN D 231 -6.71 21.08 30.58
CA ASN D 231 -6.45 22.25 31.41
C ASN D 231 -6.37 23.53 30.61
N THR D 232 -6.04 23.43 29.32
CA THR D 232 -5.79 24.58 28.45
C THR D 232 -4.66 25.45 28.98
N GLU D 233 -4.28 26.47 28.20
CA GLU D 233 -3.24 27.43 28.52
C GLU D 233 -1.89 26.78 28.86
N LEU D 234 -1.75 25.48 28.60
CA LEU D 234 -0.47 24.78 28.68
C LEU D 234 -0.29 23.92 27.46
N ILE D 235 -0.51 24.49 26.28
CA ILE D 235 -0.42 23.77 25.01
C ILE D 235 1.04 23.46 24.71
N PRO D 236 1.40 22.19 24.52
CA PRO D 236 2.80 21.87 24.22
C PRO D 236 3.22 22.32 22.83
N LYS D 237 4.46 22.01 22.46
CA LYS D 237 4.96 22.40 21.14
C LYS D 237 4.43 21.53 20.01
N GLU D 238 4.10 20.27 20.29
CA GLU D 238 3.81 19.30 19.23
C GLU D 238 2.35 19.25 18.84
N PHE D 239 1.48 20.03 19.47
CA PHE D 239 0.07 20.03 19.11
C PHE D 239 -0.13 20.81 17.82
N PRO D 240 -0.68 20.20 16.77
CA PRO D 240 -0.92 20.94 15.52
C PRO D 240 -2.09 21.91 15.67
N SER D 241 -2.41 22.64 14.61
CA SER D 241 -3.56 23.54 14.61
C SER D 241 -4.75 22.82 14.01
N GLY D 242 -5.81 22.63 14.81
CA GLY D 242 -6.98 21.94 14.33
C GLY D 242 -7.35 20.74 15.18
N LEU D 243 -6.91 20.74 16.43
CA LEU D 243 -7.27 19.67 17.37
C LEU D 243 -8.69 19.88 17.84
N ILE D 244 -9.65 19.24 17.19
CA ILE D 244 -11.03 19.33 17.61
C ILE D 244 -11.23 18.50 18.86
N SER D 245 -11.22 19.15 20.02
CA SER D 245 -11.28 18.44 21.30
C SER D 245 -12.42 19.01 22.14
N VAL D 246 -13.26 18.13 22.67
CA VAL D 246 -14.31 18.55 23.57
C VAL D 246 -13.73 18.68 24.98
N SER D 247 -14.35 19.51 25.81
CA SER D 247 -13.85 19.72 27.16
C SER D 247 -14.94 20.39 27.98
N TYR D 248 -14.73 20.41 29.30
CA TYR D 248 -15.64 21.11 30.19
C TYR D 248 -15.51 22.62 29.97
N ASP D 249 -16.54 23.35 30.41
CA ASP D 249 -16.70 24.75 30.04
C ASP D 249 -15.42 25.54 30.26
N ASP D 250 -14.94 26.17 29.19
CA ASP D 250 -13.63 26.78 29.21
C ASP D 250 -13.58 27.97 30.17
N TRP D 251 -14.26 29.06 29.82
CA TRP D 251 -14.23 30.27 30.65
C TRP D 251 -15.58 30.92 30.88
N ASP D 252 -16.63 30.57 30.13
CA ASP D 252 -17.93 31.17 30.37
C ASP D 252 -18.44 30.80 31.76
N TYR D 253 -18.23 29.55 32.18
CA TYR D 253 -18.49 29.12 33.56
C TYR D 253 -17.29 29.53 34.40
N SER D 254 -17.22 30.83 34.67
CA SER D 254 -16.05 31.40 35.36
C SER D 254 -15.96 30.88 36.79
N LEU D 255 -14.75 30.97 37.35
CA LEU D 255 -14.46 30.32 38.62
C LEU D 255 -15.37 30.80 39.73
N GLU D 256 -15.68 32.10 39.74
CA GLU D 256 -16.59 32.63 40.74
C GLU D 256 -17.96 31.96 40.65
N ALA D 257 -18.44 31.75 39.42
CA ALA D 257 -19.71 31.04 39.25
C ALA D 257 -19.60 29.61 39.76
N ARG D 258 -18.45 28.96 39.55
CA ARG D 258 -18.29 27.59 40.01
C ARG D 258 -18.35 27.51 41.53
N VAL D 259 -17.60 28.38 42.22
CA VAL D 259 -17.59 28.32 43.68
C VAL D 259 -18.95 28.71 44.24
N ARG D 260 -19.63 29.68 43.60
CA ARG D 260 -20.96 30.05 44.04
C ARG D 260 -21.93 28.88 43.90
N ASP D 261 -21.86 28.16 42.77
CA ASP D 261 -22.73 27.01 42.57
C ASP D 261 -22.44 25.90 43.58
N GLY D 262 -21.15 25.69 43.89
CA GLY D 262 -20.81 24.69 44.89
C GLY D 262 -21.34 25.04 46.26
N ILE D 263 -21.16 26.29 46.67
CA ILE D 263 -21.71 26.73 47.95
C ILE D 263 -23.22 26.56 47.95
N GLY D 264 -23.86 26.87 46.81
CA GLY D 264 -25.30 26.75 46.74
C GLY D 264 -25.78 25.32 46.89
N ILE D 265 -25.13 24.38 46.20
CA ILE D 265 -25.59 23.00 46.29
C ILE D 265 -25.35 22.46 47.69
N LEU D 266 -24.20 22.80 48.30
CA LEU D 266 -23.95 22.33 49.66
C LEU D 266 -24.98 22.89 50.64
N THR D 267 -25.29 24.19 50.53
CA THR D 267 -26.27 24.80 51.43
C THR D 267 -27.66 24.23 51.20
N THR D 268 -28.02 23.94 49.95
CA THR D 268 -29.31 23.35 49.67
C THR D 268 -29.42 21.95 50.26
N ALA D 269 -28.34 21.17 50.17
CA ALA D 269 -28.34 19.85 50.79
C ALA D 269 -28.47 19.96 52.30
N ALA D 270 -27.76 20.91 52.91
CA ALA D 270 -27.87 21.10 54.35
C ALA D 270 -29.29 21.49 54.76
N SER D 271 -29.91 22.40 53.99
CA SER D 271 -31.27 22.81 54.31
C SER D 271 -32.25 21.66 54.15
N SER D 272 -32.07 20.83 53.12
CA SER D 272 -32.95 19.68 52.94
C SER D 272 -32.80 18.70 54.09
N MET D 273 -31.57 18.43 54.52
CA MET D 273 -31.37 17.51 55.63
C MET D 273 -31.91 18.08 56.94
N LEU D 274 -31.86 19.41 57.10
CA LEU D 274 -32.44 20.03 58.29
C LEU D 274 -33.96 19.97 58.26
N GLU D 275 -34.55 20.15 57.08
CA GLU D 275 -36.01 20.05 56.95
C GLU D 275 -36.48 18.63 57.22
N LYS D 276 -35.70 17.63 56.79
CA LYS D 276 -36.04 16.25 57.10
C LYS D 276 -36.06 16.02 58.62
N PHE D 277 -34.98 16.40 59.30
CA PHE D 277 -34.94 16.36 60.75
C PHE D 277 -33.86 17.33 61.21
N SER D 278 -33.92 17.69 62.50
CA SER D 278 -33.02 18.67 63.08
C SER D 278 -31.79 18.03 63.72
N TYR D 279 -31.34 16.90 63.19
CA TYR D 279 -30.17 16.23 63.76
C TYR D 279 -28.89 17.02 63.48
N ILE D 280 -28.59 17.23 62.20
CA ILE D 280 -27.44 17.99 61.69
C ILE D 280 -26.18 17.69 62.50
N PRO D 281 -25.57 16.52 62.32
CA PRO D 281 -24.30 16.23 63.00
C PRO D 281 -23.23 17.23 62.58
N GLU D 282 -22.38 17.59 63.54
CA GLU D 282 -21.40 18.65 63.29
C GLU D 282 -20.17 18.12 62.57
N ALA D 283 -19.45 17.20 63.19
CA ALA D 283 -18.21 16.67 62.62
C ALA D 283 -17.81 15.44 63.44
N LYS D 284 -16.62 14.91 63.16
CA LYS D 284 -16.08 13.78 63.89
C LYS D 284 -15.09 14.26 64.94
N ALA D 285 -14.56 13.32 65.73
CA ALA D 285 -13.63 13.68 66.80
C ALA D 285 -12.32 14.20 66.23
N SER D 286 -11.72 13.47 65.29
CA SER D 286 -10.46 13.86 64.69
C SER D 286 -10.22 13.01 63.45
N CYS D 287 -9.50 13.58 62.48
CA CYS D 287 -9.16 12.83 61.28
C CYS D 287 -8.25 11.66 61.59
N TYR D 288 -7.27 11.87 62.47
CA TYR D 288 -6.31 10.82 62.79
C TYR D 288 -6.17 10.65 64.30
N GLY D 289 -5.20 9.85 64.72
CA GLY D 289 -5.01 9.58 66.13
C GLY D 289 -5.27 8.13 66.48
N GLN D 290 -5.81 7.88 67.66
CA GLN D 290 -6.14 6.54 68.10
C GLN D 290 -7.58 6.13 67.77
N MET D 291 -8.32 6.98 67.06
CA MET D 291 -9.70 6.66 66.74
C MET D 291 -9.76 5.57 65.68
N GLU D 292 -10.57 4.55 65.94
CA GLU D 292 -10.79 3.47 64.98
C GLU D 292 -12.24 3.11 64.77
N ARG D 293 -13.12 3.40 65.71
CA ARG D 293 -14.53 3.06 65.55
C ARG D 293 -15.22 4.01 64.57
N PRO D 294 -16.19 3.51 63.81
CA PRO D 294 -16.94 4.40 62.91
C PRO D 294 -17.74 5.42 63.69
N GLU D 295 -17.96 6.58 63.06
CA GLU D 295 -18.67 7.69 63.68
C GLU D 295 -20.00 7.99 63.03
N VAL D 296 -20.04 8.13 61.71
CA VAL D 296 -21.27 8.46 60.99
C VAL D 296 -22.26 7.30 61.12
N PRO D 297 -23.57 7.56 61.20
CA PRO D 297 -24.53 6.45 61.23
C PRO D 297 -24.41 5.58 59.99
N MET D 298 -24.65 6.16 58.82
CA MET D 298 -24.16 5.57 57.57
C MET D 298 -23.18 6.51 56.88
N HIS D 299 -23.63 7.72 56.49
CA HIS D 299 -22.70 8.78 56.13
C HIS D 299 -23.25 10.16 56.51
N THR D 300 -24.04 10.24 57.59
CA THR D 300 -24.72 11.47 57.97
C THR D 300 -25.60 11.97 56.83
N LEU D 301 -25.07 12.90 56.04
CA LEU D 301 -25.78 13.43 54.88
C LEU D 301 -25.15 12.89 53.60
N HIS D 302 -25.99 12.47 52.67
CA HIS D 302 -25.54 11.90 51.40
C HIS D 302 -26.68 11.81 50.38
N PRO D 303 -27.79 11.13 50.68
CA PRO D 303 -28.84 10.98 49.65
C PRO D 303 -29.48 12.29 49.26
N PHE D 304 -29.36 13.33 50.08
CA PHE D 304 -29.90 14.65 49.77
C PHE D 304 -28.92 15.53 49.03
N MET D 305 -27.74 15.01 48.69
CA MET D 305 -26.74 15.75 47.93
C MET D 305 -26.91 15.59 46.42
N VAL D 306 -27.87 14.77 45.97
CA VAL D 306 -28.10 14.56 44.55
C VAL D 306 -29.52 15.00 44.20
N ASN D 307 -29.86 14.97 42.92
CA ASN D 307 -31.12 15.47 42.36
C ASN D 307 -31.55 16.77 43.05
N VAL D 308 -30.66 17.76 42.98
CA VAL D 308 -30.89 19.07 43.56
C VAL D 308 -30.80 20.12 42.46
N THR D 309 -31.50 21.23 42.67
CA THR D 309 -31.51 22.35 41.74
C THR D 309 -31.07 23.61 42.47
N TRP D 310 -30.81 24.66 41.70
CA TRP D 310 -30.39 25.95 42.24
C TRP D 310 -31.16 27.08 41.59
N ASP D 311 -32.49 26.93 41.53
CA ASP D 311 -33.38 27.96 41.02
C ASP D 311 -33.04 28.32 39.57
N GLY D 312 -33.29 27.36 38.68
CA GLY D 312 -32.92 27.52 37.29
C GLY D 312 -32.19 26.30 36.76
N LYS D 313 -30.92 26.48 36.39
CA LYS D 313 -30.11 25.36 35.95
C LYS D 313 -30.07 24.28 37.01
N ASP D 314 -30.32 23.03 36.60
CA ASP D 314 -30.32 21.91 37.51
C ASP D 314 -29.04 21.10 37.34
N LEU D 315 -28.69 20.34 38.38
CA LEU D 315 -27.48 19.53 38.34
C LEU D 315 -27.62 18.41 39.36
N SER D 316 -27.71 17.18 38.86
CA SER D 316 -27.89 16.00 39.69
C SER D 316 -26.75 15.05 39.42
N PHE D 317 -26.05 14.63 40.47
CA PHE D 317 -24.91 13.75 40.33
C PHE D 317 -25.39 12.31 40.21
N THR D 318 -24.89 11.60 39.21
CA THR D 318 -25.27 10.21 39.03
C THR D 318 -24.58 9.34 40.09
N GLU D 319 -25.02 8.08 40.16
CA GLU D 319 -24.51 7.18 41.20
C GLU D 319 -23.01 6.94 41.06
N GLU D 320 -22.49 7.04 39.83
CA GLU D 320 -21.08 6.79 39.60
C GLU D 320 -20.20 8.02 39.81
N GLY D 321 -20.79 9.19 40.02
CA GLY D 321 -20.03 10.39 40.31
C GLY D 321 -20.05 11.44 39.23
N TYR D 322 -20.66 11.17 38.07
CA TYR D 322 -20.72 12.15 36.99
C TYR D 322 -21.86 13.13 37.25
N GLN D 323 -22.18 13.92 36.25
CA GLN D 323 -23.42 14.68 36.20
C GLN D 323 -24.41 13.91 35.32
N VAL D 324 -25.56 14.51 35.07
CA VAL D 324 -26.48 14.00 34.06
C VAL D 324 -26.76 15.02 32.97
N HIS D 325 -26.55 16.31 33.22
CA HIS D 325 -26.70 17.35 32.20
C HIS D 325 -25.47 18.25 32.25
N PRO D 326 -24.35 17.80 31.68
CA PRO D 326 -23.12 18.59 31.73
C PRO D 326 -23.17 19.80 30.81
N ARG D 327 -22.06 20.53 30.73
CA ARG D 327 -21.97 21.72 29.89
C ARG D 327 -20.76 21.61 28.98
N LEU D 328 -20.65 20.49 28.28
CA LEU D 328 -19.53 20.27 27.37
C LEU D 328 -19.55 21.30 26.25
N VAL D 329 -18.34 21.69 25.83
CA VAL D 329 -18.15 22.53 24.66
C VAL D 329 -17.07 21.87 23.81
N VAL D 330 -17.05 22.22 22.53
CA VAL D 330 -16.07 21.71 21.59
C VAL D 330 -15.21 22.88 21.10
N ILE D 331 -13.89 22.75 21.23
CA ILE D 331 -12.95 23.83 20.99
C ILE D 331 -11.85 23.35 20.06
N VAL D 332 -11.17 24.31 19.45
CA VAL D 332 -10.16 24.02 18.43
C VAL D 332 -9.09 25.08 18.48
N LEU D 333 -7.85 24.68 18.22
CA LEU D 333 -6.74 25.62 18.14
C LEU D 333 -6.93 26.55 16.95
N ASN D 334 -5.99 27.47 16.78
CA ASN D 334 -5.99 28.36 15.62
C ASN D 334 -4.55 28.72 15.29
N LYS D 335 -4.38 29.74 14.45
CA LYS D 335 -3.04 30.19 14.11
C LYS D 335 -2.37 30.98 15.23
N ASP D 336 -3.13 31.39 16.24
CA ASP D 336 -2.59 32.11 17.38
C ASP D 336 -2.26 31.19 18.56
N ARG D 337 -2.47 29.89 18.41
CA ARG D 337 -2.19 28.90 19.45
C ARG D 337 -2.98 29.20 20.72
N GLU D 338 -4.29 29.08 20.61
CA GLU D 338 -5.17 29.19 21.77
C GLU D 338 -6.54 28.63 21.41
N TRP D 339 -7.05 27.73 22.26
CA TRP D 339 -8.40 27.19 22.08
C TRP D 339 -9.42 28.30 22.13
N GLU D 340 -10.10 28.60 21.02
CA GLU D 340 -11.00 29.73 21.11
C GLU D 340 -12.44 29.33 21.42
N LYS D 341 -13.15 28.77 20.44
CA LYS D 341 -14.42 28.07 20.58
C LYS D 341 -14.94 27.71 19.20
N VAL D 342 -15.73 26.64 19.11
CA VAL D 342 -16.57 26.38 17.94
C VAL D 342 -17.83 25.70 18.44
N GLY D 343 -18.96 26.40 18.43
CA GLY D 343 -20.18 25.78 18.90
C GLY D 343 -20.12 25.45 20.38
N LYS D 344 -21.09 24.64 20.80
CA LYS D 344 -21.20 24.22 22.19
C LYS D 344 -22.12 23.00 22.22
N TRP D 345 -22.53 22.60 23.42
CA TRP D 345 -23.58 21.60 23.55
C TRP D 345 -24.79 22.25 24.21
N GLU D 346 -25.89 21.52 24.23
CA GLU D 346 -27.18 22.07 24.67
C GLU D 346 -27.95 20.93 25.33
N ASN D 347 -29.28 21.10 25.42
CA ASN D 347 -30.14 20.06 25.95
C ASN D 347 -29.77 18.71 25.34
N HIS D 348 -29.96 18.56 24.03
CA HIS D 348 -29.38 17.42 23.31
C HIS D 348 -28.94 17.81 21.90
N THR D 349 -28.73 19.09 21.63
CA THR D 349 -28.41 19.58 20.30
C THR D 349 -27.02 20.18 20.29
N LEU D 350 -26.38 20.15 19.12
CA LEU D 350 -25.00 20.62 18.99
C LEU D 350 -24.94 22.12 18.66
N SER D 351 -25.52 22.52 17.53
CA SER D 351 -25.58 23.92 17.12
C SER D 351 -24.18 24.52 16.98
N LEU D 352 -23.44 23.96 16.02
CA LEU D 352 -22.10 24.47 15.71
C LEU D 352 -22.18 25.84 15.06
N ARG D 353 -21.11 26.62 15.25
CA ARG D 353 -21.02 27.94 14.64
C ARG D 353 -20.52 27.85 13.21
N HIS D 354 -19.34 27.27 13.01
CA HIS D 354 -18.75 27.17 11.69
C HIS D 354 -19.53 26.15 10.86
N ALA D 355 -20.27 26.64 9.86
CA ALA D 355 -21.05 25.75 9.02
C ALA D 355 -20.15 24.85 8.17
N VAL D 356 -19.04 25.39 7.67
CA VAL D 356 -18.11 24.65 6.84
C VAL D 356 -16.71 24.80 7.42
N TRP D 357 -15.98 23.69 7.50
CA TRP D 357 -14.68 23.71 8.16
C TRP D 357 -13.73 24.64 7.42
N PRO D 358 -13.04 25.54 8.13
CA PRO D 358 -12.26 26.60 7.47
C PRO D 358 -10.84 26.24 7.08
N ARG D 359 -10.45 24.96 7.08
CA ARG D 359 -9.19 24.51 6.49
C ARG D 359 -7.98 25.18 7.16
N TYR D 360 -7.79 24.83 8.43
CA TYR D 360 -6.65 25.36 9.18
C TYR D 360 -5.33 24.84 8.65
N LYS D 361 -4.30 25.69 8.70
CA LYS D 361 -2.95 25.30 8.30
C LYS D 361 -2.28 24.52 9.42
N SER D 362 -1.71 23.37 9.09
CA SER D 362 -1.43 22.37 10.12
C SER D 362 -0.44 22.80 11.18
N PHE D 363 0.85 22.91 10.86
CA PHE D 363 1.84 23.10 11.92
C PHE D 363 2.63 24.39 11.81
N SER D 364 3.60 24.49 10.89
CA SER D 364 4.23 25.77 10.59
C SER D 364 4.71 25.83 9.14
N ASP D 365 4.87 24.66 8.53
CA ASP D 365 5.51 24.57 7.22
C ASP D 365 4.85 23.50 6.36
N CYS D 366 3.57 23.24 6.59
CA CYS D 366 2.86 22.26 5.78
C CYS D 366 2.76 22.74 4.33
N GLU D 367 2.70 21.79 3.42
CA GLU D 367 2.62 22.12 2.00
C GLU D 367 1.31 22.86 1.73
N PRO D 368 1.30 23.82 0.82
CA PRO D 368 0.09 24.62 0.59
C PRO D 368 -1.02 23.77 0.00
N ASP D 369 -2.18 24.42 -0.15
CA ASP D 369 -3.40 23.73 -0.57
C ASP D 369 -3.39 23.57 -2.09
N ASP D 370 -3.29 22.33 -2.55
CA ASP D 370 -3.30 22.03 -3.98
C ASP D 370 -4.17 20.83 -4.31
N ASN D 371 -5.06 20.44 -3.39
CA ASN D 371 -5.95 19.32 -3.63
C ASN D 371 -7.38 19.60 -3.22
N HIS D 372 -7.68 20.78 -2.68
CA HIS D 372 -9.03 21.18 -2.33
C HIS D 372 -9.43 22.35 -3.21
N LEU D 373 -10.57 22.24 -3.88
CA LEU D 373 -10.99 23.23 -4.85
C LEU D 373 -12.51 23.24 -4.93
N SER D 374 -13.06 24.43 -5.17
CA SER D 374 -14.50 24.65 -5.17
C SER D 374 -15.06 24.45 -6.58
N ILE D 375 -16.24 23.85 -6.65
CA ILE D 375 -16.86 23.46 -7.91
C ILE D 375 -18.31 23.94 -7.90
N VAL D 376 -18.76 24.54 -9.00
CA VAL D 376 -20.06 25.21 -9.08
C VAL D 376 -20.92 24.51 -10.12
N THR D 377 -22.20 24.31 -9.80
CA THR D 377 -23.14 23.67 -10.71
C THR D 377 -24.55 24.16 -10.41
N LEU D 378 -25.45 24.03 -11.38
CA LEU D 378 -26.86 24.32 -11.15
C LEU D 378 -27.72 23.17 -11.67
N GLU D 379 -28.85 22.95 -11.00
CA GLU D 379 -29.71 21.83 -11.32
C GLU D 379 -30.35 22.00 -12.69
N GLU D 380 -30.40 20.91 -13.46
CA GLU D 380 -31.12 20.86 -14.72
C GLU D 380 -31.13 19.43 -15.23
N ALA D 381 -32.28 18.98 -15.70
CA ALA D 381 -32.36 17.76 -16.50
C ALA D 381 -31.95 16.55 -15.68
N PRO D 382 -31.83 15.33 -16.27
CA PRO D 382 -31.22 14.20 -15.57
C PRO D 382 -29.69 14.26 -15.54
N PHE D 383 -29.15 15.42 -15.23
CA PHE D 383 -27.72 15.59 -15.06
C PHE D 383 -27.35 15.94 -13.62
N VAL D 384 -28.02 16.92 -13.03
CA VAL D 384 -27.89 17.23 -11.61
C VAL D 384 -29.26 17.58 -11.06
N ILE D 385 -29.75 16.75 -10.13
CA ILE D 385 -31.05 16.95 -9.49
C ILE D 385 -30.81 17.11 -8.00
N VAL D 386 -31.41 18.13 -7.42
CA VAL D 386 -31.27 18.40 -5.99
C VAL D 386 -32.40 17.72 -5.24
N GLU D 387 -32.06 17.07 -4.12
CA GLU D 387 -33.03 16.39 -3.27
C GLU D 387 -32.89 16.92 -1.86
N ASP D 388 -34.01 17.30 -1.25
CA ASP D 388 -33.98 17.86 0.09
C ASP D 388 -33.47 16.84 1.10
N ILE D 389 -32.74 17.34 2.10
CA ILE D 389 -32.15 16.46 3.11
C ILE D 389 -33.26 15.75 3.88
N ASP D 390 -32.99 14.51 4.27
CA ASP D 390 -33.96 13.71 5.00
C ASP D 390 -34.31 14.38 6.33
N PRO D 391 -35.56 14.24 6.79
CA PRO D 391 -35.96 14.92 8.04
C PRO D 391 -35.20 14.39 9.24
N LEU D 392 -35.25 13.09 9.46
CA LEU D 392 -34.51 12.43 10.53
C LEU D 392 -33.25 11.81 9.96
N THR D 393 -32.26 11.62 10.84
CA THR D 393 -30.94 11.12 10.45
C THR D 393 -30.35 12.01 9.35
N GLU D 394 -30.01 13.23 9.75
CA GLU D 394 -29.73 14.30 8.80
C GLU D 394 -28.42 14.09 8.06
N THR D 395 -28.32 12.97 7.34
CA THR D 395 -27.25 12.69 6.39
C THR D 395 -27.94 11.98 5.23
N CYS D 396 -28.40 12.74 4.24
CA CYS D 396 -29.37 12.23 3.28
C CYS D 396 -28.76 11.17 2.37
N VAL D 397 -29.43 10.03 2.28
CA VAL D 397 -29.16 8.95 1.33
C VAL D 397 -27.69 8.55 1.46
N ARG D 398 -27.14 7.86 0.48
CA ARG D 398 -25.77 7.38 0.55
C ARG D 398 -24.93 7.76 -0.66
N ASN D 399 -25.54 7.81 -1.85
CA ASN D 399 -24.78 8.03 -3.07
C ASN D 399 -24.67 9.49 -3.47
N THR D 400 -25.52 10.36 -2.94
CA THR D 400 -25.53 11.76 -3.34
C THR D 400 -24.31 12.48 -2.77
N VAL D 401 -24.22 13.77 -3.06
CA VAL D 401 -23.09 14.60 -2.65
C VAL D 401 -23.59 15.89 -2.04
N PRO D 402 -23.11 16.28 -0.87
CA PRO D 402 -23.71 17.40 -0.14
C PRO D 402 -23.35 18.78 -0.68
N CYS D 403 -24.09 19.25 -1.67
CA CYS D 403 -23.97 20.63 -2.14
C CYS D 403 -24.68 21.58 -1.17
N ARG D 404 -24.71 22.88 -1.50
CA ARG D 404 -25.31 23.85 -0.59
C ARG D 404 -25.70 25.10 -1.35
N LYS D 405 -26.99 25.42 -1.37
CA LYS D 405 -27.52 26.55 -2.12
C LYS D 405 -27.66 27.77 -1.23
N PHE D 406 -27.34 28.93 -1.78
CA PHE D 406 -27.48 30.19 -1.05
C PHE D 406 -28.96 30.59 -1.01
N VAL D 407 -29.68 30.08 -0.03
CA VAL D 407 -31.13 30.28 0.04
C VAL D 407 -31.42 31.72 0.44
N LYS D 408 -32.28 32.38 -0.34
CA LYS D 408 -32.72 33.73 -0.07
C LYS D 408 -34.23 33.79 -0.11
N ILE D 409 -34.83 34.49 0.84
CA ILE D 409 -36.28 34.61 0.91
C ILE D 409 -36.76 35.63 -0.11
N ASN D 410 -37.55 36.61 0.33
CA ASN D 410 -38.11 37.62 -0.55
C ASN D 410 -37.92 39.00 0.06
N ASN D 411 -37.86 40.00 -0.81
CA ASN D 411 -37.70 41.42 -0.42
C ASN D 411 -36.39 41.54 0.34
N SER D 412 -36.36 42.29 1.45
CA SER D 412 -35.13 42.44 2.22
C SER D 412 -34.81 41.20 3.06
N THR D 413 -35.75 40.26 3.19
CA THR D 413 -35.52 39.03 3.95
C THR D 413 -34.66 38.03 3.19
N ASN D 414 -34.07 38.42 2.06
CA ASN D 414 -33.23 37.53 1.28
C ASN D 414 -31.93 37.16 1.98
N GLU D 415 -31.59 37.84 3.08
CA GLU D 415 -30.38 37.50 3.84
C GLU D 415 -30.59 36.13 4.45
N GLY D 416 -29.93 35.13 3.87
CA GLY D 416 -30.14 33.76 4.27
C GLY D 416 -28.82 33.03 4.45
N MET D 417 -28.91 31.87 5.11
CA MET D 417 -27.75 31.06 5.39
C MET D 417 -27.61 29.94 4.37
N ASN D 418 -26.44 29.33 4.34
CA ASN D 418 -26.17 28.25 3.39
C ASN D 418 -26.88 26.98 3.81
N VAL D 419 -28.07 26.74 3.27
CA VAL D 419 -28.77 25.49 3.55
C VAL D 419 -28.04 24.33 2.88
N LYS D 420 -28.22 23.14 3.43
CA LYS D 420 -27.52 21.94 2.98
C LYS D 420 -28.51 21.05 2.23
N LYS D 421 -28.41 21.05 0.91
CA LYS D 421 -29.16 20.15 0.05
C LYS D 421 -28.20 19.19 -0.64
N CYS D 422 -28.62 17.95 -0.81
CA CYS D 422 -27.77 16.96 -1.45
C CYS D 422 -28.28 16.67 -2.86
N CYS D 423 -27.36 16.71 -3.83
CA CYS D 423 -27.67 16.66 -5.25
C CYS D 423 -26.96 15.48 -5.90
N LYS D 424 -27.63 14.84 -6.86
CA LYS D 424 -27.03 13.71 -7.57
C LYS D 424 -27.56 13.67 -8.99
N GLY D 425 -26.86 12.94 -9.85
CA GLY D 425 -27.28 12.84 -11.24
C GLY D 425 -26.17 12.27 -12.10
N PHE D 426 -26.30 12.49 -13.42
CA PHE D 426 -25.32 11.96 -14.36
C PHE D 426 -23.97 12.65 -14.21
N CYS D 427 -23.96 13.98 -14.17
CA CYS D 427 -22.71 14.70 -14.07
C CYS D 427 -22.02 14.48 -12.73
N ILE D 428 -22.80 14.31 -11.66
CA ILE D 428 -22.20 14.08 -10.35
C ILE D 428 -21.46 12.76 -10.32
N ASP D 429 -21.93 11.74 -11.04
CA ASP D 429 -21.19 10.49 -11.13
C ASP D 429 -19.84 10.71 -11.80
N ILE D 430 -19.82 11.51 -12.86
CA ILE D 430 -18.55 11.85 -13.51
C ILE D 430 -17.64 12.57 -12.53
N LEU D 431 -18.20 13.50 -11.76
CA LEU D 431 -17.38 14.23 -10.79
C LEU D 431 -16.79 13.30 -9.74
N LYS D 432 -17.60 12.36 -9.25
CA LYS D 432 -17.09 11.42 -8.25
C LYS D 432 -16.01 10.52 -8.83
N LYS D 433 -16.19 10.06 -10.08
CA LYS D 433 -15.16 9.25 -10.71
C LYS D 433 -13.86 10.03 -10.88
N LEU D 434 -13.96 11.30 -11.29
CA LEU D 434 -12.77 12.12 -11.43
C LEU D 434 -12.09 12.35 -10.08
N SER D 435 -12.89 12.57 -9.03
CA SER D 435 -12.32 12.72 -7.70
C SER D 435 -11.58 11.47 -7.26
N ARG D 436 -12.15 10.30 -7.55
CA ARG D 436 -11.50 9.05 -7.18
C ARG D 436 -10.20 8.84 -7.95
N THR D 437 -10.20 9.18 -9.24
CA THR D 437 -9.03 8.88 -10.06
C THR D 437 -7.93 9.92 -9.88
N VAL D 438 -8.23 11.20 -10.15
CA VAL D 438 -7.22 12.24 -10.07
C VAL D 438 -6.84 12.59 -8.63
N LYS D 439 -7.61 12.12 -7.65
CA LYS D 439 -7.31 12.31 -6.23
C LYS D 439 -7.28 13.79 -5.85
N PHE D 440 -8.46 14.41 -5.93
CA PHE D 440 -8.67 15.74 -5.39
C PHE D 440 -9.98 15.76 -4.62
N THR D 441 -10.09 16.68 -3.67
CA THR D 441 -11.28 16.84 -2.85
C THR D 441 -11.98 18.15 -3.19
N TYR D 442 -13.30 18.14 -3.17
CA TYR D 442 -14.09 19.25 -3.70
C TYR D 442 -15.06 19.79 -2.65
N ASP D 443 -15.69 20.92 -2.99
CA ASP D 443 -16.59 21.65 -2.09
C ASP D 443 -17.85 22.07 -2.85
N LEU D 444 -18.49 21.12 -3.51
CA LEU D 444 -19.63 21.36 -4.41
C LEU D 444 -20.63 22.35 -3.81
N TYR D 445 -21.16 23.23 -4.67
CA TYR D 445 -22.13 24.23 -4.22
C TYR D 445 -22.89 24.79 -5.42
N LEU D 446 -24.20 24.93 -5.27
CA LEU D 446 -25.04 25.45 -6.34
C LEU D 446 -24.88 26.95 -6.51
N VAL D 447 -25.32 27.45 -7.66
CA VAL D 447 -25.18 28.85 -8.02
C VAL D 447 -26.57 29.46 -8.18
N THR D 448 -26.79 30.60 -7.53
CA THR D 448 -28.01 31.39 -7.73
C THR D 448 -27.57 32.83 -8.02
N ASN D 449 -27.19 33.08 -9.26
CA ASN D 449 -26.93 34.42 -9.73
C ASN D 449 -27.35 34.65 -11.17
N GLY D 450 -27.99 33.68 -11.82
CA GLY D 450 -28.25 33.76 -13.23
C GLY D 450 -28.60 32.43 -13.86
N LYS D 451 -27.90 32.06 -14.92
CA LYS D 451 -28.23 30.88 -15.73
C LYS D 451 -26.92 30.30 -16.25
N HIS D 452 -27.01 29.49 -17.31
CA HIS D 452 -25.83 28.86 -17.87
C HIS D 452 -24.76 29.88 -18.26
N GLY D 453 -25.17 31.09 -18.66
CA GLY D 453 -24.20 32.12 -18.95
C GLY D 453 -24.54 33.00 -20.14
N LYS D 454 -24.50 34.31 -19.95
CA LYS D 454 -24.80 35.27 -21.01
C LYS D 454 -24.06 36.57 -20.72
N LYS D 455 -23.49 37.16 -21.77
CA LYS D 455 -22.68 38.37 -21.63
C LYS D 455 -23.58 39.59 -21.81
N VAL D 456 -23.77 40.35 -20.73
CA VAL D 456 -24.55 41.58 -20.75
C VAL D 456 -23.65 42.71 -20.26
N ASN D 457 -23.49 43.74 -21.10
CA ASN D 457 -22.67 44.90 -20.77
C ASN D 457 -21.24 44.50 -20.42
N ASN D 458 -20.66 43.63 -21.25
CA ASN D 458 -19.29 43.16 -21.08
C ASN D 458 -19.07 42.53 -19.72
N VAL D 459 -20.05 41.76 -19.25
CA VAL D 459 -20.00 41.11 -17.95
C VAL D 459 -20.63 39.73 -18.09
N TRP D 460 -20.00 38.73 -17.47
CA TRP D 460 -20.46 37.35 -17.51
C TRP D 460 -21.18 37.01 -16.21
N ASN D 461 -22.30 36.31 -16.32
CA ASN D 461 -23.11 35.95 -15.15
C ASN D 461 -23.55 34.50 -15.25
N GLY D 462 -23.40 33.76 -14.16
CA GLY D 462 -23.88 32.40 -14.09
C GLY D 462 -22.89 31.36 -14.57
N MET D 463 -22.56 30.38 -13.73
CA MET D 463 -21.49 29.43 -13.99
C MET D 463 -20.25 30.07 -14.61
N ILE D 464 -20.36 30.50 -15.86
CA ILE D 464 -19.19 31.05 -16.54
C ILE D 464 -18.61 32.22 -15.75
N GLY D 465 -19.47 33.10 -15.25
CA GLY D 465 -18.98 34.19 -14.41
C GLY D 465 -18.21 33.68 -13.22
N GLU D 466 -18.74 32.65 -12.54
CA GLU D 466 -18.07 32.09 -11.37
C GLU D 466 -16.72 31.50 -11.70
N VAL D 467 -16.41 31.28 -12.98
CA VAL D 467 -15.10 30.76 -13.35
C VAL D 467 -14.24 31.88 -13.90
N VAL D 468 -14.90 32.90 -14.48
CA VAL D 468 -14.13 33.98 -15.09
C VAL D 468 -13.47 34.85 -14.02
N TYR D 469 -14.18 35.11 -12.93
CA TYR D 469 -13.70 36.00 -11.88
C TYR D 469 -12.98 35.27 -10.77
N GLN D 470 -12.42 34.09 -11.05
CA GLN D 470 -11.59 33.36 -10.10
C GLN D 470 -12.33 33.02 -8.81
N ARG D 471 -13.65 32.86 -8.89
CA ARG D 471 -14.44 32.44 -7.74
C ARG D 471 -14.68 30.93 -7.69
N ALA D 472 -14.10 30.19 -8.63
CA ALA D 472 -14.22 28.73 -8.65
C ALA D 472 -13.09 28.21 -9.53
N VAL D 473 -13.09 26.89 -9.74
CA VAL D 473 -12.08 26.24 -10.57
C VAL D 473 -12.72 25.43 -11.70
N MET D 474 -13.75 24.66 -11.40
CA MET D 474 -14.48 23.90 -12.41
C MET D 474 -15.91 24.37 -12.44
N ALA D 475 -16.63 23.98 -13.48
CA ALA D 475 -18.03 24.35 -13.63
C ALA D 475 -18.83 23.16 -14.16
N VAL D 476 -18.62 21.99 -13.57
CA VAL D 476 -19.28 20.76 -14.00
C VAL D 476 -20.79 20.97 -14.05
N GLY D 477 -21.45 20.30 -14.98
CA GLY D 477 -22.88 20.44 -15.14
C GLY D 477 -23.28 20.25 -16.59
N SER D 478 -24.26 21.05 -17.02
CA SER D 478 -24.81 20.96 -18.37
C SER D 478 -24.27 22.03 -19.31
N LEU D 479 -23.00 22.40 -19.16
CA LEU D 479 -22.41 23.41 -20.04
C LEU D 479 -22.29 22.87 -21.45
N THR D 480 -22.31 23.78 -22.42
CA THR D 480 -22.15 23.44 -23.82
C THR D 480 -21.00 24.23 -24.43
N ILE D 481 -20.17 23.56 -25.23
CA ILE D 481 -19.04 24.22 -25.84
C ILE D 481 -19.55 25.20 -26.90
N ASN D 482 -18.78 26.26 -27.13
CA ASN D 482 -19.20 27.30 -28.05
C ASN D 482 -17.96 28.05 -28.52
N GLU D 483 -18.17 29.12 -29.29
CA GLU D 483 -17.07 29.93 -29.76
C GLU D 483 -16.69 31.03 -28.77
N GLU D 484 -17.68 31.84 -28.34
CA GLU D 484 -17.38 32.93 -27.43
C GLU D 484 -17.10 32.43 -26.02
N ARG D 485 -17.71 31.30 -25.62
CA ARG D 485 -17.41 30.74 -24.31
C ARG D 485 -15.96 30.28 -24.23
N SER D 486 -15.42 29.75 -25.32
CA SER D 486 -14.08 29.18 -25.31
C SER D 486 -12.99 30.23 -25.49
N GLU D 487 -13.35 31.50 -25.64
CA GLU D 487 -12.36 32.56 -25.72
C GLU D 487 -11.99 33.14 -24.37
N VAL D 488 -12.72 32.78 -23.30
CA VAL D 488 -12.40 33.27 -21.96
C VAL D 488 -12.07 32.16 -20.98
N VAL D 489 -12.56 30.93 -21.20
CA VAL D 489 -12.24 29.79 -20.34
C VAL D 489 -11.78 28.65 -21.23
N ASP D 490 -11.17 27.64 -20.61
CA ASP D 490 -10.65 26.48 -21.32
C ASP D 490 -11.51 25.28 -21.00
N PHE D 491 -12.08 24.66 -22.02
CA PHE D 491 -12.94 23.50 -21.85
C PHE D 491 -12.14 22.21 -21.93
N SER D 492 -12.75 21.14 -21.43
CA SER D 492 -12.19 19.81 -21.57
C SER D 492 -12.73 19.17 -22.85
N VAL D 493 -12.36 17.92 -23.10
CA VAL D 493 -12.91 17.25 -24.28
C VAL D 493 -14.36 16.90 -24.03
N PRO D 494 -15.22 16.95 -25.04
CA PRO D 494 -16.64 16.63 -24.81
C PRO D 494 -16.83 15.18 -24.39
N PHE D 495 -17.80 14.96 -23.51
CA PHE D 495 -18.15 13.61 -23.09
C PHE D 495 -19.60 13.24 -23.38
N VAL D 496 -20.39 14.15 -23.97
CA VAL D 496 -21.71 13.84 -24.49
C VAL D 496 -21.85 14.54 -25.83
N GLU D 497 -22.82 14.10 -26.62
CA GLU D 497 -23.15 14.77 -27.86
C GLU D 497 -24.40 15.62 -27.68
N THR D 498 -24.48 16.70 -28.47
CA THR D 498 -25.54 17.68 -28.30
C THR D 498 -25.58 18.57 -29.53
N GLY D 499 -26.78 18.97 -29.94
CA GLY D 499 -26.93 19.91 -31.04
C GLY D 499 -27.99 20.94 -30.78
N ILE D 500 -28.84 21.19 -31.78
CA ILE D 500 -30.00 22.06 -31.65
C ILE D 500 -31.14 21.32 -32.35
N SER D 501 -31.95 20.61 -31.58
CA SER D 501 -32.98 19.76 -32.16
C SER D 501 -34.37 20.35 -31.94
N VAL D 502 -35.34 19.76 -32.63
CA VAL D 502 -36.71 20.25 -32.67
C VAL D 502 -37.65 19.15 -32.20
N MET D 503 -38.59 19.50 -31.34
CA MET D 503 -39.62 18.61 -30.86
C MET D 503 -40.99 19.23 -31.12
N VAL D 504 -41.89 18.44 -31.70
CA VAL D 504 -43.25 18.88 -32.01
C VAL D 504 -44.23 17.77 -31.63
N SER D 505 -45.50 18.16 -31.53
CA SER D 505 -46.55 17.24 -31.09
C SER D 505 -46.90 16.26 -32.20
N ARG D 506 -46.97 14.98 -31.84
CA ARG D 506 -47.31 13.90 -32.76
C ARG D 506 -48.32 12.97 -32.13
N SER D 507 -49.39 13.55 -31.56
CA SER D 507 -50.43 12.78 -30.90
C SER D 507 -51.78 12.83 -31.60
N ASN D 508 -52.00 13.80 -32.49
CA ASN D 508 -53.30 13.93 -33.14
C ASN D 508 -53.60 12.72 -34.02
N GLY D 509 -52.61 12.26 -34.78
CA GLY D 509 -52.81 11.12 -35.65
C GLY D 509 -51.52 10.41 -36.03
N THR D 510 -51.49 9.09 -35.87
CA THR D 510 -50.30 8.34 -36.27
C THR D 510 -50.18 8.26 -37.79
N VAL D 511 -51.30 8.04 -38.48
CA VAL D 511 -51.35 7.94 -39.94
C VAL D 511 -50.41 6.83 -40.43
N SER D 512 -50.59 5.62 -39.92
CA SER D 512 -49.75 4.51 -40.32
C SER D 512 -50.04 4.13 -41.77
N PRO D 513 -49.01 3.97 -42.61
CA PRO D 513 -49.25 3.59 -44.01
C PRO D 513 -49.90 2.22 -44.12
N SER D 514 -50.77 2.09 -45.11
CA SER D 514 -51.51 0.86 -45.37
C SER D 514 -51.12 0.30 -46.74
N ALA D 515 -51.81 -0.77 -47.14
CA ALA D 515 -51.50 -1.42 -48.42
C ALA D 515 -51.78 -0.48 -49.60
N PHE D 516 -52.90 0.24 -49.54
CA PHE D 516 -53.24 1.17 -50.63
C PHE D 516 -52.32 2.37 -50.68
N LEU D 517 -51.69 2.73 -49.56
CA LEU D 517 -50.76 3.86 -49.55
C LEU D 517 -49.57 3.58 -50.47
N GLU D 518 -49.03 2.37 -50.42
CA GLU D 518 -47.99 1.98 -51.36
C GLU D 518 -48.57 1.86 -52.76
N PRO D 519 -47.76 2.05 -53.79
CA PRO D 519 -48.27 1.93 -55.16
C PRO D 519 -48.82 0.53 -55.42
N PHE D 520 -49.92 0.48 -56.16
CA PHE D 520 -50.64 -0.76 -56.44
C PHE D 520 -50.85 -0.90 -57.94
N SER D 521 -50.69 -2.13 -58.44
CA SER D 521 -50.88 -2.45 -59.86
C SER D 521 -49.98 -1.59 -60.76
N ALA D 522 -48.75 -1.35 -60.30
CA ALA D 522 -47.81 -0.54 -61.06
C ALA D 522 -47.45 -1.21 -62.39
N SER D 523 -46.82 -2.38 -62.32
CA SER D 523 -46.42 -3.10 -63.53
C SER D 523 -46.73 -4.58 -63.50
N VAL D 524 -46.87 -5.20 -62.31
CA VAL D 524 -47.14 -6.64 -62.24
C VAL D 524 -48.54 -6.95 -62.75
N TRP D 525 -49.52 -6.12 -62.39
CA TRP D 525 -50.90 -6.38 -62.77
C TRP D 525 -51.06 -6.41 -64.28
N VAL D 526 -50.29 -5.60 -65.01
CA VAL D 526 -50.32 -5.65 -66.47
C VAL D 526 -49.83 -7.01 -66.97
N MET D 527 -48.76 -7.54 -66.36
CA MET D 527 -48.26 -8.84 -66.75
C MET D 527 -49.27 -9.94 -66.48
N MET D 528 -49.91 -9.90 -65.31
CA MET D 528 -50.95 -10.89 -65.01
C MET D 528 -52.13 -10.78 -65.98
N PHE D 529 -52.53 -9.56 -66.31
CA PHE D 529 -53.65 -9.39 -67.24
C PHE D 529 -53.31 -9.91 -68.63
N VAL D 530 -52.11 -9.61 -69.13
CA VAL D 530 -51.75 -10.07 -70.47
C VAL D 530 -51.57 -11.58 -70.49
N MET D 531 -51.04 -12.17 -69.41
CA MET D 531 -50.93 -13.62 -69.36
C MET D 531 -52.30 -14.28 -69.30
N LEU D 532 -53.24 -13.67 -68.57
CA LEU D 532 -54.61 -14.18 -68.55
C LEU D 532 -55.23 -14.11 -69.94
N LEU D 533 -55.01 -13.01 -70.65
CA LEU D 533 -55.54 -12.88 -72.01
C LEU D 533 -54.92 -13.92 -72.94
N ILE D 534 -53.61 -14.17 -72.79
CA ILE D 534 -52.95 -15.18 -73.61
C ILE D 534 -53.53 -16.56 -73.34
N VAL D 535 -53.73 -16.89 -72.06
CA VAL D 535 -54.31 -18.20 -71.72
C VAL D 535 -55.72 -18.32 -72.26
N SER D 536 -56.51 -17.25 -72.15
CA SER D 536 -57.88 -17.29 -72.69
C SER D 536 -57.88 -17.48 -74.19
N ALA D 537 -56.98 -16.80 -74.91
CA ALA D 537 -56.88 -16.97 -76.35
C ALA D 537 -56.47 -18.40 -76.71
N ILE D 538 -55.53 -18.96 -75.96
CA ILE D 538 -55.10 -20.34 -76.21
C ILE D 538 -56.27 -21.30 -75.97
N ALA D 539 -57.04 -21.06 -74.92
CA ALA D 539 -58.20 -21.91 -74.64
C ALA D 539 -59.23 -21.82 -75.75
N VAL D 540 -59.49 -20.60 -76.25
CA VAL D 540 -60.44 -20.43 -77.34
C VAL D 540 -59.95 -21.16 -78.59
N PHE D 541 -58.66 -21.04 -78.90
CA PHE D 541 -58.11 -21.72 -80.07
C PHE D 541 -58.21 -23.23 -79.92
N VAL D 542 -57.93 -23.75 -78.72
CA VAL D 542 -58.03 -25.20 -78.48
C VAL D 542 -59.47 -25.66 -78.62
N PHE D 543 -60.42 -24.92 -78.05
CA PHE D 543 -61.82 -25.31 -78.16
C PHE D 543 -62.31 -25.23 -79.60
N GLU D 544 -61.75 -24.32 -80.40
CA GLU D 544 -62.17 -24.20 -81.80
C GLU D 544 -61.90 -25.48 -82.57
N TYR D 545 -60.74 -26.09 -82.34
CA TYR D 545 -60.39 -27.33 -83.03
C TYR D 545 -61.18 -28.51 -82.47
N PHE D 566 -71.36 -16.68 -78.34
CA PHE D 566 -71.61 -16.95 -76.93
C PHE D 566 -70.50 -17.80 -76.33
N THR D 567 -69.84 -18.59 -77.18
CA THR D 567 -68.74 -19.43 -76.71
C THR D 567 -67.58 -18.61 -76.19
N ILE D 568 -67.26 -17.51 -76.88
CA ILE D 568 -66.17 -16.65 -76.43
C ILE D 568 -66.52 -16.00 -75.09
N GLY D 569 -67.74 -15.49 -74.97
CA GLY D 569 -68.17 -14.89 -73.71
C GLY D 569 -68.23 -15.90 -72.58
N LYS D 570 -68.72 -17.11 -72.87
CA LYS D 570 -68.76 -18.15 -71.85
C LYS D 570 -67.35 -18.53 -71.40
N ALA D 571 -66.41 -18.64 -72.34
CA ALA D 571 -65.04 -18.97 -71.97
C ALA D 571 -64.41 -17.86 -71.14
N ILE D 572 -64.65 -16.60 -71.52
CA ILE D 572 -64.09 -15.48 -70.75
C ILE D 572 -64.68 -15.46 -69.34
N TRP D 573 -65.99 -15.66 -69.22
CA TRP D 573 -66.62 -15.69 -67.90
C TRP D 573 -66.08 -16.84 -67.06
N LEU D 574 -65.90 -18.01 -67.67
CA LEU D 574 -65.36 -19.16 -66.94
C LEU D 574 -63.93 -18.90 -66.48
N LEU D 575 -63.12 -18.27 -67.34
CA LEU D 575 -61.75 -17.93 -66.94
C LEU D 575 -61.74 -16.96 -65.77
N TRP D 576 -62.58 -15.92 -65.85
CA TRP D 576 -62.65 -14.94 -64.78
C TRP D 576 -63.13 -15.59 -63.48
N GLY D 577 -64.12 -16.48 -63.56
CA GLY D 577 -64.59 -17.17 -62.37
C GLY D 577 -63.53 -18.06 -61.77
N LEU D 578 -62.85 -18.86 -62.61
CA LEU D 578 -61.80 -19.74 -62.10
C LEU D 578 -60.68 -18.93 -61.48
N VAL D 579 -60.43 -17.73 -61.97
CA VAL D 579 -59.44 -16.85 -61.33
C VAL D 579 -59.96 -16.36 -59.99
N PHE D 580 -61.23 -15.92 -59.94
CA PHE D 580 -61.78 -15.28 -58.75
C PHE D 580 -62.61 -16.22 -57.89
N ASN D 581 -63.69 -16.78 -58.46
CA ASN D 581 -64.60 -17.61 -57.71
C ASN D 581 -65.49 -18.38 -58.68
N ASN D 582 -65.71 -19.66 -58.39
CA ASN D 582 -66.38 -20.56 -59.32
C ASN D 582 -67.90 -20.46 -59.28
N SER D 583 -68.44 -19.34 -58.78
CA SER D 583 -69.88 -19.16 -58.69
C SER D 583 -70.53 -18.81 -60.02
N VAL D 584 -69.82 -18.94 -61.13
CA VAL D 584 -70.36 -18.61 -62.45
C VAL D 584 -70.13 -19.79 -63.39
N PRO D 585 -70.92 -20.86 -63.30
CA PRO D 585 -70.73 -22.00 -64.18
C PRO D 585 -71.47 -21.86 -65.50
N VAL D 586 -70.90 -22.47 -66.53
CA VAL D 586 -71.47 -22.48 -67.88
C VAL D 586 -70.99 -23.72 -68.60
N GLN D 587 -71.71 -24.11 -69.64
CA GLN D 587 -71.37 -25.29 -70.45
C GLN D 587 -70.44 -24.92 -71.61
N ASN D 588 -69.34 -24.26 -71.29
CA ASN D 588 -68.33 -23.87 -72.27
C ASN D 588 -67.38 -25.01 -72.63
N PRO D 589 -66.74 -25.67 -71.67
CA PRO D 589 -65.71 -26.65 -72.04
C PRO D 589 -66.33 -27.97 -72.48
N LYS D 590 -65.87 -28.49 -73.62
CA LYS D 590 -66.30 -29.77 -74.14
C LYS D 590 -65.08 -30.58 -74.53
N GLY D 591 -64.99 -31.81 -74.01
CA GLY D 591 -63.87 -32.68 -74.28
C GLY D 591 -62.97 -32.85 -73.07
N THR D 592 -62.17 -33.92 -73.13
CA THR D 592 -61.25 -34.22 -72.02
C THR D 592 -60.18 -33.14 -71.88
N THR D 593 -59.66 -32.65 -73.01
CA THR D 593 -58.64 -31.61 -72.96
C THR D 593 -59.16 -30.34 -72.32
N SER D 594 -60.40 -29.96 -72.61
CA SER D 594 -61.00 -28.78 -72.01
C SER D 594 -61.11 -28.95 -70.49
N LYS D 595 -61.54 -30.13 -70.03
CA LYS D 595 -61.61 -30.39 -68.61
C LYS D 595 -60.23 -30.32 -67.96
N ILE D 596 -59.22 -30.89 -68.64
CA ILE D 596 -57.87 -30.89 -68.09
C ILE D 596 -57.34 -29.47 -67.96
N MET D 597 -57.53 -28.64 -68.99
CA MET D 597 -57.05 -27.28 -68.92
C MET D 597 -57.82 -26.46 -67.89
N VAL D 598 -59.12 -26.71 -67.75
CA VAL D 598 -59.89 -26.02 -66.71
C VAL D 598 -59.37 -26.37 -65.34
N SER D 599 -59.09 -27.66 -65.10
CA SER D 599 -58.54 -28.07 -63.82
C SER D 599 -57.17 -27.45 -63.56
N VAL D 600 -56.32 -27.40 -64.60
CA VAL D 600 -55.00 -26.81 -64.45
C VAL D 600 -55.10 -25.32 -64.11
N TRP D 601 -55.98 -24.60 -64.82
CA TRP D 601 -56.18 -23.19 -64.54
C TRP D 601 -56.72 -22.97 -63.13
N ALA D 602 -57.65 -23.81 -62.70
CA ALA D 602 -58.20 -23.69 -61.35
C ALA D 602 -57.12 -23.93 -60.30
N PHE D 603 -56.27 -24.94 -60.50
CA PHE D 603 -55.20 -25.20 -59.55
C PHE D 603 -54.21 -24.04 -59.50
N PHE D 604 -53.86 -23.50 -60.67
CA PHE D 604 -52.95 -22.35 -60.72
C PHE D 604 -53.54 -21.15 -59.99
N ALA D 605 -54.82 -20.88 -60.22
CA ALA D 605 -55.47 -19.75 -59.56
C ALA D 605 -55.55 -19.97 -58.05
N VAL D 606 -55.82 -21.21 -57.61
CA VAL D 606 -55.89 -21.49 -56.19
C VAL D 606 -54.53 -21.26 -55.53
N ILE D 607 -53.47 -21.74 -56.17
CA ILE D 607 -52.12 -21.55 -55.62
C ILE D 607 -51.78 -20.06 -55.58
N PHE D 608 -52.11 -19.32 -56.64
CA PHE D 608 -51.83 -17.89 -56.66
C PHE D 608 -52.60 -17.16 -55.56
N LEU D 609 -53.86 -17.53 -55.35
CA LEU D 609 -54.65 -16.87 -54.31
C LEU D 609 -54.14 -17.21 -52.92
N ALA D 610 -53.71 -18.45 -52.71
CA ALA D 610 -53.11 -18.81 -51.42
C ALA D 610 -51.84 -18.02 -51.16
N SER D 611 -50.99 -17.89 -52.18
CA SER D 611 -49.78 -17.09 -52.03
C SER D 611 -50.10 -15.62 -51.76
N TYR D 612 -51.11 -15.09 -52.44
CA TYR D 612 -51.50 -13.71 -52.22
C TYR D 612 -52.02 -13.50 -50.80
N THR D 613 -52.81 -14.45 -50.29
CA THR D 613 -53.30 -14.34 -48.92
C THR D 613 -52.15 -14.42 -47.91
N ALA D 614 -51.18 -15.32 -48.15
CA ALA D 614 -50.04 -15.41 -47.27
C ALA D 614 -49.23 -14.10 -47.29
N ASN D 615 -49.03 -13.52 -48.46
CA ASN D 615 -48.30 -12.26 -48.56
C ASN D 615 -49.04 -11.13 -47.87
N LEU D 616 -50.37 -11.07 -48.03
CA LEU D 616 -51.15 -10.05 -47.34
C LEU D 616 -51.07 -10.21 -45.84
N ALA D 617 -51.13 -11.45 -45.35
CA ALA D 617 -51.01 -11.69 -43.92
C ALA D 617 -49.63 -11.27 -43.40
N ALA D 618 -48.58 -11.59 -44.15
CA ALA D 618 -47.23 -11.20 -43.74
C ALA D 618 -46.99 -9.70 -43.85
N PHE D 619 -47.77 -9.00 -44.68
CA PHE D 619 -47.60 -7.56 -44.84
C PHE D 619 -47.88 -6.79 -43.56
N MET D 620 -48.69 -7.34 -42.65
CA MET D 620 -49.08 -6.62 -41.45
C MET D 620 -47.94 -6.44 -40.46
N ILE D 621 -46.80 -7.09 -40.66
CA ILE D 621 -45.67 -6.99 -39.75
C ILE D 621 -44.82 -5.78 -40.08
N GLN D 622 -45.30 -4.96 -41.02
CA GLN D 622 -44.61 -3.75 -41.45
C GLN D 622 -45.45 -2.53 -41.12
N GLU D 623 -44.79 -1.47 -40.65
CA GLU D 623 -45.46 -0.23 -40.30
C GLU D 623 -44.46 0.91 -40.46
N GLU D 624 -44.62 1.71 -41.52
CA GLU D 624 -43.71 2.80 -41.80
C GLU D 624 -44.11 4.05 -41.02
N PHE D 625 -43.34 5.12 -41.21
CA PHE D 625 -43.57 6.39 -40.51
C PHE D 625 -43.37 7.53 -41.48
N VAL D 626 -43.98 8.68 -41.16
CA VAL D 626 -43.91 9.89 -41.97
C VAL D 626 -43.23 10.97 -41.16
N ASP D 627 -42.19 11.58 -41.72
CA ASP D 627 -41.47 12.67 -41.08
C ASP D 627 -41.60 14.01 -41.79
N GLN D 628 -42.01 14.00 -43.06
CA GLN D 628 -42.24 15.21 -43.85
C GLN D 628 -40.98 16.06 -43.95
N VAL D 629 -40.93 17.16 -43.18
CA VAL D 629 -39.79 18.07 -43.25
C VAL D 629 -38.61 17.51 -42.46
N THR D 630 -37.43 18.04 -42.74
CA THR D 630 -36.20 17.60 -42.09
C THR D 630 -35.33 18.82 -41.81
N GLY D 631 -35.45 19.35 -40.60
CA GLY D 631 -34.56 20.41 -40.14
C GLY D 631 -35.21 21.78 -40.11
N LEU D 632 -34.38 22.77 -39.82
CA LEU D 632 -34.82 24.16 -39.72
C LEU D 632 -34.88 24.85 -41.07
N SER D 633 -34.49 24.17 -42.15
CA SER D 633 -34.60 24.73 -43.50
C SER D 633 -35.93 24.28 -44.08
N ASP D 634 -36.95 25.13 -43.90
CA ASP D 634 -38.29 24.81 -44.38
C ASP D 634 -39.02 26.12 -44.68
N LYS D 635 -40.03 26.03 -45.55
CA LYS D 635 -40.82 27.21 -45.88
C LYS D 635 -41.54 27.73 -44.64
N LYS D 636 -42.09 26.84 -43.83
CA LYS D 636 -42.73 27.27 -42.58
C LYS D 636 -41.73 27.92 -41.65
N PHE D 637 -40.51 27.38 -41.58
CA PHE D 637 -39.50 27.92 -40.68
C PHE D 637 -38.83 29.16 -41.27
N GLN D 638 -38.39 29.08 -42.53
CA GLN D 638 -37.67 30.20 -43.12
C GLN D 638 -38.57 31.42 -43.28
N ARG D 639 -39.75 31.24 -43.86
CA ARG D 639 -40.67 32.35 -44.02
C ARG D 639 -41.32 32.67 -42.68
N PRO D 640 -41.10 33.87 -42.13
CA PRO D 640 -41.62 34.17 -40.79
C PRO D 640 -43.13 34.24 -40.73
N HIS D 641 -43.73 35.00 -41.64
CA HIS D 641 -45.13 35.36 -41.60
C HIS D 641 -45.84 34.78 -42.83
N ASP D 642 -47.09 35.21 -43.02
CA ASP D 642 -47.96 34.76 -44.11
C ASP D 642 -48.38 33.31 -43.90
N TYR D 643 -48.10 32.45 -44.88
CA TYR D 643 -48.61 31.08 -44.88
C TYR D 643 -50.13 31.12 -44.76
N SER D 644 -50.66 30.71 -43.60
CA SER D 644 -52.07 30.93 -43.31
C SER D 644 -52.31 30.89 -41.79
N PRO D 645 -51.91 29.83 -41.08
CA PRO D 645 -51.93 29.90 -39.62
C PRO D 645 -50.59 30.40 -39.10
N PRO D 646 -50.58 31.43 -38.25
CA PRO D 646 -49.32 31.89 -37.65
C PRO D 646 -48.69 30.77 -36.82
N PHE D 647 -47.38 30.63 -36.95
CA PHE D 647 -46.66 29.53 -36.32
C PHE D 647 -46.15 29.93 -34.93
N ARG D 648 -45.47 28.98 -34.30
CA ARG D 648 -44.88 29.16 -32.98
C ARG D 648 -43.44 28.67 -32.99
N PHE D 649 -42.55 29.43 -32.39
CA PHE D 649 -41.11 29.20 -32.44
C PHE D 649 -40.51 29.21 -31.03
N GLY D 650 -41.13 28.46 -30.13
CA GLY D 650 -40.71 28.48 -28.73
C GLY D 650 -39.29 28.06 -28.45
N THR D 651 -38.57 28.86 -27.67
CA THR D 651 -37.20 28.55 -27.26
C THR D 651 -36.87 29.34 -26.01
N VAL D 652 -36.35 28.66 -25.00
CA VAL D 652 -36.03 29.32 -23.73
C VAL D 652 -34.87 30.28 -23.94
N PRO D 653 -34.99 31.55 -23.56
CA PRO D 653 -33.94 32.51 -23.87
C PRO D 653 -32.77 32.44 -22.88
N ASN D 654 -31.75 33.24 -23.19
CA ASN D 654 -30.55 33.37 -22.35
C ASN D 654 -29.85 32.01 -22.16
N GLY D 655 -29.39 31.46 -23.27
CA GLY D 655 -28.67 30.20 -23.26
C GLY D 655 -27.70 30.14 -24.41
N SER D 656 -27.64 28.99 -25.06
CA SER D 656 -26.86 28.83 -26.28
C SER D 656 -27.70 28.73 -27.54
N THR D 657 -28.83 28.02 -27.47
CA THR D 657 -29.68 27.86 -28.64
C THR D 657 -30.16 29.22 -29.14
N GLU D 658 -30.64 30.07 -28.24
CA GLU D 658 -31.10 31.39 -28.64
C GLU D 658 -29.96 32.23 -29.19
N ARG D 659 -28.79 32.15 -28.57
CA ARG D 659 -27.66 32.95 -29.04
C ARG D 659 -27.27 32.55 -30.46
N ASN D 660 -27.17 31.24 -30.72
CA ASN D 660 -26.82 30.79 -32.05
C ASN D 660 -27.90 31.16 -33.07
N ILE D 661 -29.18 31.02 -32.70
CA ILE D 661 -30.25 31.37 -33.62
C ILE D 661 -30.18 32.84 -33.99
N ARG D 662 -29.96 33.70 -32.99
CA ARG D 662 -29.85 35.12 -33.28
C ARG D 662 -28.63 35.42 -34.15
N ASN D 663 -27.51 34.79 -33.87
CA ASN D 663 -26.30 35.07 -34.63
C ASN D 663 -26.44 34.65 -36.09
N ASN D 664 -27.04 33.49 -36.34
CA ASN D 664 -27.08 32.97 -37.70
C ASN D 664 -28.21 33.60 -38.52
N TYR D 665 -29.46 33.43 -38.07
CA TYR D 665 -30.62 33.85 -38.86
C TYR D 665 -31.34 34.99 -38.14
N PRO D 666 -31.09 36.25 -38.48
CA PRO D 666 -31.75 37.38 -37.82
C PRO D 666 -33.13 37.69 -38.41
N TYR D 667 -33.87 36.65 -38.73
CA TYR D 667 -35.26 36.78 -39.17
C TYR D 667 -36.20 35.90 -38.36
N MET D 668 -35.76 34.71 -37.98
CA MET D 668 -36.55 33.84 -37.10
C MET D 668 -36.39 34.20 -35.63
N HIS D 669 -35.57 35.20 -35.32
CA HIS D 669 -35.41 35.66 -33.95
C HIS D 669 -36.42 36.74 -33.58
N GLN D 670 -36.57 37.74 -34.44
CA GLN D 670 -37.54 38.81 -34.18
C GLN D 670 -38.95 38.26 -34.16
N TYR D 671 -39.28 37.36 -35.09
CA TYR D 671 -40.62 36.79 -35.12
C TYR D 671 -40.88 35.89 -33.93
N MET D 672 -39.83 35.33 -33.33
CA MET D 672 -39.97 34.45 -32.18
C MET D 672 -39.85 35.18 -30.85
N THR D 673 -39.74 36.51 -30.89
CA THR D 673 -39.52 37.27 -29.66
C THR D 673 -40.69 37.12 -28.70
N LYS D 674 -41.90 37.36 -29.17
CA LYS D 674 -43.08 37.25 -28.29
C LYS D 674 -43.70 35.87 -28.36
N PHE D 675 -42.85 34.84 -28.24
CA PHE D 675 -43.32 33.46 -28.12
C PHE D 675 -42.56 32.66 -27.09
N ASN D 676 -41.49 33.18 -26.51
CA ASN D 676 -40.61 32.39 -25.67
C ASN D 676 -41.32 31.94 -24.39
N GLN D 677 -40.91 30.78 -23.90
CA GLN D 677 -41.44 30.25 -22.65
C GLN D 677 -40.52 30.63 -21.50
N LYS D 678 -40.76 30.06 -20.33
CA LYS D 678 -39.95 30.35 -19.14
C LYS D 678 -39.12 29.18 -18.67
N GLY D 679 -39.58 27.95 -18.89
CA GLY D 679 -38.86 26.76 -18.47
C GLY D 679 -38.89 25.69 -19.55
N VAL D 680 -38.87 24.45 -19.10
CA VAL D 680 -38.98 23.29 -19.97
C VAL D 680 -40.25 22.50 -19.69
N GLU D 681 -40.55 22.27 -18.41
CA GLU D 681 -41.82 21.64 -18.06
C GLU D 681 -42.99 22.55 -18.46
N ASP D 682 -42.85 23.85 -18.23
CA ASP D 682 -43.88 24.80 -18.65
C ASP D 682 -44.08 24.76 -20.16
N ALA D 683 -42.98 24.76 -20.91
CA ALA D 683 -43.09 24.74 -22.37
C ALA D 683 -43.67 23.42 -22.86
N LEU D 684 -43.26 22.30 -22.25
CA LEU D 684 -43.83 21.02 -22.65
C LEU D 684 -45.32 20.96 -22.37
N VAL D 685 -45.76 21.50 -21.23
CA VAL D 685 -47.18 21.53 -20.92
C VAL D 685 -47.93 22.41 -21.91
N SER D 686 -47.36 23.58 -22.22
CA SER D 686 -48.00 24.47 -23.20
C SER D 686 -48.02 23.85 -24.59
N LEU D 687 -47.10 22.94 -24.87
CA LEU D 687 -47.13 22.21 -26.13
C LEU D 687 -48.20 21.12 -26.13
N LYS D 688 -48.41 20.49 -24.98
CA LYS D 688 -49.40 19.41 -24.90
C LYS D 688 -50.80 19.94 -25.14
N THR D 689 -51.18 21.00 -24.43
CA THR D 689 -52.44 21.70 -24.67
C THR D 689 -52.17 22.78 -25.71
N GLY D 690 -52.62 22.54 -26.94
CA GLY D 690 -52.11 23.28 -28.09
C GLY D 690 -52.27 24.78 -28.01
N LYS D 691 -51.16 25.47 -27.75
CA LYS D 691 -51.08 26.92 -27.85
C LYS D 691 -49.83 27.40 -28.56
N LEU D 692 -48.74 26.62 -28.56
CA LEU D 692 -47.54 26.95 -29.32
C LEU D 692 -46.79 25.63 -29.56
N ASP D 693 -46.94 25.06 -30.75
CA ASP D 693 -46.43 23.71 -31.01
C ASP D 693 -45.24 23.77 -31.97
N ALA D 694 -44.08 24.10 -31.39
CA ALA D 694 -42.76 23.83 -31.96
C ALA D 694 -41.71 24.19 -30.91
N PHE D 695 -40.79 23.29 -30.62
CA PHE D 695 -39.79 23.53 -29.59
C PHE D 695 -38.40 23.30 -30.19
N ILE D 696 -37.48 24.23 -29.96
CA ILE D 696 -36.10 24.09 -30.41
C ILE D 696 -35.19 24.25 -29.20
N TYR D 697 -34.43 23.20 -28.89
CA TYR D 697 -33.66 23.18 -27.66
C TYR D 697 -32.50 22.20 -27.82
N ASP D 698 -31.88 21.83 -26.70
CA ASP D 698 -30.76 20.90 -26.73
C ASP D 698 -31.20 19.54 -27.23
N ALA D 699 -30.27 18.82 -27.85
CA ALA D 699 -30.60 17.49 -28.34
C ALA D 699 -30.70 16.49 -27.20
N ALA D 700 -29.79 16.58 -26.23
CA ALA D 700 -29.77 15.59 -25.15
C ALA D 700 -31.01 15.72 -24.26
N VAL D 701 -31.33 16.95 -23.84
CA VAL D 701 -32.46 17.15 -22.95
C VAL D 701 -33.77 16.77 -23.64
N LEU D 702 -33.95 17.22 -24.89
CA LEU D 702 -35.17 16.89 -25.61
C LEU D 702 -35.28 15.40 -25.85
N ASN D 703 -34.17 14.76 -26.21
CA ASN D 703 -34.19 13.31 -26.43
C ASN D 703 -34.59 12.57 -25.16
N TYR D 704 -34.02 12.97 -24.02
CA TYR D 704 -34.40 12.33 -22.76
C TYR D 704 -35.87 12.57 -22.44
N LYS D 705 -36.33 13.81 -22.60
CA LYS D 705 -37.71 14.14 -22.26
C LYS D 705 -38.69 13.34 -23.10
N ALA D 706 -38.48 13.31 -24.42
CA ALA D 706 -39.33 12.49 -25.26
C ALA D 706 -39.13 11.00 -25.01
N GLY D 707 -38.00 10.62 -24.40
CA GLY D 707 -37.81 9.22 -24.04
C GLY D 707 -38.74 8.76 -22.94
N ARG D 708 -39.00 9.61 -21.96
CA ARG D 708 -39.80 9.22 -20.80
C ARG D 708 -41.04 10.08 -20.63
N ASP D 709 -41.76 10.32 -21.71
CA ASP D 709 -43.01 11.06 -21.65
C ASP D 709 -44.16 10.11 -21.32
N GLU D 710 -45.36 10.67 -21.15
CA GLU D 710 -46.52 9.87 -20.79
C GLU D 710 -46.98 9.04 -21.98
N GLY D 711 -46.37 7.87 -22.18
CA GLY D 711 -46.58 7.09 -23.38
C GLY D 711 -45.84 7.60 -24.58
N CYS D 712 -45.03 8.65 -24.41
CA CYS D 712 -44.30 9.32 -25.50
C CYS D 712 -45.16 9.47 -26.75
N LYS D 713 -46.24 10.23 -26.59
CA LYS D 713 -47.08 10.61 -27.71
C LYS D 713 -46.52 11.79 -28.50
N LEU D 714 -45.40 12.35 -28.08
CA LEU D 714 -44.72 13.42 -28.80
C LEU D 714 -43.27 13.04 -29.04
N VAL D 715 -42.78 13.32 -30.25
CA VAL D 715 -41.45 12.90 -30.67
C VAL D 715 -40.76 14.04 -31.41
N THR D 716 -39.44 13.93 -31.51
CA THR D 716 -38.64 14.95 -32.18
C THR D 716 -38.82 14.90 -33.69
N ILE D 717 -38.72 16.07 -34.32
CA ILE D 717 -38.91 16.17 -35.76
C ILE D 717 -37.70 15.57 -36.47
N GLY D 718 -37.96 14.69 -37.43
CA GLY D 718 -36.89 14.02 -38.14
C GLY D 718 -36.17 13.03 -37.25
N SER D 719 -35.11 12.45 -37.81
CA SER D 719 -34.29 11.49 -37.08
C SER D 719 -33.17 12.20 -36.31
N GLY D 720 -33.54 13.19 -35.52
CA GLY D 720 -32.57 13.90 -34.71
C GLY D 720 -31.53 14.65 -35.51
N TYR D 721 -31.96 15.39 -36.53
CA TYR D 721 -31.05 16.14 -37.39
C TYR D 721 -30.52 17.34 -36.61
N ILE D 722 -29.50 17.10 -35.79
CA ILE D 722 -28.89 18.16 -35.00
C ILE D 722 -28.28 19.19 -35.93
N PHE D 723 -28.68 20.45 -35.77
CA PHE D 723 -28.26 21.49 -36.71
C PHE D 723 -26.76 21.77 -36.60
N ALA D 724 -26.26 22.00 -35.39
CA ALA D 724 -24.85 22.33 -35.17
C ALA D 724 -24.35 21.51 -33.99
N THR D 725 -23.87 20.31 -34.27
CA THR D 725 -23.49 19.37 -33.22
C THR D 725 -22.22 19.83 -32.52
N THR D 726 -22.29 20.04 -31.20
CA THR D 726 -21.15 20.54 -30.45
C THR D 726 -20.68 19.59 -29.35
N GLY D 727 -21.54 19.19 -28.45
CA GLY D 727 -21.10 18.35 -27.34
C GLY D 727 -20.89 19.16 -26.07
N TYR D 728 -21.07 18.49 -24.93
CA TYR D 728 -20.99 19.14 -23.63
C TYR D 728 -19.54 19.32 -23.23
N GLY D 729 -19.28 19.67 -21.97
CA GLY D 729 -17.91 19.83 -21.52
C GLY D 729 -17.74 20.42 -20.13
N ILE D 730 -16.74 19.92 -19.41
CA ILE D 730 -16.35 20.50 -18.12
C ILE D 730 -15.54 21.76 -18.36
N ALA D 731 -15.94 22.85 -17.70
CA ALA D 731 -15.23 24.10 -17.83
C ALA D 731 -13.98 24.08 -16.96
N LEU D 732 -13.24 25.19 -16.98
CA LEU D 732 -12.01 25.33 -16.22
C LEU D 732 -11.59 26.79 -16.27
N GLN D 733 -10.58 27.13 -15.47
CA GLN D 733 -10.02 28.46 -15.57
C GLN D 733 -9.09 28.55 -16.77
N LYS D 734 -8.59 29.75 -17.04
CA LYS D 734 -7.72 29.95 -18.20
C LYS D 734 -6.30 29.50 -17.87
N GLY D 735 -5.83 28.47 -18.55
CA GLY D 735 -4.49 27.99 -18.34
C GLY D 735 -4.29 27.21 -17.06
N SER D 736 -5.35 26.62 -16.50
CA SER D 736 -5.24 25.91 -15.24
C SER D 736 -4.40 24.64 -15.42
N PRO D 737 -3.69 24.22 -14.37
CA PRO D 737 -2.87 23.01 -14.48
C PRO D 737 -3.66 21.72 -14.44
N TRP D 738 -4.97 21.77 -14.23
CA TRP D 738 -5.80 20.57 -14.14
C TRP D 738 -6.33 20.12 -15.50
N LYS D 739 -5.98 20.80 -16.59
CA LYS D 739 -6.60 20.50 -17.87
C LYS D 739 -6.12 19.17 -18.43
N ARG D 740 -4.80 18.94 -18.40
CA ARG D 740 -4.25 17.75 -19.04
C ARG D 740 -4.72 16.47 -18.35
N GLN D 741 -4.66 16.44 -17.02
CA GLN D 741 -5.07 15.25 -16.30
C GLN D 741 -6.56 14.96 -16.49
N ILE D 742 -7.38 16.01 -16.47
CA ILE D 742 -8.82 15.82 -16.64
C ILE D 742 -9.12 15.28 -18.04
N ASP D 743 -8.49 15.85 -19.07
CA ASP D 743 -8.72 15.37 -20.42
C ASP D 743 -8.28 13.91 -20.56
N LEU D 744 -7.12 13.57 -20.01
CA LEU D 744 -6.64 12.19 -20.09
C LEU D 744 -7.58 11.22 -19.39
N ALA D 745 -8.04 11.58 -18.19
CA ALA D 745 -8.93 10.70 -17.45
C ALA D 745 -10.27 10.53 -18.18
N LEU D 746 -10.79 11.61 -18.76
CA LEU D 746 -12.05 11.50 -19.50
C LEU D 746 -11.90 10.59 -20.71
N LEU D 747 -10.79 10.73 -21.45
CA LEU D 747 -10.58 9.86 -22.59
C LEU D 747 -10.44 8.41 -22.17
N GLN D 748 -9.75 8.17 -21.04
CA GLN D 748 -9.63 6.80 -20.54
C GLN D 748 -11.00 6.24 -20.17
N PHE D 749 -11.85 7.05 -19.54
CA PHE D 749 -13.20 6.59 -19.21
C PHE D 749 -13.97 6.22 -20.45
N VAL D 750 -13.89 7.04 -21.50
CA VAL D 750 -14.59 6.72 -22.74
C VAL D 750 -14.05 5.43 -23.34
N GLY D 751 -12.74 5.21 -23.25
CA GLY D 751 -12.14 4.08 -23.94
C GLY D 751 -12.33 2.75 -23.25
N ASP D 752 -12.77 2.76 -21.99
CA ASP D 752 -12.94 1.53 -21.23
C ASP D 752 -14.40 1.11 -21.08
N GLY D 753 -15.31 1.77 -21.80
CA GLY D 753 -16.70 1.34 -21.78
C GLY D 753 -17.41 1.52 -20.46
N GLU D 754 -17.09 2.58 -19.73
CA GLU D 754 -17.85 2.93 -18.53
C GLU D 754 -18.95 3.94 -18.83
N MET D 755 -18.68 4.87 -19.75
CA MET D 755 -19.72 5.80 -20.17
C MET D 755 -20.92 5.08 -20.76
N GLU D 756 -20.70 3.91 -21.38
CA GLU D 756 -21.81 3.14 -21.91
C GLU D 756 -22.76 2.71 -20.81
N GLU D 757 -22.22 2.13 -19.73
CA GLU D 757 -23.07 1.70 -18.63
C GLU D 757 -23.72 2.88 -17.94
N LEU D 758 -23.00 4.00 -17.84
CA LEU D 758 -23.60 5.18 -17.22
C LEU D 758 -24.78 5.70 -18.03
N GLU D 759 -24.61 5.76 -19.36
CA GLU D 759 -25.70 6.19 -20.22
C GLU D 759 -26.88 5.24 -20.15
N THR D 760 -26.61 3.94 -20.10
CA THR D 760 -27.69 2.97 -19.98
C THR D 760 -28.45 3.15 -18.67
N LEU D 761 -27.73 3.45 -17.60
CA LEU D 761 -28.38 3.58 -16.29
C LEU D 761 -29.21 4.85 -16.19
N TRP D 762 -28.68 5.98 -16.66
CA TRP D 762 -29.25 7.28 -16.31
C TRP D 762 -30.25 7.81 -17.34
N LEU D 763 -29.82 7.99 -18.59
CA LEU D 763 -30.60 8.72 -19.58
C LEU D 763 -31.17 7.81 -20.66
N THR D 764 -31.65 6.63 -20.29
CA THR D 764 -32.28 5.71 -21.21
C THR D 764 -33.79 5.77 -21.05
N GLY D 765 -34.49 6.02 -22.14
CA GLY D 765 -35.94 6.12 -22.09
C GLY D 765 -36.60 4.78 -21.91
N ILE D 766 -37.93 4.82 -21.72
CA ILE D 766 -38.68 3.60 -21.44
C ILE D 766 -39.36 3.09 -22.70
N CYS D 767 -39.67 3.99 -23.63
CA CYS D 767 -40.32 3.61 -24.88
C CYS D 767 -39.41 3.77 -26.08
N HIS D 768 -38.10 3.95 -25.86
CA HIS D 768 -37.16 3.95 -26.97
C HIS D 768 -37.09 2.59 -27.65
N ASN D 769 -37.34 1.52 -26.90
CA ASN D 769 -37.36 0.18 -27.49
C ASN D 769 -38.52 0.03 -28.47
N GLU D 770 -39.68 0.60 -28.14
CA GLU D 770 -40.85 0.49 -28.99
C GLU D 770 -40.61 1.16 -30.34
N LYS D 771 -41.19 0.58 -31.39
CA LYS D 771 -41.05 1.12 -32.74
C LYS D 771 -42.43 1.36 -33.36
N LEU D 779 -59.19 -3.97 -42.37
CA LEU D 779 -59.78 -3.13 -43.40
C LEU D 779 -59.44 -1.66 -43.19
N ASP D 780 -58.27 -1.26 -43.68
CA ASP D 780 -57.82 0.12 -43.52
C ASP D 780 -58.67 1.06 -44.38
N ILE D 781 -58.68 2.33 -43.97
CA ILE D 781 -59.48 3.33 -44.68
C ILE D 781 -58.93 3.55 -46.08
N ASP D 782 -57.61 3.56 -46.23
CA ASP D 782 -57.01 3.78 -47.54
C ASP D 782 -57.36 2.65 -48.51
N ASN D 783 -57.34 1.41 -48.02
CA ASN D 783 -57.72 0.28 -48.87
C ASN D 783 -59.17 0.37 -49.31
N MET D 784 -60.06 0.76 -48.39
CA MET D 784 -61.47 0.91 -48.76
C MET D 784 -61.65 2.02 -49.78
N ALA D 785 -60.95 3.14 -49.61
CA ALA D 785 -61.04 4.23 -50.58
C ALA D 785 -60.53 3.78 -51.94
N GLY D 786 -59.43 3.03 -51.96
CA GLY D 786 -58.88 2.56 -53.22
C GLY D 786 -59.81 1.60 -53.95
N VAL D 787 -60.38 0.63 -53.22
CA VAL D 787 -61.27 -0.33 -53.86
C VAL D 787 -62.55 0.36 -54.31
N PHE D 788 -63.05 1.34 -53.54
CA PHE D 788 -64.22 2.09 -53.97
C PHE D 788 -63.93 2.88 -55.23
N TYR D 789 -62.75 3.51 -55.31
CA TYR D 789 -62.36 4.25 -56.50
C TYR D 789 -62.26 3.32 -57.71
N MET D 790 -61.67 2.14 -57.53
CA MET D 790 -61.54 1.20 -58.63
C MET D 790 -62.90 0.71 -59.10
N LEU D 791 -63.80 0.40 -58.17
CA LEU D 791 -65.14 -0.05 -58.54
C LEU D 791 -65.90 1.06 -59.26
N ALA D 792 -65.77 2.30 -58.79
CA ALA D 792 -66.42 3.41 -59.46
C ALA D 792 -65.87 3.61 -60.88
N ALA D 793 -64.55 3.46 -61.04
CA ALA D 793 -63.96 3.58 -62.37
C ALA D 793 -64.47 2.48 -63.30
N ALA D 794 -64.55 1.25 -62.79
CA ALA D 794 -65.06 0.15 -63.61
C ALA D 794 -66.52 0.38 -64.00
N MET D 795 -67.34 0.84 -63.05
CA MET D 795 -68.75 1.11 -63.35
C MET D 795 -68.89 2.23 -64.37
N ALA D 796 -68.08 3.29 -64.24
CA ALA D 796 -68.12 4.38 -65.19
C ALA D 796 -67.69 3.93 -66.58
N LEU D 797 -66.66 3.08 -66.65
CA LEU D 797 -66.24 2.54 -67.94
C LEU D 797 -67.33 1.69 -68.57
N SER D 798 -68.00 0.86 -67.76
CA SER D 798 -69.09 0.05 -68.28
C SER D 798 -70.23 0.93 -68.78
N LEU D 799 -70.57 1.98 -68.04
CA LEU D 799 -71.63 2.90 -68.48
C LEU D 799 -71.24 3.60 -69.78
N ILE D 800 -69.98 4.00 -69.90
CA ILE D 800 -69.52 4.67 -71.12
C ILE D 800 -69.58 3.72 -72.30
N THR D 801 -69.18 2.46 -72.10
CA THR D 801 -69.26 1.47 -73.18
C THR D 801 -70.71 1.23 -73.58
N PHE D 802 -71.61 1.15 -72.61
CA PHE D 802 -73.03 0.98 -72.93
C PHE D 802 -73.57 2.17 -73.70
N ILE D 803 -73.19 3.38 -73.32
CA ILE D 803 -73.63 4.58 -74.02
C ILE D 803 -73.11 4.58 -75.46
N TRP D 804 -71.84 4.20 -75.63
CA TRP D 804 -71.28 4.13 -76.98
C TRP D 804 -71.98 3.07 -77.82
N GLU D 805 -72.30 1.92 -77.22
CA GLU D 805 -73.03 0.88 -77.94
C GLU D 805 -74.41 1.36 -78.36
N HIS D 806 -75.10 2.07 -77.46
CA HIS D 806 -76.41 2.62 -77.81
C HIS D 806 -76.30 3.65 -78.93
N LEU D 807 -75.27 4.49 -78.88
CA LEU D 807 -75.07 5.49 -79.93
C LEU D 807 -74.77 4.84 -81.27
N PHE D 808 -73.95 3.78 -81.26
CA PHE D 808 -73.59 3.10 -82.49
C PHE D 808 -74.75 2.29 -83.05
N GLU E 1 28.42 49.43 7.03
CA GLU E 1 29.64 48.64 6.81
C GLU E 1 29.82 47.62 7.92
N VAL E 2 31.05 47.52 8.44
CA VAL E 2 31.38 46.57 9.49
C VAL E 2 31.25 47.28 10.84
N GLN E 3 30.20 46.94 11.58
CA GLN E 3 29.97 47.42 12.94
C GLN E 3 29.85 46.22 13.87
N LEU E 4 30.37 46.37 15.09
CA LEU E 4 30.31 45.33 16.10
C LEU E 4 29.70 45.88 17.38
N VAL E 5 28.73 45.17 17.93
CA VAL E 5 28.04 45.55 19.15
C VAL E 5 28.08 44.37 20.11
N GLU E 6 28.21 44.65 21.41
CA GLU E 6 28.20 43.60 22.42
C GLU E 6 27.37 44.04 23.60
N SER E 7 26.86 43.06 24.35
CA SER E 7 26.01 43.31 25.51
C SER E 7 26.01 42.06 26.38
N GLY E 8 25.34 42.16 27.52
CA GLY E 8 25.23 41.06 28.45
C GLY E 8 26.17 41.09 29.63
N GLY E 9 27.01 42.11 29.75
CA GLY E 9 27.94 42.22 30.85
C GLY E 9 27.40 43.09 31.98
N GLY E 10 27.94 42.87 33.16
CA GLY E 10 27.50 43.62 34.33
C GLY E 10 28.12 43.07 35.60
N LEU E 11 27.53 43.45 36.73
CA LEU E 11 28.00 43.04 38.04
C LEU E 11 27.16 41.89 38.56
N VAL E 12 27.80 40.95 39.26
CA VAL E 12 27.11 39.82 39.86
C VAL E 12 27.98 39.26 40.98
N GLN E 13 27.35 38.54 41.90
CA GLN E 13 28.04 37.96 43.04
C GLN E 13 28.85 36.73 42.63
N PRO E 14 29.88 36.38 43.40
CA PRO E 14 30.64 35.17 43.09
C PRO E 14 29.77 33.92 43.17
N GLY E 15 30.13 32.92 42.37
CA GLY E 15 29.38 31.70 42.29
C GLY E 15 28.23 31.70 41.31
N ARG E 16 28.08 32.73 40.51
CA ARG E 16 27.02 32.83 39.52
C ARG E 16 27.57 32.50 38.13
N SER E 17 26.71 32.65 37.12
CA SER E 17 27.07 32.40 35.73
C SER E 17 26.66 33.61 34.89
N LEU E 18 27.20 33.68 33.68
CA LEU E 18 26.92 34.79 32.79
C LEU E 18 26.98 34.33 31.34
N ARG E 19 26.37 35.15 30.47
CA ARG E 19 26.30 34.86 29.05
C ARG E 19 26.33 36.19 28.30
N LEU E 20 27.44 36.46 27.62
CA LEU E 20 27.61 37.68 26.85
C LEU E 20 27.26 37.43 25.38
N SER E 21 26.56 38.39 24.78
CA SER E 21 26.10 38.28 23.41
C SER E 21 26.72 39.39 22.57
N CYS E 22 27.37 38.99 21.48
CA CYS E 22 28.02 39.92 20.56
C CYS E 22 27.33 39.80 19.20
N ALA E 23 26.65 40.86 18.79
CA ALA E 23 25.97 40.90 17.51
C ALA E 23 26.73 41.82 16.55
N ALA E 24 26.86 41.37 15.31
CA ALA E 24 27.53 42.12 14.26
C ALA E 24 26.50 42.73 13.33
N SER E 25 26.98 43.54 12.38
CA SER E 25 26.10 44.18 11.41
C SER E 25 26.90 44.45 10.14
N GLY E 26 26.24 44.27 8.99
CA GLY E 26 26.88 44.56 7.72
C GLY E 26 27.54 43.35 7.08
N PHE E 27 28.84 43.21 7.29
CA PHE E 27 29.64 42.17 6.66
C PHE E 27 29.07 40.79 6.94
N THR E 28 29.44 39.84 6.08
CA THR E 28 28.90 38.49 6.17
C THR E 28 29.36 37.83 7.47
N PHE E 29 28.44 37.08 8.08
CA PHE E 29 28.69 36.47 9.38
C PHE E 29 29.39 35.12 9.28
N ASP E 30 29.08 34.33 8.26
CA ASP E 30 29.61 32.97 8.19
C ASP E 30 31.08 32.93 7.78
N ASP E 31 31.52 33.90 6.99
CA ASP E 31 32.82 33.81 6.35
C ASP E 31 33.98 34.12 7.28
N TYR E 32 33.73 34.63 8.48
CA TYR E 32 34.81 34.99 9.38
C TYR E 32 34.60 34.34 10.74
N ALA E 33 35.71 34.24 11.48
CA ALA E 33 35.71 33.76 12.85
C ALA E 33 36.19 34.86 13.77
N MET E 34 35.68 34.87 15.00
CA MET E 34 35.95 35.93 15.96
C MET E 34 36.50 35.38 17.27
N HIS E 35 37.48 36.09 17.83
CA HIS E 35 38.15 35.69 19.05
C HIS E 35 37.38 36.21 20.27
N TRP E 36 38.01 36.12 21.44
CA TRP E 36 37.49 36.74 22.66
C TRP E 36 38.70 37.16 23.49
N VAL E 37 38.90 38.46 23.65
CA VAL E 37 40.03 39.01 24.38
C VAL E 37 39.52 40.02 25.38
N ARG E 38 40.27 40.21 26.46
CA ARG E 38 39.84 41.04 27.58
C ARG E 38 40.88 42.09 27.94
N GLN E 39 40.40 43.28 28.24
CA GLN E 39 41.25 44.36 28.74
C GLN E 39 41.15 44.44 30.26
N VAL E 40 42.30 44.57 30.91
CA VAL E 40 42.36 44.66 32.36
C VAL E 40 42.78 46.08 32.74
N PRO E 41 42.35 46.60 33.89
CA PRO E 41 42.72 47.97 34.26
C PRO E 41 44.23 48.13 34.39
N GLY E 42 44.74 49.24 33.91
CA GLY E 42 46.16 49.53 33.98
C GLY E 42 46.99 48.72 33.01
N LYS E 43 46.92 47.40 33.11
CA LYS E 43 47.72 46.51 32.30
C LYS E 43 47.11 46.38 30.90
N GLY E 44 47.62 45.43 30.11
CA GLY E 44 47.21 45.29 28.73
C GLY E 44 46.03 44.36 28.53
N LEU E 45 46.22 43.33 27.70
CA LEU E 45 45.15 42.41 27.35
C LEU E 45 45.68 40.99 27.38
N GLU E 46 44.76 40.03 27.21
CA GLU E 46 45.13 38.62 27.22
C GLU E 46 44.07 37.82 26.48
N TRP E 47 44.51 36.93 25.58
CA TRP E 47 43.59 36.12 24.80
C TRP E 47 42.82 35.16 25.71
N VAL E 48 41.60 34.83 25.28
CA VAL E 48 40.74 33.93 26.05
C VAL E 48 40.37 32.70 25.21
N SER E 49 39.69 32.91 24.09
CA SER E 49 39.18 31.81 23.29
C SER E 49 39.24 32.18 21.82
N GLY E 50 38.78 31.26 20.97
CA GLY E 50 38.74 31.47 19.54
C GLY E 50 37.89 30.44 18.81
N ILE E 51 37.03 30.91 17.91
CA ILE E 51 36.12 30.05 17.19
C ILE E 51 36.65 29.86 15.77
N SER E 52 36.09 28.87 15.08
CA SER E 52 36.42 28.59 13.69
C SER E 52 35.39 29.26 12.77
N TRP E 53 35.49 28.98 11.47
CA TRP E 53 34.53 29.56 10.53
C TRP E 53 33.12 29.06 10.82
N SER E 54 32.96 27.77 11.07
CA SER E 54 31.68 27.22 11.52
C SER E 54 31.77 26.56 12.87
N SER E 55 32.67 25.59 13.02
CA SER E 55 32.88 24.86 14.27
C SER E 55 34.17 24.06 14.12
N GLY E 56 34.44 23.18 15.06
CA GLY E 56 35.57 22.28 14.96
C GLY E 56 36.86 22.83 15.53
N SER E 57 37.49 23.76 14.81
CA SER E 57 38.75 24.34 15.26
C SER E 57 38.48 25.22 16.47
N ILE E 58 38.89 24.75 17.65
CA ILE E 58 38.63 25.45 18.89
C ILE E 58 39.93 25.64 19.65
N GLY E 59 39.93 26.64 20.53
CA GLY E 59 41.10 26.93 21.32
C GLY E 59 40.78 27.82 22.51
N TYR E 60 41.37 27.52 23.66
CA TYR E 60 41.11 28.25 24.89
C TYR E 60 42.42 28.69 25.51
N ALA E 61 42.35 29.76 26.31
CA ALA E 61 43.51 30.24 27.03
C ALA E 61 43.94 29.23 28.08
N ASP E 62 45.20 29.36 28.52
CA ASP E 62 45.78 28.36 29.40
C ASP E 62 45.03 28.28 30.72
N SER E 63 44.66 29.42 31.28
CA SER E 63 44.12 29.48 32.64
C SER E 63 42.61 29.40 32.69
N VAL E 64 41.94 29.15 31.56
CA VAL E 64 40.48 29.29 31.53
C VAL E 64 39.86 27.96 31.11
N LYS E 65 40.50 26.85 31.48
CA LYS E 65 39.94 25.53 31.20
C LYS E 65 38.69 25.27 32.03
N GLY E 66 37.65 24.74 31.39
CA GLY E 66 36.45 24.33 32.10
C GLY E 66 35.52 25.46 32.44
N ARG E 67 36.09 26.58 32.90
CA ARG E 67 35.27 27.71 33.35
C ARG E 67 34.45 28.29 32.21
N PHE E 68 35.05 28.43 31.04
CA PHE E 68 34.43 29.13 29.93
C PHE E 68 34.13 28.18 28.77
N THR E 69 33.09 28.51 28.03
CA THR E 69 32.75 27.82 26.79
C THR E 69 32.34 28.88 25.76
N ILE E 70 32.53 28.54 24.48
CA ILE E 70 32.27 29.47 23.39
C ILE E 70 31.46 28.76 22.32
N SER E 71 30.47 29.45 21.77
CA SER E 71 29.65 28.91 20.70
C SER E 71 29.04 30.08 19.93
N ARG E 72 28.60 29.79 18.70
CA ARG E 72 28.01 30.81 17.85
C ARG E 72 26.84 30.22 17.08
N ASP E 73 25.88 31.08 16.75
CA ASP E 73 24.76 30.73 15.89
C ASP E 73 24.83 31.59 14.63
N ASN E 74 24.88 30.92 13.47
CA ASN E 74 25.03 31.62 12.21
C ASN E 74 23.71 32.13 11.65
N ALA E 75 22.59 31.87 12.34
CA ALA E 75 21.29 32.30 11.84
C ALA E 75 21.09 33.80 12.06
N LYS E 76 21.19 34.26 13.31
CA LYS E 76 20.95 35.65 13.66
C LYS E 76 22.24 36.43 13.85
N ASN E 77 23.32 36.01 13.22
CA ASN E 77 24.63 36.69 13.24
C ASN E 77 25.01 37.14 14.65
N SER E 78 24.95 36.20 15.59
CA SER E 78 25.26 36.48 16.99
C SER E 78 26.32 35.52 17.49
N LEU E 79 26.99 35.93 18.56
CA LEU E 79 28.02 35.14 19.21
C LEU E 79 27.72 35.07 20.70
N TYR E 80 27.69 33.86 21.26
CA TYR E 80 27.35 33.63 22.64
C TYR E 80 28.57 33.13 23.40
N LEU E 81 28.93 33.82 24.48
CA LEU E 81 29.99 33.37 25.39
C LEU E 81 29.32 33.05 26.72
N GLN E 82 29.28 31.77 27.08
CA GLN E 82 28.69 31.32 28.33
C GLN E 82 29.80 30.89 29.28
N MET E 83 29.68 31.29 30.55
CA MET E 83 30.65 30.88 31.55
C MET E 83 30.00 30.85 32.91
N ASN E 84 30.64 30.14 33.84
CA ASN E 84 30.15 29.99 35.19
C ASN E 84 31.33 29.84 36.14
N SER E 85 31.03 29.76 37.43
CA SER E 85 32.05 29.68 38.50
C SER E 85 32.99 30.88 38.42
N LEU E 86 32.40 32.06 38.52
CA LEU E 86 33.17 33.30 38.40
C LEU E 86 34.06 33.52 39.62
N ARG E 87 35.03 34.40 39.46
CA ARG E 87 36.01 34.68 40.50
C ARG E 87 36.23 36.18 40.68
N ALA E 88 37.29 36.56 41.39
CA ALA E 88 37.50 37.95 41.75
C ALA E 88 38.60 38.64 40.94
N GLU E 89 39.48 37.89 40.28
CA GLU E 89 40.56 38.50 39.50
C GLU E 89 40.17 38.80 38.07
N ASP E 90 38.95 38.46 37.65
CA ASP E 90 38.47 38.73 36.31
C ASP E 90 37.61 39.99 36.23
N THR E 91 37.60 40.81 37.29
CA THR E 91 36.80 42.04 37.30
C THR E 91 37.47 43.05 36.39
N ALA E 92 37.19 42.93 35.10
CA ALA E 92 37.82 43.76 34.09
C ALA E 92 36.85 43.89 32.92
N LEU E 93 37.36 44.35 31.78
CA LEU E 93 36.55 44.48 30.58
C LEU E 93 36.73 43.25 29.69
N TYR E 94 35.81 43.11 28.74
CA TYR E 94 35.84 42.00 27.78
C TYR E 94 35.53 42.57 26.41
N TYR E 95 36.49 42.45 25.49
CA TYR E 95 36.36 43.06 24.17
C TYR E 95 36.03 42.01 23.12
N CYS E 96 35.18 42.40 22.17
CA CYS E 96 34.76 41.55 21.06
C CYS E 96 35.65 41.86 19.87
N ALA E 97 36.37 40.84 19.37
CA ALA E 97 37.33 41.01 18.29
C ALA E 97 36.97 40.09 17.14
N LYS E 98 37.07 40.62 15.92
CA LYS E 98 36.78 39.89 14.69
C LYS E 98 38.07 39.70 13.92
N ASP E 99 38.32 38.48 13.45
CA ASP E 99 39.56 38.15 12.78
C ASP E 99 39.47 38.53 11.30
N ARG E 100 40.46 38.11 10.51
CA ARG E 100 40.49 38.41 9.09
C ARG E 100 40.35 37.19 8.20
N ALA E 101 40.66 36.00 8.68
CA ALA E 101 40.50 34.76 7.93
C ALA E 101 39.37 33.94 8.53
N SER E 102 39.18 32.73 8.02
CA SER E 102 38.15 31.84 8.51
C SER E 102 38.65 30.88 9.58
N SER E 103 39.91 30.99 10.00
CA SER E 103 40.46 30.20 11.08
C SER E 103 41.22 31.10 12.02
N TRP E 104 41.27 30.71 13.29
CA TRP E 104 41.88 31.54 14.31
C TRP E 104 43.37 31.30 14.46
N TYR E 105 43.96 30.42 13.64
CA TYR E 105 45.40 30.20 13.72
C TYR E 105 46.19 31.47 13.44
N ALA E 106 45.64 32.38 12.64
CA ALA E 106 46.37 33.58 12.26
C ALA E 106 46.63 34.47 13.46
N TYR E 107 45.69 34.56 14.39
CA TYR E 107 45.79 35.44 15.56
C TYR E 107 45.95 36.90 15.16
N GLY E 108 45.26 37.29 14.10
CA GLY E 108 45.22 38.69 13.72
C GLY E 108 43.80 39.21 13.60
N MET E 109 43.41 40.12 14.47
CA MET E 109 42.05 40.62 14.53
C MET E 109 42.01 42.09 14.11
N ASP E 110 40.83 42.52 13.69
CA ASP E 110 40.62 43.91 13.29
C ASP E 110 39.17 44.30 13.51
N VAL E 111 38.94 45.61 13.61
CA VAL E 111 37.62 46.18 13.87
C VAL E 111 37.05 45.60 15.15
N TRP E 112 37.46 46.13 16.29
CA TRP E 112 37.00 45.66 17.57
C TRP E 112 35.57 46.12 17.82
N GLY E 113 35.03 45.73 18.97
CA GLY E 113 33.71 46.18 19.36
C GLY E 113 33.76 47.50 20.10
N GLN E 114 33.19 47.55 21.30
CA GLN E 114 33.26 48.75 22.13
C GLN E 114 33.58 48.43 23.58
N GLY E 115 33.68 47.17 23.97
CA GLY E 115 33.97 46.80 25.34
C GLY E 115 32.71 46.59 26.15
N THR E 116 32.81 45.67 27.12
CA THR E 116 31.73 45.41 28.06
C THR E 116 32.32 45.32 29.46
N LEU E 117 31.46 45.54 30.45
CA LEU E 117 31.89 45.63 31.84
C LEU E 117 31.46 44.38 32.61
N VAL E 118 32.39 43.80 33.35
CA VAL E 118 32.09 42.74 34.30
C VAL E 118 32.91 42.98 35.56
N THR E 119 32.31 42.69 36.71
CA THR E 119 32.99 42.83 38.00
C THR E 119 32.26 41.98 39.02
N VAL E 120 32.97 41.03 39.62
CA VAL E 120 32.40 40.10 40.58
C VAL E 120 33.06 40.35 41.93
N SER E 121 32.26 40.78 42.90
CA SER E 121 32.75 41.03 44.25
C SER E 121 31.54 41.14 45.18
N SER E 122 31.82 41.01 46.49
CA SER E 122 30.78 41.13 47.51
C SER E 122 30.57 42.61 47.79
N ALA E 123 29.70 43.24 47.01
CA ALA E 123 29.41 44.67 47.14
C ALA E 123 28.60 44.91 48.41
N SER E 124 29.26 45.38 49.45
CA SER E 124 28.63 45.62 50.74
C SER E 124 28.85 47.07 51.16
N THR E 125 27.78 47.74 51.58
CA THR E 125 27.86 49.12 52.03
C THR E 125 28.42 49.14 53.45
N LYS E 126 29.67 49.60 53.59
CA LYS E 126 30.35 49.61 54.87
C LYS E 126 30.89 51.00 55.16
N GLY E 127 30.77 51.43 56.40
CA GLY E 127 31.26 52.71 56.83
C GLY E 127 32.77 52.83 56.73
N PRO E 128 33.25 53.99 56.29
CA PRO E 128 34.70 54.17 56.15
C PRO E 128 35.41 54.20 57.49
N SER E 129 36.69 53.82 57.46
CA SER E 129 37.56 53.90 58.62
C SER E 129 38.59 55.00 58.39
N VAL E 130 38.67 55.95 59.33
CA VAL E 130 39.49 57.14 59.17
C VAL E 130 40.68 57.06 60.11
N PHE E 131 41.87 57.29 59.58
CA PHE E 131 43.09 57.27 60.37
C PHE E 131 43.91 58.53 60.11
N PRO E 132 44.59 59.05 61.13
CA PRO E 132 45.43 60.24 60.94
C PRO E 132 46.84 59.91 60.49
N LEU E 133 47.27 60.46 59.36
CA LEU E 133 48.64 60.31 58.88
C LEU E 133 49.44 61.49 59.39
N ALA E 134 50.23 61.24 60.42
CA ALA E 134 51.05 62.25 61.08
C ALA E 134 52.29 62.58 60.25
N PRO E 135 52.86 63.77 60.44
CA PRO E 135 54.09 64.11 59.70
C PRO E 135 55.33 63.46 60.30
N SER E 136 56.49 63.82 59.76
CA SER E 136 57.75 63.25 60.23
C SER E 136 58.11 63.86 61.59
N SER E 137 59.29 63.50 62.10
CA SER E 137 59.73 63.90 63.44
C SER E 137 60.29 65.33 63.38
N LYS E 138 59.38 66.27 63.16
CA LYS E 138 59.69 67.70 63.14
C LYS E 138 60.80 68.03 62.14
N SER E 139 60.73 67.42 60.97
CA SER E 139 61.66 67.66 59.89
C SER E 139 60.91 68.25 58.71
N THR E 140 61.45 69.33 58.14
CA THR E 140 60.80 70.03 57.04
C THR E 140 61.85 70.39 55.99
N SER E 141 61.36 70.58 54.76
CA SER E 141 62.20 70.96 53.63
C SER E 141 62.20 72.47 53.38
N GLY E 142 61.02 73.07 53.34
CA GLY E 142 60.90 74.50 53.15
C GLY E 142 59.97 75.16 54.14
N GLY E 143 59.92 74.62 55.36
CA GLY E 143 59.04 75.12 56.39
C GLY E 143 57.65 74.55 56.37
N THR E 144 57.34 73.65 55.44
CA THR E 144 56.00 73.08 55.32
C THR E 144 55.91 71.78 56.12
N ALA E 145 54.67 71.30 56.28
CA ALA E 145 54.40 70.06 56.99
C ALA E 145 53.45 69.20 56.17
N ALA E 146 53.49 67.90 56.42
CA ALA E 146 52.69 66.92 55.68
C ALA E 146 51.79 66.16 56.67
N LEU E 147 50.57 66.65 56.84
CA LEU E 147 49.56 65.99 57.65
C LEU E 147 48.43 65.52 56.74
N GLY E 148 47.81 64.40 57.10
CA GLY E 148 46.77 63.89 56.24
C GLY E 148 45.77 63.02 56.99
N CYS E 149 44.74 62.62 56.26
CA CYS E 149 43.73 61.70 56.79
C CYS E 149 43.43 60.65 55.74
N LEU E 150 43.44 59.39 56.16
CA LEU E 150 43.23 58.24 55.28
C LEU E 150 41.85 57.65 55.53
N VAL E 151 41.08 57.49 54.47
CA VAL E 151 39.77 56.84 54.51
C VAL E 151 39.92 55.47 53.86
N LYS E 152 39.53 54.42 54.58
CA LYS E 152 39.76 53.05 54.16
C LYS E 152 38.45 52.28 54.17
N ASP E 153 38.24 51.49 53.10
CA ASP E 153 37.14 50.52 53.01
C ASP E 153 35.77 51.19 53.16
N TYR E 154 35.45 52.05 52.19
CA TYR E 154 34.13 52.65 52.08
C TYR E 154 33.53 52.29 50.73
N PHE E 155 32.23 52.01 50.72
CA PHE E 155 31.52 51.62 49.52
C PHE E 155 30.07 52.06 49.63
N PRO E 156 29.49 52.62 48.56
CA PRO E 156 30.10 52.94 47.27
C PRO E 156 30.53 54.40 47.18
N GLU E 157 30.91 54.85 45.98
CA GLU E 157 31.28 56.24 45.78
C GLU E 157 30.06 57.14 45.93
N PRO E 158 30.25 58.42 46.29
CA PRO E 158 31.51 59.08 46.65
C PRO E 158 31.61 59.42 48.14
N VAL E 159 32.72 60.03 48.55
CA VAL E 159 32.93 60.48 49.91
C VAL E 159 33.35 61.95 49.87
N THR E 160 33.15 62.65 50.99
CA THR E 160 33.53 64.04 51.12
C THR E 160 34.47 64.18 52.31
N VAL E 161 35.69 64.62 52.05
CA VAL E 161 36.70 64.82 53.08
C VAL E 161 37.07 66.30 53.11
N SER E 162 36.87 66.92 54.26
CA SER E 162 37.22 68.32 54.47
C SER E 162 38.09 68.42 55.72
N TRP E 163 38.61 69.62 55.97
CA TRP E 163 39.42 69.87 57.15
C TRP E 163 38.85 71.06 57.90
N ASN E 164 38.75 70.93 59.22
CA ASN E 164 38.11 71.91 60.11
C ASN E 164 36.85 72.49 59.48
N SER E 165 35.93 71.57 59.15
CA SER E 165 34.64 71.91 58.53
C SER E 165 34.82 72.65 57.21
N GLY E 166 35.90 72.34 56.49
CA GLY E 166 36.13 72.95 55.19
C GLY E 166 36.46 74.42 55.23
N ALA E 167 36.79 74.97 56.40
CA ALA E 167 37.13 76.38 56.49
C ALA E 167 38.41 76.69 55.73
N LEU E 168 39.40 75.81 55.81
CA LEU E 168 40.68 76.01 55.14
C LEU E 168 40.67 75.32 53.80
N THR E 169 40.99 76.08 52.74
CA THR E 169 41.04 75.55 51.39
C THR E 169 42.42 75.63 50.76
N SER E 170 43.35 76.38 51.34
CA SER E 170 44.69 76.51 50.79
C SER E 170 45.60 75.41 51.34
N GLY E 171 46.36 74.79 50.44
CA GLY E 171 47.23 73.71 50.82
C GLY E 171 46.59 72.35 50.91
N VAL E 172 45.28 72.25 50.66
CA VAL E 172 44.59 70.97 50.71
C VAL E 172 44.76 70.26 49.37
N HIS E 173 44.68 68.93 49.41
CA HIS E 173 44.81 68.11 48.20
C HIS E 173 44.08 66.79 48.44
N THR E 174 43.05 66.54 47.64
CA THR E 174 42.27 65.31 47.72
C THR E 174 42.62 64.43 46.53
N PHE E 175 43.03 63.21 46.81
CA PHE E 175 43.48 62.28 45.78
C PHE E 175 42.35 61.33 45.38
N PRO E 176 42.37 60.84 44.14
CA PRO E 176 41.30 59.94 43.69
C PRO E 176 41.28 58.63 44.47
N ALA E 177 40.09 58.07 44.61
CA ALA E 177 39.92 56.83 45.35
C ALA E 177 40.54 55.65 44.60
N VAL E 178 40.89 54.61 45.36
CA VAL E 178 41.49 53.40 44.83
C VAL E 178 40.63 52.21 45.24
N LEU E 179 40.41 51.30 44.29
CA LEU E 179 39.65 50.08 44.53
C LEU E 179 40.63 48.94 44.74
N GLN E 180 40.60 48.34 45.93
CA GLN E 180 41.51 47.26 46.27
C GLN E 180 40.85 45.91 45.97
N SER E 181 41.53 44.82 46.34
CA SER E 181 40.99 43.49 46.10
C SER E 181 39.75 43.20 46.94
N SER E 182 39.52 43.97 48.01
CA SER E 182 38.35 43.77 48.85
C SER E 182 37.06 44.27 48.21
N GLY E 183 37.15 45.02 47.12
CA GLY E 183 35.99 45.56 46.47
C GLY E 183 35.48 46.86 47.05
N LEU E 184 36.17 47.43 48.04
CA LEU E 184 35.78 48.68 48.66
C LEU E 184 36.78 49.77 48.32
N TYR E 185 36.31 51.02 48.32
CA TYR E 185 37.12 52.16 47.94
C TYR E 185 37.90 52.70 49.13
N SER E 186 39.01 53.36 48.82
CA SER E 186 39.83 54.03 49.84
C SER E 186 40.57 55.18 49.18
N LEU E 187 40.95 56.16 50.00
CA LEU E 187 41.67 57.33 49.52
C LEU E 187 42.31 58.04 50.70
N SER E 188 42.91 59.20 50.43
CA SER E 188 43.50 60.01 51.47
C SER E 188 43.46 61.48 51.05
N SER E 189 43.55 62.37 52.04
CA SER E 189 43.57 63.80 51.78
C SER E 189 44.68 64.43 52.61
N VAL E 190 45.49 65.27 51.98
CA VAL E 190 46.65 65.87 52.63
C VAL E 190 46.44 67.38 52.71
N VAL E 191 47.07 67.99 53.72
CA VAL E 191 47.04 69.44 53.90
C VAL E 191 48.45 69.92 54.19
N THR E 192 48.88 70.97 53.48
CA THR E 192 50.19 71.57 53.69
C THR E 192 50.06 72.72 54.68
N VAL E 193 50.82 72.65 55.77
CA VAL E 193 50.78 73.68 56.81
C VAL E 193 52.20 74.01 57.21
N PRO E 194 52.43 75.22 57.74
CA PRO E 194 53.78 75.56 58.22
C PRO E 194 54.23 74.63 59.34
N SER E 195 55.54 74.39 59.38
CA SER E 195 56.11 73.50 60.38
C SER E 195 56.02 74.08 61.79
N SER E 196 55.76 75.38 61.93
CA SER E 196 55.67 75.99 63.24
C SER E 196 54.38 75.62 63.97
N SER E 197 53.40 75.06 63.27
CA SER E 197 52.12 74.70 63.85
C SER E 197 52.07 73.27 64.37
N LEU E 198 53.17 72.52 64.28
CA LEU E 198 53.19 71.15 64.74
C LEU E 198 53.23 71.12 66.27
N GLY E 199 52.23 70.49 66.89
CA GLY E 199 52.14 70.41 68.32
C GLY E 199 51.43 71.58 68.99
N THR E 200 51.24 72.69 68.28
CA THR E 200 50.54 73.85 68.83
C THR E 200 49.23 74.14 68.13
N GLN E 201 48.96 73.50 66.99
CA GLN E 201 47.72 73.67 66.25
C GLN E 201 47.03 72.32 66.06
N THR E 202 45.72 72.31 66.26
CA THR E 202 44.93 71.10 66.14
C THR E 202 44.22 71.10 64.78
N TYR E 203 44.43 70.05 64.00
CA TYR E 203 43.81 69.89 62.70
C TYR E 203 42.83 68.72 62.75
N ILE E 204 41.57 68.98 62.38
CA ILE E 204 40.51 67.99 62.40
C ILE E 204 40.01 67.78 60.99
N CYS E 205 39.96 66.52 60.56
CA CYS E 205 39.43 66.17 59.25
C CYS E 205 38.04 65.57 59.41
N ASN E 206 37.09 66.07 58.63
CA ASN E 206 35.71 65.66 58.67
C ASN E 206 35.40 64.81 57.44
N VAL E 207 34.81 63.64 57.67
CA VAL E 207 34.49 62.69 56.61
C VAL E 207 32.99 62.47 56.59
N ASN E 208 32.39 62.62 55.40
CA ASN E 208 30.96 62.44 55.19
C ASN E 208 30.74 61.43 54.07
N HIS E 209 29.95 60.40 54.35
CA HIS E 209 29.60 59.37 53.38
C HIS E 209 28.08 59.23 53.36
N LYS E 210 27.44 59.90 52.40
CA LYS E 210 25.99 59.86 52.32
C LYS E 210 25.43 58.46 52.06
N PRO E 211 25.97 57.64 51.15
CA PRO E 211 25.41 56.29 50.99
C PRO E 211 25.46 55.46 52.27
N SER E 212 26.51 55.59 53.08
CA SER E 212 26.59 54.93 54.36
C SER E 212 26.14 55.81 55.51
N ASN E 213 25.82 57.08 55.25
CA ASN E 213 25.35 58.01 56.26
C ASN E 213 26.35 58.11 57.43
N THR E 214 27.63 58.18 57.10
CA THR E 214 28.69 58.24 58.09
C THR E 214 29.21 59.66 58.20
N LYS E 215 29.22 60.20 59.42
CA LYS E 215 29.68 61.56 59.68
C LYS E 215 30.69 61.48 60.82
N VAL E 216 31.99 61.60 60.50
CA VAL E 216 33.04 61.42 61.50
C VAL E 216 34.00 62.59 61.48
N ASP E 217 34.66 62.81 62.61
CA ASP E 217 35.71 63.80 62.76
C ASP E 217 36.92 63.13 63.39
N LYS E 218 38.09 63.31 62.79
CA LYS E 218 39.32 62.70 63.28
C LYS E 218 40.37 63.77 63.50
N LYS E 219 41.03 63.73 64.65
CA LYS E 219 42.07 64.69 65.01
C LYS E 219 43.44 64.09 64.69
N VAL E 220 44.27 64.86 63.99
CA VAL E 220 45.61 64.42 63.63
C VAL E 220 46.63 65.00 64.60
N GLU F 1 17.91 -37.40 29.72
CA GLU F 1 17.09 -36.21 29.88
C GLU F 1 17.75 -35.00 29.24
N VAL F 2 18.69 -34.39 29.96
CA VAL F 2 19.42 -33.21 29.47
C VAL F 2 20.63 -33.69 28.69
N GLN F 3 20.54 -33.62 27.36
CA GLN F 3 21.62 -33.98 26.46
C GLN F 3 21.91 -32.80 25.53
N LEU F 4 23.18 -32.44 25.43
CA LEU F 4 23.62 -31.33 24.60
C LEU F 4 24.63 -31.83 23.57
N VAL F 5 24.51 -31.36 22.34
CA VAL F 5 25.42 -31.73 21.26
C VAL F 5 25.90 -30.46 20.58
N GLU F 6 27.17 -30.42 20.20
CA GLU F 6 27.74 -29.28 19.52
C GLU F 6 28.51 -29.74 18.29
N SER F 7 28.54 -28.88 17.27
CA SER F 7 29.18 -29.24 16.01
C SER F 7 29.60 -27.98 15.29
N GLY F 8 30.41 -28.15 14.26
CA GLY F 8 30.90 -27.06 13.45
C GLY F 8 32.39 -26.80 13.52
N GLY F 9 33.15 -27.63 14.22
CA GLY F 9 34.58 -27.42 14.35
C GLY F 9 35.38 -28.10 13.25
N GLY F 10 36.52 -27.49 12.93
CA GLY F 10 37.39 -28.04 11.90
C GLY F 10 38.60 -27.15 11.70
N LEU F 11 39.50 -27.62 10.85
CA LEU F 11 40.72 -26.86 10.56
C LEU F 11 40.38 -25.60 9.78
N VAL F 12 40.81 -24.46 10.31
CA VAL F 12 40.55 -23.16 9.69
C VAL F 12 41.82 -22.33 9.72
N GLN F 13 42.18 -21.76 8.58
CA GLN F 13 43.33 -20.89 8.50
C GLN F 13 43.04 -19.56 9.18
N PRO F 14 44.05 -18.87 9.69
CA PRO F 14 43.82 -17.56 10.30
C PRO F 14 43.23 -16.57 9.31
N GLY F 15 42.36 -15.70 9.81
CA GLY F 15 41.71 -14.69 9.00
C GLY F 15 40.40 -15.11 8.36
N ARG F 16 39.99 -16.36 8.51
CA ARG F 16 38.74 -16.84 7.93
C ARG F 16 37.61 -16.69 8.96
N SER F 17 36.47 -17.29 8.66
CA SER F 17 35.31 -17.22 9.54
C SER F 17 34.77 -18.63 9.80
N LEU F 18 34.10 -18.78 10.93
CA LEU F 18 33.56 -20.07 11.33
C LEU F 18 32.25 -19.85 12.09
N ARG F 19 31.45 -20.91 12.16
CA ARG F 19 30.17 -20.86 12.85
C ARG F 19 29.89 -22.20 13.47
N LEU F 20 29.71 -22.21 14.79
CA LEU F 20 29.39 -23.42 15.54
C LEU F 20 27.92 -23.43 15.91
N SER F 21 27.33 -24.63 15.93
CA SER F 21 25.93 -24.81 16.27
C SER F 21 25.80 -25.88 17.34
N CYS F 22 25.05 -25.57 18.39
CA CYS F 22 24.83 -26.49 19.50
C CYS F 22 23.33 -26.78 19.59
N ALA F 23 22.96 -28.03 19.34
CA ALA F 23 21.58 -28.48 19.48
C ALA F 23 21.37 -29.11 20.85
N ALA F 24 20.12 -29.04 21.32
CA ALA F 24 19.77 -29.52 22.65
C ALA F 24 18.45 -30.28 22.57
N SER F 25 18.23 -31.15 23.56
CA SER F 25 17.01 -31.94 23.63
C SER F 25 16.72 -32.27 25.08
N GLY F 26 15.47 -32.65 25.34
CA GLY F 26 15.05 -32.97 26.69
C GLY F 26 14.29 -31.86 27.40
N PHE F 27 15.00 -31.11 28.24
CA PHE F 27 14.38 -30.06 29.03
C PHE F 27 13.71 -29.00 28.15
N THR F 28 12.85 -28.21 28.76
CA THR F 28 12.21 -27.11 28.06
C THR F 28 13.23 -26.02 27.75
N PHE F 29 13.30 -25.62 26.48
CA PHE F 29 14.30 -24.66 26.03
C PHE F 29 13.97 -23.22 26.40
N ASP F 30 12.74 -22.93 26.79
CA ASP F 30 12.30 -21.56 27.02
C ASP F 30 12.45 -21.11 28.47
N ASP F 31 13.05 -21.93 29.33
CA ASP F 31 13.14 -21.60 30.75
C ASP F 31 14.53 -21.27 31.24
N TYR F 32 15.58 -21.70 30.55
CA TYR F 32 16.94 -21.53 31.04
C TYR F 32 17.79 -20.82 30.00
N ALA F 33 18.93 -20.31 30.46
CA ALA F 33 19.92 -19.66 29.62
C ALA F 33 21.17 -20.53 29.56
N MET F 34 21.97 -20.31 28.52
CA MET F 34 23.19 -21.09 28.31
C MET F 34 24.37 -20.19 28.02
N HIS F 35 25.56 -20.66 28.38
CA HIS F 35 26.84 -20.00 28.12
C HIS F 35 27.65 -20.82 27.11
N TRP F 36 28.77 -20.23 26.68
CA TRP F 36 29.78 -20.92 25.90
C TRP F 36 31.11 -20.74 26.60
N VAL F 37 31.65 -21.82 27.14
CA VAL F 37 32.90 -21.79 27.89
C VAL F 37 33.94 -22.62 27.13
N ARG F 38 35.20 -22.20 27.23
CA ARG F 38 36.29 -22.85 26.50
C ARG F 38 37.43 -23.18 27.44
N GLN F 39 38.08 -24.30 27.18
CA GLN F 39 39.28 -24.70 27.91
C GLN F 39 40.51 -24.27 27.11
N VAL F 40 41.68 -24.68 27.58
CA VAL F 40 42.94 -24.51 26.85
C VAL F 40 43.76 -25.76 27.10
N PRO F 41 44.36 -26.36 26.06
CA PRO F 41 45.17 -27.57 26.29
C PRO F 41 46.28 -27.34 27.30
N GLY F 42 46.18 -27.99 28.45
CA GLY F 42 47.15 -27.82 29.51
C GLY F 42 46.70 -26.83 30.57
N LYS F 43 46.06 -25.75 30.15
CA LYS F 43 45.61 -24.71 31.06
C LYS F 43 44.17 -25.00 31.50
N GLY F 44 43.55 -24.01 32.15
CA GLY F 44 42.20 -24.15 32.65
C GLY F 44 41.15 -23.67 31.67
N LEU F 45 40.01 -23.27 32.22
CA LEU F 45 38.88 -22.80 31.44
C LEU F 45 38.66 -21.31 31.67
N GLU F 46 37.98 -20.68 30.72
CA GLU F 46 37.72 -19.25 30.80
C GLU F 46 36.35 -18.95 30.20
N TRP F 47 35.64 -18.01 30.82
CA TRP F 47 34.33 -17.61 30.35
C TRP F 47 34.45 -16.83 29.05
N VAL F 48 33.49 -17.04 28.15
CA VAL F 48 33.49 -16.36 26.86
C VAL F 48 32.24 -15.51 26.70
N SER F 49 31.07 -16.15 26.70
CA SER F 49 29.83 -15.43 26.48
C SER F 49 28.66 -16.23 27.03
N GLY F 50 27.56 -15.52 27.28
CA GLY F 50 26.35 -16.14 27.79
C GLY F 50 25.11 -15.38 27.39
N ILE F 51 24.07 -16.10 26.97
CA ILE F 51 22.86 -15.50 26.45
C ILE F 51 21.83 -15.43 27.56
N SER F 52 20.80 -14.60 27.36
CA SER F 52 19.71 -14.49 28.31
C SER F 52 18.70 -15.60 28.10
N TRP F 53 17.62 -15.58 28.88
CA TRP F 53 16.57 -16.58 28.71
C TRP F 53 15.88 -16.44 27.36
N SER F 54 15.63 -15.21 26.92
CA SER F 54 15.07 -14.96 25.61
C SER F 54 16.03 -14.20 24.71
N SER F 55 16.45 -13.01 25.12
CA SER F 55 17.41 -12.19 24.38
C SER F 55 17.76 -11.01 25.26
N GLY F 56 18.55 -10.08 24.73
CA GLY F 56 18.86 -8.85 25.43
C GLY F 56 20.08 -8.92 26.30
N SER F 57 20.01 -9.67 27.39
CA SER F 57 21.10 -9.76 28.34
C SER F 57 22.23 -10.59 27.72
N ILE F 58 23.19 -9.90 27.10
CA ILE F 58 24.33 -10.53 26.45
C ILE F 58 25.57 -10.20 27.27
N GLY F 59 26.33 -11.24 27.63
CA GLY F 59 27.55 -11.08 28.41
C GLY F 59 28.78 -11.36 27.56
N TYR F 60 29.72 -10.42 27.59
CA TYR F 60 30.95 -10.51 26.81
C TYR F 60 32.14 -10.37 27.73
N ALA F 61 33.23 -11.07 27.37
CA ALA F 61 34.48 -10.99 28.11
C ALA F 61 35.30 -9.82 27.56
N ASP F 62 36.58 -9.74 27.96
CA ASP F 62 37.42 -8.64 27.53
C ASP F 62 38.01 -8.88 26.14
N SER F 63 38.74 -10.00 25.99
CA SER F 63 39.37 -10.29 24.71
C SER F 63 38.35 -10.54 23.62
N VAL F 64 37.27 -11.26 23.94
CA VAL F 64 36.28 -11.64 22.94
C VAL F 64 35.35 -10.50 22.58
N LYS F 65 35.44 -9.38 23.29
CA LYS F 65 34.51 -8.27 23.13
C LYS F 65 34.53 -7.70 21.71
N GLY F 66 33.44 -7.89 20.98
CA GLY F 66 33.31 -7.35 19.63
C GLY F 66 33.64 -8.35 18.55
N ARG F 67 34.67 -9.17 18.78
CA ARG F 67 35.11 -10.12 17.76
C ARG F 67 34.04 -11.16 17.46
N PHE F 68 33.38 -11.67 18.50
CA PHE F 68 32.41 -12.74 18.36
C PHE F 68 30.99 -12.18 18.39
N THR F 69 30.03 -13.07 18.17
CA THR F 69 28.62 -12.74 18.30
C THR F 69 27.86 -14.01 18.67
N ILE F 70 26.87 -13.87 19.54
CA ILE F 70 26.12 -15.00 20.07
C ILE F 70 24.63 -14.73 19.91
N SER F 71 23.89 -15.75 19.47
CA SER F 71 22.45 -15.64 19.30
C SER F 71 21.83 -17.02 19.48
N ARG F 72 20.52 -17.04 19.74
CA ARG F 72 19.79 -18.27 19.95
C ARG F 72 18.44 -18.19 19.27
N ASP F 73 17.89 -19.35 18.94
CA ASP F 73 16.56 -19.47 18.36
C ASP F 73 15.76 -20.46 19.19
N ASN F 74 14.77 -19.96 19.94
CA ASN F 74 14.00 -20.79 20.84
C ASN F 74 13.04 -21.73 20.11
N ALA F 75 12.77 -21.47 18.84
CA ALA F 75 11.86 -22.33 18.09
C ALA F 75 12.48 -23.69 17.82
N LYS F 76 13.73 -23.71 17.36
CA LYS F 76 14.42 -24.95 17.03
C LYS F 76 15.33 -25.46 18.14
N ASN F 77 15.41 -24.75 19.26
CA ASN F 77 16.19 -25.18 20.43
C ASN F 77 17.66 -25.38 20.08
N SER F 78 18.32 -24.29 19.68
CA SER F 78 19.72 -24.37 19.28
C SER F 78 20.42 -23.04 19.58
N LEU F 79 21.73 -23.12 19.71
CA LEU F 79 22.60 -21.97 19.92
C LEU F 79 23.57 -21.84 18.76
N TYR F 80 23.80 -20.60 18.32
CA TYR F 80 24.67 -20.32 17.20
C TYR F 80 25.78 -19.37 17.65
N LEU F 81 27.02 -19.68 17.29
CA LEU F 81 28.16 -18.81 17.56
C LEU F 81 28.89 -18.54 16.25
N GLN F 82 29.08 -17.27 15.91
CA GLN F 82 29.77 -16.87 14.70
C GLN F 82 31.05 -16.14 15.07
N MET F 83 32.16 -16.55 14.45
CA MET F 83 33.46 -15.95 14.71
C MET F 83 34.10 -15.54 13.39
N ASN F 84 34.75 -14.39 13.40
CA ASN F 84 35.48 -13.88 12.23
C ASN F 84 36.74 -13.19 12.69
N SER F 85 37.74 -13.18 11.82
CA SER F 85 39.06 -12.59 12.08
C SER F 85 39.63 -13.10 13.41
N LEU F 86 39.89 -14.40 13.45
CA LEU F 86 40.39 -15.04 14.67
C LEU F 86 41.86 -14.69 14.88
N ARG F 87 42.43 -15.28 15.92
CA ARG F 87 43.85 -15.15 16.24
C ARG F 87 44.42 -16.54 16.55
N ALA F 88 45.75 -16.59 16.63
CA ALA F 88 46.44 -17.87 16.86
C ALA F 88 46.34 -18.35 18.29
N GLU F 89 46.02 -17.47 19.25
CA GLU F 89 45.93 -17.87 20.65
C GLU F 89 44.51 -18.23 21.06
N ASP F 90 43.56 -18.26 20.12
CA ASP F 90 42.19 -18.65 20.39
C ASP F 90 41.91 -20.07 19.94
N THR F 91 42.95 -20.87 19.71
CA THR F 91 42.80 -22.25 19.28
C THR F 91 42.65 -23.12 20.54
N ALA F 92 41.45 -23.66 20.71
CA ALA F 92 41.12 -24.46 21.89
C ALA F 92 39.78 -25.14 21.65
N LEU F 93 39.26 -25.79 22.69
CA LEU F 93 37.93 -26.38 22.65
C LEU F 93 36.87 -25.32 22.89
N TYR F 94 35.60 -25.73 22.78
CA TYR F 94 34.48 -24.85 23.04
C TYR F 94 33.30 -25.68 23.52
N TYR F 95 32.78 -25.35 24.70
CA TYR F 95 31.72 -26.10 25.35
C TYR F 95 30.43 -25.30 25.32
N CYS F 96 29.33 -25.94 24.93
CA CYS F 96 28.00 -25.34 24.97
C CYS F 96 27.30 -25.88 26.21
N ALA F 97 27.23 -25.06 27.25
CA ALA F 97 26.72 -25.47 28.55
C ALA F 97 25.59 -24.55 28.99
N LYS F 98 24.62 -25.13 29.70
CA LYS F 98 23.43 -24.42 30.14
C LYS F 98 23.59 -23.96 31.59
N ASP F 99 22.88 -22.88 31.92
CA ASP F 99 22.92 -22.30 33.25
C ASP F 99 21.86 -22.94 34.14
N ARG F 100 21.68 -22.40 35.34
CA ARG F 100 20.72 -22.91 36.31
C ARG F 100 19.55 -21.97 36.54
N ALA F 101 19.77 -20.66 36.50
CA ALA F 101 18.70 -19.69 36.64
C ALA F 101 18.17 -19.32 35.26
N SER F 102 17.35 -18.27 35.19
CA SER F 102 16.80 -17.79 33.93
C SER F 102 17.59 -16.61 33.37
N SER F 103 18.87 -16.52 33.71
CA SER F 103 19.72 -15.42 33.27
C SER F 103 21.16 -15.89 33.35
N TRP F 104 22.10 -14.95 33.26
CA TRP F 104 23.52 -15.28 33.37
C TRP F 104 24.27 -14.47 34.40
N TYR F 105 23.61 -13.56 35.13
CA TYR F 105 24.30 -12.82 36.17
C TYR F 105 24.81 -13.73 37.29
N ALA F 106 24.24 -14.92 37.42
CA ALA F 106 24.70 -15.87 38.43
C ALA F 106 25.94 -16.64 37.99
N TYR F 107 26.27 -16.62 36.70
CA TYR F 107 27.41 -17.35 36.15
C TYR F 107 27.33 -18.83 36.49
N GLY F 108 26.13 -19.39 36.49
CA GLY F 108 25.97 -20.79 36.82
C GLY F 108 26.16 -21.70 35.62
N MET F 109 26.63 -22.92 35.90
CA MET F 109 26.77 -23.95 34.88
C MET F 109 26.33 -25.28 35.47
N ASP F 110 25.69 -26.11 34.63
CA ASP F 110 25.36 -27.46 35.02
C ASP F 110 25.19 -28.30 33.76
N VAL F 111 25.54 -29.59 33.87
CA VAL F 111 25.44 -30.59 32.80
C VAL F 111 25.95 -30.02 31.49
N TRP F 112 27.26 -30.08 31.28
CA TRP F 112 27.90 -29.49 30.11
C TRP F 112 27.71 -30.40 28.91
N GLY F 113 28.39 -30.08 27.81
CA GLY F 113 28.31 -30.87 26.61
C GLY F 113 29.45 -31.85 26.45
N GLN F 114 30.12 -31.83 25.31
CA GLN F 114 31.26 -32.71 25.08
C GLN F 114 32.47 -32.03 24.46
N GLY F 115 32.34 -30.84 23.89
CA GLY F 115 33.47 -30.10 23.38
C GLY F 115 33.69 -30.31 21.89
N THR F 116 34.37 -29.36 21.27
CA THR F 116 34.76 -29.40 19.87
C THR F 116 36.23 -29.03 19.77
N LEU F 117 36.74 -29.00 18.54
CA LEU F 117 38.15 -28.69 18.28
C LEU F 117 38.23 -27.68 17.14
N VAL F 118 38.52 -26.42 17.49
CA VAL F 118 38.73 -25.37 16.51
C VAL F 118 40.18 -24.93 16.62
N THR F 119 40.91 -25.02 15.50
CA THR F 119 42.33 -24.71 15.45
C THR F 119 42.58 -23.59 14.45
N VAL F 120 43.29 -22.55 14.90
CA VAL F 120 43.68 -21.44 14.05
C VAL F 120 45.20 -21.50 13.93
N SER F 121 45.69 -21.96 12.79
CA SER F 121 47.13 -22.10 12.58
C SER F 121 47.39 -22.25 11.08
N SER F 122 48.65 -22.01 10.71
CA SER F 122 49.12 -22.20 9.34
C SER F 122 49.77 -23.57 9.26
N ALA F 123 48.98 -24.59 8.91
CA ALA F 123 49.45 -25.97 8.87
C ALA F 123 50.20 -26.20 7.56
N SER F 124 51.52 -26.31 7.65
CA SER F 124 52.36 -26.57 6.49
C SER F 124 53.39 -27.64 6.84
N THR F 125 53.57 -28.59 5.92
CA THR F 125 54.55 -29.64 6.13
C THR F 125 55.96 -29.08 5.97
N LYS F 126 56.83 -29.39 6.94
CA LYS F 126 58.21 -28.92 6.93
C LYS F 126 59.13 -30.07 7.27
N GLY F 127 60.22 -30.20 6.51
CA GLY F 127 61.20 -31.23 6.74
C GLY F 127 61.87 -31.11 8.10
N PRO F 128 61.95 -32.22 8.82
CA PRO F 128 62.53 -32.19 10.17
C PRO F 128 64.02 -31.88 10.15
N SER F 129 64.48 -31.24 11.23
CA SER F 129 65.88 -30.94 11.43
C SER F 129 66.35 -31.67 12.68
N VAL F 130 67.48 -32.37 12.58
CA VAL F 130 68.00 -33.20 13.66
C VAL F 130 69.28 -32.57 14.19
N PHE F 131 69.33 -32.34 15.50
CA PHE F 131 70.52 -31.78 16.13
C PHE F 131 71.02 -32.70 17.22
N PRO F 132 72.35 -32.87 17.32
CA PRO F 132 72.90 -33.82 18.30
C PRO F 132 73.08 -33.20 19.68
N LEU F 133 72.40 -33.75 20.68
CA LEU F 133 72.60 -33.37 22.07
C LEU F 133 73.78 -34.17 22.62
N ALA F 134 74.91 -33.48 22.81
CA ALA F 134 76.16 -34.09 23.22
C ALA F 134 76.16 -34.43 24.70
N PRO F 135 76.99 -35.38 25.13
CA PRO F 135 77.09 -35.73 26.54
C PRO F 135 77.95 -34.72 27.30
N SER F 136 78.07 -34.95 28.61
CA SER F 136 78.81 -34.07 29.48
C SER F 136 80.31 -34.28 29.33
N SER F 137 81.09 -33.51 30.09
CA SER F 137 82.56 -33.55 30.00
C SER F 137 83.11 -34.67 30.87
N LYS F 138 82.85 -35.90 30.43
CA LYS F 138 83.35 -37.10 31.09
C LYS F 138 82.94 -37.16 32.56
N SER F 139 81.70 -36.77 32.85
CA SER F 139 81.15 -36.81 34.19
C SER F 139 79.94 -37.74 34.21
N THR F 140 79.89 -38.63 35.20
CA THR F 140 78.80 -39.58 35.33
C THR F 140 78.59 -39.92 36.79
N SER F 141 77.40 -40.42 37.09
CA SER F 141 77.03 -40.83 38.44
C SER F 141 76.94 -42.35 38.61
N GLY F 142 76.43 -43.05 37.61
CA GLY F 142 76.33 -44.50 37.68
C GLY F 142 77.06 -45.19 36.55
N GLY F 143 77.94 -44.45 35.87
CA GLY F 143 78.70 -44.98 34.76
C GLY F 143 78.06 -44.80 33.40
N THR F 144 76.80 -44.37 33.34
CA THR F 144 76.10 -44.18 32.08
C THR F 144 76.33 -42.78 31.54
N ALA F 145 76.00 -42.59 30.27
CA ALA F 145 76.15 -41.30 29.60
C ALA F 145 74.82 -40.88 28.99
N ALA F 146 74.60 -39.58 28.95
CA ALA F 146 73.35 -38.99 28.46
C ALA F 146 73.65 -38.20 27.20
N LEU F 147 73.13 -38.68 26.06
CA LEU F 147 73.27 -38.00 24.78
C LEU F 147 72.17 -38.51 23.86
N GLY F 148 71.88 -37.72 22.84
CA GLY F 148 70.81 -38.11 21.94
C GLY F 148 70.66 -37.20 20.74
N CYS F 149 69.48 -37.24 20.14
CA CYS F 149 69.15 -36.46 18.95
C CYS F 149 67.80 -35.77 19.14
N LEU F 150 67.74 -34.49 18.80
CA LEU F 150 66.50 -33.73 18.89
C LEU F 150 65.97 -33.48 17.48
N VAL F 151 64.67 -33.71 17.30
CA VAL F 151 64.00 -33.49 16.01
C VAL F 151 63.09 -32.28 16.18
N LYS F 152 63.32 -31.26 15.35
CA LYS F 152 62.61 -30.00 15.45
C LYS F 152 62.06 -29.61 14.09
N ASP F 153 60.94 -28.88 14.11
CA ASP F 153 60.30 -28.35 12.91
C ASP F 153 59.87 -29.48 11.96
N TYR F 154 59.00 -30.35 12.48
CA TYR F 154 58.39 -31.40 11.68
C TYR F 154 56.89 -31.39 11.92
N PHE F 155 56.12 -31.62 10.85
CA PHE F 155 54.67 -31.58 10.92
C PHE F 155 54.12 -32.29 9.69
N PRO F 156 53.11 -33.14 9.83
CA PRO F 156 52.44 -33.56 11.08
C PRO F 156 53.04 -34.82 11.68
N GLU F 157 52.51 -35.25 12.82
CA GLU F 157 52.97 -36.46 13.47
C GLU F 157 52.60 -37.69 12.64
N PRO F 158 53.32 -38.81 12.82
CA PRO F 158 54.44 -39.05 13.73
C PRO F 158 55.80 -39.06 13.05
N VAL F 159 56.86 -39.34 13.81
CA VAL F 159 58.22 -39.42 13.30
C VAL F 159 58.89 -40.64 13.93
N THR F 160 59.69 -41.36 13.14
CA THR F 160 60.36 -42.57 13.60
C THR F 160 61.82 -42.27 13.86
N VAL F 161 62.26 -42.47 15.10
CA VAL F 161 63.64 -42.23 15.51
C VAL F 161 64.24 -43.55 15.97
N SER F 162 65.35 -43.93 15.36
CA SER F 162 66.06 -45.16 15.70
C SER F 162 67.55 -44.85 15.84
N TRP F 163 68.30 -45.82 16.36
CA TRP F 163 69.73 -45.68 16.55
C TRP F 163 70.45 -46.86 15.91
N ASN F 164 71.56 -46.58 15.25
CA ASN F 164 72.38 -47.53 14.51
C ASN F 164 71.52 -48.57 13.77
N SER F 165 70.63 -48.05 12.92
CA SER F 165 69.76 -48.85 12.07
C SER F 165 68.89 -49.81 12.91
N GLY F 166 68.45 -49.33 14.07
CA GLY F 166 67.56 -50.12 14.90
C GLY F 166 68.22 -51.25 15.65
N ALA F 167 69.55 -51.36 15.61
CA ALA F 167 70.21 -52.45 16.33
C ALA F 167 70.21 -52.21 17.84
N LEU F 168 70.25 -50.96 18.27
CA LEU F 168 70.27 -50.61 19.68
C LEU F 168 68.89 -50.14 20.11
N THR F 169 68.32 -50.79 21.12
CA THR F 169 67.02 -50.42 21.67
C THR F 169 67.00 -50.33 23.19
N SER F 170 67.93 -50.95 23.88
CA SER F 170 67.97 -50.88 25.34
C SER F 170 68.55 -49.54 25.78
N GLY F 171 67.85 -48.85 26.67
CA GLY F 171 68.27 -47.56 27.13
C GLY F 171 67.90 -46.39 26.23
N VAL F 172 67.17 -46.65 25.15
CA VAL F 172 66.73 -45.59 24.24
C VAL F 172 65.36 -45.12 24.71
N HIS F 173 65.24 -43.82 24.98
CA HIS F 173 64.00 -43.23 25.48
C HIS F 173 63.58 -42.08 24.58
N THR F 174 62.35 -42.12 24.12
CA THR F 174 61.76 -41.06 23.30
C THR F 174 60.59 -40.44 24.05
N PHE F 175 60.22 -39.23 23.63
CA PHE F 175 59.16 -38.48 24.27
C PHE F 175 58.16 -37.99 23.24
N PRO F 176 56.91 -37.79 23.63
CA PRO F 176 55.92 -37.26 22.69
C PRO F 176 56.26 -35.84 22.27
N ALA F 177 55.80 -35.48 21.07
CA ALA F 177 56.10 -34.16 20.52
C ALA F 177 55.37 -33.07 21.30
N VAL F 178 55.90 -31.85 21.18
CA VAL F 178 55.33 -30.68 21.84
C VAL F 178 54.85 -29.71 20.75
N LEU F 179 53.62 -29.22 20.91
CA LEU F 179 53.04 -28.29 19.94
C LEU F 179 53.45 -26.87 20.34
N GLN F 180 54.39 -26.32 19.60
CA GLN F 180 54.84 -24.96 19.87
C GLN F 180 53.81 -23.96 19.37
N SER F 181 53.96 -22.70 19.79
CA SER F 181 53.03 -21.66 19.38
C SER F 181 52.99 -21.48 17.86
N SER F 182 54.03 -21.91 17.15
CA SER F 182 54.03 -21.88 15.70
C SER F 182 53.28 -23.05 15.08
N GLY F 183 52.84 -24.01 15.89
CA GLY F 183 52.03 -25.12 15.41
C GLY F 183 52.81 -26.33 14.93
N LEU F 184 54.13 -26.34 15.06
CA LEU F 184 54.93 -27.48 14.62
C LEU F 184 55.24 -28.40 15.79
N TYR F 185 55.61 -29.63 15.45
CA TYR F 185 55.96 -30.65 16.43
C TYR F 185 57.47 -30.77 16.56
N SER F 186 57.92 -31.11 17.76
CA SER F 186 59.33 -31.32 18.04
C SER F 186 59.46 -32.21 19.26
N LEU F 187 60.55 -32.97 19.32
CA LEU F 187 60.78 -33.88 20.44
C LEU F 187 62.27 -34.20 20.51
N SER F 188 62.63 -35.03 21.49
CA SER F 188 63.99 -35.47 21.68
C SER F 188 64.02 -36.97 21.94
N SER F 189 65.14 -37.60 21.59
CA SER F 189 65.33 -39.02 21.83
C SER F 189 66.73 -39.22 22.40
N VAL F 190 66.80 -39.71 23.63
CA VAL F 190 68.07 -39.92 24.31
C VAL F 190 68.39 -41.40 24.28
N VAL F 191 69.67 -41.73 24.39
CA VAL F 191 70.14 -43.11 24.47
C VAL F 191 71.00 -43.25 25.72
N THR F 192 70.68 -44.23 26.55
CA THR F 192 71.42 -44.46 27.79
C THR F 192 72.50 -45.50 27.53
N VAL F 193 73.75 -45.04 27.47
CA VAL F 193 74.89 -45.91 27.20
C VAL F 193 75.97 -45.65 28.25
N PRO F 194 76.83 -46.63 28.55
CA PRO F 194 77.89 -46.40 29.53
C PRO F 194 78.84 -45.29 29.08
N SER F 195 79.37 -44.56 30.06
CA SER F 195 80.30 -43.47 29.77
C SER F 195 81.63 -43.97 29.24
N SER F 196 81.93 -45.26 29.40
CA SER F 196 83.19 -45.80 28.89
C SER F 196 83.25 -45.79 27.37
N SER F 197 82.11 -45.79 26.69
CA SER F 197 82.08 -45.77 25.23
C SER F 197 82.24 -44.36 24.64
N LEU F 198 82.26 -43.34 25.49
CA LEU F 198 82.41 -41.97 24.99
C LEU F 198 83.83 -41.77 24.44
N GLY F 199 83.91 -41.20 23.24
CA GLY F 199 85.17 -40.96 22.58
C GLY F 199 85.67 -42.10 21.72
N THR F 200 85.11 -43.29 21.87
CA THR F 200 85.51 -44.45 21.07
C THR F 200 84.37 -45.04 20.24
N GLN F 201 83.11 -44.83 20.63
CA GLN F 201 81.97 -45.37 19.92
C GLN F 201 81.15 -44.23 19.32
N THR F 202 80.80 -44.36 18.05
CA THR F 202 80.04 -43.35 17.33
C THR F 202 78.57 -43.76 17.31
N TYR F 203 77.71 -42.85 17.75
CA TYR F 203 76.27 -43.11 17.80
C TYR F 203 75.59 -42.36 16.65
N ILE F 204 74.91 -43.11 15.78
CA ILE F 204 74.18 -42.56 14.66
C ILE F 204 72.69 -42.65 14.99
N CYS F 205 71.95 -41.58 14.69
CA CYS F 205 70.51 -41.53 14.88
C CYS F 205 69.84 -41.34 13.53
N ASN F 206 68.87 -42.19 13.24
CA ASN F 206 68.10 -42.16 12.00
C ASN F 206 66.72 -41.61 12.28
N VAL F 207 66.32 -40.59 11.54
CA VAL F 207 65.04 -39.92 11.69
C VAL F 207 64.29 -40.05 10.36
N ASN F 208 63.08 -40.61 10.42
CA ASN F 208 62.24 -40.82 9.26
C ASN F 208 60.92 -40.09 9.45
N HIS F 209 60.54 -39.29 8.46
CA HIS F 209 59.28 -38.55 8.47
C HIS F 209 58.57 -38.83 7.14
N LYS F 210 57.56 -39.70 7.18
CA LYS F 210 56.83 -40.06 5.97
C LYS F 210 56.10 -38.88 5.33
N PRO F 211 55.34 -38.05 6.07
CA PRO F 211 54.65 -36.93 5.39
C PRO F 211 55.58 -35.99 4.67
N SER F 212 56.76 -35.73 5.23
CA SER F 212 57.78 -34.93 4.55
C SER F 212 58.75 -35.80 3.77
N ASN F 213 58.65 -37.12 3.88
CA ASN F 213 59.51 -38.06 3.14
C ASN F 213 60.99 -37.75 3.35
N THR F 214 61.36 -37.54 4.60
CA THR F 214 62.71 -37.14 4.96
C THR F 214 63.38 -38.25 5.78
N LYS F 215 64.59 -38.64 5.36
CA LYS F 215 65.40 -39.62 6.07
C LYS F 215 66.74 -38.97 6.36
N VAL F 216 67.05 -38.79 7.65
CA VAL F 216 68.23 -38.08 8.09
C VAL F 216 69.05 -38.97 9.03
N ASP F 217 70.34 -39.09 8.74
CA ASP F 217 71.28 -39.78 9.62
C ASP F 217 72.20 -38.74 10.24
N LYS F 218 72.21 -38.66 11.57
CA LYS F 218 72.96 -37.65 12.28
C LYS F 218 73.89 -38.30 13.30
N LYS F 219 75.12 -37.79 13.39
CA LYS F 219 76.12 -38.30 14.32
C LYS F 219 76.20 -37.39 15.54
N VAL F 220 76.21 -38.00 16.73
CA VAL F 220 76.31 -37.24 17.97
C VAL F 220 77.74 -37.27 18.49
N ASN G 1 57.44 29.54 26.19
CA ASN G 1 56.87 30.78 25.68
C ASN G 1 57.88 31.92 25.80
N PHE G 2 57.38 33.15 25.84
CA PHE G 2 58.21 34.34 26.02
C PHE G 2 57.34 35.44 26.61
N MET G 3 57.91 36.64 26.72
CA MET G 3 57.21 37.76 27.34
C MET G 3 57.80 39.04 26.75
N LEU G 4 57.08 39.67 25.83
CA LEU G 4 57.60 40.85 25.15
C LEU G 4 57.77 42.01 26.14
N THR G 5 58.85 42.76 25.98
CA THR G 5 59.18 43.86 26.86
C THR G 5 59.25 45.16 26.05
N GLN G 6 58.61 46.20 26.55
CA GLN G 6 58.59 47.50 25.90
C GLN G 6 58.75 48.57 26.97
N PRO G 7 59.29 49.74 26.62
CA PRO G 7 59.41 50.83 27.59
C PRO G 7 58.04 51.28 28.10
N HIS G 8 58.03 51.74 29.36
CA HIS G 8 56.77 52.07 30.01
C HIS G 8 56.04 53.21 29.30
N SER G 9 56.78 54.26 28.92
CA SER G 9 56.17 55.41 28.27
C SER G 9 57.28 56.22 27.60
N VAL G 10 56.84 57.16 26.76
CA VAL G 10 57.77 58.03 26.05
C VAL G 10 57.14 59.42 25.95
N SER G 11 57.98 60.45 26.08
CA SER G 11 57.54 61.84 25.97
C SER G 11 58.20 62.47 24.76
N GLU G 12 57.42 63.27 24.03
CA GLU G 12 57.89 63.88 22.79
C GLU G 12 57.23 65.23 22.60
N SER G 13 57.92 66.10 21.87
CA SER G 13 57.44 67.42 21.49
C SER G 13 56.98 67.41 20.04
N PRO G 14 56.00 68.24 19.70
CA PRO G 14 55.48 68.23 18.33
C PRO G 14 56.55 68.53 17.30
N GLY G 15 56.47 67.83 16.16
CA GLY G 15 57.41 68.02 15.08
C GLY G 15 58.66 67.17 15.15
N LYS G 16 58.65 66.09 15.92
CA LYS G 16 59.81 65.20 16.04
C LYS G 16 59.44 63.77 15.70
N THR G 17 60.35 63.10 14.99
CA THR G 17 60.19 61.71 14.60
C THR G 17 60.69 60.82 15.73
N VAL G 18 59.87 59.86 16.15
CA VAL G 18 60.21 59.01 17.29
C VAL G 18 60.00 57.55 16.93
N THR G 19 60.80 56.68 17.57
CA THR G 19 60.75 55.24 17.37
C THR G 19 60.39 54.55 18.68
N ILE G 20 59.56 53.51 18.58
CA ILE G 20 59.15 52.73 19.75
C ILE G 20 59.33 51.25 19.43
N SER G 21 60.01 50.53 20.31
CA SER G 21 60.32 49.13 20.10
C SER G 21 59.86 48.28 21.28
N CYS G 22 59.39 47.08 20.97
CA CYS G 22 59.08 46.08 21.98
C CYS G 22 59.96 44.87 21.74
N THR G 23 60.62 44.39 22.79
CA THR G 23 61.65 43.37 22.68
C THR G 23 61.06 41.99 22.97
N ARG G 24 61.35 41.03 22.10
CA ARG G 24 60.91 39.66 22.29
C ARG G 24 61.89 38.91 23.19
N SER G 25 61.35 38.12 24.11
CA SER G 25 62.19 37.46 25.11
C SER G 25 63.00 36.32 24.50
N SER G 26 62.32 35.31 23.98
CA SER G 26 62.97 34.12 23.44
C SER G 26 62.48 33.85 22.04
N GLY G 27 63.33 33.20 21.24
CA GLY G 27 63.01 32.89 19.87
C GLY G 27 63.35 34.02 18.92
N SER G 28 63.54 33.66 17.65
CA SER G 28 63.85 34.65 16.64
C SER G 28 62.63 35.53 16.35
N ILE G 29 62.87 36.82 16.20
CA ILE G 29 61.78 37.75 15.88
C ILE G 29 61.20 37.42 14.51
N ALA G 30 62.06 37.12 13.55
CA ALA G 30 61.61 36.83 12.19
C ALA G 30 60.82 35.54 12.08
N SER G 31 60.83 34.70 13.12
CA SER G 31 60.07 33.44 13.06
C SER G 31 58.57 33.69 12.96
N ASN G 32 58.06 34.67 13.70
CA ASN G 32 56.64 34.94 13.76
C ASN G 32 56.35 36.37 13.30
N TYR G 33 55.08 36.73 13.39
CA TYR G 33 54.58 38.02 12.93
C TYR G 33 54.42 38.99 14.09
N VAL G 34 54.21 40.26 13.75
CA VAL G 34 53.97 41.33 14.72
C VAL G 34 52.92 42.28 14.17
N GLN G 35 52.13 42.85 15.08
CA GLN G 35 51.13 43.85 14.70
C GLN G 35 51.09 44.93 15.76
N TRP G 36 50.89 46.17 15.31
CA TRP G 36 50.82 47.34 16.18
C TRP G 36 49.37 47.79 16.30
N TYR G 37 48.89 47.92 17.53
CA TYR G 37 47.54 48.32 17.85
C TYR G 37 47.56 49.65 18.60
N GLN G 38 46.51 50.44 18.41
CA GLN G 38 46.38 51.74 19.07
C GLN G 38 44.99 51.85 19.69
N GLN G 39 44.90 52.70 20.72
CA GLN G 39 43.61 53.01 21.32
C GLN G 39 43.66 54.39 21.94
N ARG G 40 42.51 55.05 21.98
CA ARG G 40 42.20 56.34 22.55
C ARG G 40 41.47 56.13 23.87
N PRO G 41 41.71 56.93 24.90
CA PRO G 41 41.14 56.58 26.21
C PRO G 41 39.64 56.81 26.27
N GLY G 42 38.92 55.73 26.58
CA GLY G 42 37.48 55.71 26.41
C GLY G 42 37.03 55.20 25.06
N SER G 43 37.95 54.81 24.19
CA SER G 43 37.64 54.32 22.86
C SER G 43 38.18 52.90 22.70
N SER G 44 37.47 52.10 21.89
CA SER G 44 37.88 50.73 21.65
C SER G 44 39.19 50.71 20.87
N PRO G 45 40.10 49.80 21.20
CA PRO G 45 41.37 49.71 20.46
C PRO G 45 41.14 49.37 18.99
N THR G 46 41.99 49.95 18.13
CA THR G 46 41.92 49.71 16.71
C THR G 46 43.31 49.41 16.17
N THR G 47 43.37 48.53 15.18
CA THR G 47 44.64 48.16 14.57
C THR G 47 45.17 49.30 13.70
N VAL G 48 46.47 49.54 13.77
CA VAL G 48 47.12 50.52 12.93
C VAL G 48 48.12 49.87 11.96
N ILE G 49 48.82 48.82 12.40
CA ILE G 49 49.79 48.15 11.54
C ILE G 49 49.62 46.65 11.70
N TYR G 50 49.61 45.92 10.59
CA TYR G 50 49.59 44.47 10.61
C TYR G 50 50.61 43.94 9.62
N ASP G 51 51.04 42.70 9.84
CA ASP G 51 51.95 41.99 8.94
C ASP G 51 53.25 42.78 8.76
N ASP G 52 53.99 42.89 9.86
CA ASP G 52 55.27 43.59 9.88
C ASP G 52 55.08 45.04 9.46
N ASN G 53 55.28 45.33 8.18
CA ASN G 53 55.11 46.68 7.65
C ASN G 53 54.08 46.64 6.53
N GLN G 54 52.81 46.72 6.91
CA GLN G 54 51.71 46.82 5.95
C GLN G 54 50.67 47.78 6.49
N ARG G 55 50.10 48.59 5.61
CA ARG G 55 49.20 49.66 6.01
C ARG G 55 47.77 49.29 5.67
N PRO G 56 46.89 49.14 6.66
CA PRO G 56 45.47 48.92 6.37
C PRO G 56 44.85 50.15 5.74
N SER G 57 43.66 49.94 5.16
CA SER G 57 42.95 51.02 4.48
C SER G 57 42.61 52.14 5.46
N GLY G 58 42.88 53.38 5.06
CA GLY G 58 42.61 54.55 5.86
C GLY G 58 43.82 55.11 6.59
N VAL G 59 44.91 54.35 6.66
CA VAL G 59 46.11 54.83 7.36
C VAL G 59 46.72 55.97 6.57
N PRO G 60 46.98 57.14 7.18
CA PRO G 60 47.56 58.28 6.46
C PRO G 60 49.08 58.23 6.35
N ASN G 61 49.59 57.10 5.84
CA ASN G 61 51.03 56.87 5.68
C ASN G 61 51.69 57.08 7.05
N ARG G 62 52.80 57.81 7.12
CA ARG G 62 53.42 58.19 8.40
C ARG G 62 53.84 56.98 9.21
N PHE G 63 52.87 56.16 9.63
CA PHE G 63 53.16 54.98 10.44
C PHE G 63 54.04 54.02 9.67
N SER G 64 55.28 53.86 10.10
CA SER G 64 56.25 52.99 9.45
C SER G 64 56.74 51.95 10.46
N GLY G 65 56.83 50.70 10.00
CA GLY G 65 57.24 49.59 10.84
C GLY G 65 58.62 49.09 10.45
N SER G 66 59.48 48.97 11.44
CA SER G 66 60.82 48.42 11.27
C SER G 66 60.86 47.02 11.85
N ILE G 67 61.38 46.06 11.07
CA ILE G 67 61.43 44.68 11.49
C ILE G 67 62.87 44.20 11.53
N ASP G 68 63.79 45.12 11.74
CA ASP G 68 65.20 44.75 11.91
C ASP G 68 65.34 43.86 13.13
N SER G 69 66.08 42.75 12.98
CA SER G 69 66.24 41.82 14.09
C SER G 69 66.94 42.48 15.26
N SER G 70 68.10 43.10 15.01
CA SER G 70 68.91 43.72 16.04
C SER G 70 69.10 42.78 17.23
N SER G 71 68.69 43.23 18.42
CA SER G 71 68.67 42.37 19.60
C SER G 71 67.32 41.71 19.79
N ASN G 72 66.82 41.09 18.73
CA ASN G 72 65.54 40.37 18.75
C ASN G 72 64.40 41.28 19.22
N SER G 73 64.15 42.32 18.44
CA SER G 73 63.10 43.28 18.75
C SER G 73 62.65 43.95 17.46
N ALA G 74 61.47 44.56 17.51
CA ALA G 74 60.91 45.27 16.37
C ALA G 74 60.38 46.61 16.84
N SER G 75 60.35 47.58 15.92
CA SER G 75 60.01 48.95 16.27
C SER G 75 59.13 49.57 15.18
N LEU G 76 58.46 50.65 15.57
CA LEU G 76 57.68 51.49 14.67
C LEU G 76 58.20 52.91 14.76
N ILE G 77 58.29 53.59 13.62
CA ILE G 77 58.80 54.95 13.53
C ILE G 77 57.67 55.85 13.06
N ILE G 78 57.44 56.94 13.76
CA ILE G 78 56.43 57.93 13.40
C ILE G 78 57.11 59.26 13.14
N SER G 79 56.64 59.95 12.10
CA SER G 79 57.21 61.23 11.70
C SER G 79 56.77 62.34 12.66
N GLY G 80 57.35 63.52 12.47
CA GLY G 80 57.06 64.63 13.35
C GLY G 80 55.67 65.20 13.15
N LEU G 81 54.77 64.88 14.08
CA LEU G 81 53.42 65.41 14.13
C LEU G 81 52.80 64.99 15.44
N LYS G 82 52.09 65.91 16.09
CA LYS G 82 51.49 65.64 17.40
C LYS G 82 49.97 65.55 17.32
N THR G 83 49.31 66.61 16.86
CA THR G 83 47.85 66.68 16.79
C THR G 83 47.21 66.13 18.07
N GLU G 84 46.22 65.27 17.91
CA GLU G 84 45.62 64.54 19.03
C GLU G 84 46.06 63.09 19.08
N ASP G 85 46.97 62.67 18.20
CA ASP G 85 47.42 61.27 18.14
C ASP G 85 48.55 61.07 19.14
N GLU G 86 48.17 61.06 20.42
CA GLU G 86 49.10 60.83 21.53
C GLU G 86 48.39 59.93 22.54
N ALA G 87 48.62 58.64 22.45
CA ALA G 87 47.96 57.68 23.31
C ALA G 87 48.79 56.41 23.37
N ASP G 88 48.36 55.48 24.21
CA ASP G 88 49.10 54.24 24.42
C ASP G 88 49.08 53.37 23.17
N TYR G 89 50.15 52.59 22.99
CA TYR G 89 50.32 51.70 21.86
C TYR G 89 50.63 50.30 22.36
N TYR G 90 50.36 49.30 21.52
CA TYR G 90 50.63 47.91 21.86
C TYR G 90 51.20 47.18 20.66
N CYS G 91 51.97 46.12 20.92
CA CYS G 91 52.45 45.22 19.89
C CYS G 91 52.13 43.79 20.28
N GLN G 92 51.71 43.00 19.30
CA GLN G 92 51.26 41.63 19.52
C GLN G 92 51.91 40.71 18.50
N SER G 93 52.41 39.56 18.98
CA SER G 93 53.01 38.58 18.09
C SER G 93 52.24 37.27 18.04
N THR G 94 52.09 36.57 19.16
CA THR G 94 51.36 35.30 19.19
C THR G 94 50.96 35.04 20.64
N ARG G 95 49.68 35.28 20.96
CA ARG G 95 49.12 35.03 22.28
C ARG G 95 49.84 35.80 23.37
N VAL G 96 50.59 36.86 23.01
CA VAL G 96 51.39 37.61 23.96
C VAL G 96 51.11 39.10 23.75
N PHE G 97 50.84 39.80 24.84
CA PHE G 97 50.60 41.23 24.81
C PHE G 97 51.54 41.93 25.79
N GLY G 98 51.86 43.19 25.48
CA GLY G 98 52.75 43.99 26.28
C GLY G 98 52.01 44.92 27.23
N GLY G 99 52.79 45.55 28.11
CA GLY G 99 52.21 46.49 29.05
C GLY G 99 51.62 47.71 28.40
N GLY G 100 52.31 48.23 27.39
CA GLY G 100 51.84 49.41 26.67
C GLY G 100 52.62 50.67 26.99
N THR G 101 53.00 51.41 25.96
CA THR G 101 53.76 52.64 26.10
C THR G 101 52.87 53.83 25.75
N LYS G 102 52.93 54.86 26.59
CA LYS G 102 52.08 56.04 26.44
C LYS G 102 52.87 57.12 25.70
N LEU G 103 52.35 57.56 24.56
CA LEU G 103 52.92 58.66 23.81
C LEU G 103 52.28 59.97 24.30
N THR G 104 53.10 60.87 24.81
CA THR G 104 52.62 62.12 25.40
C THR G 104 53.17 63.30 24.61
N VAL G 105 52.29 64.23 24.27
CA VAL G 105 52.71 65.47 23.62
C VAL G 105 53.18 66.45 24.70
N LEU G 106 54.40 66.95 24.55
CA LEU G 106 55.00 67.82 25.56
C LEU G 106 54.39 69.22 25.45
N GLY G 107 53.70 69.64 26.50
CA GLY G 107 53.15 70.98 26.57
C GLY G 107 53.93 71.84 27.54
N GLN G 108 53.41 72.00 28.75
CA GLN G 108 54.18 72.68 29.79
C GLN G 108 55.41 71.85 30.14
N PRO G 109 56.48 72.48 30.61
CA PRO G 109 57.70 71.73 30.93
C PRO G 109 57.44 70.67 32.00
N LYS G 110 58.13 69.54 31.86
CA LYS G 110 57.97 68.45 32.81
C LYS G 110 58.42 68.88 34.21
N ALA G 111 57.68 68.43 35.21
CA ALA G 111 57.96 68.77 36.61
C ALA G 111 58.42 67.52 37.35
N ALA G 112 59.43 67.70 38.20
CA ALA G 112 59.92 66.59 39.01
C ALA G 112 58.84 66.15 39.98
N PRO G 113 58.53 64.85 40.06
CA PRO G 113 57.48 64.40 40.98
C PRO G 113 57.84 64.67 42.43
N SER G 114 56.84 65.04 43.22
CA SER G 114 56.99 65.22 44.65
C SER G 114 56.39 64.00 45.35
N VAL G 115 57.25 63.24 46.03
CA VAL G 115 56.86 61.98 46.64
C VAL G 115 56.95 62.12 48.16
N THR G 116 55.85 61.78 48.83
CA THR G 116 55.79 61.80 50.29
C THR G 116 55.35 60.42 50.77
N LEU G 117 56.06 59.90 51.77
CA LEU G 117 55.80 58.57 52.31
C LEU G 117 55.28 58.68 53.74
N PHE G 118 54.13 58.07 53.99
CA PHE G 118 53.50 58.05 55.31
C PHE G 118 53.49 56.62 55.84
N PRO G 119 54.18 56.34 56.94
CA PRO G 119 54.08 55.02 57.57
C PRO G 119 52.72 54.85 58.23
N PRO G 120 52.32 53.61 58.50
CA PRO G 120 51.03 53.39 59.17
C PRO G 120 50.99 54.06 60.54
N SER G 121 49.84 54.63 60.87
CA SER G 121 49.66 55.28 62.15
C SER G 121 49.51 54.26 63.27
N SER G 122 49.81 54.69 64.49
CA SER G 122 49.67 53.80 65.64
C SER G 122 48.21 53.43 65.90
N GLU G 123 47.28 54.31 65.54
CA GLU G 123 45.86 53.97 65.67
C GLU G 123 45.49 52.79 64.78
N GLU G 124 46.01 52.78 63.55
CA GLU G 124 45.80 51.62 62.68
C GLU G 124 46.49 50.38 63.24
N LEU G 125 47.68 50.55 63.81
CA LEU G 125 48.38 49.42 64.41
C LEU G 125 47.61 48.83 65.58
N GLN G 126 46.83 49.66 66.29
CA GLN G 126 45.98 49.15 67.36
C GLN G 126 44.88 48.24 66.82
N ALA G 127 44.57 48.32 65.53
CA ALA G 127 43.55 47.50 64.90
C ALA G 127 44.12 46.35 64.08
N ASN G 128 45.36 45.96 64.35
CA ASN G 128 46.04 44.87 63.64
C ASN G 128 46.12 45.13 62.15
N LYS G 129 46.26 46.41 61.76
CA LYS G 129 46.37 46.78 60.36
C LYS G 129 47.48 47.80 60.19
N ALA G 130 48.04 47.85 58.99
CA ALA G 130 49.10 48.79 58.68
C ALA G 130 49.00 49.17 57.21
N THR G 131 49.08 50.47 56.92
CA THR G 131 49.00 50.97 55.55
C THR G 131 50.10 51.99 55.32
N LEU G 132 50.98 51.71 54.35
CA LEU G 132 52.00 52.64 53.92
C LEU G 132 51.48 53.41 52.71
N VAL G 133 51.53 54.74 52.78
CA VAL G 133 50.93 55.61 51.77
C VAL G 133 52.03 56.38 51.07
N CYS G 134 52.20 56.12 49.77
CA CYS G 134 53.17 56.83 48.94
C CYS G 134 52.39 57.74 47.99
N LEU G 135 52.48 59.05 48.23
CA LEU G 135 51.71 60.03 47.48
C LEU G 135 52.62 60.81 46.55
N ILE G 136 52.28 60.82 45.26
CA ILE G 136 53.06 61.53 44.25
C ILE G 136 52.21 62.68 43.72
N SER G 137 52.78 63.88 43.68
CA SER G 137 52.05 65.08 43.29
C SER G 137 52.94 65.94 42.40
N ASP G 138 52.28 66.87 41.71
CA ASP G 138 52.91 67.87 40.83
C ASP G 138 53.98 67.24 39.94
N PHE G 139 53.55 66.31 39.11
CA PHE G 139 54.41 65.70 38.12
C PHE G 139 53.72 65.70 36.76
N TYR G 140 54.50 65.96 35.71
CA TYR G 140 54.00 65.98 34.34
C TYR G 140 55.06 65.36 33.45
N PRO G 141 54.69 64.51 32.48
CA PRO G 141 53.34 64.05 32.18
C PRO G 141 52.88 62.92 33.08
N GLY G 142 51.62 62.51 32.97
CA GLY G 142 51.09 61.46 33.83
C GLY G 142 51.55 60.07 33.44
N ALA G 143 52.83 59.77 33.67
CA ALA G 143 53.38 58.45 33.36
C ALA G 143 54.46 58.15 34.39
N VAL G 144 54.10 57.35 35.40
CA VAL G 144 55.01 56.99 36.47
C VAL G 144 54.84 55.52 36.80
N THR G 145 55.81 54.96 37.51
CA THR G 145 55.74 53.59 38.00
C THR G 145 56.12 53.58 39.47
N VAL G 146 55.31 52.91 40.29
CA VAL G 146 55.49 52.87 41.74
C VAL G 146 55.85 51.44 42.14
N ALA G 147 56.90 51.30 42.95
CA ALA G 147 57.35 50.01 43.44
C ALA G 147 57.64 50.08 44.92
N TRP G 148 57.55 48.93 45.59
CA TRP G 148 57.81 48.82 47.02
C TRP G 148 58.87 47.78 47.28
N LYS G 149 59.74 48.05 48.26
CA LYS G 149 60.80 47.13 48.65
C LYS G 149 60.86 47.05 50.17
N ALA G 150 61.10 45.86 50.68
CA ALA G 150 61.28 45.68 52.13
C ALA G 150 62.76 45.77 52.51
N ASP G 151 63.43 46.81 52.02
CA ASP G 151 64.79 47.18 52.38
C ASP G 151 65.83 46.18 51.87
N SER G 152 65.39 45.03 51.39
CA SER G 152 66.30 44.05 50.81
C SER G 152 65.75 43.32 49.60
N SER G 153 64.52 43.61 49.16
CA SER G 153 63.89 42.94 48.03
C SER G 153 62.59 43.64 47.66
N PRO G 154 62.26 43.74 46.39
CA PRO G 154 60.98 44.32 46.00
C PRO G 154 59.81 43.45 46.42
N VAL G 155 58.68 44.09 46.70
CA VAL G 155 57.46 43.41 47.11
C VAL G 155 56.31 43.90 46.23
N LYS G 156 55.42 43.00 45.84
CA LYS G 156 54.30 43.33 44.98
C LYS G 156 52.94 43.05 45.61
N ALA G 157 52.84 42.07 46.51
CA ALA G 157 51.54 41.71 47.07
C ALA G 157 51.00 42.81 47.96
N GLY G 158 49.69 43.04 47.87
CA GLY G 158 49.00 43.97 48.74
C GLY G 158 49.07 45.43 48.34
N VAL G 159 49.75 45.76 47.24
CA VAL G 159 49.90 47.14 46.82
C VAL G 159 48.73 47.52 45.91
N GLU G 160 48.30 48.78 46.01
CA GLU G 160 47.24 49.32 45.16
C GLU G 160 47.62 50.75 44.81
N THR G 161 47.88 51.01 43.53
CA THR G 161 48.29 52.33 43.06
C THR G 161 47.21 52.91 42.17
N THR G 162 46.87 54.17 42.40
CA THR G 162 45.86 54.86 41.60
C THR G 162 46.47 55.35 40.29
N THR G 163 45.71 55.19 39.21
CA THR G 163 46.15 55.69 37.92
C THR G 163 46.20 57.22 37.93
N PRO G 164 47.19 57.82 37.27
CA PRO G 164 47.26 59.29 37.24
C PRO G 164 46.05 59.89 36.55
N SER G 165 45.61 61.04 37.05
CA SER G 165 44.49 61.77 36.48
C SER G 165 44.87 63.23 36.34
N LYS G 166 44.21 63.91 35.40
CA LYS G 166 44.50 65.32 35.15
C LYS G 166 43.79 66.18 36.19
N GLN G 167 44.58 66.95 36.94
CA GLN G 167 44.02 67.88 37.91
C GLN G 167 43.67 69.19 37.20
N SER G 168 43.32 70.22 37.98
CA SER G 168 42.93 71.50 37.40
C SER G 168 44.12 72.24 36.81
N ASN G 169 45.32 72.06 37.38
CA ASN G 169 46.51 72.77 36.95
C ASN G 169 47.22 72.08 35.78
N ASN G 170 46.49 71.25 35.03
CA ASN G 170 47.07 70.49 33.91
C ASN G 170 48.27 69.66 34.36
N LYS G 171 48.17 69.10 35.57
CA LYS G 171 49.22 68.27 36.14
C LYS G 171 48.57 67.04 36.74
N TYR G 172 49.37 65.99 36.89
CA TYR G 172 48.89 64.70 37.35
C TYR G 172 49.34 64.43 38.78
N ALA G 173 48.61 63.55 39.45
CA ALA G 173 48.94 63.11 40.80
C ALA G 173 48.39 61.72 41.00
N ALA G 174 48.95 61.01 41.98
CA ALA G 174 48.54 59.63 42.23
C ALA G 174 48.91 59.24 43.66
N SER G 175 48.37 58.11 44.09
CA SER G 175 48.62 57.57 45.42
C SER G 175 48.83 56.07 45.32
N SER G 176 49.57 55.53 46.28
CA SER G 176 49.80 54.09 46.39
C SER G 176 49.65 53.69 47.85
N TYR G 177 48.95 52.58 48.08
CA TYR G 177 48.69 52.08 49.42
C TYR G 177 49.18 50.65 49.50
N LEU G 178 50.04 50.37 50.47
CA LEU G 178 50.57 49.03 50.71
C LEU G 178 50.06 48.54 52.05
N SER G 179 49.41 47.38 52.05
CA SER G 179 48.79 46.84 53.25
C SER G 179 49.70 45.79 53.87
N LEU G 180 50.09 46.01 55.13
CA LEU G 180 50.97 45.11 55.85
C LEU G 180 50.48 44.98 57.29
N THR G 181 50.75 43.81 57.89
CA THR G 181 50.42 43.57 59.28
C THR G 181 51.47 44.19 60.21
N PRO G 182 51.07 44.60 61.41
CA PRO G 182 52.04 45.21 62.34
C PRO G 182 53.22 44.32 62.68
N GLU G 183 53.02 43.00 62.78
CA GLU G 183 54.13 42.11 63.10
C GLU G 183 55.19 42.13 62.00
N GLN G 184 54.76 42.06 60.74
CA GLN G 184 55.71 42.18 59.64
C GLN G 184 56.23 43.61 59.51
N TRP G 185 55.44 44.59 59.94
CA TRP G 185 55.91 45.98 59.93
C TRP G 185 57.09 46.15 60.87
N LYS G 186 57.03 45.54 62.05
CA LYS G 186 58.16 45.59 62.98
C LYS G 186 59.23 44.55 62.66
N SER G 187 58.92 43.56 61.83
CA SER G 187 59.92 42.54 61.48
C SER G 187 60.97 43.09 60.55
N HIS G 188 60.57 43.93 59.60
CA HIS G 188 61.50 44.51 58.63
C HIS G 188 62.10 45.80 59.16
N ARG G 189 63.37 46.03 58.85
CA ARG G 189 64.07 47.22 59.32
C ARG G 189 63.44 48.48 58.77
N SER G 190 63.11 48.49 57.48
CA SER G 190 62.55 49.67 56.84
C SER G 190 61.83 49.24 55.56
N TYR G 191 61.04 50.16 55.02
CA TYR G 191 60.35 49.95 53.76
C TYR G 191 60.60 51.14 52.85
N SER G 192 60.87 50.87 51.58
CA SER G 192 61.23 51.88 50.61
C SER G 192 60.20 51.91 49.48
N CYS G 193 59.68 53.10 49.18
CA CYS G 193 58.80 53.31 48.05
C CYS G 193 59.58 54.06 46.98
N GLN G 194 59.59 53.51 45.77
CA GLN G 194 60.34 54.07 44.66
C GLN G 194 59.37 54.49 43.56
N VAL G 195 59.54 55.71 43.07
CA VAL G 195 58.70 56.27 42.01
C VAL G 195 59.60 56.62 40.84
N THR G 196 59.23 56.15 39.65
CA THR G 196 59.97 56.42 38.43
C THR G 196 59.11 57.29 37.51
N HIS G 197 59.69 58.41 37.07
CA HIS G 197 59.00 59.38 36.22
C HIS G 197 59.96 59.79 35.11
N GLU G 198 59.66 59.42 33.88
CA GLU G 198 60.46 59.78 32.71
C GLU G 198 61.92 59.36 32.89
N GLY G 199 62.12 58.18 33.48
CA GLY G 199 63.45 57.66 33.72
C GLY G 199 64.13 58.16 34.97
N SER G 200 63.49 59.05 35.73
CA SER G 200 64.06 59.59 36.97
C SER G 200 63.48 58.83 38.14
N THR G 201 64.35 58.24 38.96
CA THR G 201 63.94 57.39 40.08
C THR G 201 64.17 58.13 41.38
N VAL G 202 63.14 58.18 42.23
CA VAL G 202 63.24 58.76 43.56
C VAL G 202 62.71 57.76 44.58
N GLU G 203 63.46 57.58 45.67
CA GLU G 203 63.14 56.60 46.68
C GLU G 203 62.97 57.26 48.04
N LYS G 204 61.94 56.84 48.77
CA LYS G 204 61.68 57.30 50.13
C LYS G 204 61.65 56.10 51.05
N THR G 205 62.42 56.17 52.14
CA THR G 205 62.55 55.06 53.08
C THR G 205 61.96 55.47 54.43
N VAL G 206 61.17 54.56 55.01
CA VAL G 206 60.54 54.80 56.31
C VAL G 206 60.85 53.61 57.22
N ALA G 207 60.90 53.90 58.52
CA ALA G 207 61.22 52.89 59.53
C ALA G 207 60.16 52.92 60.62
N PRO G 208 59.95 51.80 61.31
CA PRO G 208 58.97 51.77 62.40
C PRO G 208 59.35 52.74 63.52
N THR G 209 58.33 53.36 64.10
CA THR G 209 58.49 54.32 65.18
C THR G 209 59.41 55.47 64.78
N ASN H 1 40.35 -7.16 38.79
CA ASN H 1 39.61 -8.22 39.45
C ASN H 1 40.48 -8.94 40.47
N PHE H 2 40.56 -10.26 40.34
CA PHE H 2 41.35 -11.08 41.25
C PHE H 2 41.74 -12.36 40.54
N MET H 3 42.72 -13.06 41.10
CA MET H 3 43.24 -14.29 40.53
C MET H 3 43.06 -15.39 41.57
N LEU H 4 42.31 -16.43 41.21
CA LEU H 4 42.03 -17.54 42.13
C LEU H 4 43.19 -18.53 42.07
N THR H 5 43.91 -18.66 43.18
CA THR H 5 45.12 -19.46 43.25
C THR H 5 44.87 -20.72 44.08
N GLN H 6 45.31 -21.86 43.58
CA GLN H 6 45.19 -23.13 44.26
C GLN H 6 46.46 -23.94 44.05
N PRO H 7 46.77 -24.87 44.95
CA PRO H 7 47.94 -25.73 44.75
C PRO H 7 47.81 -26.57 43.49
N HIS H 8 48.95 -26.88 42.89
CA HIS H 8 48.96 -27.54 41.58
C HIS H 8 48.29 -28.91 41.64
N SER H 9 48.63 -29.72 42.63
CA SER H 9 48.05 -31.05 42.74
C SER H 9 48.29 -31.60 44.14
N VAL H 10 47.47 -32.60 44.50
CA VAL H 10 47.63 -33.32 45.75
C VAL H 10 47.43 -34.81 45.46
N SER H 11 47.97 -35.64 46.36
CA SER H 11 47.88 -37.08 46.21
C SER H 11 47.95 -37.73 47.59
N GLU H 12 47.10 -38.73 47.80
CA GLU H 12 47.04 -39.43 49.09
C GLU H 12 46.65 -40.88 48.85
N SER H 13 46.97 -41.72 49.82
CA SER H 13 46.62 -43.13 49.73
C SER H 13 45.12 -43.32 49.97
N PRO H 14 44.54 -44.37 49.41
CA PRO H 14 43.11 -44.63 49.64
C PRO H 14 42.78 -44.83 51.11
N GLY H 15 41.61 -44.36 51.50
CA GLY H 15 41.13 -44.52 52.86
C GLY H 15 41.41 -43.36 53.79
N LYS H 16 41.85 -42.22 53.28
CA LYS H 16 42.17 -41.07 54.10
C LYS H 16 41.39 -39.84 53.64
N THR H 17 41.08 -38.97 54.61
CA THR H 17 40.35 -37.75 54.34
C THR H 17 41.33 -36.63 53.98
N VAL H 18 41.01 -35.86 52.95
CA VAL H 18 41.91 -34.84 52.44
C VAL H 18 41.14 -33.55 52.19
N THR H 19 41.79 -32.42 52.44
CA THR H 19 41.20 -31.11 52.25
C THR H 19 41.91 -30.39 51.10
N ILE H 20 41.12 -29.83 50.18
CA ILE H 20 41.64 -29.11 49.02
C ILE H 20 41.03 -27.71 49.01
N SER H 21 41.87 -26.69 48.88
CA SER H 21 41.43 -25.31 48.97
C SER H 21 42.07 -24.47 47.87
N CYS H 22 41.38 -23.40 47.50
CA CYS H 22 41.94 -22.33 46.67
C CYS H 22 41.76 -21.01 47.39
N THR H 23 42.78 -20.16 47.31
CA THR H 23 42.85 -18.93 48.09
C THR H 23 42.53 -17.73 47.20
N ARG H 24 41.65 -16.85 47.68
CA ARG H 24 41.34 -15.63 46.97
C ARG H 24 42.44 -14.60 47.21
N SER H 25 42.93 -14.00 46.14
CA SER H 25 44.06 -13.07 46.25
C SER H 25 43.67 -11.81 46.98
N SER H 26 42.56 -11.19 46.58
CA SER H 26 42.15 -9.90 47.14
C SER H 26 40.65 -9.91 47.40
N GLY H 27 40.25 -9.18 48.45
CA GLY H 27 38.87 -9.07 48.82
C GLY H 27 38.39 -10.18 49.74
N SER H 28 37.17 -10.04 50.22
CA SER H 28 36.58 -11.04 51.09
C SER H 28 36.23 -12.29 50.30
N ILE H 29 36.62 -13.45 50.83
CA ILE H 29 36.30 -14.71 50.16
C ILE H 29 34.80 -14.96 50.19
N ALA H 30 34.15 -14.71 51.33
CA ALA H 30 32.74 -15.00 51.50
C ALA H 30 31.83 -13.94 50.90
N SER H 31 32.38 -12.83 50.39
CA SER H 31 31.55 -11.78 49.82
C SER H 31 30.79 -12.26 48.59
N ASN H 32 31.35 -13.22 47.87
CA ASN H 32 30.70 -13.83 46.71
C ASN H 32 30.47 -15.32 46.98
N TYR H 33 30.02 -16.03 45.96
CA TYR H 33 29.83 -17.47 46.02
C TYR H 33 31.03 -18.19 45.43
N VAL H 34 31.17 -19.45 45.79
CA VAL H 34 32.26 -20.31 45.31
C VAL H 34 31.68 -21.67 44.97
N GLN H 35 32.02 -22.19 43.79
CA GLN H 35 31.58 -23.50 43.35
C GLN H 35 32.78 -24.34 42.94
N TRP H 36 32.60 -25.66 42.99
CA TRP H 36 33.64 -26.63 42.72
C TRP H 36 33.17 -27.61 41.65
N TYR H 37 34.06 -27.89 40.70
CA TYR H 37 33.76 -28.68 39.53
C TYR H 37 34.75 -29.84 39.41
N GLN H 38 34.22 -31.01 39.08
CA GLN H 38 35.01 -32.22 38.90
C GLN H 38 34.92 -32.65 37.44
N GLN H 39 36.07 -32.93 36.84
CA GLN H 39 36.13 -33.33 35.44
C GLN H 39 37.11 -34.49 35.30
N ARG H 40 36.59 -35.67 34.92
CA ARG H 40 37.47 -36.77 34.59
C ARG H 40 38.26 -36.45 33.32
N PRO H 41 39.52 -36.87 33.24
CA PRO H 41 40.32 -36.54 32.06
C PRO H 41 39.71 -37.09 30.78
N GLY H 42 39.79 -36.29 29.72
CA GLY H 42 39.22 -36.68 28.43
C GLY H 42 37.73 -36.39 28.31
N SER H 43 36.99 -36.57 29.40
CA SER H 43 35.55 -36.37 29.39
C SER H 43 35.23 -34.89 29.64
N SER H 44 33.96 -34.59 29.85
CA SER H 44 33.48 -33.23 30.06
C SER H 44 33.19 -32.97 31.52
N PRO H 45 33.40 -31.75 31.99
CA PRO H 45 33.17 -31.45 33.42
C PRO H 45 31.70 -31.57 33.79
N THR H 46 31.46 -31.89 35.06
CA THR H 46 30.12 -31.97 35.60
C THR H 46 30.09 -31.31 36.96
N THR H 47 28.88 -30.92 37.38
CA THR H 47 28.69 -30.28 38.68
C THR H 47 28.98 -31.26 39.81
N VAL H 48 29.75 -30.81 40.79
CA VAL H 48 29.92 -31.53 42.04
C VAL H 48 29.52 -30.69 43.26
N ILE H 49 29.89 -29.41 43.28
CA ILE H 49 29.50 -28.52 44.37
C ILE H 49 29.09 -27.18 43.80
N TYR H 50 27.88 -26.73 44.13
CA TYR H 50 27.39 -25.42 43.72
C TYR H 50 26.77 -24.73 44.92
N ASP H 51 26.79 -23.39 44.88
CA ASP H 51 26.19 -22.56 45.92
C ASP H 51 26.79 -22.88 47.29
N ASP H 52 28.09 -22.60 47.39
CA ASP H 52 28.84 -22.77 48.63
C ASP H 52 28.82 -24.22 49.09
N ASN H 53 27.91 -24.57 50.01
CA ASN H 53 27.80 -25.92 50.52
C ASN H 53 26.40 -26.45 50.17
N GLN H 54 26.26 -26.98 48.96
CA GLN H 54 25.03 -27.61 48.51
C GLN H 54 25.37 -28.80 47.64
N ARG H 55 24.61 -29.88 47.80
CA ARG H 55 24.86 -31.10 47.05
C ARG H 55 23.83 -31.24 45.93
N PRO H 56 24.25 -31.19 44.67
CA PRO H 56 23.31 -31.37 43.57
C PRO H 56 22.74 -32.78 43.55
N SER H 57 21.57 -32.89 42.92
CA SER H 57 20.92 -34.19 42.78
C SER H 57 21.82 -35.15 42.02
N GLY H 58 21.95 -36.37 42.54
CA GLY H 58 22.82 -37.38 41.97
C GLY H 58 24.13 -37.54 42.68
N VAL H 59 24.55 -36.55 43.46
CA VAL H 59 25.78 -36.65 44.26
C VAL H 59 25.49 -37.55 45.45
N PRO H 60 26.25 -38.64 45.63
CA PRO H 60 25.99 -39.59 46.72
C PRO H 60 26.57 -39.15 48.06
N ASN H 61 26.26 -37.92 48.46
CA ASN H 61 26.70 -37.35 49.73
C ASN H 61 28.23 -37.39 49.79
N ARG H 62 28.78 -37.60 50.98
CA ARG H 62 30.20 -37.85 51.21
C ARG H 62 31.08 -36.67 50.78
N PHE H 63 30.48 -35.52 50.51
CA PHE H 63 31.20 -34.33 50.10
C PHE H 63 30.82 -33.15 50.99
N SER H 64 31.81 -32.34 51.35
CA SER H 64 31.59 -31.17 52.18
C SER H 64 32.35 -29.98 51.61
N GLY H 65 31.77 -28.79 51.75
CA GLY H 65 32.43 -27.58 51.31
C GLY H 65 32.50 -26.53 52.39
N SER H 66 33.72 -26.17 52.79
CA SER H 66 33.94 -25.20 53.85
C SER H 66 34.36 -23.86 53.25
N ILE H 67 33.68 -22.79 53.67
CA ILE H 67 33.96 -21.46 53.16
C ILE H 67 34.34 -20.57 54.33
N ASP H 68 35.00 -21.17 55.34
CA ASP H 68 35.44 -20.39 56.49
C ASP H 68 36.41 -19.30 56.05
N SER H 69 36.35 -18.15 56.72
CA SER H 69 37.15 -17.01 56.31
C SER H 69 38.63 -17.33 56.31
N SER H 70 39.13 -17.84 57.44
CA SER H 70 40.53 -18.23 57.60
C SER H 70 41.48 -17.24 56.94
N SER H 71 42.41 -17.76 56.13
CA SER H 71 43.29 -16.92 55.32
C SER H 71 42.72 -16.70 53.92
N ASN H 72 41.46 -16.28 53.86
CA ASN H 72 40.78 -15.94 52.60
C ASN H 72 40.84 -17.11 51.61
N SER H 73 40.20 -18.20 51.99
CA SER H 73 40.13 -19.37 51.12
C SER H 73 38.92 -20.22 51.51
N ALA H 74 38.50 -21.07 50.58
CA ALA H 74 37.43 -22.03 50.80
C ALA H 74 37.94 -23.42 50.45
N SER H 75 37.55 -24.41 51.25
CA SER H 75 38.12 -25.75 51.16
C SER H 75 37.03 -26.81 51.15
N LEU H 76 37.36 -27.95 50.55
CA LEU H 76 36.55 -29.15 50.59
C LEU H 76 37.27 -30.22 51.40
N ILE H 77 36.56 -30.79 52.37
CA ILE H 77 37.09 -31.87 53.18
C ILE H 77 36.43 -33.18 52.73
N ILE H 78 37.07 -33.87 51.81
CA ILE H 78 36.51 -35.09 51.25
C ILE H 78 37.01 -36.28 52.05
N SER H 79 36.09 -37.13 52.48
CA SER H 79 36.41 -38.23 53.39
C SER H 79 37.23 -39.29 52.67
N GLY H 80 37.55 -40.36 53.41
CA GLY H 80 38.40 -41.39 52.87
C GLY H 80 37.70 -42.32 51.91
N LEU H 81 37.94 -42.12 50.61
CA LEU H 81 37.44 -43.00 49.56
C LEU H 81 38.14 -42.65 48.25
N LYS H 82 38.71 -43.65 47.58
CA LYS H 82 39.47 -43.40 46.36
C LYS H 82 38.80 -44.03 45.13
N THR H 83 38.61 -45.34 45.14
CA THR H 83 38.08 -46.08 43.99
C THR H 83 38.72 -45.62 42.69
N GLU H 84 37.91 -45.15 41.75
CA GLU H 84 38.41 -44.54 40.52
C GLU H 84 38.15 -43.03 40.50
N ASP H 85 37.71 -42.45 41.61
CA ASP H 85 37.38 -41.03 41.67
C ASP H 85 38.63 -40.23 42.02
N GLU H 86 39.40 -39.91 40.98
CA GLU H 86 40.62 -39.12 41.14
C GLU H 86 40.86 -38.41 39.81
N ALA H 87 40.53 -37.12 39.76
CA ALA H 87 40.63 -36.36 38.52
C ALA H 87 40.85 -34.89 38.85
N ASP H 88 40.91 -34.06 37.81
CA ASP H 88 41.16 -32.64 37.98
C ASP H 88 39.96 -31.94 38.61
N TYR H 89 40.24 -30.99 39.50
CA TYR H 89 39.22 -30.22 40.19
C TYR H 89 39.44 -28.73 39.94
N TYR H 90 38.35 -27.98 39.85
CA TYR H 90 38.41 -26.54 39.63
C TYR H 90 37.50 -25.82 40.60
N CYS H 91 37.86 -24.58 40.95
CA CYS H 91 37.03 -23.73 41.79
C CYS H 91 36.77 -22.42 41.07
N GLN H 92 35.52 -21.99 41.07
CA GLN H 92 35.05 -20.82 40.32
C GLN H 92 34.24 -19.91 41.25
N SER H 93 34.47 -18.61 41.14
CA SER H 93 33.74 -17.65 41.94
C SER H 93 32.84 -16.75 41.09
N THR H 94 33.43 -16.01 40.14
CA THR H 94 32.63 -15.19 39.23
C THR H 94 33.46 -14.95 37.96
N ARG H 95 33.16 -15.71 36.90
CA ARG H 95 33.82 -15.57 35.60
C ARG H 95 35.28 -16.00 35.67
N VAL H 96 35.77 -16.28 36.86
CA VAL H 96 37.17 -16.63 37.09
C VAL H 96 37.23 -18.05 37.60
N PHE H 97 38.02 -18.88 36.94
CA PHE H 97 38.19 -20.28 37.31
C PHE H 97 39.47 -20.46 38.12
N GLY H 98 39.59 -21.63 38.75
CA GLY H 98 40.77 -21.94 39.53
C GLY H 98 41.92 -22.40 38.68
N GLY H 99 43.07 -22.57 39.33
CA GLY H 99 44.25 -23.03 38.62
C GLY H 99 44.11 -24.44 38.08
N GLY H 100 43.55 -25.33 38.89
CA GLY H 100 43.39 -26.72 38.49
C GLY H 100 44.24 -27.68 39.29
N THR H 101 43.60 -28.42 40.19
CA THR H 101 44.28 -29.42 41.00
C THR H 101 43.61 -30.77 40.78
N LYS H 102 44.43 -31.82 40.68
CA LYS H 102 43.93 -33.16 40.40
C LYS H 102 44.32 -34.10 41.53
N LEU H 103 43.44 -35.05 41.80
CA LEU H 103 43.68 -36.07 42.81
C LEU H 103 44.35 -37.28 42.17
N THR H 104 45.36 -37.82 42.86
CA THR H 104 46.08 -38.99 42.39
C THR H 104 45.97 -40.09 43.44
N VAL H 105 45.45 -41.24 43.04
CA VAL H 105 45.37 -42.40 43.92
C VAL H 105 46.73 -43.09 43.91
N LEU H 106 47.32 -43.26 45.08
CA LEU H 106 48.68 -43.77 45.17
C LEU H 106 48.71 -45.26 44.80
N GLY H 107 49.57 -45.60 43.84
CA GLY H 107 49.80 -46.97 43.46
C GLY H 107 51.19 -47.44 43.86
N GLN H 108 52.11 -47.41 42.91
CA GLN H 108 53.50 -47.71 43.21
C GLN H 108 54.08 -46.62 44.11
N PRO H 109 55.08 -46.95 44.93
CA PRO H 109 55.71 -45.94 45.78
C PRO H 109 56.33 -44.82 44.96
N LYS H 110 56.30 -43.61 45.50
CA LYS H 110 56.86 -42.46 44.81
C LYS H 110 58.36 -42.60 44.64
N ALA H 111 58.87 -42.06 43.53
CA ALA H 111 60.28 -42.08 43.22
C ALA H 111 60.75 -40.69 42.85
N ALA H 112 61.99 -40.37 43.20
CA ALA H 112 62.55 -39.07 42.90
C ALA H 112 62.70 -38.90 41.39
N PRO H 113 62.42 -37.71 40.86
CA PRO H 113 62.56 -37.50 39.42
C PRO H 113 64.01 -37.58 38.98
N SER H 114 64.21 -38.03 37.74
CA SER H 114 65.53 -38.06 37.12
C SER H 114 65.59 -36.93 36.09
N VAL H 115 66.55 -36.02 36.28
CA VAL H 115 66.65 -34.79 35.50
C VAL H 115 67.86 -34.88 34.59
N THR H 116 67.65 -34.60 33.31
CA THR H 116 68.74 -34.52 32.34
C THR H 116 68.65 -33.17 31.64
N LEU H 117 69.75 -32.41 31.68
CA LEU H 117 69.80 -31.08 31.09
C LEU H 117 70.80 -31.07 29.94
N PHE H 118 70.34 -30.60 28.79
CA PHE H 118 71.17 -30.51 27.59
C PHE H 118 71.19 -29.07 27.08
N PRO H 119 72.33 -28.39 27.11
CA PRO H 119 72.42 -27.07 26.49
C PRO H 119 72.42 -27.20 24.98
N PRO H 120 72.09 -26.12 24.27
CA PRO H 120 72.09 -26.18 22.80
C PRO H 120 73.47 -26.50 22.24
N SER H 121 73.49 -27.31 21.18
CA SER H 121 74.73 -27.71 20.55
C SER H 121 75.26 -26.59 19.65
N SER H 122 76.55 -26.70 19.30
CA SER H 122 77.16 -25.71 18.42
C SER H 122 76.53 -25.72 17.04
N GLU H 123 76.07 -26.88 16.59
CA GLU H 123 75.41 -26.96 15.28
C GLU H 123 74.15 -26.11 15.25
N GLU H 124 73.35 -26.17 16.32
CA GLU H 124 72.16 -25.33 16.39
C GLU H 124 72.53 -23.85 16.52
N LEU H 125 73.59 -23.55 17.29
CA LEU H 125 74.03 -22.17 17.43
C LEU H 125 74.51 -21.60 16.09
N GLN H 126 75.03 -22.44 15.21
CA GLN H 126 75.40 -21.99 13.88
C GLN H 126 74.19 -21.62 13.05
N ALA H 127 72.99 -22.04 13.45
CA ALA H 127 71.75 -21.69 12.78
C ALA H 127 71.04 -20.51 13.43
N ASN H 128 71.75 -19.75 14.25
CA ASN H 128 71.20 -18.58 14.95
C ASN H 128 70.03 -18.95 15.84
N LYS H 129 70.03 -20.17 16.37
CA LYS H 129 68.99 -20.65 17.27
C LYS H 129 69.63 -21.45 18.39
N ALA H 130 68.92 -21.54 19.52
CA ALA H 130 69.41 -22.27 20.67
C ALA H 130 68.24 -22.91 21.40
N THR H 131 68.40 -24.17 21.80
CA THR H 131 67.36 -24.91 22.49
C THR H 131 67.98 -25.63 23.69
N LEU H 132 67.42 -25.37 24.87
CA LEU H 132 67.78 -26.07 26.09
C LEU H 132 66.74 -27.14 26.39
N VAL H 133 67.19 -28.37 26.59
CA VAL H 133 66.29 -29.51 26.75
C VAL H 133 66.39 -30.03 28.19
N CYS H 134 65.27 -30.04 28.89
CA CYS H 134 65.18 -30.58 30.24
C CYS H 134 64.25 -31.79 30.20
N LEU H 135 64.82 -32.99 30.36
CA LEU H 135 64.07 -34.23 30.30
C LEU H 135 63.91 -34.80 31.71
N ILE H 136 62.67 -35.12 32.06
CA ILE H 136 62.33 -35.68 33.37
C ILE H 136 61.82 -37.09 33.17
N SER H 137 62.45 -38.04 33.86
CA SER H 137 62.11 -39.45 33.72
C SER H 137 61.92 -40.09 35.09
N ASP H 138 61.28 -41.25 35.07
CA ASP H 138 60.95 -42.06 36.25
C ASP H 138 60.47 -41.19 37.41
N PHE H 139 59.38 -40.48 37.18
CA PHE H 139 58.69 -39.73 38.21
C PHE H 139 57.21 -40.04 38.16
N TYR H 140 56.57 -40.06 39.34
CA TYR H 140 55.17 -40.43 39.45
C TYR H 140 54.65 -39.89 40.77
N PRO H 141 53.42 -39.34 40.83
CA PRO H 141 52.48 -39.13 39.72
C PRO H 141 52.96 -38.10 38.69
N GLY H 142 52.35 -38.06 37.51
CA GLY H 142 52.76 -37.14 36.47
C GLY H 142 52.32 -35.72 36.71
N ALA H 143 52.88 -35.09 37.75
CA ALA H 143 52.53 -33.70 38.08
C ALA H 143 53.79 -33.03 38.62
N VAL H 144 54.46 -32.26 37.76
CA VAL H 144 55.68 -31.54 38.13
C VAL H 144 55.59 -30.13 37.60
N THR H 145 56.41 -29.25 38.19
CA THR H 145 56.54 -27.87 37.73
C THR H 145 57.96 -27.67 37.23
N VAL H 146 58.09 -27.28 35.97
CA VAL H 146 59.39 -27.09 35.32
C VAL H 146 59.57 -25.59 35.06
N ALA H 147 60.68 -25.04 35.56
CA ALA H 147 60.97 -23.63 35.42
C ALA H 147 62.40 -23.44 34.94
N TRP H 148 62.60 -22.35 34.19
CA TRP H 148 63.92 -21.95 33.72
C TRP H 148 64.31 -20.64 34.38
N LYS H 149 65.52 -20.58 34.91
CA LYS H 149 66.03 -19.39 35.58
C LYS H 149 67.32 -18.95 34.91
N ALA H 150 67.43 -17.66 34.63
CA ALA H 150 68.63 -17.10 34.01
C ALA H 150 69.63 -16.64 35.07
N ASP H 151 69.88 -17.52 36.04
CA ASP H 151 70.93 -17.40 37.04
C ASP H 151 70.65 -16.30 38.06
N SER H 152 69.64 -15.46 37.80
CA SER H 152 69.21 -14.47 38.78
C SER H 152 67.71 -14.24 38.80
N SER H 153 66.93 -14.92 37.97
CA SER H 153 65.49 -14.71 37.87
C SER H 153 64.87 -15.74 36.94
N PRO H 154 63.63 -16.15 37.17
CA PRO H 154 62.96 -17.06 36.23
C PRO H 154 62.68 -16.36 34.91
N VAL H 155 62.66 -17.16 33.83
CA VAL H 155 62.38 -16.67 32.49
C VAL H 155 61.19 -17.45 31.94
N LYS H 156 60.26 -16.72 31.31
CA LYS H 156 59.03 -17.30 30.79
C LYS H 156 58.80 -17.01 29.31
N ALA H 157 59.86 -16.74 28.55
CA ALA H 157 59.74 -16.41 27.14
C ALA H 157 60.16 -17.60 26.29
N GLY H 158 59.23 -18.12 25.48
CA GLY H 158 59.52 -19.17 24.53
C GLY H 158 59.57 -20.57 25.09
N VAL H 159 59.33 -20.76 26.38
CA VAL H 159 59.43 -22.09 26.97
C VAL H 159 58.22 -22.93 26.55
N GLU H 160 58.46 -24.23 26.36
CA GLU H 160 57.40 -25.16 25.98
C GLU H 160 57.59 -26.44 26.78
N THR H 161 56.62 -26.77 27.62
CA THR H 161 56.68 -27.96 28.46
C THR H 161 55.70 -29.00 27.94
N THR H 162 56.16 -30.24 27.84
CA THR H 162 55.33 -31.35 27.38
C THR H 162 54.58 -31.95 28.57
N THR H 163 53.28 -32.17 28.39
CA THR H 163 52.48 -32.74 29.46
C THR H 163 52.94 -34.16 29.75
N PRO H 164 53.00 -34.56 31.03
CA PRO H 164 53.42 -35.93 31.36
C PRO H 164 52.47 -36.96 30.80
N SER H 165 53.02 -38.12 30.43
CA SER H 165 52.26 -39.23 29.91
C SER H 165 52.67 -40.50 30.62
N LYS H 166 51.74 -41.45 30.70
CA LYS H 166 52.00 -42.72 31.37
C LYS H 166 53.12 -43.48 30.67
N GLN H 167 54.09 -43.95 31.44
CA GLN H 167 55.22 -44.68 30.90
C GLN H 167 54.88 -46.17 30.79
N SER H 168 55.80 -46.95 30.25
CA SER H 168 55.59 -48.39 30.16
C SER H 168 55.63 -49.06 31.53
N ASN H 169 56.39 -48.49 32.47
CA ASN H 169 56.51 -49.02 33.82
C ASN H 169 55.54 -48.36 34.79
N ASN H 170 54.38 -47.93 34.31
CA ASN H 170 53.36 -47.25 35.12
C ASN H 170 53.93 -45.99 35.78
N LYS H 171 54.85 -45.32 35.09
CA LYS H 171 55.46 -44.08 35.55
C LYS H 171 55.13 -42.97 34.55
N TYR H 172 55.79 -41.83 34.71
CA TYR H 172 55.56 -40.68 33.84
C TYR H 172 56.88 -40.07 33.43
N ALA H 173 56.85 -39.38 32.28
CA ALA H 173 58.03 -38.69 31.76
C ALA H 173 57.58 -37.41 31.07
N ALA H 174 58.47 -36.43 31.01
CA ALA H 174 58.13 -35.13 30.45
C ALA H 174 59.37 -34.49 29.84
N SER H 175 59.15 -33.53 28.96
CA SER H 175 60.22 -32.79 28.32
C SER H 175 59.87 -31.31 28.31
N SER H 176 60.90 -30.48 28.47
CA SER H 176 60.77 -29.04 28.40
C SER H 176 61.84 -28.49 27.47
N TYR H 177 61.45 -27.52 26.64
CA TYR H 177 62.35 -26.92 25.66
C TYR H 177 62.31 -25.41 25.83
N LEU H 178 63.48 -24.82 26.07
CA LEU H 178 63.63 -23.38 26.17
C LEU H 178 64.29 -22.88 24.90
N SER H 179 63.61 -21.97 24.20
CA SER H 179 64.08 -21.46 22.91
C SER H 179 64.67 -20.08 23.11
N LEU H 180 65.92 -19.91 22.67
CA LEU H 180 66.61 -18.63 22.77
C LEU H 180 67.52 -18.46 21.56
N THR H 181 68.32 -17.40 21.59
CA THR H 181 69.27 -17.05 20.55
C THR H 181 70.70 -17.17 21.08
N PRO H 182 71.68 -17.45 20.22
CA PRO H 182 73.07 -17.54 20.71
C PRO H 182 73.57 -16.27 21.38
N GLU H 183 73.06 -15.10 20.99
CA GLU H 183 73.49 -13.85 21.62
C GLU H 183 73.13 -13.84 23.10
N GLN H 184 71.86 -14.16 23.41
CA GLN H 184 71.45 -14.25 24.81
C GLN H 184 72.13 -15.41 25.52
N TRP H 185 72.42 -16.50 24.79
CA TRP H 185 73.07 -17.64 25.40
C TRP H 185 74.47 -17.28 25.89
N LYS H 186 75.25 -16.59 25.05
CA LYS H 186 76.61 -16.22 25.40
C LYS H 186 76.70 -14.93 26.21
N SER H 187 75.62 -14.14 26.28
CA SER H 187 75.66 -12.92 27.08
C SER H 187 75.55 -13.25 28.57
N HIS H 188 74.73 -14.23 28.93
CA HIS H 188 74.51 -14.56 30.33
C HIS H 188 75.56 -15.57 30.81
N ARG H 189 75.47 -15.91 32.10
CA ARG H 189 76.44 -16.79 32.75
C ARG H 189 75.98 -18.24 32.78
N SER H 190 74.75 -18.50 33.22
CA SER H 190 74.26 -19.87 33.33
C SER H 190 72.74 -19.87 33.32
N TYR H 191 72.19 -21.05 33.07
CA TYR H 191 70.74 -21.27 33.11
C TYR H 191 70.44 -22.50 33.96
N SER H 192 69.41 -22.40 34.79
CA SER H 192 69.05 -23.46 35.71
C SER H 192 67.66 -23.97 35.39
N CYS H 193 67.53 -25.29 35.30
CA CYS H 193 66.25 -25.97 35.16
C CYS H 193 65.84 -26.48 36.53
N GLN H 194 64.71 -26.00 37.03
CA GLN H 194 64.18 -26.39 38.33
C GLN H 194 62.93 -27.24 38.13
N VAL H 195 62.87 -28.37 38.81
CA VAL H 195 61.74 -29.29 38.71
C VAL H 195 61.17 -29.51 40.11
N THR H 196 59.85 -29.43 40.22
CA THR H 196 59.14 -29.59 41.49
C THR H 196 58.20 -30.78 41.35
N HIS H 197 58.38 -31.77 42.21
CA HIS H 197 57.55 -32.97 42.26
C HIS H 197 56.94 -33.05 43.65
N GLU H 198 55.71 -32.56 43.79
CA GLU H 198 54.99 -32.53 45.07
C GLU H 198 55.81 -31.83 46.14
N GLY H 199 56.48 -30.74 45.75
CA GLY H 199 57.33 -29.99 46.65
C GLY H 199 58.79 -30.42 46.66
N SER H 200 59.12 -31.54 46.03
CA SER H 200 60.51 -31.98 45.92
C SER H 200 61.18 -31.20 44.80
N THR H 201 62.14 -30.34 45.16
CA THR H 201 62.75 -29.41 44.23
C THR H 201 64.16 -29.90 43.86
N VAL H 202 64.43 -30.01 42.57
CA VAL H 202 65.73 -30.37 42.05
C VAL H 202 66.13 -29.39 40.98
N GLU H 203 67.31 -28.79 41.12
CA GLU H 203 67.79 -27.76 40.20
C GLU H 203 69.08 -28.22 39.55
N LYS H 204 69.16 -28.10 38.22
CA LYS H 204 70.35 -28.43 37.45
C LYS H 204 70.82 -27.20 36.71
N THR H 205 72.12 -26.91 36.78
CA THR H 205 72.69 -25.70 36.20
C THR H 205 73.58 -26.06 35.02
N VAL H 206 73.43 -25.30 33.93
CA VAL H 206 74.27 -25.46 32.74
C VAL H 206 74.82 -24.11 32.36
N ALA H 207 75.99 -24.12 31.71
CA ALA H 207 76.67 -22.90 31.31
C ALA H 207 77.17 -23.02 29.88
N PRO H 208 77.34 -21.90 29.18
CA PRO H 208 77.90 -21.97 27.83
C PRO H 208 79.32 -22.54 27.84
N THR H 209 79.64 -23.27 26.78
CA THR H 209 80.94 -23.92 26.63
C THR H 209 81.26 -24.82 27.83
#